data_9E86
#
_entry.id   9E86
#
loop_
_entity.id
_entity.type
_entity.pdbx_description
1 polymer 'DNA-directed RNA polymerase subunit alpha'
2 polymer 'DNA-directed RNA polymerase subunit beta'
3 polymer "DNA-directed RNA polymerase subunit beta'"
4 polymer 'DNA-directed RNA polymerase subunit omega'
5 polymer 'RNA polymerase sigma factor SigA'
6 polymer 'RNA polymerase-binding protein RbpA'
7 polymer 'Ubiquitin-like protein SMT3,RNA polymerase-binding transcription factor CarD'
8 polymer 'DNA (52-MER)'
9 polymer "RNA (5'-R(P*AP*GP*CP*GP*A)-3')"
10 polymer 'DNA (48-MER)'
11 non-polymer 'PYROPHOSPHATE 2-'
12 non-polymer 'ZINC ION'
13 non-polymer 'MAGNESIUM ION'
#
loop_
_entity_poly.entity_id
_entity_poly.type
_entity_poly.pdbx_seq_one_letter_code
_entity_poly.pdbx_strand_id
1 'polypeptide(L)'
;MLISQRPTLSEDVLTDNRSQFVIEPLEPGFGYTLGNSLRRTLLSSIPGAAVTSIRIDGVLHEFTTVPGVKEDVTEIILNL
KSLVVSSEEDEPVTMYLRKQGPGEVTAGDIVPPAGVTVHNPGMHIATLNDKGKLEVELVVERGRGYVPAVQNRASGAEIG
RIPVDSIYSPVLKVTYKVDATRVEQRTDFDKLILDVETKNSISPRDALASAGKTLVELFGLARELNVEAEGIEIGPSPAE
ADHIASFALPIDDLDLTVRSYNCLKREGVHTVGELVARTESDLLDIRNFGQKSIDEVKIKLHQLGLSLKDSPPSFDPSEV
AGYDVATGTWSTEGAYDEQDYAETEQL
;
A,B
2 'polypeptide(L)'
;MEGCILADSRQSKTAASPSPSRPQSSSNNSVPGAPNRVSFAKLREPLEVPGLLDVQTDSFEWLIGSPRWRESAAERGDVN
PVGGLEEVLYELSPIEDFSGSMSLSFSDPRFDDVKAPVDECKDKDMTYAAPLFVTAEFINNNTGEIKSQTVFMGDFPMMT
EKGTFIINGTERVVVSQLVRSPGVYFDETIDKSTDKTLHSVKVIPSRGAWLEFDVDKRDTVGVRIDRKRRQPVTVLLKAL
GWTSEQIVERFGFSEIMRSTLEKDNTVGTDEALLDIYRKLRPGEPPTKESAQTLLENLFFKEKRYDLARVGRYKVNKKLG
LHVGEPITSSTLTEEDVVATIEYLVRLHEGQTTMTVPGGVEVPVETDDIDHFGNRRLRTVGELIQNQIRVGMSRMERVVR
ERMTTQDVEAITPQTLINIRPVVAAIKEFFGTSQLSQFMDQNNPLSGLTHKRRLSALGPGGLSRERAGLEVRDVHPSHYG
RMCPIETPEGPNIGLIGSLSVYARVNPFGFIETPYRKVVDGVVSDEIVYLTADEEDRHVVAQANSPIDADGRFVEPRVLV
RRKAGEVEYVPSSEVDYMDVSPRQMVSVATAMIPFLEHDDANRALMGANMQRQAVPLVRSEAPLVGTGMELRAAIDAGDV
VVAEESGVIEEVSADYITVMHDNGTRRTYRMRKFARSNHGTCANQCPIVDAGDRVEAGQVIADGPCTDDGEMALGKNLLV
AIMPWEGHNYEDAIILSNRLVEEDVLTSIHIEEHEIDARDTKLGAEEITRDIPNISDEVLADLDERGIVRIGAEVRDGDI
LVGKVTPKGETELTPEERLLRAIFGEKAREVRDTSLKVPHGESGKVIGIRVFSREDEDELPAGVNELVRVYVAQKRKISD
GDKLAGRHGNKGVIGKILPVEDMPFLADGTPVDIILNTHGVPRRMNIGQILETHLGWCAHSGWKVDAAKGVPDWAARLPD
ELLEAQPNAIVSTPVFDGAQEAELQGLLSCTLPNRDGDVLVDADGKAMLFDGRSGEPFPYPVTVGYMYIMKLHHLVDDKI
HARSTGPYSMITQQPLGGKAQFGGQRFGEMECWAMQAYGAAYTLQELLTIKSDDTVGRVKVYEAIVKGENIPEPGIPESF
KVLLKELQSLCLNVEVLSSDGAAIELREGEDEDLERAAANLGINLSRNESASVEDLA
;
C
3 'polypeptide(L)'
;LARHGGSGAMLDVNFFDELRIGLATAEDIRQWSYGEVKKPETINYRTLKPEKDGLFCEKIFGPTRDWECYCGKYKRVRFK
GIICERCGVEVTRAKVRRERMGHIELAAPVTHIWYFKGVPSRLGYLLDLAPKDLEKIIYFAAYVITSVDEEMRHNELSTL
EAEMAVERKAVEDQRDGELEARAQKLEADLAELEAEGAKADARRKVRDGGEREMRQIRDRAQRELDRLEDIWSTFTKLAP
KQLIVDENLYRELVDRYGEYFTGAMGAESIQKLIENFDIDAEAESLRDVIRNGKGQKKLRALKRLKVVAAFQQSGNSPMG
MVLDAVPVIPPELRPMVQLDGGRFATSDLNDLYRRVINRNNRLKRLIDLGAPEIIVNNEKRMLQESVDALFDNGRRGRPV
TGPGNRPLKSLSDLLKGKQGRFRQNLLGKRVDYSGRSVIVVGPQLKLHQCGLPKLMALELFKPFVMKRLVDLNHAQNIKS
AKRMVERQRPQVWDVLEEVIAEHPVLLNRAPTLHRLGIQAFEPMLVEGKAIQLHPLVCEAFNADFDGDQMAVHLPLSAEA
QAEARILMLSSNNILSPASGRPLAMPRLDMVTGLYYLTTEVPGDTGEYQPASGDHPETGVYSSPAEAIMAADRGVLSVRA
KIKVRLTQLRPPVEIEAELFGHSGWQPGDAWMAETTLGRVMFNELLPLGYPFVNKQMHKKVQAAIINDLAERYPMIVVAQ
TVDKLKDAGFYWATRSGVTVSMADVLVPPRKKEILDHYEERADKVEKQFQRGALNHDERNEALVEIWKEATDEVGQALRE
HYPDDNPIITIVDSGATGNFTQTRTLAGMKGLVTNPKGEFIPRPVKSSFREGLTVLEYFINTHGARKGLADTALRTADSG
YLTRRLVDVSQDVIVREHDCQTERGIVVELAERAPDGTLIRDPYIETSAYARTLGTDAVDEAGNVIVERGQDLGDPEIDA
LLAAGITQVKVRSVLTCATSTGVCATCYGRSMATGKLVDIGEAVGIVAAQSIGEPGTQLTMRTFHQGGVGEDITGGLPRV
QELFEARVPRGKAPIADVTGRVRLEDGERFYKITIVPDDGGEEVVYDKISKRQRLRVFKHEDGSERVLSDGDHVEVGQQL
MEGSADPHEVLRVQGPREVQIHLVREVQEVYRAQGVSIHDKHIEVIVRQMLRRVTIIDSGSTEFLPGSLIDRAEFEAENR
RVVAEGGEPAAGRPVLMGITKASLATDSWLSAASFQETTRVLTDAAINCRSDKLNGLKENVIIGKLIPAGTGINRYRNIA
VQPTEEARAAAYTIPSYEDQYYSPDFGAATGAAVPLDDYGYSDYRHHHHHHHH
;
D
4 'polypeptide(L)'
;MSISQSDASLAAVPAVDQFDPSSGASGGYDTPLGITNPPIDELLDRVSSKYALVIYAAKRARQINDYYNQLGEGILEYVG
PLVEPGLQEKPLSIALREIHADLLEHTEGE
;
E
5 'polypeptide(L)'
;HHHHHHHHHHSSGLEVLFQGPHMAATKASTATDEPVKRTATKSPAASASGAKTGAKRTAAKSASGSPPAKRATKPAARSV
KPASAPQDTTTSTIPKRKTRAAAKSAAAKAPSARGHATKPRAPKDAQHEAATDPEDALDSVEELDAEPDLDVEPGEDLDL
DAADLNLDDLEDDVAPDADDDLDSGDDEDHEDLEAEAAVAPGQTADDDEEIAEPTEKDKASGDFVWDEDESEALRQARKD
AELTASADSVRAYLKQIGKVALLNAEEEVELAKRIEAGLYATQLMTELSERGEKLPAAQRRDMMWICRDGDRAKNHLLEA
NLRLVVSLAKRYTGRGMAFLDLIQEGNLGLIRAVEKFDYTKGYKFSTYATWWIRQAITRAMADQARTIRIPVHMVEVINK
LGRIQRELLQDLGREPTPEELAKEMDITPEKVLEIQQYAREPISLDQTIGDEGDSQLGDFIEDSEAVVAVDAVSFTLLQD
QLQSVLDTLSEREAGVVRLRFGLTDGQPRTLDEIGQVYGVTRERIRQIESKTMSKLRHPSRSQVLRDYLD
;
F
6 'polypeptide(L)'
;MADRVLRGSRLGAVSYETDRNHDLAPRQIARYRTDNGEEFEVPFADDAEIPGTWLCRNGMEGTLIEGDLPEPKKVKPPRT
HWDMLLERRSIEELEELLKERLELIRSRRRG
;
J
7 'polypeptide(L)'
;MGHHHHHHHHHHSSGHIEGRHMASMSDSEVNQEAKPEVKPEVKPETHINLKVSDGSSEIFFKIKKTTPLRRLMEAFAKRQ
GKEMDSLRFLYDGIRIQADQTPEDLDMEDNDIIEAHREQIGGSMIFKVGDTVVYPHHGAALVEAIETRTIKGEQKEYLVL
KVAQGDLTVRVPAENAEYVGVRDVVGQEGLDKVFQVLRAPHTEEPTNWSRRYKANLEKLASGDVNKVAEVVRDLWRRDQE
RGLSAGEKRMLAKARQILVGELALAESTDDAKAETILDEVLAAAS
;
M
8 'polydeoxyribonucleotide'
;(DC)(DT)(DT)(DA)(DA)(DA)(DA)(DG)(DA)(DT)(DT)(DA)(DA)(DT)(DT)(DT)(DA)(DA)(DA)(DA)
(DT)(DT)(DT)(DA)(DT)(DC)(DA)(DA)(DA)(DA)(DA)(DG)(DA)(DG)(DT)(DA)(DT)(DT)(DG)(DA)
(DC)(DT)(DT)(DA)(DA)(DA)(DG)(DT)(DC)(DT)(DA)(DA)(DC)(DC)(DT)(DA)(DT)(DA)(DG)(DG)
(DA)(DT)(DA)(DC)(DT)(DT)(DA)(DC)(DA)(DG)(DC)(DC)(DA)(DG)(DC)(DG)(DA)(DG)(DA)(DG)
(DG)(DG)(DA)(DC)(DA)(DC)(DG)(DG)(DC)(DG)(DA)(DA)(DT)(DA)(DG)(DC)(DC)(DA)(DT)(DC)
(DC)(DC)(DA)(DA)(DT)(DC)(DG)(DA)(DC)(DA)(DC)(DC)(DG)(DG)(DG)(DG)(DT)(DC)(DG)(DG)
(DG)(DA)(DT)(DC)(DT)(DG)(DG)
;
N
9 'polyribonucleotide' AGCGAGAGGGACACGGCGAAU R
10 'polydeoxyribonucleotide'
;(DC)(DC)(DA)(DG)(DA)(DT)(DC)(DC)(DC)(DG)(DA)(DC)(DC)(DC)(DC)(DG)(DG)(DT)(DG)(DT)
(DC)(DG)(DA)(DT)(DT)(DG)(DG)(DG)(DA)(DT)(DG)(DG)(DC)(DT)(DA)(DT)(DT)(DC)(DG)(DC)
(DC)(DG)(DT)(DG)(DT)(DC)(DC)(DC)(DT)(DC)(DT)(DC)(DG)(DC)(DT)(DG)(DG)(DC)(DT)(DG)
(DT)(DA)(DA)(DG)(DT)(DA)(DT)(DC)(DC)(DT)(DA)(DT)(DA)(DG)(DG)(DT)(DT)(DA)(DG)(DA)
(DC)(DT)(DT)(DT)(DA)(DA)(DG)(DT)(DC)(DA)(DA)(DT)(DA)(DC)(DT)(DC)(DT)(DT)(DT)(DT)
(DT)(DG)(DA)(DT)(DA)(DA)(DA)(DT)(DT)(DT)(DT)(DA)(DA)(DA)(DT)(DT)(DA)(DA)(DT)(DC)
(DT)(DT)(DT)(DT)(DA)(DA)(DG)
;
T
#
loop_
_chem_comp.id
_chem_comp.type
_chem_comp.name
_chem_comp.formula
A RNA linking ADENOSINE-5'-MONOPHOSPHATE 'C10 H14 N5 O7 P'
C RNA linking CYTIDINE-5'-MONOPHOSPHATE 'C9 H14 N3 O8 P'
DA DNA linking 2'-DEOXYADENOSINE-5'-MONOPHOSPHATE 'C10 H14 N5 O6 P'
DC DNA linking 2'-DEOXYCYTIDINE-5'-MONOPHOSPHATE 'C9 H14 N3 O7 P'
DG DNA linking 2'-DEOXYGUANOSINE-5'-MONOPHOSPHATE 'C10 H14 N5 O7 P'
DT DNA linking THYMIDINE-5'-MONOPHOSPHATE 'C10 H15 N2 O8 P'
G RNA linking GUANOSINE-5'-MONOPHOSPHATE 'C10 H14 N5 O8 P'
MG non-polymer 'MAGNESIUM ION' 'Mg 2'
POP non-polymer 'PYROPHOSPHATE 2-' 'H2 O7 P2 -2'
U RNA linking URIDINE-5'-MONOPHOSPHATE 'C9 H13 N2 O9 P'
ZN non-polymer 'ZINC ION' 'Zn 2'
#
# COMPACT_ATOMS: atom_id res chain seq x y z
N LEU A 2 -20.21 -44.30 -55.85
CA LEU A 2 -21.54 -44.02 -55.31
C LEU A 2 -22.08 -45.22 -54.54
N ILE A 3 -22.42 -45.00 -53.28
CA ILE A 3 -23.11 -45.99 -52.46
C ILE A 3 -24.54 -45.50 -52.26
N SER A 4 -25.50 -46.34 -52.64
CA SER A 4 -26.92 -45.99 -52.58
C SER A 4 -27.64 -46.75 -51.47
N GLN A 5 -26.92 -47.13 -50.41
CA GLN A 5 -27.49 -47.83 -49.27
C GLN A 5 -27.55 -46.88 -48.09
N ARG A 6 -28.75 -46.75 -47.49
CA ARG A 6 -28.90 -45.81 -46.40
C ARG A 6 -28.47 -46.43 -45.07
N PRO A 7 -27.98 -45.62 -44.14
CA PRO A 7 -27.44 -46.18 -42.90
C PRO A 7 -28.52 -46.78 -42.02
N THR A 8 -28.10 -47.73 -41.20
CA THR A 8 -28.95 -48.40 -40.23
C THR A 8 -28.43 -48.09 -38.82
N LEU A 9 -29.00 -48.78 -37.83
CA LEU A 9 -28.60 -48.55 -36.45
C LEU A 9 -28.90 -49.83 -35.66
N SER A 10 -27.84 -50.51 -35.23
CA SER A 10 -27.98 -51.73 -34.44
C SER A 10 -27.51 -51.47 -33.01
N GLU A 11 -27.92 -52.35 -32.11
CA GLU A 11 -27.78 -52.13 -30.69
C GLU A 11 -27.00 -53.27 -30.05
N ASP A 12 -26.38 -52.98 -28.91
CA ASP A 12 -25.62 -53.98 -28.17
C ASP A 12 -25.77 -53.65 -26.69
N VAL A 13 -26.54 -54.47 -25.98
CA VAL A 13 -26.70 -54.31 -24.54
C VAL A 13 -25.49 -54.93 -23.85
N LEU A 14 -24.83 -54.15 -22.99
CA LEU A 14 -23.72 -54.64 -22.18
C LEU A 14 -24.12 -54.85 -20.73
N THR A 15 -24.71 -53.84 -20.09
CA THR A 15 -25.30 -54.01 -18.77
C THR A 15 -26.69 -53.38 -18.76
N ASP A 16 -27.33 -53.36 -17.59
CA ASP A 16 -28.67 -52.79 -17.49
C ASP A 16 -28.69 -51.31 -17.84
N ASN A 17 -27.63 -50.57 -17.49
CA ASN A 17 -27.64 -49.11 -17.58
C ASN A 17 -26.86 -48.56 -18.75
N ARG A 18 -25.78 -49.20 -19.17
CA ARG A 18 -24.95 -48.70 -20.27
C ARG A 18 -25.04 -49.65 -21.46
N SER A 19 -24.96 -49.10 -22.66
CA SER A 19 -25.09 -49.90 -23.87
C SER A 19 -24.40 -49.19 -25.02
N GLN A 20 -24.21 -49.95 -26.11
CA GLN A 20 -23.48 -49.49 -27.28
C GLN A 20 -24.41 -49.44 -28.49
N PHE A 21 -24.19 -48.45 -29.34
CA PHE A 21 -24.97 -48.22 -30.54
C PHE A 21 -24.02 -48.20 -31.73
N VAL A 22 -24.38 -48.88 -32.80
CA VAL A 22 -23.51 -48.97 -33.98
C VAL A 22 -24.29 -48.47 -35.19
N ILE A 23 -23.68 -47.58 -35.97
CA ILE A 23 -24.30 -46.96 -37.13
C ILE A 23 -23.35 -47.17 -38.30
N GLU A 24 -23.90 -47.66 -39.42
CA GLU A 24 -23.13 -47.90 -40.62
C GLU A 24 -24.09 -48.03 -41.79
N PRO A 25 -23.63 -47.74 -43.04
CA PRO A 25 -22.35 -47.17 -43.36
C PRO A 25 -22.40 -45.66 -43.17
N LEU A 26 -21.28 -44.95 -43.19
CA LEU A 26 -21.31 -43.50 -43.16
C LEU A 26 -20.26 -42.98 -44.12
N GLU A 27 -20.62 -41.91 -44.83
CA GLU A 27 -19.70 -41.34 -45.80
C GLU A 27 -18.42 -40.91 -45.10
N PRO A 28 -17.25 -41.09 -45.75
CA PRO A 28 -15.99 -40.94 -45.03
C PRO A 28 -15.76 -39.52 -44.52
N GLY A 29 -15.03 -39.43 -43.40
CA GLY A 29 -14.76 -38.15 -42.79
C GLY A 29 -15.94 -37.57 -42.04
N PHE A 30 -16.79 -38.43 -41.48
CA PHE A 30 -18.07 -37.98 -40.91
C PHE A 30 -18.40 -38.60 -39.56
N GLY A 31 -17.83 -39.76 -39.23
CA GLY A 31 -18.21 -40.45 -38.00
C GLY A 31 -17.84 -39.66 -36.76
N TYR A 32 -16.65 -39.04 -36.76
CA TYR A 32 -16.27 -38.22 -35.62
C TYR A 32 -17.27 -37.10 -35.41
N THR A 33 -17.71 -36.47 -36.49
CA THR A 33 -18.65 -35.34 -36.36
C THR A 33 -19.98 -35.81 -35.80
N LEU A 34 -20.53 -36.92 -36.32
CA LEU A 34 -21.79 -37.40 -35.78
C LEU A 34 -21.65 -37.81 -34.32
N GLY A 35 -20.56 -38.50 -33.99
CA GLY A 35 -20.34 -38.89 -32.60
C GLY A 35 -20.28 -37.70 -31.67
N ASN A 36 -19.55 -36.65 -32.07
CA ASN A 36 -19.45 -35.46 -31.23
C ASN A 36 -20.79 -34.76 -31.11
N SER A 37 -21.54 -34.65 -32.20
CA SER A 37 -22.85 -34.01 -32.13
C SER A 37 -23.76 -34.74 -31.15
N LEU A 38 -23.84 -36.07 -31.28
CA LEU A 38 -24.67 -36.83 -30.36
C LEU A 38 -24.16 -36.73 -28.93
N ARG A 39 -22.85 -36.74 -28.75
CA ARG A 39 -22.30 -36.63 -27.40
C ARG A 39 -22.70 -35.30 -26.76
N ARG A 40 -22.55 -34.21 -27.50
CA ARG A 40 -22.92 -32.90 -26.99
C ARG A 40 -24.41 -32.83 -26.70
N THR A 41 -25.22 -33.59 -27.45
CA THR A 41 -26.65 -33.64 -27.16
C THR A 41 -26.92 -34.39 -25.86
N LEU A 42 -26.52 -35.66 -25.80
CA LEU A 42 -26.81 -36.49 -24.62
C LEU A 42 -26.29 -35.81 -23.36
N LEU A 43 -25.03 -35.37 -23.38
CA LEU A 43 -24.38 -34.88 -22.17
C LEU A 43 -24.72 -33.42 -21.87
N SER A 44 -25.72 -32.84 -22.54
CA SER A 44 -26.14 -31.48 -22.21
C SER A 44 -27.63 -31.32 -22.01
N SER A 45 -28.46 -31.97 -22.84
CA SER A 45 -29.86 -31.56 -22.98
C SER A 45 -30.79 -32.76 -23.10
N ILE A 46 -30.64 -33.75 -22.22
CA ILE A 46 -31.63 -34.80 -22.04
C ILE A 46 -32.52 -34.40 -20.87
N PRO A 47 -33.82 -34.17 -21.07
CA PRO A 47 -34.65 -33.75 -19.93
C PRO A 47 -34.70 -34.82 -18.86
N GLY A 48 -34.65 -34.38 -17.62
CA GLY A 48 -34.75 -35.26 -16.48
C GLY A 48 -35.47 -34.58 -15.32
N ALA A 49 -35.27 -35.10 -14.12
CA ALA A 49 -35.87 -34.53 -12.93
C ALA A 49 -34.84 -34.58 -11.81
N ALA A 50 -35.05 -33.72 -10.81
CA ALA A 50 -34.15 -33.70 -9.67
C ALA A 50 -34.83 -33.05 -8.48
N VAL A 51 -34.25 -33.27 -7.30
CA VAL A 51 -34.66 -32.55 -6.12
C VAL A 51 -34.19 -31.10 -6.23
N THR A 52 -35.08 -30.17 -5.91
CA THR A 52 -34.80 -28.74 -6.01
C THR A 52 -34.57 -28.10 -4.65
N SER A 53 -35.46 -28.34 -3.69
CA SER A 53 -35.33 -27.80 -2.35
C SER A 53 -35.82 -28.81 -1.34
N ILE A 54 -35.35 -28.69 -0.11
CA ILE A 54 -35.76 -29.55 0.99
C ILE A 54 -36.18 -28.68 2.16
N ARG A 55 -36.72 -29.32 3.19
CA ARG A 55 -37.18 -28.60 4.38
C ARG A 55 -37.12 -29.58 5.55
N ILE A 56 -36.08 -29.47 6.37
CA ILE A 56 -35.96 -30.25 7.58
C ILE A 56 -36.67 -29.50 8.70
N ASP A 57 -37.50 -30.21 9.45
CA ASP A 57 -38.29 -29.57 10.50
C ASP A 57 -37.39 -28.91 11.55
N GLY A 58 -36.33 -29.61 11.95
CA GLY A 58 -35.50 -29.14 13.04
C GLY A 58 -34.55 -28.00 12.71
N VAL A 59 -34.43 -27.65 11.43
CA VAL A 59 -33.49 -26.62 11.01
C VAL A 59 -34.27 -25.36 10.64
N LEU A 60 -33.54 -24.24 10.64
CA LEU A 60 -34.04 -22.99 10.09
C LEU A 60 -33.29 -22.55 8.85
N HIS A 61 -32.13 -23.15 8.58
CA HIS A 61 -31.28 -22.76 7.47
C HIS A 61 -30.40 -23.95 7.12
N GLU A 62 -29.33 -23.71 6.37
CA GLU A 62 -28.52 -24.76 5.77
C GLU A 62 -27.24 -25.06 6.52
N PHE A 63 -26.71 -24.08 7.26
CA PHE A 63 -25.40 -24.18 7.88
C PHE A 63 -25.47 -24.60 9.35
N THR A 64 -26.47 -25.39 9.71
CA THR A 64 -26.69 -25.81 11.08
C THR A 64 -26.51 -27.32 11.19
N THR A 65 -26.78 -27.84 12.38
CA THR A 65 -26.72 -29.27 12.67
C THR A 65 -28.08 -29.72 13.18
N VAL A 66 -28.33 -31.02 13.05
CA VAL A 66 -29.55 -31.65 13.53
C VAL A 66 -29.18 -32.54 14.72
N PRO A 67 -29.83 -32.40 15.87
CA PRO A 67 -29.46 -33.25 17.02
C PRO A 67 -29.60 -34.72 16.69
N GLY A 68 -28.54 -35.48 16.95
CA GLY A 68 -28.58 -36.92 16.83
C GLY A 68 -27.87 -37.48 15.62
N VAL A 69 -28.00 -36.83 14.47
CA VAL A 69 -27.38 -37.33 13.24
C VAL A 69 -25.88 -37.09 13.30
N LYS A 70 -25.11 -38.05 12.78
CA LYS A 70 -23.66 -37.89 12.73
C LYS A 70 -23.27 -36.73 11.82
N GLU A 71 -23.83 -36.69 10.63
CA GLU A 71 -23.46 -35.65 9.67
C GLU A 71 -24.22 -34.35 9.96
N ASP A 72 -23.86 -33.31 9.23
CA ASP A 72 -24.47 -32.00 9.34
C ASP A 72 -25.40 -31.75 8.15
N VAL A 73 -26.08 -30.60 8.19
CA VAL A 73 -27.09 -30.31 7.18
C VAL A 73 -26.45 -30.18 5.80
N THR A 74 -25.31 -29.50 5.70
CA THR A 74 -24.70 -29.32 4.37
C THR A 74 -24.15 -30.64 3.83
N GLU A 75 -23.62 -31.51 4.71
CA GLU A 75 -23.21 -32.83 4.27
C GLU A 75 -24.41 -33.63 3.76
N ILE A 76 -25.54 -33.53 4.47
CA ILE A 76 -26.76 -34.17 3.97
C ILE A 76 -27.11 -33.61 2.60
N ILE A 77 -27.01 -32.29 2.44
CA ILE A 77 -27.32 -31.68 1.14
C ILE A 77 -26.46 -32.30 0.06
N LEU A 78 -25.15 -32.38 0.32
CA LEU A 78 -24.25 -32.94 -0.67
C LEU A 78 -24.58 -34.39 -0.98
N ASN A 79 -25.04 -35.15 0.02
CA ASN A 79 -25.39 -36.55 -0.21
C ASN A 79 -26.64 -36.67 -1.06
N LEU A 80 -27.71 -35.93 -0.73
CA LEU A 80 -28.92 -35.98 -1.52
C LEU A 80 -28.70 -35.44 -2.93
N LYS A 81 -27.73 -34.55 -3.12
CA LYS A 81 -27.43 -34.06 -4.46
C LYS A 81 -26.97 -35.17 -5.39
N SER A 82 -26.55 -36.31 -4.87
CA SER A 82 -26.21 -37.48 -5.67
C SER A 82 -27.42 -38.34 -6.00
N LEU A 83 -28.60 -38.01 -5.47
CA LEU A 83 -29.78 -38.82 -5.71
C LEU A 83 -30.16 -38.80 -7.18
N VAL A 84 -30.74 -39.91 -7.64
CA VAL A 84 -31.26 -40.04 -8.99
C VAL A 84 -32.74 -40.37 -8.87
N VAL A 85 -33.59 -39.54 -9.48
CA VAL A 85 -35.04 -39.68 -9.40
C VAL A 85 -35.62 -39.37 -10.76
N SER A 86 -36.70 -40.06 -11.11
CA SER A 86 -37.39 -39.85 -12.37
C SER A 86 -38.87 -39.59 -12.10
N SER A 87 -39.36 -38.43 -12.54
CA SER A 87 -40.76 -38.06 -12.40
C SER A 87 -41.51 -38.37 -13.69
N GLU A 88 -42.80 -38.10 -13.69
CA GLU A 88 -43.64 -38.27 -14.87
C GLU A 88 -44.39 -37.01 -15.25
N GLU A 89 -44.92 -36.27 -14.28
CA GLU A 89 -45.62 -35.02 -14.53
C GLU A 89 -44.71 -33.83 -14.26
N ASP A 90 -45.12 -32.68 -14.77
CA ASP A 90 -44.30 -31.48 -14.74
C ASP A 90 -44.53 -30.61 -13.51
N GLU A 91 -45.62 -30.83 -12.78
CA GLU A 91 -45.85 -30.05 -11.57
C GLU A 91 -44.83 -30.45 -10.50
N PRO A 92 -44.29 -29.48 -9.74
CA PRO A 92 -43.36 -29.86 -8.66
C PRO A 92 -44.03 -30.67 -7.57
N VAL A 93 -43.62 -31.93 -7.40
CA VAL A 93 -44.23 -32.81 -6.42
C VAL A 93 -43.35 -32.85 -5.18
N THR A 94 -43.88 -33.42 -4.09
CA THR A 94 -43.15 -33.52 -2.83
C THR A 94 -43.14 -34.98 -2.37
N MET A 95 -41.97 -35.45 -1.98
CA MET A 95 -41.79 -36.76 -1.38
C MET A 95 -41.27 -36.58 0.04
N TYR A 96 -41.69 -37.46 0.94
CA TYR A 96 -41.43 -37.28 2.36
C TYR A 96 -40.41 -38.30 2.84
N LEU A 97 -39.84 -38.04 4.01
CA LEU A 97 -38.87 -38.96 4.61
C LEU A 97 -38.93 -38.80 6.11
N ARG A 98 -39.32 -39.87 6.80
CA ARG A 98 -39.34 -39.91 8.26
C ARG A 98 -38.42 -41.03 8.73
N LYS A 99 -37.72 -40.79 9.82
CA LYS A 99 -36.94 -41.85 10.45
C LYS A 99 -36.68 -41.50 11.90
N GLN A 100 -36.83 -42.51 12.75
CA GLN A 100 -36.63 -42.38 14.19
C GLN A 100 -35.70 -43.49 14.66
N GLY A 101 -34.90 -43.20 15.68
CA GLY A 101 -34.04 -44.19 16.27
C GLY A 101 -32.74 -44.37 15.50
N PRO A 102 -31.89 -45.26 16.00
CA PRO A 102 -30.58 -45.46 15.38
C PRO A 102 -30.69 -46.18 14.04
N GLY A 103 -29.59 -46.12 13.29
CA GLY A 103 -29.49 -46.82 12.02
C GLY A 103 -29.10 -45.92 10.87
N GLU A 104 -28.63 -46.51 9.78
CA GLU A 104 -28.36 -45.76 8.57
C GLU A 104 -29.66 -45.40 7.88
N VAL A 105 -29.65 -44.27 7.18
CA VAL A 105 -30.82 -43.78 6.46
C VAL A 105 -30.52 -43.93 4.98
N THR A 106 -31.10 -44.96 4.36
CA THR A 106 -30.92 -45.20 2.94
C THR A 106 -31.99 -44.47 2.14
N ALA A 107 -31.71 -44.28 0.86
CA ALA A 107 -32.71 -43.68 -0.03
C ALA A 107 -33.98 -44.53 -0.11
N GLY A 108 -33.87 -45.83 0.15
CA GLY A 108 -35.04 -46.69 0.12
C GLY A 108 -36.07 -46.37 1.18
N ASP A 109 -35.67 -45.63 2.23
CA ASP A 109 -36.62 -45.24 3.26
C ASP A 109 -37.56 -44.13 2.79
N ILE A 110 -37.20 -43.42 1.72
CA ILE A 110 -38.05 -42.35 1.21
C ILE A 110 -39.33 -42.96 0.64
N VAL A 111 -40.47 -42.35 0.96
CA VAL A 111 -41.76 -42.75 0.43
C VAL A 111 -42.13 -41.76 -0.67
N PRO A 112 -42.09 -42.16 -1.95
CA PRO A 112 -42.42 -41.21 -3.02
C PRO A 112 -43.89 -41.28 -3.37
N PRO A 113 -44.46 -40.20 -3.91
CA PRO A 113 -45.81 -40.25 -4.46
C PRO A 113 -45.79 -40.93 -5.84
N ALA A 114 -46.97 -41.02 -6.44
CA ALA A 114 -47.10 -41.66 -7.74
C ALA A 114 -46.27 -40.93 -8.79
N GLY A 115 -45.95 -41.65 -9.86
CA GLY A 115 -45.20 -41.08 -10.97
C GLY A 115 -43.70 -40.99 -10.74
N VAL A 116 -43.30 -40.42 -9.61
CA VAL A 116 -41.89 -40.28 -9.29
C VAL A 116 -41.37 -41.60 -8.73
N THR A 117 -40.10 -41.89 -9.03
CA THR A 117 -39.46 -43.09 -8.49
C THR A 117 -37.98 -42.82 -8.29
N VAL A 118 -37.43 -43.49 -7.28
CA VAL A 118 -36.01 -43.41 -6.93
C VAL A 118 -35.33 -44.67 -7.43
N HIS A 119 -34.25 -44.51 -8.18
CA HIS A 119 -33.63 -45.61 -8.91
C HIS A 119 -32.41 -46.19 -8.22
N ASN A 120 -32.17 -45.84 -6.95
CA ASN A 120 -31.12 -46.48 -6.19
C ASN A 120 -31.43 -46.38 -4.70
N PRO A 121 -32.13 -47.37 -4.14
CA PRO A 121 -32.43 -47.32 -2.69
C PRO A 121 -31.20 -47.41 -1.80
N GLY A 122 -30.05 -47.84 -2.32
CA GLY A 122 -28.92 -48.20 -1.49
C GLY A 122 -27.92 -47.10 -1.20
N MET A 123 -28.34 -45.85 -1.30
CA MET A 123 -27.43 -44.72 -1.07
C MET A 123 -27.44 -44.33 0.40
N HIS A 124 -26.25 -44.12 0.96
CA HIS A 124 -26.13 -43.62 2.32
C HIS A 124 -26.43 -42.13 2.33
N ILE A 125 -27.44 -41.72 3.10
CA ILE A 125 -27.81 -40.32 3.22
C ILE A 125 -27.27 -39.79 4.53
N ALA A 126 -27.58 -40.48 5.63
CA ALA A 126 -27.09 -40.10 6.94
C ALA A 126 -27.09 -41.34 7.83
N THR A 127 -26.69 -41.15 9.08
CA THR A 127 -26.76 -42.21 10.07
C THR A 127 -27.19 -41.61 11.40
N LEU A 128 -28.04 -42.31 12.12
CA LEU A 128 -28.68 -41.81 13.32
C LEU A 128 -28.21 -42.61 14.53
N ASN A 129 -28.72 -42.23 15.69
CA ASN A 129 -28.45 -42.92 16.95
C ASN A 129 -29.77 -42.97 17.72
N ASP A 130 -29.69 -43.30 19.01
CA ASP A 130 -30.90 -43.39 19.81
C ASP A 130 -31.59 -42.03 19.90
N LYS A 131 -30.82 -40.95 20.06
CA LYS A 131 -31.39 -39.61 20.10
C LYS A 131 -31.75 -39.08 18.72
N GLY A 132 -31.43 -39.80 17.66
CA GLY A 132 -31.66 -39.29 16.31
C GLY A 132 -33.14 -39.24 15.98
N LYS A 133 -33.48 -38.25 15.15
CA LYS A 133 -34.83 -38.12 14.60
C LYS A 133 -34.73 -37.22 13.38
N LEU A 134 -34.95 -37.77 12.19
CA LEU A 134 -34.82 -37.02 10.95
C LEU A 134 -36.15 -37.03 10.21
N GLU A 135 -36.71 -35.85 9.98
CA GLU A 135 -37.97 -35.69 9.27
C GLU A 135 -37.78 -34.59 8.24
N VAL A 136 -37.98 -34.90 6.96
CA VAL A 136 -37.66 -33.93 5.92
C VAL A 136 -38.52 -34.21 4.68
N GLU A 137 -38.91 -33.14 4.00
CA GLU A 137 -39.61 -33.21 2.73
C GLU A 137 -38.69 -32.74 1.61
N LEU A 138 -38.89 -33.31 0.43
CA LEU A 138 -38.07 -33.03 -0.75
C LEU A 138 -38.99 -32.64 -1.89
N VAL A 139 -38.76 -31.46 -2.45
CA VAL A 139 -39.46 -31.04 -3.65
C VAL A 139 -38.71 -31.60 -4.85
N VAL A 140 -39.42 -32.30 -5.72
CA VAL A 140 -38.85 -32.89 -6.94
C VAL A 140 -39.53 -32.23 -8.13
N GLU A 141 -38.72 -31.86 -9.12
CA GLU A 141 -39.18 -31.08 -10.26
C GLU A 141 -38.51 -31.56 -11.53
N ARG A 142 -39.24 -31.43 -12.64
CA ARG A 142 -38.70 -31.72 -13.95
C ARG A 142 -37.75 -30.60 -14.39
N GLY A 143 -37.10 -30.81 -15.52
CA GLY A 143 -36.29 -29.78 -16.13
C GLY A 143 -35.18 -30.40 -16.94
N ARG A 144 -34.28 -29.54 -17.43
CA ARG A 144 -33.18 -29.98 -18.27
C ARG A 144 -31.93 -29.19 -17.92
N GLY A 145 -30.77 -29.78 -18.20
CA GLY A 145 -29.53 -29.07 -18.01
C GLY A 145 -29.24 -28.82 -16.54
N TYR A 146 -28.40 -27.82 -16.30
CA TYR A 146 -28.00 -27.45 -14.94
C TYR A 146 -28.64 -26.13 -14.55
N VAL A 147 -29.07 -26.03 -13.29
CA VAL A 147 -29.60 -24.77 -12.77
C VAL A 147 -29.08 -24.57 -11.36
N PRO A 148 -28.58 -23.38 -10.99
CA PRO A 148 -28.17 -23.16 -9.60
C PRO A 148 -29.37 -23.10 -8.67
N ALA A 149 -29.14 -22.85 -7.39
CA ALA A 149 -30.22 -22.81 -6.42
C ALA A 149 -31.03 -21.53 -6.61
N VAL A 150 -32.33 -21.66 -6.83
CA VAL A 150 -33.20 -20.50 -6.94
C VAL A 150 -33.29 -19.81 -5.58
N GLN A 151 -33.34 -18.48 -5.61
CA GLN A 151 -33.25 -17.70 -4.39
C GLN A 151 -34.53 -17.82 -3.56
N ASN A 152 -34.36 -17.80 -2.23
CA ASN A 152 -35.51 -17.77 -1.34
C ASN A 152 -36.31 -16.48 -1.52
N ARG A 153 -35.61 -15.35 -1.59
CA ARG A 153 -36.31 -14.07 -1.70
C ARG A 153 -37.02 -13.93 -3.04
N ALA A 154 -36.43 -14.46 -4.11
CA ALA A 154 -37.09 -14.41 -5.41
C ALA A 154 -38.42 -15.14 -5.37
N SER A 155 -38.46 -16.31 -4.74
CA SER A 155 -39.71 -17.00 -4.50
C SER A 155 -40.37 -16.46 -3.24
N GLY A 156 -41.62 -16.88 -3.02
CA GLY A 156 -42.35 -16.48 -1.84
C GLY A 156 -42.22 -17.50 -0.72
N ALA A 157 -41.07 -18.18 -0.66
CA ALA A 157 -40.87 -19.23 0.31
C ALA A 157 -40.73 -18.67 1.72
N GLU A 158 -40.90 -19.56 2.70
CA GLU A 158 -40.77 -19.19 4.11
C GLU A 158 -39.31 -19.35 4.54
N ILE A 159 -39.07 -19.24 5.85
CA ILE A 159 -37.70 -19.31 6.35
C ILE A 159 -37.18 -20.75 6.42
N GLY A 160 -38.07 -21.74 6.47
CA GLY A 160 -37.63 -23.11 6.54
C GLY A 160 -37.15 -23.70 5.23
N ARG A 161 -37.27 -22.95 4.14
CA ARG A 161 -36.92 -23.49 2.83
C ARG A 161 -35.40 -23.63 2.70
N ILE A 162 -34.97 -24.75 2.13
CA ILE A 162 -33.56 -25.03 1.89
C ILE A 162 -33.38 -25.26 0.39
N PRO A 163 -33.10 -24.22 -0.39
CA PRO A 163 -32.85 -24.44 -1.82
C PRO A 163 -31.60 -25.25 -2.07
N VAL A 164 -31.60 -25.97 -3.19
CA VAL A 164 -30.48 -26.82 -3.59
C VAL A 164 -30.26 -26.68 -5.08
N ASP A 165 -29.00 -26.60 -5.50
CA ASP A 165 -28.69 -26.58 -6.91
C ASP A 165 -29.13 -27.89 -7.57
N SER A 166 -29.67 -27.79 -8.77
CA SER A 166 -30.28 -28.92 -9.45
C SER A 166 -29.57 -29.24 -10.76
N ILE A 167 -29.44 -30.54 -11.04
CA ILE A 167 -28.79 -31.03 -12.25
C ILE A 167 -29.77 -32.01 -12.90
N TYR A 168 -30.58 -31.52 -13.83
CA TYR A 168 -31.46 -32.37 -14.63
C TYR A 168 -30.63 -32.95 -15.76
N SER A 169 -30.09 -34.14 -15.52
CA SER A 169 -29.38 -34.88 -16.56
C SER A 169 -29.36 -36.36 -16.18
N PRO A 170 -29.86 -37.26 -17.03
CA PRO A 170 -29.85 -38.69 -16.71
C PRO A 170 -28.67 -39.46 -17.27
N VAL A 171 -27.76 -38.80 -17.98
CA VAL A 171 -26.64 -39.47 -18.63
C VAL A 171 -25.40 -39.27 -17.78
N LEU A 172 -24.57 -40.31 -17.71
CA LEU A 172 -23.38 -40.33 -16.86
C LEU A 172 -22.09 -40.24 -17.63
N LYS A 173 -21.97 -40.93 -18.76
CA LYS A 173 -20.71 -40.94 -19.50
C LYS A 173 -20.97 -41.37 -20.94
N VAL A 174 -20.42 -40.63 -21.89
CA VAL A 174 -20.61 -40.90 -23.32
C VAL A 174 -19.26 -40.89 -24.01
N THR A 175 -19.05 -41.83 -24.92
CA THR A 175 -17.85 -41.86 -25.74
C THR A 175 -18.19 -42.53 -27.07
N TYR A 176 -17.18 -42.73 -27.90
CA TYR A 176 -17.38 -43.37 -29.19
C TYR A 176 -16.03 -43.59 -29.85
N LYS A 177 -16.05 -44.36 -30.93
CA LYS A 177 -14.90 -44.51 -31.80
C LYS A 177 -15.41 -44.84 -33.20
N VAL A 178 -14.49 -44.88 -34.15
CA VAL A 178 -14.83 -45.14 -35.55
C VAL A 178 -13.80 -46.11 -36.12
N ASP A 179 -14.27 -46.97 -37.02
CA ASP A 179 -13.44 -47.94 -37.73
C ASP A 179 -13.60 -47.66 -39.21
N ALA A 180 -12.79 -46.74 -39.73
CA ALA A 180 -12.86 -46.33 -41.12
C ALA A 180 -12.13 -47.34 -41.98
N THR A 181 -12.88 -48.13 -42.75
CA THR A 181 -12.27 -49.16 -43.60
C THR A 181 -11.33 -48.53 -44.62
N ARG A 182 -11.87 -47.72 -45.53
CA ARG A 182 -11.07 -46.98 -46.51
C ARG A 182 -10.20 -47.96 -47.31
N VAL A 183 -10.88 -48.77 -48.11
CA VAL A 183 -10.19 -49.66 -49.05
C VAL A 183 -9.81 -48.86 -50.29
N GLU A 184 -8.70 -49.25 -50.92
CA GLU A 184 -8.13 -48.45 -52.00
C GLU A 184 -9.10 -48.28 -53.16
N GLN A 185 -10.06 -49.19 -53.30
CA GLN A 185 -11.04 -49.12 -54.37
C GLN A 185 -12.09 -48.02 -54.14
N ARG A 186 -11.92 -47.19 -53.11
CA ARG A 186 -12.70 -45.98 -52.88
C ARG A 186 -14.16 -46.27 -52.56
N THR A 187 -14.49 -47.49 -52.16
CA THR A 187 -15.78 -47.78 -51.55
C THR A 187 -15.68 -47.59 -50.04
N ASP A 188 -15.25 -46.38 -49.67
CA ASP A 188 -14.94 -46.05 -48.29
C ASP A 188 -16.22 -45.74 -47.52
N PHE A 189 -16.20 -46.08 -46.23
CA PHE A 189 -17.35 -45.84 -45.37
C PHE A 189 -16.87 -45.87 -43.93
N ASP A 190 -17.53 -45.07 -43.09
CA ASP A 190 -17.24 -45.01 -41.67
C ASP A 190 -18.23 -45.86 -40.89
N LYS A 191 -17.82 -46.25 -39.69
CA LYS A 191 -18.59 -47.16 -38.83
C LYS A 191 -18.57 -46.57 -37.43
N LEU A 192 -19.64 -45.87 -37.06
CA LEU A 192 -19.67 -45.19 -35.77
C LEU A 192 -20.08 -46.17 -34.69
N ILE A 193 -19.23 -46.36 -33.70
CA ILE A 193 -19.52 -47.24 -32.57
C ILE A 193 -19.52 -46.36 -31.33
N LEU A 194 -20.72 -45.99 -30.90
CA LEU A 194 -20.98 -45.06 -29.81
C LEU A 194 -21.29 -45.83 -28.53
N ASP A 195 -20.96 -45.24 -27.40
CA ASP A 195 -21.11 -45.88 -26.10
C ASP A 195 -21.77 -44.90 -25.15
N VAL A 196 -22.87 -45.34 -24.51
CA VAL A 196 -23.63 -44.52 -23.57
C VAL A 196 -23.68 -45.25 -22.24
N GLU A 197 -23.58 -44.49 -21.15
CA GLU A 197 -23.73 -45.01 -19.79
C GLU A 197 -24.58 -44.02 -19.02
N THR A 198 -25.84 -44.39 -18.79
CA THR A 198 -26.77 -43.58 -18.03
C THR A 198 -26.73 -43.97 -16.56
N LYS A 199 -27.16 -43.04 -15.70
CA LYS A 199 -27.09 -43.26 -14.26
C LYS A 199 -28.37 -43.91 -13.73
N ASN A 200 -28.76 -45.01 -14.35
CA ASN A 200 -29.87 -45.85 -13.89
C ASN A 200 -31.18 -45.09 -13.77
N SER A 201 -31.27 -43.90 -14.37
CA SER A 201 -32.53 -43.15 -14.35
C SER A 201 -33.44 -43.61 -15.48
N ILE A 202 -32.97 -43.48 -16.71
CA ILE A 202 -33.68 -43.92 -17.91
C ILE A 202 -32.75 -44.82 -18.70
N SER A 203 -33.35 -45.67 -19.53
CA SER A 203 -32.55 -46.56 -20.34
C SER A 203 -31.74 -45.77 -21.36
N PRO A 204 -30.54 -46.23 -21.71
CA PRO A 204 -29.78 -45.54 -22.77
C PRO A 204 -30.54 -45.48 -24.08
N ARG A 205 -31.36 -46.49 -24.38
CA ARG A 205 -32.21 -46.43 -25.56
C ARG A 205 -33.13 -45.21 -25.51
N ASP A 206 -33.80 -45.00 -24.37
CA ASP A 206 -34.67 -43.83 -24.23
C ASP A 206 -33.87 -42.54 -24.33
N ALA A 207 -32.70 -42.50 -23.70
CA ALA A 207 -31.88 -41.28 -23.75
C ALA A 207 -31.52 -40.92 -25.18
N LEU A 208 -31.05 -41.91 -25.95
CA LEU A 208 -30.68 -41.63 -27.33
C LEU A 208 -31.89 -41.31 -28.19
N ALA A 209 -33.03 -41.94 -27.92
CA ALA A 209 -34.25 -41.61 -28.66
C ALA A 209 -34.65 -40.16 -28.43
N SER A 210 -34.60 -39.72 -27.17
CA SER A 210 -34.90 -38.32 -26.87
C SER A 210 -33.91 -37.38 -27.54
N ALA A 211 -32.63 -37.77 -27.56
CA ALA A 211 -31.62 -36.95 -28.24
C ALA A 211 -31.91 -36.86 -29.73
N GLY A 212 -32.27 -37.98 -30.36
CA GLY A 212 -32.60 -37.95 -31.77
C GLY A 212 -33.79 -37.07 -32.05
N LYS A 213 -34.81 -37.12 -31.19
CA LYS A 213 -35.95 -36.22 -31.33
C LYS A 213 -35.49 -34.77 -31.20
N THR A 214 -34.62 -34.48 -30.23
CA THR A 214 -34.15 -33.11 -30.05
C THR A 214 -33.38 -32.62 -31.27
N LEU A 215 -32.66 -33.52 -31.94
CA LEU A 215 -31.92 -33.14 -33.15
C LEU A 215 -32.78 -33.30 -34.39
N VAL A 216 -34.01 -32.78 -34.29
CA VAL A 216 -34.87 -32.59 -35.46
C VAL A 216 -35.43 -31.18 -35.43
N GLU A 217 -35.51 -30.57 -34.24
CA GLU A 217 -36.08 -29.24 -34.10
C GLU A 217 -35.13 -28.18 -34.68
N LEU A 218 -33.92 -28.12 -34.16
CA LEU A 218 -32.99 -27.07 -34.55
C LEU A 218 -32.57 -27.19 -36.02
N PHE A 219 -32.82 -28.33 -36.65
CA PHE A 219 -32.59 -28.46 -38.08
C PHE A 219 -33.87 -28.34 -38.90
N GLY A 220 -35.04 -28.55 -38.29
CA GLY A 220 -36.26 -28.06 -38.90
C GLY A 220 -36.21 -26.56 -39.10
N LEU A 221 -35.51 -25.87 -38.20
CA LEU A 221 -35.24 -24.44 -38.43
C LEU A 221 -34.66 -24.23 -39.83
N ALA A 222 -33.49 -24.81 -40.09
CA ALA A 222 -32.82 -24.59 -41.36
C ALA A 222 -33.57 -25.22 -42.52
N ARG A 223 -34.38 -26.23 -42.26
CA ARG A 223 -35.12 -26.91 -43.33
C ARG A 223 -36.29 -26.05 -43.82
N GLU A 224 -37.12 -25.56 -42.90
CA GLU A 224 -38.32 -24.85 -43.30
C GLU A 224 -37.96 -23.47 -43.85
N LEU A 225 -37.74 -23.39 -45.17
CA LEU A 225 -37.46 -22.14 -45.85
C LEU A 225 -38.46 -21.85 -46.96
N ASN A 226 -38.76 -22.84 -47.80
CA ASN A 226 -39.74 -22.66 -48.88
C ASN A 226 -40.67 -23.86 -48.98
N SER B 4 -37.99 -21.94 -25.20
CA SER B 4 -38.17 -20.63 -24.59
C SER B 4 -37.98 -19.51 -25.62
N GLN B 5 -37.42 -19.87 -26.78
CA GLN B 5 -37.24 -18.91 -27.87
C GLN B 5 -37.11 -19.69 -29.17
N ARG B 6 -37.55 -19.07 -30.28
CA ARG B 6 -37.42 -19.69 -31.58
C ARG B 6 -36.23 -19.07 -32.31
N PRO B 7 -35.19 -19.84 -32.62
CA PRO B 7 -34.11 -19.29 -33.46
C PRO B 7 -34.58 -19.04 -34.88
N THR B 8 -33.84 -18.16 -35.56
CA THR B 8 -34.17 -17.73 -36.92
C THR B 8 -33.03 -18.11 -37.87
N LEU B 9 -33.21 -17.75 -39.13
CA LEU B 9 -32.18 -17.96 -40.14
C LEU B 9 -32.35 -16.87 -41.20
N SER B 10 -31.28 -16.11 -41.45
CA SER B 10 -31.33 -15.08 -42.49
C SER B 10 -29.98 -15.01 -43.19
N GLU B 11 -30.00 -14.63 -44.46
CA GLU B 11 -28.81 -14.63 -45.28
C GLU B 11 -28.49 -13.23 -45.79
N ASP B 12 -27.20 -12.97 -45.95
CA ASP B 12 -26.69 -11.74 -46.56
C ASP B 12 -26.01 -12.14 -47.87
N VAL B 13 -26.67 -11.84 -48.98
CA VAL B 13 -26.15 -12.22 -50.29
C VAL B 13 -25.00 -11.28 -50.63
N LEU B 14 -23.79 -11.82 -50.73
CA LEU B 14 -22.61 -11.03 -51.01
C LEU B 14 -22.32 -10.97 -52.51
N THR B 15 -22.19 -12.13 -53.14
CA THR B 15 -21.99 -12.24 -54.59
C THR B 15 -23.14 -13.04 -55.17
N ASP B 16 -23.05 -13.33 -56.48
CA ASP B 16 -24.07 -14.17 -57.12
C ASP B 16 -24.14 -15.54 -56.46
N ASN B 17 -22.97 -16.16 -56.22
CA ASN B 17 -22.89 -17.39 -55.43
C ASN B 17 -21.80 -17.18 -54.37
N ARG B 18 -22.18 -16.48 -53.30
CA ARG B 18 -21.43 -16.46 -52.05
C ARG B 18 -22.32 -15.82 -51.02
N SER B 19 -22.67 -16.56 -49.98
CA SER B 19 -23.69 -16.14 -49.03
C SER B 19 -23.08 -16.04 -47.64
N GLN B 20 -23.88 -15.54 -46.70
CA GLN B 20 -23.46 -15.46 -45.31
C GLN B 20 -24.71 -15.64 -44.45
N PHE B 21 -24.89 -16.84 -43.92
CA PHE B 21 -26.08 -17.15 -43.14
C PHE B 21 -25.84 -16.81 -41.67
N VAL B 22 -26.91 -16.42 -40.99
CA VAL B 22 -26.88 -16.16 -39.56
C VAL B 22 -28.06 -16.90 -38.93
N ILE B 23 -27.77 -17.65 -37.87
CA ILE B 23 -28.76 -18.34 -37.05
C ILE B 23 -28.64 -17.79 -35.65
N GLU B 24 -29.74 -17.29 -35.09
CA GLU B 24 -29.68 -16.64 -33.79
C GLU B 24 -31.07 -16.64 -33.18
N PRO B 25 -31.19 -16.74 -31.85
CA PRO B 25 -30.19 -17.14 -30.86
C PRO B 25 -30.36 -18.61 -30.51
N LEU B 26 -29.33 -19.25 -29.94
CA LEU B 26 -29.37 -20.67 -29.60
C LEU B 26 -29.10 -20.84 -28.11
N GLU B 27 -29.13 -22.08 -27.65
CA GLU B 27 -28.83 -22.38 -26.26
C GLU B 27 -27.34 -22.60 -26.09
N PRO B 28 -26.70 -21.98 -25.09
CA PRO B 28 -25.24 -22.13 -24.94
C PRO B 28 -24.89 -23.52 -24.46
N GLY B 29 -24.14 -24.29 -25.27
CA GLY B 29 -23.64 -24.05 -26.62
C GLY B 29 -24.21 -25.03 -27.62
N PHE B 30 -25.10 -24.53 -28.49
CA PHE B 30 -25.56 -25.30 -29.63
C PHE B 30 -24.94 -24.82 -30.94
N GLY B 31 -24.40 -23.60 -30.96
CA GLY B 31 -23.74 -23.12 -32.15
C GLY B 31 -22.65 -24.06 -32.61
N TYR B 32 -21.82 -24.51 -31.68
CA TYR B 32 -20.78 -25.48 -32.02
C TYR B 32 -21.37 -26.87 -32.25
N THR B 33 -22.50 -27.19 -31.61
CA THR B 33 -23.11 -28.50 -31.83
C THR B 33 -23.50 -28.68 -33.29
N LEU B 34 -24.08 -27.64 -33.90
CA LEU B 34 -24.60 -27.79 -35.26
C LEU B 34 -23.75 -27.15 -36.34
N GLY B 35 -22.91 -26.16 -36.04
CA GLY B 35 -22.14 -25.53 -37.08
C GLY B 35 -21.16 -26.47 -37.76
N ASN B 36 -20.41 -27.24 -36.96
CA ASN B 36 -19.45 -28.17 -37.54
C ASN B 36 -20.15 -29.28 -38.31
N SER B 37 -21.23 -29.82 -37.75
CA SER B 37 -21.99 -30.85 -38.45
C SER B 37 -22.54 -30.32 -39.77
N LEU B 38 -23.06 -29.09 -39.76
CA LEU B 38 -23.55 -28.46 -40.97
C LEU B 38 -22.43 -28.29 -41.98
N ARG B 39 -21.24 -27.88 -41.51
CA ARG B 39 -20.10 -27.71 -42.41
C ARG B 39 -19.76 -29.03 -43.10
N ARG B 40 -19.65 -30.10 -42.32
CA ARG B 40 -19.29 -31.39 -42.91
C ARG B 40 -20.39 -31.88 -43.85
N THR B 41 -21.66 -31.64 -43.50
CA THR B 41 -22.75 -31.99 -44.40
C THR B 41 -22.62 -31.25 -45.72
N LEU B 42 -22.38 -29.93 -45.64
CA LEU B 42 -22.25 -29.14 -46.87
C LEU B 42 -21.11 -29.65 -47.72
N LEU B 43 -19.99 -30.00 -47.10
CA LEU B 43 -18.81 -30.38 -47.86
C LEU B 43 -18.83 -31.82 -48.36
N SER B 44 -19.62 -32.70 -47.73
CA SER B 44 -19.50 -34.12 -48.04
C SER B 44 -20.85 -34.84 -48.07
N SER B 45 -21.94 -34.14 -48.37
CA SER B 45 -23.24 -34.79 -48.49
C SER B 45 -24.08 -34.36 -49.68
N ILE B 46 -23.73 -33.28 -50.37
CA ILE B 46 -24.48 -32.83 -51.54
C ILE B 46 -23.95 -33.56 -52.76
N PRO B 47 -24.74 -34.42 -53.41
CA PRO B 47 -24.22 -35.13 -54.59
C PRO B 47 -23.82 -34.16 -55.69
N GLY B 48 -22.74 -34.51 -56.39
CA GLY B 48 -22.28 -33.72 -57.51
C GLY B 48 -21.63 -34.59 -58.56
N ALA B 49 -20.85 -34.01 -59.47
CA ALA B 49 -20.19 -34.81 -60.48
C ALA B 49 -18.94 -34.09 -60.97
N ALA B 50 -18.05 -34.86 -61.59
CA ALA B 50 -16.78 -34.31 -62.03
C ALA B 50 -16.08 -35.29 -62.97
N VAL B 51 -14.96 -34.81 -63.53
CA VAL B 51 -14.12 -35.62 -64.38
C VAL B 51 -13.23 -36.51 -63.52
N THR B 52 -13.05 -37.76 -63.94
CA THR B 52 -12.21 -38.70 -63.21
C THR B 52 -10.85 -38.91 -63.85
N SER B 53 -10.78 -38.92 -65.18
CA SER B 53 -9.54 -39.19 -65.90
C SER B 53 -9.65 -38.59 -67.29
N ILE B 54 -8.54 -38.63 -68.03
CA ILE B 54 -8.52 -38.12 -69.40
C ILE B 54 -7.44 -38.86 -70.17
N ARG B 55 -7.67 -39.05 -71.47
CA ARG B 55 -6.66 -39.57 -72.38
C ARG B 55 -6.55 -38.62 -73.56
N ILE B 56 -5.31 -38.43 -74.04
CA ILE B 56 -4.99 -37.41 -75.02
C ILE B 56 -4.20 -38.03 -76.16
N ASP B 57 -4.56 -37.65 -77.38
CA ASP B 57 -3.80 -38.08 -78.56
C ASP B 57 -2.47 -37.35 -78.64
N GLY B 58 -1.47 -38.03 -79.21
CA GLY B 58 -0.16 -37.46 -79.39
C GLY B 58 0.73 -37.50 -78.17
N VAL B 59 0.22 -37.93 -77.02
CA VAL B 59 1.00 -38.05 -75.79
C VAL B 59 0.84 -39.46 -75.27
N LEU B 60 1.96 -40.17 -75.13
CA LEU B 60 1.99 -41.53 -74.61
C LEU B 60 2.74 -41.62 -73.29
N HIS B 61 3.97 -41.12 -73.25
CA HIS B 61 4.75 -41.06 -72.02
C HIS B 61 5.41 -39.70 -71.78
N GLU B 62 5.52 -38.84 -72.80
CA GLU B 62 6.07 -37.50 -72.64
C GLU B 62 5.00 -36.63 -71.98
N PHE B 63 4.82 -36.85 -70.68
CA PHE B 63 3.80 -36.17 -69.90
C PHE B 63 4.19 -34.75 -69.50
N THR B 64 5.23 -34.19 -70.12
CA THR B 64 5.59 -32.80 -69.87
C THR B 64 4.72 -31.85 -70.68
N THR B 65 4.76 -31.99 -72.01
CA THR B 65 4.05 -31.09 -72.91
C THR B 65 3.37 -31.89 -74.01
N VAL B 66 2.34 -31.28 -74.59
CA VAL B 66 1.62 -31.86 -75.72
C VAL B 66 2.15 -31.22 -77.00
N PRO B 67 2.51 -31.99 -78.03
CA PRO B 67 2.88 -31.37 -79.31
C PRO B 67 1.70 -30.64 -79.93
N GLY B 68 2.01 -29.56 -80.64
CA GLY B 68 1.02 -28.81 -81.39
C GLY B 68 0.29 -27.73 -80.60
N VAL B 69 0.50 -27.65 -79.28
CA VAL B 69 -0.16 -26.65 -78.45
C VAL B 69 0.89 -25.81 -77.75
N LYS B 70 0.45 -24.86 -76.92
CA LYS B 70 1.34 -24.04 -76.13
C LYS B 70 1.41 -24.51 -74.67
N GLU B 71 0.27 -24.60 -74.01
CA GLU B 71 0.26 -24.96 -72.59
C GLU B 71 0.70 -26.40 -72.39
N ASP B 72 1.14 -26.71 -71.17
CA ASP B 72 1.72 -27.99 -70.85
C ASP B 72 0.71 -28.90 -70.14
N VAL B 73 1.06 -30.19 -70.11
CA VAL B 73 0.09 -31.24 -69.77
C VAL B 73 -0.56 -30.96 -68.42
N THR B 74 0.25 -30.66 -67.41
CA THR B 74 -0.32 -30.44 -66.07
C THR B 74 -1.21 -29.20 -66.04
N GLU B 75 -0.87 -28.17 -66.80
CA GLU B 75 -1.75 -27.01 -66.88
C GLU B 75 -3.09 -27.38 -67.51
N ILE B 76 -3.08 -28.17 -68.57
CA ILE B 76 -4.35 -28.62 -69.15
C ILE B 76 -5.12 -29.43 -68.13
N ILE B 77 -4.41 -30.26 -67.36
CA ILE B 77 -5.07 -31.15 -66.41
C ILE B 77 -5.77 -30.34 -65.33
N LEU B 78 -5.08 -29.40 -64.72
CA LEU B 78 -5.68 -28.62 -63.64
C LEU B 78 -6.58 -27.50 -64.14
N ASN B 79 -6.60 -27.23 -65.45
CA ASN B 79 -7.67 -26.40 -66.00
C ASN B 79 -8.94 -27.22 -66.17
N LEU B 80 -8.83 -28.45 -66.67
CA LEU B 80 -9.99 -29.33 -66.76
C LEU B 80 -10.50 -29.72 -65.38
N LYS B 81 -9.63 -29.72 -64.38
CA LYS B 81 -10.04 -30.12 -63.04
C LYS B 81 -11.09 -29.15 -62.48
N SER B 82 -10.91 -27.86 -62.73
CA SER B 82 -11.88 -26.84 -62.32
C SER B 82 -12.88 -26.65 -63.46
N LEU B 83 -13.82 -27.58 -63.55
CA LEU B 83 -14.82 -27.58 -64.62
C LEU B 83 -16.13 -28.08 -64.03
N VAL B 84 -17.11 -27.18 -63.93
CA VAL B 84 -18.41 -27.53 -63.37
C VAL B 84 -19.22 -28.28 -64.42
N VAL B 85 -19.74 -29.45 -64.06
CA VAL B 85 -20.56 -30.26 -64.95
C VAL B 85 -21.65 -30.92 -64.11
N SER B 86 -22.82 -31.10 -64.72
CA SER B 86 -23.93 -31.81 -64.11
C SER B 86 -24.27 -33.02 -64.96
N SER B 87 -24.66 -34.12 -64.29
CA SER B 87 -24.91 -35.38 -64.94
C SER B 87 -26.10 -36.07 -64.27
N GLU B 88 -26.67 -37.02 -64.98
CA GLU B 88 -27.71 -37.90 -64.45
C GLU B 88 -27.37 -39.37 -64.62
N GLU B 89 -26.74 -39.74 -65.74
CA GLU B 89 -26.38 -41.13 -65.98
C GLU B 89 -25.28 -41.54 -65.00
N ASP B 90 -25.58 -42.55 -64.18
CA ASP B 90 -24.67 -42.91 -63.10
C ASP B 90 -23.38 -43.54 -63.63
N GLU B 91 -23.46 -44.33 -64.69
CA GLU B 91 -22.27 -44.94 -65.24
C GLU B 91 -21.34 -43.86 -65.81
N PRO B 92 -20.01 -44.10 -65.78
CA PRO B 92 -19.08 -43.08 -66.26
C PRO B 92 -19.20 -42.84 -67.76
N VAL B 93 -19.66 -41.65 -68.15
CA VAL B 93 -19.90 -41.36 -69.55
C VAL B 93 -18.66 -40.67 -70.13
N THR B 94 -18.53 -40.75 -71.45
CA THR B 94 -17.36 -40.24 -72.17
C THR B 94 -17.78 -39.06 -73.05
N MET B 95 -17.07 -37.95 -72.89
CA MET B 95 -17.18 -36.78 -73.76
C MET B 95 -15.89 -36.63 -74.54
N TYR B 96 -15.96 -35.83 -75.60
CA TYR B 96 -14.81 -35.56 -76.44
C TYR B 96 -14.78 -34.07 -76.72
N LEU B 97 -13.61 -33.44 -76.58
CA LEU B 97 -13.42 -32.08 -77.08
C LEU B 97 -12.29 -32.11 -78.10
N ARG B 98 -12.61 -31.73 -79.34
CA ARG B 98 -11.70 -31.82 -80.46
C ARG B 98 -11.77 -30.50 -81.24
N LYS B 99 -10.62 -30.02 -81.68
CA LYS B 99 -10.56 -28.75 -82.39
C LYS B 99 -9.27 -28.67 -83.18
N GLN B 100 -9.39 -28.35 -84.47
CA GLN B 100 -8.25 -28.17 -85.35
C GLN B 100 -8.03 -26.70 -85.65
N GLY B 101 -6.77 -26.33 -85.88
CA GLY B 101 -6.41 -24.97 -86.20
C GLY B 101 -5.91 -24.21 -84.99
N PRO B 102 -5.20 -23.11 -85.21
CA PRO B 102 -4.72 -22.29 -84.09
C PRO B 102 -5.83 -21.41 -83.54
N GLY B 103 -5.84 -21.27 -82.23
CA GLY B 103 -6.87 -20.50 -81.56
C GLY B 103 -7.05 -20.98 -80.13
N GLU B 104 -7.98 -20.35 -79.43
CA GLU B 104 -8.19 -20.59 -78.02
C GLU B 104 -9.37 -21.55 -77.83
N VAL B 105 -9.10 -22.67 -77.18
CA VAL B 105 -10.12 -23.69 -76.91
C VAL B 105 -10.79 -23.36 -75.59
N THR B 106 -12.11 -23.13 -75.66
CA THR B 106 -12.99 -22.79 -74.55
C THR B 106 -13.75 -24.03 -74.08
N ALA B 107 -14.58 -23.84 -73.05
CA ALA B 107 -15.35 -24.93 -72.48
C ALA B 107 -16.60 -25.25 -73.28
N GLY B 108 -16.99 -24.40 -74.23
CA GLY B 108 -18.08 -24.73 -75.12
C GLY B 108 -17.71 -25.62 -76.29
N ASP B 109 -16.42 -25.77 -76.55
CA ASP B 109 -15.98 -26.61 -77.67
C ASP B 109 -16.43 -28.06 -77.47
N ILE B 110 -16.37 -28.55 -76.23
CA ILE B 110 -16.79 -29.92 -75.95
C ILE B 110 -18.27 -30.08 -76.30
N VAL B 111 -18.59 -31.16 -77.00
CA VAL B 111 -19.97 -31.48 -77.37
C VAL B 111 -20.46 -32.57 -76.41
N PRO B 112 -21.42 -32.29 -75.53
CA PRO B 112 -21.82 -33.30 -74.55
C PRO B 112 -22.82 -34.28 -75.14
N PRO B 113 -22.81 -35.55 -74.68
CA PRO B 113 -23.91 -36.45 -75.03
C PRO B 113 -25.15 -36.15 -74.20
N ALA B 114 -26.18 -36.99 -74.33
CA ALA B 114 -27.45 -36.74 -73.65
C ALA B 114 -27.26 -36.69 -72.14
N GLY B 115 -27.83 -35.64 -71.53
CA GLY B 115 -27.92 -35.57 -70.08
C GLY B 115 -26.87 -34.73 -69.39
N VAL B 116 -25.61 -34.88 -69.81
CA VAL B 116 -24.52 -34.15 -69.17
C VAL B 116 -24.47 -32.73 -69.71
N THR B 117 -24.15 -31.78 -68.84
CA THR B 117 -24.16 -30.37 -69.23
C THR B 117 -23.03 -29.62 -68.54
N VAL B 118 -22.57 -28.56 -69.20
CA VAL B 118 -21.51 -27.69 -68.72
C VAL B 118 -22.13 -26.35 -68.33
N HIS B 119 -21.76 -25.85 -67.16
CA HIS B 119 -22.38 -24.66 -66.59
C HIS B 119 -21.53 -23.40 -66.76
N ASN B 120 -20.41 -23.48 -67.48
CA ASN B 120 -19.61 -22.30 -67.80
C ASN B 120 -18.87 -22.55 -69.12
N PRO B 121 -19.61 -22.60 -70.23
CA PRO B 121 -18.95 -22.85 -71.52
C PRO B 121 -17.93 -21.79 -71.89
N GLY B 122 -18.15 -20.54 -71.50
CA GLY B 122 -17.24 -19.47 -71.84
C GLY B 122 -16.04 -19.39 -70.92
N MET B 123 -15.30 -20.49 -70.80
CA MET B 123 -14.15 -20.57 -69.91
C MET B 123 -12.93 -21.06 -70.68
N HIS B 124 -11.82 -20.36 -70.53
CA HIS B 124 -10.59 -20.73 -71.22
C HIS B 124 -10.05 -22.05 -70.69
N ILE B 125 -9.58 -22.90 -71.61
CA ILE B 125 -8.84 -24.11 -71.27
C ILE B 125 -7.47 -24.12 -71.94
N ALA B 126 -7.43 -23.95 -73.26
CA ALA B 126 -6.18 -24.20 -73.97
C ALA B 126 -5.95 -23.20 -75.10
N THR B 127 -4.73 -23.21 -75.62
CA THR B 127 -4.36 -22.45 -76.81
C THR B 127 -3.62 -23.37 -77.77
N LEU B 128 -3.94 -23.24 -79.05
CA LEU B 128 -3.34 -24.04 -80.11
C LEU B 128 -2.69 -23.11 -81.13
N ASN B 129 -1.59 -23.59 -81.73
CA ASN B 129 -0.79 -22.76 -82.62
C ASN B 129 -0.35 -23.57 -83.83
N ASP B 130 -0.28 -22.91 -84.98
CA ASP B 130 0.30 -23.46 -86.20
C ASP B 130 -0.40 -24.76 -86.62
N LYS B 131 -1.70 -24.63 -86.89
CA LYS B 131 -2.49 -25.74 -87.45
C LYS B 131 -2.33 -27.00 -86.60
N GLY B 132 -2.37 -26.83 -85.28
CA GLY B 132 -2.46 -27.97 -84.40
C GLY B 132 -3.91 -28.40 -84.23
N LYS B 133 -4.09 -29.70 -84.00
CA LYS B 133 -5.40 -30.25 -83.68
C LYS B 133 -5.31 -30.94 -82.33
N LEU B 134 -6.08 -30.45 -81.36
CA LEU B 134 -6.15 -31.04 -80.03
C LEU B 134 -7.44 -31.82 -79.90
N GLU B 135 -7.32 -33.10 -79.54
CA GLU B 135 -8.48 -33.96 -79.33
C GLU B 135 -8.26 -34.71 -78.02
N VAL B 136 -9.12 -34.47 -77.03
CA VAL B 136 -8.99 -35.09 -75.72
C VAL B 136 -10.33 -35.71 -75.35
N GLU B 137 -10.25 -36.86 -74.68
CA GLU B 137 -11.42 -37.59 -74.22
C GLU B 137 -11.55 -37.43 -72.71
N LEU B 138 -12.73 -36.98 -72.28
CA LEU B 138 -13.06 -36.87 -70.87
C LEU B 138 -13.93 -38.05 -70.46
N VAL B 139 -13.67 -38.57 -69.27
CA VAL B 139 -14.59 -39.49 -68.61
C VAL B 139 -15.11 -38.77 -67.37
N VAL B 140 -16.43 -38.62 -67.30
CA VAL B 140 -17.10 -37.90 -66.23
C VAL B 140 -18.07 -38.84 -65.55
N GLU B 141 -18.15 -38.74 -64.23
CA GLU B 141 -19.15 -39.47 -63.48
C GLU B 141 -19.51 -38.65 -62.25
N ARG B 142 -20.53 -39.12 -61.53
CA ARG B 142 -21.07 -38.41 -60.39
C ARG B 142 -20.74 -39.14 -59.10
N GLY B 143 -20.63 -38.37 -58.03
CA GLY B 143 -20.33 -38.91 -56.72
C GLY B 143 -20.57 -37.92 -55.60
N ARG B 144 -19.78 -38.04 -54.54
CA ARG B 144 -19.96 -37.26 -53.32
C ARG B 144 -18.61 -36.78 -52.83
N GLY B 145 -18.64 -35.69 -52.06
CA GLY B 145 -17.46 -35.25 -51.35
C GLY B 145 -16.30 -34.96 -52.28
N TYR B 146 -15.14 -35.48 -51.90
CA TYR B 146 -13.91 -35.36 -52.70
C TYR B 146 -13.22 -36.71 -52.72
N VAL B 147 -12.65 -37.06 -53.87
CA VAL B 147 -11.84 -38.26 -54.01
C VAL B 147 -10.44 -37.82 -54.44
N PRO B 148 -9.37 -38.48 -53.97
CA PRO B 148 -8.05 -38.20 -54.55
C PRO B 148 -7.97 -38.65 -55.98
N ALA B 149 -6.82 -38.48 -56.63
CA ALA B 149 -6.61 -39.04 -57.96
C ALA B 149 -6.53 -40.55 -57.81
N VAL B 150 -7.64 -41.23 -58.07
CA VAL B 150 -7.69 -42.68 -57.87
C VAL B 150 -6.63 -43.34 -58.74
N GLN B 151 -5.82 -44.20 -58.13
CA GLN B 151 -4.82 -44.94 -58.89
C GLN B 151 -5.51 -45.84 -59.89
N ASN B 152 -4.93 -45.94 -61.08
CA ASN B 152 -5.50 -46.78 -62.13
C ASN B 152 -5.55 -48.24 -61.68
N ARG B 153 -6.76 -48.76 -61.44
CA ARG B 153 -6.89 -50.16 -61.05
C ARG B 153 -6.33 -51.07 -62.14
N ALA B 154 -6.64 -50.78 -63.40
CA ALA B 154 -6.04 -51.49 -64.52
C ALA B 154 -4.64 -50.95 -64.78
N SER B 155 -3.77 -51.85 -65.25
CA SER B 155 -2.40 -51.44 -65.55
C SER B 155 -2.33 -50.67 -66.87
N GLY B 156 -2.75 -51.30 -67.96
CA GLY B 156 -2.72 -50.68 -69.26
C GLY B 156 -3.94 -50.99 -70.11
N ALA B 157 -5.08 -51.22 -69.47
CA ALA B 157 -6.31 -51.45 -70.23
C ALA B 157 -6.63 -50.25 -71.12
N GLU B 158 -6.46 -49.04 -70.58
CA GLU B 158 -6.50 -47.79 -71.35
C GLU B 158 -5.15 -47.12 -71.16
N ILE B 159 -4.24 -47.36 -72.11
CA ILE B 159 -2.87 -46.90 -71.95
C ILE B 159 -2.82 -45.37 -71.94
N GLY B 160 -3.64 -44.73 -72.78
CA GLY B 160 -3.71 -43.29 -72.78
C GLY B 160 -4.49 -42.68 -71.64
N ARG B 161 -5.25 -43.49 -70.90
CA ARG B 161 -6.08 -42.98 -69.81
C ARG B 161 -5.20 -42.69 -68.60
N ILE B 162 -5.11 -41.43 -68.23
CA ILE B 162 -4.38 -40.98 -67.04
C ILE B 162 -5.41 -40.42 -66.06
N PRO B 163 -5.35 -40.80 -64.78
CA PRO B 163 -6.37 -40.33 -63.82
C PRO B 163 -6.07 -38.93 -63.33
N VAL B 164 -7.13 -38.28 -62.85
CA VAL B 164 -7.07 -36.96 -62.23
C VAL B 164 -7.97 -36.97 -61.01
N ASP B 165 -7.89 -35.90 -60.22
CA ASP B 165 -8.77 -35.78 -59.07
C ASP B 165 -10.20 -35.57 -59.55
N SER B 166 -11.12 -35.46 -58.59
CA SER B 166 -12.53 -35.21 -58.94
C SER B 166 -13.15 -34.43 -57.80
N ILE B 167 -13.55 -33.18 -58.07
CA ILE B 167 -14.17 -32.33 -57.05
C ILE B 167 -15.67 -32.57 -57.17
N TYR B 168 -16.12 -33.65 -56.51
CA TYR B 168 -17.54 -33.98 -56.57
C TYR B 168 -18.39 -32.98 -55.79
N SER B 169 -17.84 -32.40 -54.73
CA SER B 169 -18.63 -31.50 -53.90
C SER B 169 -19.00 -30.24 -54.68
N PRO B 170 -20.27 -29.80 -54.65
CA PRO B 170 -20.60 -28.53 -55.34
C PRO B 170 -20.07 -27.31 -54.60
N VAL B 171 -20.25 -27.27 -53.29
CA VAL B 171 -19.73 -26.15 -52.51
C VAL B 171 -18.22 -26.26 -52.39
N LEU B 172 -17.55 -25.12 -52.34
CA LEU B 172 -16.09 -25.07 -52.34
C LEU B 172 -15.49 -24.76 -50.99
N LYS B 173 -16.08 -23.86 -50.21
CA LYS B 173 -15.40 -23.29 -49.06
C LYS B 173 -16.45 -22.81 -48.06
N VAL B 174 -16.49 -23.45 -46.89
CA VAL B 174 -17.43 -23.11 -45.83
C VAL B 174 -16.66 -23.02 -44.52
N THR B 175 -16.82 -21.90 -43.81
CA THR B 175 -16.31 -21.73 -42.46
C THR B 175 -17.43 -21.22 -41.58
N TYR B 176 -17.14 -21.01 -40.30
CA TYR B 176 -18.17 -20.58 -39.37
C TYR B 176 -17.51 -20.06 -38.10
N LYS B 177 -18.32 -19.40 -37.28
CA LYS B 177 -17.88 -18.85 -36.01
C LYS B 177 -19.11 -18.60 -35.15
N VAL B 178 -18.88 -18.34 -33.87
CA VAL B 178 -19.95 -18.14 -32.91
C VAL B 178 -19.78 -16.78 -32.24
N ASP B 179 -20.89 -16.26 -31.73
CA ASP B 179 -20.90 -14.98 -31.02
C ASP B 179 -21.66 -15.12 -29.70
N ALA B 180 -21.80 -14.01 -28.96
CA ALA B 180 -22.34 -14.01 -27.61
C ALA B 180 -23.46 -12.97 -27.49
N THR B 181 -24.41 -13.01 -28.42
CA THR B 181 -25.47 -12.01 -28.44
C THR B 181 -26.29 -12.04 -27.17
N ARG B 182 -26.55 -10.85 -26.60
CA ARG B 182 -27.57 -10.65 -25.57
C ARG B 182 -27.31 -11.55 -24.36
N VAL B 183 -26.22 -11.20 -23.65
CA VAL B 183 -25.79 -12.00 -22.52
C VAL B 183 -26.67 -11.84 -21.29
N GLU B 184 -27.40 -10.73 -21.17
CA GLU B 184 -28.02 -10.36 -19.89
C GLU B 184 -29.42 -10.94 -19.72
N GLN B 185 -30.35 -10.56 -20.59
CA GLN B 185 -31.74 -10.98 -20.44
C GLN B 185 -32.00 -12.38 -21.00
N ARG B 186 -31.06 -12.92 -21.80
CA ARG B 186 -31.12 -14.30 -22.25
C ARG B 186 -30.11 -15.21 -21.58
N THR B 187 -29.17 -14.66 -20.80
CA THR B 187 -28.14 -15.45 -20.13
C THR B 187 -27.21 -16.11 -21.15
N ASP B 188 -26.61 -15.26 -21.99
CA ASP B 188 -25.47 -15.61 -22.84
C ASP B 188 -25.83 -16.75 -23.80
N PHE B 189 -26.71 -16.42 -24.74
CA PHE B 189 -26.98 -17.29 -25.87
C PHE B 189 -25.87 -17.14 -26.91
N ASP B 190 -25.99 -17.90 -28.00
CA ASP B 190 -24.98 -17.96 -29.05
C ASP B 190 -25.60 -17.57 -30.38
N LYS B 191 -24.73 -17.22 -31.33
CA LYS B 191 -25.16 -16.84 -32.67
C LYS B 191 -24.19 -17.47 -33.66
N LEU B 192 -24.71 -18.22 -34.62
CA LEU B 192 -23.90 -18.91 -35.61
C LEU B 192 -23.84 -18.10 -36.89
N ILE B 193 -22.63 -17.90 -37.41
CA ILE B 193 -22.40 -17.23 -38.69
C ILE B 193 -21.76 -18.23 -39.63
N LEU B 194 -22.29 -18.32 -40.85
CA LEU B 194 -21.77 -19.18 -41.90
C LEU B 194 -21.34 -18.33 -43.09
N ASP B 195 -20.25 -18.75 -43.72
CA ASP B 195 -19.72 -18.12 -44.93
C ASP B 195 -19.55 -19.23 -45.96
N VAL B 196 -20.60 -19.48 -46.73
CA VAL B 196 -20.62 -20.55 -47.72
C VAL B 196 -20.29 -19.96 -49.09
N GLU B 197 -19.40 -20.61 -49.82
CA GLU B 197 -19.11 -20.27 -51.21
C GLU B 197 -19.32 -21.51 -52.05
N THR B 198 -19.96 -21.34 -53.20
CA THR B 198 -20.27 -22.42 -54.11
C THR B 198 -19.88 -22.01 -55.52
N LYS B 199 -19.68 -23.02 -56.38
CA LYS B 199 -19.61 -22.76 -57.81
C LYS B 199 -21.00 -22.37 -58.31
N ASN B 200 -21.10 -22.08 -59.61
CA ASN B 200 -22.35 -21.59 -60.18
C ASN B 200 -23.28 -22.71 -60.60
N SER B 201 -23.13 -23.91 -60.02
CA SER B 201 -24.07 -24.99 -60.31
C SER B 201 -25.36 -24.81 -59.53
N ILE B 202 -25.27 -24.54 -58.23
CA ILE B 202 -26.44 -24.36 -57.37
C ILE B 202 -26.22 -23.13 -56.50
N SER B 203 -27.32 -22.57 -56.03
CA SER B 203 -27.25 -21.45 -55.12
C SER B 203 -26.89 -21.94 -53.71
N PRO B 204 -26.22 -21.10 -52.91
CA PRO B 204 -25.97 -21.49 -51.52
C PRO B 204 -27.24 -21.77 -50.74
N ARG B 205 -28.34 -21.08 -51.08
CA ARG B 205 -29.60 -21.31 -50.40
C ARG B 205 -30.09 -22.75 -50.61
N ASP B 206 -30.13 -23.18 -51.88
CA ASP B 206 -30.56 -24.55 -52.16
C ASP B 206 -29.56 -25.55 -51.60
N ALA B 207 -28.26 -25.24 -51.67
CA ALA B 207 -27.26 -26.12 -51.07
C ALA B 207 -27.54 -26.34 -49.59
N LEU B 208 -27.78 -25.25 -48.86
CA LEU B 208 -28.04 -25.36 -47.43
C LEU B 208 -29.33 -26.12 -47.16
N ALA B 209 -30.37 -25.87 -47.97
CA ALA B 209 -31.62 -26.59 -47.78
C ALA B 209 -31.44 -28.08 -47.97
N SER B 210 -30.71 -28.48 -49.02
CA SER B 210 -30.47 -29.90 -49.25
C SER B 210 -29.63 -30.52 -48.14
N ALA B 211 -28.63 -29.77 -47.64
CA ALA B 211 -27.86 -30.26 -46.51
C ALA B 211 -28.75 -30.47 -45.29
N GLY B 212 -29.66 -29.54 -45.04
CA GLY B 212 -30.60 -29.72 -43.95
C GLY B 212 -31.48 -30.94 -44.13
N LYS B 213 -31.90 -31.19 -45.37
CA LYS B 213 -32.69 -32.40 -45.65
C LYS B 213 -31.90 -33.65 -45.30
N THR B 214 -30.66 -33.73 -45.77
CA THR B 214 -29.84 -34.90 -45.48
C THR B 214 -29.64 -35.07 -43.98
N LEU B 215 -29.36 -33.97 -43.28
CA LEU B 215 -29.11 -34.06 -41.84
C LEU B 215 -30.37 -34.46 -41.08
N VAL B 216 -31.52 -33.92 -41.46
CA VAL B 216 -32.74 -34.26 -40.74
C VAL B 216 -33.08 -35.73 -40.96
N GLU B 217 -32.83 -36.26 -42.16
CA GLU B 217 -32.99 -37.69 -42.35
C GLU B 217 -32.02 -38.47 -41.47
N LEU B 218 -30.76 -38.03 -41.43
CA LEU B 218 -29.74 -38.78 -40.71
C LEU B 218 -29.98 -38.79 -39.21
N PHE B 219 -30.63 -37.75 -38.68
CA PHE B 219 -30.97 -37.72 -37.27
C PHE B 219 -32.35 -38.28 -36.98
N GLY B 220 -33.26 -38.28 -37.96
CA GLY B 220 -34.48 -39.04 -37.81
C GLY B 220 -34.20 -40.53 -37.72
N LEU B 221 -33.09 -40.97 -38.31
CA LEU B 221 -32.62 -42.33 -38.07
C LEU B 221 -32.55 -42.62 -36.57
N ALA B 222 -31.89 -41.73 -35.82
CA ALA B 222 -31.81 -41.91 -34.37
C ALA B 222 -33.15 -41.67 -33.70
N ARG B 223 -33.91 -40.70 -34.20
CA ARG B 223 -35.22 -40.39 -33.62
C ARG B 223 -36.13 -41.61 -33.62
N GLU B 224 -36.09 -42.40 -34.69
CA GLU B 224 -37.02 -43.51 -34.85
C GLU B 224 -36.57 -44.73 -34.05
N LEU B 225 -36.36 -44.53 -32.74
CA LEU B 225 -36.15 -45.63 -31.80
C LEU B 225 -37.24 -45.68 -30.76
N ASN B 226 -37.51 -44.55 -30.09
CA ASN B 226 -38.68 -44.37 -29.24
C ASN B 226 -39.29 -43.04 -29.69
N VAL B 227 -40.20 -43.11 -30.66
CA VAL B 227 -40.76 -41.90 -31.24
C VAL B 227 -41.43 -41.05 -30.18
N GLU B 228 -42.09 -41.68 -29.21
CA GLU B 228 -42.72 -40.97 -28.10
C GLU B 228 -41.70 -40.70 -27.00
N ALA B 229 -40.67 -39.92 -27.36
CA ALA B 229 -39.62 -39.52 -26.45
C ALA B 229 -39.60 -38.01 -26.34
N GLU B 230 -39.64 -37.50 -25.11
CA GLU B 230 -39.64 -36.07 -24.86
C GLU B 230 -38.21 -35.52 -24.88
N GLY B 231 -38.05 -34.37 -25.52
CA GLY B 231 -36.76 -33.70 -25.58
C GLY B 231 -36.90 -32.21 -25.45
N ILE B 232 -36.21 -31.47 -26.33
CA ILE B 232 -36.32 -30.01 -26.39
C ILE B 232 -37.26 -29.67 -27.53
N GLU B 233 -38.24 -28.82 -27.24
CA GLU B 233 -39.29 -28.48 -28.19
C GLU B 233 -39.39 -26.97 -28.34
N ILE B 234 -39.62 -26.52 -29.57
CA ILE B 234 -39.75 -25.10 -29.86
C ILE B 234 -40.98 -24.89 -30.72
N SER C 27 6.74 -46.13 6.12
CA SER C 27 6.58 -46.90 7.35
C SER C 27 6.28 -46.00 8.54
N ASN C 28 5.40 -45.03 8.32
CA ASN C 28 5.06 -44.08 9.36
C ASN C 28 4.25 -44.77 10.47
N ASN C 29 4.17 -44.09 11.60
CA ASN C 29 3.58 -44.66 12.81
C ASN C 29 2.95 -43.52 13.61
N SER C 30 2.70 -43.76 14.90
CA SER C 30 2.13 -42.78 15.82
C SER C 30 0.61 -42.77 15.69
N VAL C 31 0.06 -41.90 14.85
CA VAL C 31 -1.39 -41.83 14.65
C VAL C 31 -1.86 -43.19 14.19
N PRO C 32 -2.61 -43.94 15.01
CA PRO C 32 -3.04 -45.28 14.58
C PRO C 32 -3.86 -45.27 13.30
N GLY C 33 -4.70 -44.27 13.11
CA GLY C 33 -5.60 -44.20 11.97
C GLY C 33 -5.05 -43.50 10.75
N ALA C 34 -3.79 -43.10 10.76
CA ALA C 34 -3.22 -42.44 9.58
C ALA C 34 -3.32 -43.38 8.38
N PRO C 35 -3.83 -42.93 7.24
CA PRO C 35 -3.99 -43.84 6.11
C PRO C 35 -2.65 -44.38 5.63
N ASN C 36 -2.68 -45.60 5.11
CA ASN C 36 -1.47 -46.28 4.67
C ASN C 36 -0.98 -45.62 3.38
N ARG C 37 -0.27 -44.51 3.55
CA ARG C 37 0.28 -43.74 2.44
C ARG C 37 1.67 -44.26 2.14
N VAL C 38 1.83 -44.89 0.98
CA VAL C 38 3.10 -45.54 0.65
C VAL C 38 4.13 -44.49 0.30
N SER C 39 5.35 -44.68 0.80
CA SER C 39 6.43 -43.72 0.64
C SER C 39 7.54 -44.28 -0.24
N PHE C 40 8.16 -43.39 -1.01
CA PHE C 40 9.30 -43.71 -1.84
C PHE C 40 10.63 -43.50 -1.12
N ALA C 41 10.59 -43.26 0.18
CA ALA C 41 11.81 -42.96 0.93
C ALA C 41 12.78 -44.13 0.86
N LYS C 42 13.97 -43.90 0.31
CA LYS C 42 15.00 -44.93 0.30
C LYS C 42 15.72 -45.04 1.64
N LEU C 43 15.68 -44.00 2.46
CA LEU C 43 16.40 -43.94 3.71
C LEU C 43 15.46 -44.18 4.89
N ARG C 44 16.03 -44.25 6.09
CA ARG C 44 15.28 -44.39 7.32
C ARG C 44 15.74 -43.32 8.30
N GLU C 45 14.85 -42.39 8.62
CA GLU C 45 15.20 -41.29 9.52
C GLU C 45 15.24 -41.79 10.96
N PRO C 46 16.33 -41.58 11.70
CA PRO C 46 16.34 -41.96 13.11
C PRO C 46 15.42 -41.11 13.97
N LEU C 47 15.53 -39.79 13.87
CA LEU C 47 14.83 -38.88 14.75
C LEU C 47 13.47 -38.53 14.16
N GLU C 48 12.42 -38.68 14.97
CA GLU C 48 11.08 -38.31 14.56
C GLU C 48 10.94 -36.78 14.51
N VAL C 49 9.97 -36.31 13.74
CA VAL C 49 9.71 -34.87 13.68
C VAL C 49 9.31 -34.37 15.06
N PRO C 50 9.90 -33.28 15.57
CA PRO C 50 9.53 -32.83 16.93
C PRO C 50 8.15 -32.21 16.98
N GLY C 51 7.69 -31.87 18.19
CA GLY C 51 6.46 -31.13 18.32
C GLY C 51 6.58 -29.79 17.62
N LEU C 52 5.81 -29.60 16.55
CA LEU C 52 5.99 -28.44 15.68
C LEU C 52 5.68 -27.12 16.37
N LEU C 53 5.03 -27.13 17.53
CA LEU C 53 4.69 -25.90 18.24
C LEU C 53 5.44 -25.79 19.57
N ASP C 54 6.53 -26.54 19.72
CA ASP C 54 7.36 -26.40 20.91
C ASP C 54 7.91 -24.99 21.02
N VAL C 55 8.33 -24.40 19.91
CA VAL C 55 8.96 -23.09 19.93
C VAL C 55 8.08 -22.04 20.60
N GLN C 56 6.76 -22.25 20.63
CA GLN C 56 5.85 -21.41 21.41
C GLN C 56 5.54 -21.99 22.78
N THR C 57 5.11 -23.26 22.84
CA THR C 57 4.62 -23.82 24.09
C THR C 57 5.73 -23.86 25.15
N ASP C 58 6.89 -24.42 24.78
CA ASP C 58 7.98 -24.55 25.74
C ASP C 58 8.51 -23.19 26.17
N SER C 59 8.56 -22.22 25.24
CA SER C 59 9.00 -20.88 25.63
C SER C 59 8.04 -20.27 26.64
N PHE C 60 6.74 -20.37 26.40
CA PHE C 60 5.78 -19.79 27.34
C PHE C 60 5.83 -20.51 28.69
N GLU C 61 5.96 -21.83 28.68
CA GLU C 61 6.04 -22.55 29.94
C GLU C 61 7.38 -22.31 30.65
N TRP C 62 8.43 -21.96 29.90
CA TRP C 62 9.64 -21.47 30.53
C TRP C 62 9.40 -20.15 31.23
N LEU C 63 8.65 -19.26 30.58
CA LEU C 63 8.30 -17.99 31.21
C LEU C 63 7.55 -18.23 32.50
N ILE C 64 6.54 -19.10 32.48
CA ILE C 64 5.72 -19.32 33.66
C ILE C 64 6.52 -20.05 34.74
N GLY C 65 7.10 -21.19 34.41
CA GLY C 65 7.69 -22.09 35.38
C GLY C 65 6.82 -23.31 35.59
N SER C 66 6.27 -23.85 34.51
CA SER C 66 5.42 -25.02 34.62
C SER C 66 6.25 -26.24 35.05
N PRO C 67 5.65 -27.17 35.79
CA PRO C 67 6.43 -28.34 36.24
C PRO C 67 7.02 -29.15 35.10
N ARG C 68 6.36 -29.22 33.94
CA ARG C 68 6.93 -29.92 32.81
C ARG C 68 8.25 -29.27 32.39
N TRP C 69 8.26 -27.94 32.27
CA TRP C 69 9.50 -27.25 31.97
C TRP C 69 10.52 -27.47 33.09
N ARG C 70 10.06 -27.47 34.34
CA ARG C 70 10.96 -27.69 35.47
C ARG C 70 11.70 -29.00 35.30
N GLU C 71 10.97 -30.09 35.05
CA GLU C 71 11.61 -31.41 34.93
C GLU C 71 12.46 -31.49 33.67
N SER C 72 12.03 -30.85 32.58
CA SER C 72 12.86 -30.87 31.37
C SER C 72 14.19 -30.17 31.60
N ALA C 73 14.15 -28.99 32.24
CA ALA C 73 15.39 -28.31 32.58
C ALA C 73 16.24 -29.14 33.54
N ALA C 74 15.59 -29.83 34.47
CA ALA C 74 16.31 -30.77 35.32
C ALA C 74 17.05 -31.80 34.48
N GLU C 75 16.41 -32.29 33.42
CA GLU C 75 17.07 -33.24 32.53
C GLU C 75 18.22 -32.59 31.78
N ARG C 76 18.12 -31.30 31.46
CA ARG C 76 19.01 -30.65 30.49
C ARG C 76 19.63 -29.39 31.06
N GLY C 77 20.27 -29.47 32.23
CA GLY C 77 20.89 -28.30 32.82
C GLY C 77 20.33 -27.93 34.18
N ASP C 78 20.00 -28.96 34.96
CA ASP C 78 19.34 -28.86 36.26
C ASP C 78 19.78 -27.64 37.08
N VAL C 79 21.09 -27.39 37.13
CA VAL C 79 21.69 -26.60 38.21
C VAL C 79 20.89 -25.36 38.56
N ASN C 80 20.29 -24.69 37.58
CA ASN C 80 19.59 -23.41 37.79
C ASN C 80 18.23 -23.43 37.13
N PRO C 81 17.23 -24.06 37.77
CA PRO C 81 15.86 -24.00 37.24
C PRO C 81 15.18 -22.71 37.68
N VAL C 82 15.00 -21.78 36.75
CA VAL C 82 14.42 -20.47 37.04
C VAL C 82 13.54 -20.04 35.88
N GLY C 83 12.31 -19.62 36.19
CA GLY C 83 11.43 -19.07 35.19
C GLY C 83 11.71 -17.59 34.93
N GLY C 84 11.13 -17.10 33.84
CA GLY C 84 11.33 -15.70 33.48
C GLY C 84 10.82 -14.75 34.54
N LEU C 85 9.64 -15.04 35.09
CA LEU C 85 9.12 -14.25 36.19
C LEU C 85 10.14 -14.23 37.34
N GLU C 86 10.41 -15.40 37.92
CA GLU C 86 11.36 -15.48 39.03
C GLU C 86 12.62 -14.69 38.72
N GLU C 87 13.09 -14.73 37.48
CA GLU C 87 14.30 -13.99 37.12
C GLU C 87 14.09 -12.48 37.25
N VAL C 88 12.98 -11.97 36.70
CA VAL C 88 12.76 -10.51 36.78
C VAL C 88 12.56 -10.09 38.23
N LEU C 89 11.81 -10.88 39.01
CA LEU C 89 11.61 -10.52 40.41
C LEU C 89 12.91 -10.59 41.20
N TYR C 90 13.80 -11.52 40.88
CA TYR C 90 15.07 -11.60 41.59
C TYR C 90 15.96 -10.41 41.24
N GLU C 91 16.07 -10.07 39.97
CA GLU C 91 16.87 -8.89 39.63
C GLU C 91 16.25 -7.61 40.15
N LEU C 92 14.95 -7.61 40.43
CA LEU C 92 14.32 -6.43 41.04
C LEU C 92 14.58 -6.39 42.54
N SER C 93 14.44 -7.51 43.21
CA SER C 93 14.59 -7.54 44.66
C SER C 93 16.07 -7.46 45.04
N PRO C 94 16.42 -6.67 46.07
CA PRO C 94 15.59 -5.73 46.84
C PRO C 94 15.57 -4.34 46.22
N ILE C 95 14.61 -3.51 46.64
CA ILE C 95 14.54 -2.10 46.27
C ILE C 95 14.67 -1.32 47.57
N GLU C 96 15.66 -0.43 47.62
CA GLU C 96 16.01 0.28 48.84
C GLU C 96 15.97 1.78 48.58
N ASP C 97 15.65 2.54 49.62
CA ASP C 97 15.62 3.98 49.49
C ASP C 97 17.02 4.55 49.55
N PHE C 98 17.15 5.81 49.15
CA PHE C 98 18.45 6.45 49.24
C PHE C 98 18.96 6.44 50.67
N SER C 99 18.05 6.41 51.65
CA SER C 99 18.45 6.27 53.04
C SER C 99 19.06 4.90 53.32
N GLY C 100 18.50 3.85 52.71
CA GLY C 100 18.93 2.49 53.00
C GLY C 100 18.38 1.92 54.29
N SER C 101 17.45 2.61 54.94
CA SER C 101 16.88 2.17 56.21
C SER C 101 15.72 1.20 56.05
N MET C 102 15.30 0.94 54.82
CA MET C 102 14.15 0.08 54.56
C MET C 102 14.27 -0.46 53.14
N SER C 103 13.62 -1.59 52.89
CA SER C 103 13.78 -2.31 51.64
C SER C 103 12.50 -3.07 51.31
N LEU C 104 12.37 -3.44 50.04
CA LEU C 104 11.22 -4.20 49.56
C LEU C 104 11.71 -5.34 48.67
N SER C 105 11.04 -6.48 48.75
CA SER C 105 11.46 -7.67 48.01
C SER C 105 10.23 -8.42 47.50
N PHE C 106 10.46 -9.28 46.51
CA PHE C 106 9.40 -10.07 45.90
C PHE C 106 9.84 -11.53 45.86
N SER C 107 8.85 -12.43 45.81
CA SER C 107 9.16 -13.84 45.68
C SER C 107 7.93 -14.60 45.20
N ASP C 108 8.16 -15.84 44.79
CA ASP C 108 7.13 -16.84 44.55
C ASP C 108 6.04 -16.33 43.62
N PRO C 109 6.32 -16.17 42.33
CA PRO C 109 5.23 -15.92 41.37
C PRO C 109 4.32 -17.14 41.31
N ARG C 110 3.02 -16.90 41.31
CA ARG C 110 2.06 -17.99 41.39
C ARG C 110 0.78 -17.59 40.68
N PHE C 111 0.20 -18.54 39.96
CA PHE C 111 -1.03 -18.33 39.21
C PHE C 111 -2.21 -18.97 39.94
N ASP C 112 -3.39 -18.48 39.61
CA ASP C 112 -4.64 -19.19 39.87
C ASP C 112 -5.12 -19.79 38.56
N ASP C 113 -6.17 -20.60 38.62
CA ASP C 113 -6.75 -21.11 37.39
C ASP C 113 -7.37 -19.97 36.59
N VAL C 114 -7.51 -20.19 35.28
CA VAL C 114 -8.09 -19.17 34.42
C VAL C 114 -9.51 -18.88 34.87
N LYS C 115 -9.94 -17.64 34.67
CA LYS C 115 -11.25 -17.20 35.13
C LYS C 115 -12.39 -17.60 34.20
N ALA C 116 -12.08 -18.01 32.96
CA ALA C 116 -13.12 -18.40 32.02
C ALA C 116 -12.50 -19.25 30.92
N PRO C 117 -13.22 -20.24 30.38
CA PRO C 117 -12.61 -21.14 29.38
C PRO C 117 -12.41 -20.49 28.03
N VAL C 118 -11.77 -21.23 27.12
CA VAL C 118 -11.32 -20.67 25.85
C VAL C 118 -12.50 -20.20 25.01
N ASP C 119 -13.48 -21.08 24.81
CA ASP C 119 -14.59 -20.74 23.93
C ASP C 119 -15.42 -19.60 24.50
N GLU C 120 -15.63 -19.60 25.82
CA GLU C 120 -16.39 -18.52 26.44
C GLU C 120 -15.65 -17.19 26.30
N CYS C 121 -14.33 -17.19 26.50
CA CYS C 121 -13.56 -15.97 26.32
C CYS C 121 -13.64 -15.48 24.88
N LYS C 122 -13.55 -16.40 23.92
CA LYS C 122 -13.62 -16.02 22.51
C LYS C 122 -15.00 -15.45 22.17
N ASP C 123 -16.06 -16.04 22.73
CA ASP C 123 -17.41 -15.59 22.43
C ASP C 123 -17.68 -14.22 23.04
N LYS C 124 -17.51 -14.10 24.36
CA LYS C 124 -17.84 -12.88 25.08
C LYS C 124 -16.74 -11.83 25.02
N ASP C 125 -15.78 -11.98 24.10
CA ASP C 125 -14.76 -10.99 23.83
C ASP C 125 -13.87 -10.73 25.05
N MET C 126 -13.81 -11.66 25.99
CA MET C 126 -12.89 -11.53 27.11
C MET C 126 -11.51 -12.00 26.71
N THR C 127 -10.50 -11.45 27.37
CA THR C 127 -9.12 -11.87 27.14
C THR C 127 -8.81 -13.06 28.03
N TYR C 128 -8.40 -14.16 27.41
CA TYR C 128 -8.12 -15.41 28.13
C TYR C 128 -6.90 -15.20 29.00
N ALA C 129 -7.11 -15.10 30.32
CA ALA C 129 -6.04 -14.75 31.25
C ALA C 129 -6.20 -15.54 32.54
N ALA C 130 -5.26 -15.35 33.45
CA ALA C 130 -5.32 -15.86 34.81
C ALA C 130 -4.59 -14.90 35.73
N PRO C 131 -4.97 -14.83 37.02
CA PRO C 131 -4.32 -13.88 37.91
C PRO C 131 -2.87 -14.25 38.22
N LEU C 132 -2.12 -13.24 38.66
CA LEU C 132 -0.77 -13.40 39.19
C LEU C 132 -0.77 -13.06 40.68
N PHE C 133 -0.16 -13.92 41.48
CA PHE C 133 0.02 -13.65 42.91
C PHE C 133 1.50 -13.75 43.24
N VAL C 134 2.02 -12.69 43.86
CA VAL C 134 3.43 -12.56 44.19
C VAL C 134 3.54 -12.24 45.68
N THR C 135 4.38 -12.98 46.40
CA THR C 135 4.58 -12.71 47.82
C THR C 135 5.54 -11.54 47.95
N ALA C 136 5.01 -10.38 48.33
CA ALA C 136 5.83 -9.21 48.59
C ALA C 136 6.33 -9.25 50.03
N GLU C 137 7.38 -8.48 50.30
CA GLU C 137 7.98 -8.49 51.62
C GLU C 137 8.68 -7.16 51.84
N PHE C 138 8.10 -6.31 52.68
CA PHE C 138 8.75 -5.07 53.10
C PHE C 138 9.55 -5.36 54.37
N ILE C 139 10.73 -4.76 54.46
CA ILE C 139 11.57 -4.86 55.65
C ILE C 139 12.01 -3.47 56.04
N ASN C 140 12.09 -3.20 57.35
CA ASN C 140 12.63 -1.95 57.87
C ASN C 140 13.95 -2.26 58.57
N ASN C 141 15.03 -1.63 58.10
CA ASN C 141 16.35 -1.98 58.59
C ASN C 141 16.56 -1.52 60.02
N ASN C 142 16.20 -0.27 60.32
CA ASN C 142 16.55 0.30 61.62
C ASN C 142 15.83 -0.41 62.76
N THR C 143 14.50 -0.58 62.65
CA THR C 143 13.75 -1.23 63.71
C THR C 143 13.68 -2.74 63.53
N GLY C 144 13.41 -3.22 62.32
CA GLY C 144 13.46 -4.64 62.03
C GLY C 144 12.11 -5.31 62.04
N GLU C 145 11.52 -5.51 60.86
CA GLU C 145 10.27 -6.25 60.72
C GLU C 145 10.25 -6.87 59.33
N ILE C 146 9.28 -7.76 59.12
CA ILE C 146 8.92 -8.20 57.78
C ILE C 146 7.41 -8.07 57.64
N LYS C 147 6.98 -7.46 56.53
CA LYS C 147 5.58 -7.26 56.19
C LYS C 147 5.39 -8.07 54.92
N SER C 148 4.88 -9.29 55.06
CA SER C 148 4.72 -10.22 53.95
C SER C 148 3.26 -10.34 53.59
N GLN C 149 2.96 -10.31 52.29
CA GLN C 149 1.60 -10.37 51.79
C GLN C 149 1.56 -11.33 50.61
N THR C 150 0.40 -11.40 49.95
CA THR C 150 0.23 -12.09 48.68
C THR C 150 -0.49 -11.09 47.78
N VAL C 151 0.27 -10.32 47.02
CA VAL C 151 -0.25 -9.19 46.27
C VAL C 151 -0.77 -9.68 44.92
N PHE C 152 -2.00 -9.29 44.59
CA PHE C 152 -2.52 -9.47 43.24
C PHE C 152 -1.74 -8.58 42.28
N MET C 153 -0.89 -9.19 41.45
CA MET C 153 -0.06 -8.42 40.53
C MET C 153 -0.82 -7.96 39.30
N GLY C 154 -1.86 -8.68 38.90
CA GLY C 154 -2.60 -8.37 37.70
C GLY C 154 -3.01 -9.64 36.99
N ASP C 155 -3.96 -9.50 36.08
CA ASP C 155 -4.27 -10.62 35.19
C ASP C 155 -3.21 -10.71 34.10
N PHE C 156 -2.89 -11.93 33.71
CA PHE C 156 -1.86 -12.23 32.75
C PHE C 156 -2.46 -13.03 31.62
N PRO C 157 -2.25 -12.66 30.36
CA PRO C 157 -2.76 -13.51 29.27
C PRO C 157 -2.05 -14.86 29.28
N MET C 158 -2.80 -15.91 28.91
CA MET C 158 -2.29 -17.27 28.88
C MET C 158 -2.34 -17.83 27.48
N MET C 159 -1.26 -18.51 27.10
CA MET C 159 -1.23 -19.25 25.85
C MET C 159 -2.17 -20.44 25.93
N THR C 160 -2.94 -20.66 24.87
CA THR C 160 -3.88 -21.77 24.83
C THR C 160 -3.11 -23.06 24.53
N GLU C 161 -3.84 -24.14 24.24
CA GLU C 161 -3.19 -25.38 23.85
C GLU C 161 -2.54 -25.28 22.49
N LYS C 162 -3.11 -24.47 21.60
CA LYS C 162 -2.64 -24.35 20.23
C LYS C 162 -1.53 -23.32 20.07
N GLY C 163 -0.84 -22.95 21.16
CA GLY C 163 0.26 -22.02 21.06
C GLY C 163 -0.14 -20.62 20.65
N THR C 164 -1.31 -20.15 21.09
CA THR C 164 -1.84 -18.86 20.70
C THR C 164 -2.45 -18.17 21.91
N PHE C 165 -2.58 -16.85 21.82
CA PHE C 165 -3.21 -16.06 22.86
C PHE C 165 -4.56 -15.54 22.37
N ILE C 166 -5.42 -15.20 23.32
CA ILE C 166 -6.75 -14.67 23.02
C ILE C 166 -6.88 -13.33 23.75
N ILE C 167 -6.99 -12.25 22.98
CA ILE C 167 -7.09 -10.91 23.49
C ILE C 167 -8.41 -10.30 23.00
N ASN C 168 -9.23 -9.82 23.94
CA ASN C 168 -10.51 -9.20 23.60
C ASN C 168 -11.39 -10.11 22.76
N GLY C 169 -11.19 -11.41 22.87
CA GLY C 169 -11.87 -12.40 22.04
C GLY C 169 -11.11 -12.75 20.78
N THR C 170 -10.56 -11.75 20.11
CA THR C 170 -9.77 -12.01 18.92
C THR C 170 -8.57 -12.90 19.30
N GLU C 171 -7.99 -13.52 18.28
CA GLU C 171 -6.96 -14.52 18.46
C GLU C 171 -5.66 -13.97 17.90
N ARG C 172 -4.61 -13.94 18.73
CA ARG C 172 -3.37 -13.30 18.38
C ARG C 172 -2.20 -14.24 18.60
N VAL C 173 -1.17 -14.06 17.77
CA VAL C 173 0.06 -14.83 17.85
C VAL C 173 1.22 -13.86 17.97
N VAL C 174 2.13 -14.15 18.89
CA VAL C 174 3.37 -13.40 19.01
C VAL C 174 4.43 -14.12 18.16
N VAL C 175 5.09 -13.37 17.29
CA VAL C 175 6.05 -13.93 16.35
C VAL C 175 7.45 -13.79 16.94
N SER C 176 8.19 -14.89 16.97
CA SER C 176 9.55 -14.85 17.49
C SER C 176 10.40 -13.90 16.66
N GLN C 177 11.26 -13.14 17.33
CA GLN C 177 11.97 -12.03 16.72
C GLN C 177 13.46 -12.31 16.67
N LEU C 178 14.06 -12.20 15.49
CA LEU C 178 15.49 -12.36 15.33
C LEU C 178 16.17 -11.05 15.64
N VAL C 179 17.13 -11.08 16.57
CA VAL C 179 17.85 -9.88 16.98
C VAL C 179 19.32 -10.25 17.17
N ARG C 180 20.19 -9.30 16.87
CA ARG C 180 21.61 -9.48 17.10
C ARG C 180 21.88 -9.74 18.57
N SER C 181 22.63 -10.80 18.87
CA SER C 181 22.92 -11.09 20.26
C SER C 181 23.89 -10.06 20.83
N PRO C 182 23.79 -9.74 22.11
CA PRO C 182 24.79 -8.88 22.73
C PRO C 182 26.12 -9.61 22.81
N GLY C 183 27.19 -8.82 22.84
CA GLY C 183 28.51 -9.39 23.02
C GLY C 183 29.55 -8.62 22.24
N VAL C 184 30.67 -9.30 22.02
CA VAL C 184 31.89 -8.72 21.48
C VAL C 184 32.02 -9.18 20.03
N TYR C 185 32.13 -8.23 19.11
CA TYR C 185 32.19 -8.51 17.68
C TYR C 185 33.44 -7.89 17.09
N PHE C 186 34.21 -8.68 16.35
CA PHE C 186 35.46 -8.25 15.74
C PHE C 186 35.32 -8.25 14.23
N ASP C 187 35.90 -7.23 13.59
CA ASP C 187 35.90 -7.12 12.15
C ASP C 187 36.91 -6.05 11.76
N GLU C 188 37.34 -6.11 10.50
CA GLU C 188 38.29 -5.12 9.99
C GLU C 188 37.83 -4.60 8.65
N THR C 189 38.22 -3.37 8.36
CA THR C 189 37.95 -2.73 7.08
C THR C 189 39.27 -2.40 6.39
N ILE C 190 39.24 -2.34 5.08
CA ILE C 190 40.40 -1.92 4.30
C ILE C 190 40.29 -0.43 4.00
N ASP C 191 41.43 0.24 4.09
CA ASP C 191 41.55 1.68 3.89
C ASP C 191 42.22 1.91 2.54
N LYS C 192 41.45 2.35 1.54
CA LYS C 192 42.01 2.51 0.21
C LYS C 192 43.04 3.64 0.16
N SER C 193 42.97 4.61 1.07
CA SER C 193 43.98 5.66 1.12
C SER C 193 45.30 5.16 1.69
N THR C 194 45.28 4.04 2.41
CA THR C 194 46.49 3.49 3.04
C THR C 194 46.66 1.99 2.81
N ASP C 195 45.63 1.29 2.34
CA ASP C 195 45.67 -0.15 2.09
C ASP C 195 46.28 -0.90 3.28
N LYS C 196 45.65 -0.74 4.44
CA LYS C 196 46.02 -1.46 5.65
C LYS C 196 44.76 -2.00 6.31
N THR C 197 44.86 -3.21 6.86
CA THR C 197 43.74 -3.77 7.60
C THR C 197 43.53 -2.99 8.89
N LEU C 198 42.32 -2.49 9.09
CA LEU C 198 41.96 -1.71 10.26
C LEU C 198 40.96 -2.55 11.05
N HIS C 199 41.47 -3.23 12.07
CA HIS C 199 40.65 -4.08 12.92
C HIS C 199 39.98 -3.25 14.00
N SER C 200 38.88 -3.78 14.53
CA SER C 200 38.10 -3.05 15.52
C SER C 200 37.36 -4.06 16.39
N VAL C 201 36.61 -3.53 17.35
CA VAL C 201 35.74 -4.34 18.19
C VAL C 201 34.54 -3.51 18.59
N LYS C 202 33.40 -4.18 18.70
CA LYS C 202 32.17 -3.55 19.20
C LYS C 202 31.59 -4.51 20.24
N VAL C 203 31.64 -4.10 21.50
CA VAL C 203 31.00 -4.87 22.58
C VAL C 203 29.68 -4.17 22.84
N ILE C 204 28.63 -4.64 22.17
CA ILE C 204 27.30 -4.05 22.27
C ILE C 204 26.45 -4.96 23.17
N PRO C 205 26.17 -4.55 24.41
CA PRO C 205 25.30 -5.34 25.28
C PRO C 205 23.86 -4.87 25.29
N SER C 206 23.02 -5.54 26.06
CA SER C 206 21.71 -5.01 26.40
C SER C 206 21.84 -3.96 27.51
N ARG C 207 21.01 -2.91 27.43
CA ARG C 207 20.95 -1.85 28.43
C ARG C 207 22.34 -1.44 28.93
N GLY C 208 23.21 -1.01 28.02
CA GLY C 208 24.57 -0.66 28.37
C GLY C 208 25.10 0.46 27.50
N ALA C 209 26.40 0.43 27.27
CA ALA C 209 27.11 1.48 26.55
C ALA C 209 27.89 0.88 25.39
N TRP C 210 28.33 1.75 24.47
CA TRP C 210 28.99 1.35 23.24
C TRP C 210 30.46 1.75 23.30
N LEU C 211 31.33 0.76 23.26
CA LEU C 211 32.78 0.97 23.23
C LEU C 211 33.33 0.44 21.92
N GLU C 212 34.37 1.11 21.40
CA GLU C 212 34.93 0.78 20.09
C GLU C 212 36.46 0.87 20.18
N PHE C 213 37.11 -0.26 20.49
CA PHE C 213 38.56 -0.34 20.35
C PHE C 213 38.89 -0.58 18.89
N ASP C 214 39.81 0.19 18.34
CA ASP C 214 40.12 0.11 16.92
C ASP C 214 41.52 0.61 16.66
N VAL C 215 41.97 0.43 15.42
CA VAL C 215 43.26 0.91 14.95
C VAL C 215 43.02 2.02 13.93
N ASP C 216 43.65 3.16 14.14
CA ASP C 216 43.51 4.31 13.25
C ASP C 216 44.29 4.06 11.96
N LYS C 217 44.10 4.96 10.99
CA LYS C 217 44.93 4.96 9.79
C LYS C 217 46.40 4.96 10.17
N ARG C 218 46.77 5.74 11.19
CA ARG C 218 48.07 5.63 11.84
C ARG C 218 47.94 4.57 12.92
N ASP C 219 48.84 3.58 12.93
CA ASP C 219 48.66 2.46 13.84
C ASP C 219 48.64 2.96 15.28
N THR C 220 47.44 2.97 15.86
CA THR C 220 47.20 3.44 17.22
C THR C 220 45.91 2.80 17.70
N VAL C 221 45.90 2.36 18.96
CA VAL C 221 44.74 1.69 19.49
C VAL C 221 43.77 2.75 20.00
N GLY C 222 42.99 3.31 19.07
CA GLY C 222 41.98 4.28 19.47
C GLY C 222 40.85 3.61 20.21
N VAL C 223 40.41 4.24 21.29
CA VAL C 223 39.39 3.66 22.16
C VAL C 223 38.25 4.66 22.33
N ARG C 224 37.26 4.58 21.45
CA ARG C 224 36.08 5.42 21.58
C ARG C 224 35.12 4.81 22.59
N ILE C 225 34.71 5.62 23.56
CA ILE C 225 33.80 5.19 24.62
C ILE C 225 32.47 5.90 24.44
N ASP C 226 31.39 5.13 24.35
CA ASP C 226 30.03 5.65 24.18
C ASP C 226 29.99 6.70 23.09
N ARG C 227 30.61 6.36 21.96
CA ARG C 227 30.59 7.21 20.77
C ARG C 227 31.23 8.57 21.05
N LYS C 228 32.28 8.57 21.87
CA LYS C 228 33.02 9.78 22.22
C LYS C 228 34.47 9.63 21.81
N ARG C 229 35.07 10.74 21.34
CA ARG C 229 36.34 10.74 20.61
C ARG C 229 37.31 9.66 21.08
N ARG C 230 37.88 8.92 20.12
CA ARG C 230 38.70 7.77 20.47
C ARG C 230 39.85 8.18 21.39
N GLN C 231 40.08 7.35 22.39
CA GLN C 231 41.00 7.63 23.45
C GLN C 231 42.23 6.73 23.34
N PRO C 232 43.43 7.24 23.62
CA PRO C 232 44.58 6.33 23.73
C PRO C 232 44.33 5.30 24.81
N VAL C 233 44.57 4.03 24.47
CA VAL C 233 44.23 2.93 25.37
C VAL C 233 44.93 3.10 26.71
N THR C 234 46.10 3.72 26.70
CA THR C 234 46.88 3.86 27.93
C THR C 234 46.11 4.64 28.97
N VAL C 235 45.35 5.66 28.52
CA VAL C 235 44.50 6.41 29.42
C VAL C 235 43.54 5.47 30.14
N LEU C 236 42.92 4.56 29.39
CA LEU C 236 41.91 3.67 29.97
C LEU C 236 42.54 2.60 30.84
N LEU C 237 43.76 2.17 30.51
CA LEU C 237 44.44 1.19 31.36
C LEU C 237 44.81 1.82 32.70
N LYS C 238 45.39 3.02 32.66
CA LYS C 238 45.62 3.77 33.89
C LYS C 238 44.32 3.95 34.67
N ALA C 239 43.22 4.23 33.96
CA ALA C 239 41.92 4.35 34.63
C ALA C 239 41.49 3.02 35.22
N LEU C 240 41.86 1.91 34.58
CA LEU C 240 41.62 0.57 35.07
C LEU C 240 42.52 0.21 36.24
N GLY C 241 43.50 1.06 36.55
CA GLY C 241 44.51 0.74 37.53
C GLY C 241 45.74 0.10 36.94
N TRP C 242 45.70 -0.23 35.65
CA TRP C 242 46.85 -0.80 34.94
C TRP C 242 47.65 0.33 34.30
N THR C 243 48.15 1.22 35.15
CA THR C 243 48.90 2.35 34.65
C THR C 243 50.07 1.88 33.79
N SER C 244 50.66 2.82 33.05
CA SER C 244 51.70 2.52 32.06
C SER C 244 52.67 1.45 32.56
N GLU C 245 53.04 1.52 33.83
CA GLU C 245 53.87 0.48 34.43
C GLU C 245 53.18 -0.89 34.31
N GLN C 246 51.92 -0.97 34.73
CA GLN C 246 51.22 -2.25 34.66
C GLN C 246 50.93 -2.65 33.22
N ILE C 247 50.82 -1.67 32.32
CA ILE C 247 50.75 -1.97 30.89
C ILE C 247 51.99 -2.73 30.47
N VAL C 248 53.16 -2.27 30.92
CA VAL C 248 54.38 -3.02 30.64
C VAL C 248 54.31 -4.39 31.29
N GLU C 249 53.80 -4.44 32.52
CA GLU C 249 53.74 -5.69 33.27
C GLU C 249 52.97 -6.76 32.52
N ARG C 250 51.85 -6.40 31.90
CA ARG C 250 50.97 -7.36 31.24
C ARG C 250 51.18 -7.46 29.73
N PHE C 251 51.15 -6.33 29.03
CA PHE C 251 51.26 -6.26 27.58
C PHE C 251 52.72 -6.11 27.18
N GLY C 252 53.36 -7.22 26.81
CA GLY C 252 54.74 -7.18 26.37
C GLY C 252 54.93 -7.31 24.87
N PHE C 253 54.23 -8.27 24.25
CA PHE C 253 54.29 -8.42 22.80
C PHE C 253 53.48 -7.36 22.08
N SER C 254 52.66 -6.61 22.82
CA SER C 254 51.72 -5.68 22.20
C SER C 254 52.47 -4.48 21.63
N GLU C 255 52.96 -4.64 20.40
CA GLU C 255 53.79 -3.62 19.78
C GLU C 255 53.02 -2.31 19.64
N ILE C 256 51.78 -2.37 19.17
CA ILE C 256 50.98 -1.17 19.09
C ILE C 256 50.69 -0.62 20.48
N MET C 257 50.68 -1.48 21.50
CA MET C 257 50.49 -1.00 22.87
C MET C 257 51.66 -0.15 23.32
N ARG C 258 52.90 -0.55 23.00
CA ARG C 258 54.02 0.32 23.33
C ARG C 258 54.05 1.55 22.43
N SER C 259 53.66 1.39 21.17
CA SER C 259 53.52 2.53 20.28
C SER C 259 52.58 3.58 20.88
N THR C 260 51.51 3.13 21.52
CA THR C 260 50.57 4.04 22.15
C THR C 260 50.94 4.41 23.58
N LEU C 261 51.81 3.63 24.23
CA LEU C 261 52.54 4.11 25.40
C LEU C 261 53.38 5.32 25.06
N GLU C 262 53.79 5.44 23.80
CA GLU C 262 54.37 6.67 23.29
C GLU C 262 53.32 7.67 22.82
N LYS C 263 52.23 7.22 22.21
CA LYS C 263 51.08 8.06 21.91
C LYS C 263 50.17 8.24 23.13
N ASP C 264 50.60 7.79 24.31
CA ASP C 264 49.75 7.83 25.50
C ASP C 264 49.33 9.26 25.84
N ASN C 265 50.11 10.25 25.41
CA ASN C 265 49.87 11.68 25.62
C ASN C 265 49.77 12.06 27.10
N THR C 266 49.99 11.12 28.00
CA THR C 266 50.04 11.37 29.45
C THR C 266 50.34 10.04 30.12
N VAL C 267 50.43 10.07 31.46
CA VAL C 267 50.65 8.86 32.24
C VAL C 267 50.18 9.12 33.67
N GLY C 268 49.79 8.05 34.35
CA GLY C 268 49.35 8.10 35.75
C GLY C 268 47.92 7.64 35.88
N THR C 269 47.66 6.83 36.92
CA THR C 269 46.31 6.37 37.17
C THR C 269 45.36 7.56 37.30
N ASP C 270 45.59 8.41 38.29
CA ASP C 270 44.66 9.50 38.56
C ASP C 270 44.77 10.60 37.50
N GLU C 271 45.94 10.77 36.89
CA GLU C 271 46.07 11.74 35.82
C GLU C 271 45.19 11.36 34.63
N ALA C 272 45.32 10.12 34.16
CA ALA C 272 44.46 9.64 33.09
C ALA C 272 43.01 9.60 33.53
N LEU C 273 42.76 9.25 34.80
CA LEU C 273 41.39 9.19 35.28
C LEU C 273 40.73 10.56 35.23
N LEU C 274 41.44 11.60 35.69
CA LEU C 274 40.84 12.93 35.70
C LEU C 274 40.67 13.45 34.28
N ASP C 275 41.67 13.28 33.41
CA ASP C 275 41.54 13.77 32.04
C ASP C 275 40.44 13.03 31.30
N ILE C 276 40.48 11.70 31.34
CA ILE C 276 39.44 10.91 30.70
C ILE C 276 38.09 11.24 31.30
N TYR C 277 38.00 11.40 32.62
CA TYR C 277 36.71 11.66 33.25
C TYR C 277 36.18 13.03 32.88
N ARG C 278 37.07 14.00 32.66
CA ARG C 278 36.63 15.27 32.09
C ARG C 278 36.00 15.04 30.73
N LYS C 279 36.63 14.21 29.90
CA LYS C 279 36.04 13.88 28.61
C LYS C 279 34.73 13.10 28.77
N LEU C 280 34.69 12.18 29.74
CA LEU C 280 33.54 11.30 29.95
C LEU C 280 32.31 12.11 30.37
N ARG C 281 32.50 12.98 31.36
CA ARG C 281 31.42 13.82 31.90
C ARG C 281 31.86 15.27 31.78
N PRO C 282 31.80 15.83 30.57
CA PRO C 282 32.20 17.23 30.41
C PRO C 282 31.30 18.16 31.20
N GLY C 283 31.92 19.21 31.76
CA GLY C 283 31.21 20.21 32.52
C GLY C 283 31.04 19.87 33.99
N GLU C 284 31.29 18.63 34.37
CA GLU C 284 31.21 18.20 35.77
C GLU C 284 32.62 18.11 36.32
N PRO C 285 32.87 18.52 37.57
CA PRO C 285 34.25 18.52 38.10
C PRO C 285 34.95 17.19 37.86
N PRO C 286 36.12 17.20 37.19
CA PRO C 286 36.81 15.93 36.95
C PRO C 286 37.50 15.39 38.20
N THR C 287 36.71 15.10 39.24
CA THR C 287 37.27 14.59 40.47
C THR C 287 37.50 13.08 40.39
N LYS C 288 38.62 12.63 40.96
CA LYS C 288 38.98 11.22 40.88
C LYS C 288 37.89 10.33 41.47
N GLU C 289 37.28 10.79 42.57
CA GLU C 289 36.21 10.04 43.20
C GLU C 289 35.10 9.74 42.21
N SER C 290 34.52 10.80 41.62
CA SER C 290 33.42 10.62 40.69
C SER C 290 33.85 9.84 39.46
N ALA C 291 35.13 9.95 39.06
CA ALA C 291 35.60 9.13 37.94
C ALA C 291 35.52 7.64 38.27
N GLN C 292 36.06 7.27 39.44
CA GLN C 292 35.97 5.88 39.88
C GLN C 292 34.52 5.41 39.94
N THR C 293 33.67 6.22 40.58
CA THR C 293 32.26 5.83 40.70
C THR C 293 31.61 5.73 39.34
N LEU C 294 32.01 6.58 38.39
CA LEU C 294 31.42 6.53 37.06
C LEU C 294 31.76 5.22 36.36
N LEU C 295 33.03 4.82 36.40
CA LEU C 295 33.39 3.55 35.78
C LEU C 295 32.64 2.40 36.44
N GLU C 296 32.57 2.41 37.78
CA GLU C 296 31.82 1.35 38.45
C GLU C 296 30.36 1.35 38.03
N ASN C 297 29.73 2.53 38.03
CA ASN C 297 28.30 2.63 37.78
C ASN C 297 27.94 2.34 36.33
N LEU C 298 28.88 2.48 35.41
CA LEU C 298 28.60 2.30 33.99
C LEU C 298 28.98 0.92 33.46
N PHE C 299 30.05 0.31 33.98
CA PHE C 299 30.50 -0.98 33.46
C PHE C 299 30.44 -2.11 34.48
N PHE C 300 30.11 -1.83 35.73
CA PHE C 300 30.12 -2.84 36.78
C PHE C 300 28.93 -2.75 37.72
N LYS C 301 28.04 -1.78 37.51
CA LYS C 301 26.78 -1.70 38.26
C LYS C 301 25.72 -2.46 37.48
N GLU C 302 25.42 -3.68 37.93
CA GLU C 302 24.47 -4.52 37.22
C GLU C 302 23.14 -3.79 37.01
N LYS C 303 22.64 -3.11 38.05
CA LYS C 303 21.37 -2.42 37.94
C LYS C 303 21.38 -1.43 36.78
N ARG C 304 22.50 -0.76 36.56
CA ARG C 304 22.61 0.20 35.47
C ARG C 304 23.14 -0.41 34.19
N TYR C 305 23.69 -1.62 34.24
CA TYR C 305 24.35 -2.20 33.09
C TYR C 305 24.24 -3.71 33.12
N ASP C 306 24.05 -4.33 31.96
CA ASP C 306 24.05 -5.79 31.93
C ASP C 306 24.21 -6.31 30.51
N LEU C 307 25.31 -7.01 30.26
CA LEU C 307 25.29 -8.06 29.25
C LEU C 307 24.63 -9.27 29.92
N ALA C 308 23.40 -9.57 29.52
CA ALA C 308 22.61 -10.56 30.23
C ALA C 308 23.26 -11.95 30.07
N ARG C 309 22.61 -12.95 30.65
CA ARG C 309 23.10 -14.33 30.58
C ARG C 309 23.66 -14.67 29.21
N VAL C 310 22.92 -14.30 28.16
CA VAL C 310 23.36 -14.57 26.80
C VAL C 310 24.68 -13.87 26.50
N GLY C 311 24.78 -12.60 26.87
CA GLY C 311 26.00 -11.85 26.57
C GLY C 311 27.18 -12.36 27.38
N ARG C 312 26.96 -12.68 28.65
CA ARG C 312 28.02 -13.25 29.47
C ARG C 312 28.52 -14.55 28.89
N TYR C 313 27.62 -15.44 28.50
CA TYR C 313 28.03 -16.69 27.91
C TYR C 313 28.79 -16.46 26.62
N LYS C 314 28.31 -15.52 25.79
CA LYS C 314 28.96 -15.25 24.51
C LYS C 314 30.37 -14.72 24.72
N VAL C 315 30.54 -13.76 25.63
CA VAL C 315 31.85 -13.20 25.88
C VAL C 315 32.79 -14.24 26.50
N ASN C 316 32.29 -14.99 27.48
CA ASN C 316 33.12 -15.97 28.16
C ASN C 316 33.47 -17.15 27.26
N LYS C 317 32.70 -17.39 26.21
CA LYS C 317 33.08 -18.40 25.23
C LYS C 317 33.96 -17.85 24.12
N LYS C 318 33.83 -16.56 23.81
CA LYS C 318 34.64 -15.97 22.75
C LYS C 318 36.05 -15.66 23.24
N LEU C 319 36.18 -15.32 24.52
CA LEU C 319 37.48 -15.10 25.13
C LEU C 319 37.92 -16.27 26.00
N GLY C 320 37.06 -17.26 26.19
CA GLY C 320 37.43 -18.44 26.95
C GLY C 320 37.86 -18.13 28.36
N LEU C 321 37.27 -17.10 28.97
CA LEU C 321 37.63 -16.76 30.35
C LEU C 321 37.19 -17.86 31.30
N HIS C 322 35.90 -18.15 31.32
CA HIS C 322 35.33 -19.17 32.19
C HIS C 322 35.09 -20.43 31.38
N VAL C 323 35.87 -21.48 31.66
CA VAL C 323 35.70 -22.73 30.94
C VAL C 323 34.32 -23.31 31.18
N GLY C 324 33.91 -23.40 32.45
CA GLY C 324 32.60 -23.93 32.79
C GLY C 324 31.96 -23.29 34.00
N GLU C 325 32.38 -22.09 34.38
CA GLU C 325 31.85 -21.48 35.58
C GLU C 325 30.36 -21.27 35.43
N PRO C 326 29.54 -21.62 36.44
CA PRO C 326 28.09 -21.36 36.34
C PRO C 326 27.80 -19.95 35.84
N ILE C 327 26.78 -19.85 34.99
CA ILE C 327 26.43 -18.57 34.39
C ILE C 327 25.80 -17.67 35.44
N THR C 328 26.42 -16.51 35.65
CA THR C 328 25.89 -15.49 36.55
C THR C 328 26.70 -14.22 36.31
N SER C 329 26.54 -13.21 37.16
CA SER C 329 27.36 -12.01 37.09
C SER C 329 27.21 -11.33 35.74
N SER C 330 26.00 -10.84 35.48
CA SER C 330 25.69 -10.22 34.20
C SER C 330 26.30 -8.82 34.12
N THR C 331 27.62 -8.75 34.23
CA THR C 331 28.35 -7.49 34.11
C THR C 331 29.75 -7.77 33.59
N LEU C 332 30.37 -6.76 33.00
CA LEU C 332 31.72 -6.91 32.46
C LEU C 332 32.74 -7.02 33.59
N THR C 333 33.89 -7.59 33.26
CA THR C 333 35.00 -7.74 34.19
C THR C 333 36.23 -7.04 33.64
N GLU C 334 37.09 -6.56 34.55
CA GLU C 334 38.35 -5.96 34.14
C GLU C 334 39.22 -6.97 33.41
N GLU C 335 39.20 -8.23 33.87
CA GLU C 335 39.84 -9.30 33.12
C GLU C 335 39.25 -9.34 31.71
N ASP C 336 37.94 -9.16 31.60
CA ASP C 336 37.29 -9.20 30.29
C ASP C 336 37.79 -8.08 29.40
N VAL C 337 37.91 -6.86 29.92
CA VAL C 337 38.30 -5.74 29.06
C VAL C 337 39.76 -5.87 28.63
N VAL C 338 40.63 -6.29 29.56
CA VAL C 338 42.04 -6.44 29.18
C VAL C 338 42.20 -7.60 28.20
N ALA C 339 41.44 -8.68 28.38
CA ALA C 339 41.46 -9.77 27.42
C ALA C 339 40.96 -9.30 26.06
N THR C 340 39.95 -8.43 26.06
CA THR C 340 39.47 -7.85 24.80
C THR C 340 40.58 -7.07 24.09
N ILE C 341 41.29 -6.23 24.84
CA ILE C 341 42.35 -5.44 24.23
C ILE C 341 43.45 -6.35 23.70
N GLU C 342 43.85 -7.36 24.48
CA GLU C 342 44.88 -8.28 24.03
C GLU C 342 44.42 -9.05 22.78
N TYR C 343 43.17 -9.50 22.77
CA TYR C 343 42.65 -10.22 21.62
C TYR C 343 42.60 -9.33 20.38
N LEU C 344 42.27 -8.06 20.55
CA LEU C 344 42.19 -7.16 19.40
C LEU C 344 43.58 -6.86 18.84
N VAL C 345 44.54 -6.56 19.71
CA VAL C 345 45.89 -6.37 19.20
C VAL C 345 46.33 -7.64 18.48
N ARG C 346 46.13 -8.81 19.10
CA ARG C 346 46.48 -10.07 18.45
C ARG C 346 45.74 -10.27 17.14
N LEU C 347 44.55 -9.69 17.01
CA LEU C 347 43.86 -9.74 15.72
C LEU C 347 44.63 -8.95 14.69
N HIS C 348 45.12 -7.76 15.05
CA HIS C 348 45.96 -7.02 14.10
C HIS C 348 47.30 -7.74 13.85
N GLU C 349 47.85 -8.38 14.87
CA GLU C 349 49.02 -9.25 14.68
C GLU C 349 48.68 -10.53 13.95
N GLY C 350 47.41 -10.79 13.68
CA GLY C 350 47.02 -12.01 12.99
C GLY C 350 47.41 -13.26 13.73
N GLN C 351 47.37 -13.22 15.05
CA GLN C 351 47.74 -14.39 15.84
C GLN C 351 46.79 -15.55 15.54
N THR C 352 47.31 -16.77 15.68
CA THR C 352 46.49 -17.95 15.40
C THR C 352 45.41 -18.14 16.47
N THR C 353 45.78 -18.01 17.74
CA THR C 353 44.83 -18.15 18.83
C THR C 353 45.39 -17.46 20.06
N MET C 354 44.53 -17.30 21.07
CA MET C 354 44.90 -16.68 22.35
C MET C 354 44.53 -17.64 23.48
N THR C 355 45.54 -18.31 24.03
CA THR C 355 45.39 -19.10 25.27
C THR C 355 45.36 -18.13 26.44
N VAL C 356 44.17 -17.65 26.74
CA VAL C 356 44.02 -16.65 27.81
C VAL C 356 44.54 -17.26 29.11
N PRO C 357 45.32 -16.52 29.90
CA PRO C 357 45.80 -17.09 31.18
C PRO C 357 44.62 -17.44 32.08
N GLY C 358 44.61 -18.70 32.55
CA GLY C 358 43.48 -19.19 33.31
C GLY C 358 42.32 -19.68 32.48
N GLY C 359 42.41 -19.60 31.14
CA GLY C 359 41.39 -20.12 30.27
C GLY C 359 42.00 -20.84 29.08
N VAL C 360 41.24 -20.98 27.99
CA VAL C 360 41.60 -21.85 26.88
C VAL C 360 41.90 -21.02 25.65
N GLU C 361 42.81 -21.52 24.82
CA GLU C 361 43.09 -20.90 23.53
C GLU C 361 41.82 -20.77 22.72
N VAL C 362 41.54 -19.54 22.28
CA VAL C 362 40.40 -19.29 21.41
C VAL C 362 40.94 -18.79 20.08
N PRO C 363 40.43 -19.28 18.94
CA PRO C 363 40.96 -18.81 17.65
C PRO C 363 40.79 -17.32 17.49
N VAL C 364 41.80 -16.62 16.98
CA VAL C 364 41.70 -15.19 16.78
C VAL C 364 41.09 -14.94 15.41
N GLU C 365 39.76 -14.98 15.35
CA GLU C 365 39.01 -14.75 14.11
C GLU C 365 38.01 -13.64 14.33
N THR C 366 37.84 -12.80 13.32
CA THR C 366 36.80 -11.79 13.34
C THR C 366 35.44 -12.46 13.28
N ASP C 367 34.44 -11.81 13.87
CA ASP C 367 33.10 -12.33 13.95
C ASP C 367 32.25 -11.81 12.78
N ASP C 368 31.14 -12.50 12.54
CA ASP C 368 30.13 -12.06 11.59
C ASP C 368 28.96 -11.47 12.35
N ILE C 369 28.06 -10.82 11.60
CA ILE C 369 26.88 -10.19 12.18
C ILE C 369 25.59 -10.90 11.78
N ASP C 370 25.64 -11.74 10.74
CA ASP C 370 24.50 -12.55 10.32
C ASP C 370 24.69 -14.03 10.62
N HIS C 371 25.93 -14.48 10.83
CA HIS C 371 26.17 -15.85 11.27
C HIS C 371 25.36 -16.14 12.52
N PHE C 372 24.58 -17.23 12.49
CA PHE C 372 23.60 -17.45 13.54
C PHE C 372 24.22 -17.64 14.92
N GLY C 373 25.55 -17.73 15.01
CA GLY C 373 26.20 -17.61 16.30
C GLY C 373 26.15 -16.21 16.89
N ASN C 374 25.69 -15.24 16.11
CA ASN C 374 25.57 -13.85 16.56
C ASN C 374 24.15 -13.31 16.46
N ARG C 375 23.25 -14.01 15.78
CA ARG C 375 21.89 -13.54 15.52
C ARG C 375 20.95 -14.44 16.31
N ARG C 376 20.69 -14.06 17.56
CA ARG C 376 19.86 -14.87 18.44
C ARG C 376 18.39 -14.63 18.12
N LEU C 377 17.52 -15.39 18.79
CA LEU C 377 16.09 -15.37 18.53
C LEU C 377 15.34 -15.22 19.84
N ARG C 378 14.83 -14.02 20.11
CA ARG C 378 13.91 -13.84 21.22
C ARG C 378 12.62 -14.59 20.91
N THR C 379 12.18 -15.43 21.83
CA THR C 379 10.90 -16.09 21.71
C THR C 379 9.89 -15.43 22.65
N VAL C 380 8.64 -15.84 22.53
CA VAL C 380 7.52 -15.29 23.28
C VAL C 380 7.92 -15.05 24.73
N GLY C 381 8.63 -16.01 25.32
CA GLY C 381 9.06 -15.85 26.69
C GLY C 381 9.96 -14.65 26.87
N GLU C 382 10.96 -14.50 26.00
CA GLU C 382 11.87 -13.38 26.12
C GLU C 382 11.16 -12.05 25.92
N LEU C 383 10.28 -11.99 24.92
CA LEU C 383 9.58 -10.73 24.65
C LEU C 383 8.69 -10.32 25.83
N ILE C 384 7.88 -11.25 26.32
CA ILE C 384 7.00 -10.91 27.43
C ILE C 384 7.82 -10.59 28.67
N GLN C 385 8.94 -11.28 28.87
CA GLN C 385 9.80 -10.96 30.02
C GLN C 385 10.35 -9.55 29.92
N ASN C 386 10.78 -9.15 28.73
CA ASN C 386 11.29 -7.78 28.56
C ASN C 386 10.21 -6.75 28.85
N GLN C 387 9.00 -6.99 28.34
CA GLN C 387 7.92 -6.06 28.60
C GLN C 387 7.59 -5.98 30.09
N ILE C 388 7.58 -7.14 30.76
CA ILE C 388 7.34 -7.16 32.20
C ILE C 388 8.44 -6.40 32.93
N ARG C 389 9.69 -6.54 32.45
CA ARG C 389 10.79 -5.83 33.08
C ARG C 389 10.62 -4.32 32.98
N VAL C 390 10.20 -3.84 31.80
CA VAL C 390 9.98 -2.41 31.65
C VAL C 390 8.83 -1.94 32.55
N GLY C 391 7.72 -2.68 32.55
CA GLY C 391 6.63 -2.33 33.44
C GLY C 391 7.05 -2.29 34.89
N MET C 392 7.90 -3.23 35.30
CA MET C 392 8.38 -3.24 36.67
C MET C 392 9.35 -2.10 36.94
N SER C 393 10.10 -1.65 35.94
CA SER C 393 10.91 -0.45 36.12
C SER C 393 10.02 0.74 36.46
N ARG C 394 8.92 0.90 35.74
CA ARG C 394 8.00 2.01 36.05
C ARG C 394 7.39 1.85 37.44
N MET C 395 6.87 0.65 37.73
CA MET C 395 6.34 0.36 39.07
C MET C 395 7.37 0.70 40.13
N GLU C 396 8.62 0.31 39.90
CA GLU C 396 9.67 0.49 40.88
C GLU C 396 9.95 1.96 41.11
N ARG C 397 9.97 2.76 40.04
CA ARG C 397 10.20 4.18 40.25
C ARG C 397 9.10 4.78 41.12
N VAL C 398 7.85 4.42 40.84
CA VAL C 398 6.76 4.93 41.70
C VAL C 398 6.95 4.45 43.14
N VAL C 399 7.31 3.17 43.30
CA VAL C 399 7.42 2.59 44.63
C VAL C 399 8.49 3.32 45.43
N ARG C 400 9.69 3.46 44.86
CA ARG C 400 10.76 4.14 45.57
C ARG C 400 10.44 5.61 45.80
N GLU C 401 9.67 6.23 44.88
CA GLU C 401 9.27 7.61 45.09
C GLU C 401 8.44 7.76 46.36
N ARG C 402 7.37 6.98 46.48
CA ARG C 402 6.52 7.09 47.66
C ARG C 402 7.12 6.41 48.88
N MET C 403 8.20 5.64 48.69
CA MET C 403 8.85 4.94 49.78
C MET C 403 9.49 5.89 50.77
N THR C 404 9.72 7.14 50.37
CA THR C 404 10.21 8.20 51.25
C THR C 404 9.06 9.09 51.75
N THR C 405 8.16 9.49 50.85
CA THR C 405 7.08 10.39 51.24
C THR C 405 6.15 9.75 52.25
N GLN C 406 5.83 8.47 52.08
CA GLN C 406 4.95 7.78 53.01
C GLN C 406 5.58 7.73 54.39
N ASP C 407 4.74 7.86 55.42
CA ASP C 407 5.23 7.80 56.79
C ASP C 407 5.64 6.39 57.15
N VAL C 408 6.68 6.27 57.96
CA VAL C 408 7.16 4.96 58.40
C VAL C 408 6.26 4.44 59.52
N GLU C 409 6.35 3.13 59.78
CA GLU C 409 5.56 2.44 60.80
C GLU C 409 4.06 2.50 60.49
N ALA C 410 3.70 2.79 59.24
CA ALA C 410 2.30 2.93 58.87
C ALA C 410 1.95 2.32 57.51
N ILE C 411 2.91 1.73 56.79
CA ILE C 411 2.72 1.37 55.40
C ILE C 411 3.05 -0.11 55.20
N THR C 412 2.69 -0.61 54.03
CA THR C 412 2.72 -2.02 53.71
C THR C 412 2.84 -2.17 52.19
N PRO C 413 3.30 -3.33 51.70
CA PRO C 413 3.35 -3.50 50.24
C PRO C 413 2.02 -3.28 49.55
N GLN C 414 0.90 -3.51 50.22
CA GLN C 414 -0.39 -3.18 49.63
C GLN C 414 -0.47 -1.70 49.33
N THR C 415 -0.03 -0.86 50.26
CA THR C 415 -0.05 0.59 50.08
C THR C 415 1.11 1.08 49.22
N LEU C 416 2.12 0.25 48.98
CA LEU C 416 3.32 0.66 48.26
C LEU C 416 3.26 0.31 46.78
N ILE C 417 2.85 -0.91 46.44
CA ILE C 417 2.92 -1.40 45.08
C ILE C 417 1.81 -0.80 44.24
N ASN C 418 2.11 -0.53 42.97
CA ASN C 418 1.13 -0.11 41.97
C ASN C 418 1.22 -1.07 40.79
N ILE C 419 0.11 -1.74 40.49
CA ILE C 419 0.06 -2.71 39.39
C ILE C 419 -0.48 -2.12 38.11
N ARG C 420 -1.01 -0.89 38.16
CA ARG C 420 -1.52 -0.24 36.96
C ARG C 420 -0.49 -0.19 35.83
N PRO C 421 0.75 0.26 36.06
CA PRO C 421 1.68 0.33 34.93
C PRO C 421 2.09 -1.03 34.41
N VAL C 422 2.16 -2.05 35.27
CA VAL C 422 2.51 -3.39 34.82
C VAL C 422 1.43 -3.94 33.90
N VAL C 423 0.17 -3.87 34.35
CA VAL C 423 -0.92 -4.38 33.51
C VAL C 423 -1.02 -3.56 32.23
N ALA C 424 -0.78 -2.24 32.33
CA ALA C 424 -0.81 -1.40 31.14
C ALA C 424 0.28 -1.81 30.16
N ALA C 425 1.48 -2.12 30.66
CA ALA C 425 2.57 -2.52 29.78
C ALA C 425 2.23 -3.82 29.07
N ILE C 426 1.70 -4.80 29.81
CA ILE C 426 1.34 -6.07 29.17
C ILE C 426 0.26 -5.86 28.12
N LYS C 427 -0.76 -5.06 28.45
CA LYS C 427 -1.85 -4.83 27.51
C LYS C 427 -1.37 -4.09 26.28
N GLU C 428 -0.51 -3.07 26.46
CA GLU C 428 0.01 -2.32 25.33
C GLU C 428 0.97 -3.15 24.49
N PHE C 429 1.58 -4.19 25.07
CA PHE C 429 2.32 -5.13 24.24
C PHE C 429 1.38 -5.98 23.41
N PHE C 430 0.45 -6.67 24.07
CA PHE C 430 -0.39 -7.64 23.36
C PHE C 430 -1.27 -6.96 22.31
N GLY C 431 -1.77 -5.77 22.61
CA GLY C 431 -2.48 -4.97 21.62
C GLY C 431 -1.58 -3.86 21.10
N THR C 432 -1.63 -3.64 19.79
CA THR C 432 -0.89 -2.56 19.15
C THR C 432 0.62 -2.73 19.33
N SER C 433 1.11 -3.87 18.86
CA SER C 433 2.55 -4.08 18.73
C SER C 433 2.76 -4.93 17.48
N GLN C 434 3.76 -4.55 16.67
CA GLN C 434 3.94 -5.22 15.39
C GLN C 434 4.49 -6.65 15.54
N LEU C 435 4.60 -7.18 16.75
CA LEU C 435 4.85 -8.60 16.97
C LEU C 435 3.64 -9.36 17.49
N SER C 436 2.71 -8.67 18.17
CA SER C 436 1.46 -9.29 18.61
C SER C 436 0.49 -9.37 17.42
N GLN C 437 0.92 -10.12 16.41
CA GLN C 437 0.24 -10.09 15.13
C GLN C 437 -1.11 -10.80 15.20
N PHE C 438 -2.02 -10.37 14.34
CA PHE C 438 -3.32 -11.01 14.21
C PHE C 438 -3.13 -12.43 13.71
N MET C 439 -3.83 -13.38 14.34
CA MET C 439 -3.74 -14.77 13.90
C MET C 439 -4.19 -14.88 12.45
N ASP C 440 -3.28 -15.33 11.59
CA ASP C 440 -3.57 -15.51 10.17
C ASP C 440 -3.94 -16.98 9.99
N GLN C 441 -5.23 -17.28 10.12
CA GLN C 441 -5.74 -18.65 10.01
C GLN C 441 -6.85 -18.64 8.97
N ASN C 442 -6.48 -18.76 7.70
CA ASN C 442 -7.43 -19.07 6.64
C ASN C 442 -7.46 -20.54 6.30
N ASN C 443 -6.37 -21.25 6.56
CA ASN C 443 -6.33 -22.71 6.51
C ASN C 443 -5.45 -23.20 7.65
N PRO C 444 -5.62 -24.46 8.07
CA PRO C 444 -4.82 -24.97 9.20
C PRO C 444 -3.32 -24.82 8.99
N LEU C 445 -2.84 -24.98 7.75
CA LEU C 445 -1.43 -24.80 7.50
C LEU C 445 -0.99 -23.38 7.81
N SER C 446 -1.80 -22.39 7.40
CA SER C 446 -1.46 -21.01 7.73
C SER C 446 -1.51 -20.79 9.23
N GLY C 447 -2.49 -21.41 9.90
CA GLY C 447 -2.52 -21.32 11.35
C GLY C 447 -1.23 -21.81 11.99
N LEU C 448 -0.71 -22.93 11.47
CA LEU C 448 0.57 -23.43 11.96
C LEU C 448 1.71 -22.49 11.61
N THR C 449 1.79 -22.06 10.35
CA THR C 449 2.96 -21.37 9.83
C THR C 449 3.07 -19.94 10.33
N HIS C 450 1.96 -19.27 10.68
CA HIS C 450 2.09 -17.96 11.29
C HIS C 450 2.79 -18.07 12.64
N LYS C 451 2.59 -19.17 13.35
CA LYS C 451 3.48 -19.56 14.42
C LYS C 451 4.74 -20.14 13.80
N ARG C 452 5.80 -20.26 14.60
CA ARG C 452 7.12 -20.67 14.13
C ARG C 452 7.75 -19.65 13.20
N ARG C 453 7.13 -18.49 13.00
CA ARG C 453 7.63 -17.51 12.06
C ARG C 453 8.67 -16.63 12.72
N LEU C 454 9.75 -16.34 11.99
CA LEU C 454 10.84 -15.51 12.46
C LEU C 454 10.77 -14.17 11.76
N SER C 455 10.74 -13.09 12.53
CA SER C 455 10.63 -11.74 11.98
C SER C 455 11.80 -10.92 12.49
N ALA C 456 12.60 -10.40 11.56
CA ALA C 456 13.74 -9.57 11.90
C ALA C 456 13.38 -8.10 12.06
N LEU C 457 12.13 -7.72 11.81
CA LEU C 457 11.65 -6.36 12.02
C LEU C 457 10.74 -6.33 13.22
N GLY C 458 10.91 -5.30 14.05
CA GLY C 458 10.27 -5.22 15.35
C GLY C 458 10.85 -4.05 16.13
N PRO C 459 10.34 -3.80 17.34
CA PRO C 459 11.07 -2.93 18.25
C PRO C 459 12.36 -3.60 18.68
N GLY C 460 13.40 -2.79 18.85
CA GLY C 460 14.72 -3.37 18.98
C GLY C 460 15.10 -4.22 17.78
N GLY C 461 14.71 -3.78 16.59
CA GLY C 461 14.93 -4.54 15.38
C GLY C 461 15.08 -3.62 14.20
N LEU C 462 15.44 -4.21 13.06
CA LEU C 462 15.76 -3.46 11.85
C LEU C 462 14.49 -3.31 11.01
N SER C 463 13.97 -2.10 10.92
CA SER C 463 12.87 -1.82 10.01
C SER C 463 13.38 -1.81 8.58
N ARG C 464 12.44 -1.84 7.63
CA ARG C 464 12.80 -1.92 6.22
C ARG C 464 13.66 -0.74 5.78
N GLU C 465 13.58 0.38 6.49
CA GLU C 465 14.46 1.50 6.20
C GLU C 465 15.92 1.11 6.38
N ARG C 466 16.25 0.51 7.53
CA ARG C 466 17.60 0.05 7.80
C ARG C 466 17.82 -1.41 7.42
N ALA C 467 16.76 -2.17 7.19
CA ALA C 467 16.89 -3.58 6.79
C ALA C 467 17.07 -3.66 5.28
N GLY C 468 18.28 -3.30 4.85
CA GLY C 468 18.63 -3.31 3.45
C GLY C 468 18.90 -4.71 2.94
N LEU C 469 19.49 -4.77 1.75
CA LEU C 469 19.76 -6.06 1.12
C LEU C 469 20.74 -6.88 1.95
N GLU C 470 21.65 -6.23 2.67
CA GLU C 470 22.76 -6.92 3.32
C GLU C 470 22.29 -8.05 4.22
N VAL C 471 21.17 -7.85 4.92
CA VAL C 471 20.66 -8.85 5.85
C VAL C 471 19.63 -9.76 5.22
N ARG C 472 19.28 -9.55 3.95
CA ARG C 472 18.24 -10.33 3.29
C ARG C 472 18.77 -11.57 2.59
N ASP C 473 20.09 -11.73 2.48
CA ASP C 473 20.65 -12.91 1.83
C ASP C 473 20.59 -14.10 2.78
N VAL C 474 21.02 -15.26 2.29
CA VAL C 474 20.99 -16.50 3.05
C VAL C 474 22.41 -16.91 3.40
N HIS C 475 22.87 -16.48 4.56
CA HIS C 475 24.19 -16.89 5.02
C HIS C 475 24.24 -18.41 5.14
N PRO C 476 25.37 -19.05 4.79
CA PRO C 476 25.42 -20.52 4.83
C PRO C 476 25.13 -21.12 6.20
N SER C 477 25.02 -20.30 7.24
CA SER C 477 24.67 -20.78 8.57
C SER C 477 23.18 -21.07 8.72
N HIS C 478 22.34 -20.69 7.75
CA HIS C 478 20.91 -20.94 7.83
C HIS C 478 20.56 -22.41 7.64
N TYR C 479 21.48 -23.22 7.13
CA TYR C 479 21.18 -24.61 6.79
C TYR C 479 20.79 -25.39 8.04
N GLY C 480 19.57 -25.92 8.05
CA GLY C 480 19.06 -26.65 9.18
C GLY C 480 18.50 -25.80 10.29
N ARG C 481 18.61 -24.47 10.17
CA ARG C 481 18.17 -23.55 11.19
C ARG C 481 17.10 -22.57 10.72
N MET C 482 17.06 -22.26 9.43
CA MET C 482 16.09 -21.32 8.89
C MET C 482 15.93 -21.64 7.42
N CYS C 483 14.72 -21.93 6.99
CA CYS C 483 14.52 -22.36 5.62
C CYS C 483 14.96 -21.26 4.65
N PRO C 484 15.65 -21.60 3.56
CA PRO C 484 15.99 -20.58 2.57
C PRO C 484 14.87 -20.27 1.60
N ILE C 485 13.81 -21.08 1.56
CA ILE C 485 12.79 -20.95 0.53
C ILE C 485 11.70 -19.99 0.99
N GLU C 486 10.99 -20.33 2.06
CA GLU C 486 9.81 -19.56 2.43
C GLU C 486 10.23 -18.17 2.87
N THR C 487 9.59 -17.17 2.28
CA THR C 487 9.69 -15.79 2.72
C THR C 487 8.67 -14.99 1.92
N PRO C 488 7.99 -14.00 2.50
CA PRO C 488 7.00 -13.26 1.73
C PRO C 488 7.62 -12.62 0.49
N GLU C 489 6.88 -12.69 -0.62
CA GLU C 489 7.34 -12.17 -1.90
C GLU C 489 7.27 -10.65 -1.97
N GLY C 490 6.54 -10.01 -1.05
CA GLY C 490 6.42 -8.57 -1.03
C GLY C 490 7.71 -7.91 -0.62
N PRO C 491 7.64 -6.70 -0.01
CA PRO C 491 8.86 -5.96 0.38
C PRO C 491 9.42 -6.42 1.72
N ASN C 492 9.52 -7.74 1.91
CA ASN C 492 10.00 -8.30 3.16
C ASN C 492 10.89 -9.52 2.90
N ILE C 493 11.41 -9.66 1.68
CA ILE C 493 12.09 -10.89 1.28
C ILE C 493 13.33 -11.05 2.16
N GLY C 494 13.36 -12.12 2.96
CA GLY C 494 14.44 -12.39 3.87
C GLY C 494 14.22 -11.84 5.27
N LEU C 495 13.49 -10.72 5.40
CA LEU C 495 13.20 -10.19 6.72
C LEU C 495 12.35 -11.15 7.54
N ILE C 496 11.37 -11.77 6.89
CA ILE C 496 10.47 -12.71 7.54
C ILE C 496 10.74 -14.09 6.96
N GLY C 497 11.18 -15.01 7.81
CA GLY C 497 11.38 -16.39 7.41
C GLY C 497 10.62 -17.33 8.32
N SER C 498 10.87 -18.62 8.20
CA SER C 498 10.22 -19.60 9.05
C SER C 498 11.26 -20.60 9.55
N LEU C 499 10.98 -21.15 10.73
CA LEU C 499 11.89 -22.09 11.35
C LEU C 499 11.96 -23.39 10.57
N SER C 500 13.13 -24.03 10.59
CA SER C 500 13.28 -25.31 9.92
C SER C 500 12.41 -26.36 10.62
N VAL C 501 12.36 -27.55 10.02
CA VAL C 501 11.50 -28.60 10.56
C VAL C 501 12.06 -29.13 11.88
N TYR C 502 13.34 -29.50 11.90
CA TYR C 502 13.94 -30.14 13.05
C TYR C 502 14.59 -29.16 14.01
N ALA C 503 14.55 -27.86 13.72
CA ALA C 503 15.26 -26.91 14.55
C ALA C 503 14.68 -26.84 15.95
N ARG C 504 15.53 -26.48 16.90
CA ARG C 504 15.14 -26.33 18.30
C ARG C 504 15.79 -25.05 18.80
N VAL C 505 15.30 -24.52 19.91
CA VAL C 505 15.73 -23.22 20.41
C VAL C 505 16.68 -23.42 21.59
N ASN C 506 17.89 -22.92 21.44
CA ASN C 506 18.83 -22.87 22.55
C ASN C 506 18.22 -22.06 23.69
N PRO C 507 18.31 -22.51 24.95
CA PRO C 507 17.83 -21.67 26.05
C PRO C 507 18.33 -20.23 26.00
N PHE C 508 19.47 -19.98 25.37
CA PHE C 508 20.02 -18.64 25.23
C PHE C 508 19.53 -17.92 23.99
N GLY C 509 18.49 -18.42 23.33
CA GLY C 509 17.91 -17.77 22.18
C GLY C 509 18.54 -18.13 20.85
N PHE C 510 19.57 -18.96 20.85
CA PHE C 510 20.16 -19.44 19.60
C PHE C 510 19.34 -20.61 19.08
N ILE C 511 19.67 -21.03 17.87
CA ILE C 511 18.92 -22.09 17.19
C ILE C 511 19.86 -23.29 17.14
N GLU C 512 19.55 -24.31 17.93
CA GLU C 512 20.24 -25.59 17.86
C GLU C 512 19.60 -26.46 16.79
N THR C 513 20.41 -27.35 16.23
CA THR C 513 19.96 -28.26 15.20
C THR C 513 20.44 -29.68 15.53
N PRO C 514 19.61 -30.70 15.33
CA PRO C 514 20.10 -32.07 15.59
C PRO C 514 21.13 -32.50 14.57
N TYR C 515 21.99 -33.41 15.00
CA TYR C 515 22.98 -34.02 14.12
C TYR C 515 23.25 -35.43 14.62
N ARG C 516 23.64 -36.31 13.70
CA ARG C 516 24.02 -37.68 14.04
C ARG C 516 25.54 -37.73 14.07
N LYS C 517 26.11 -37.95 15.25
CA LYS C 517 27.55 -37.98 15.36
C LYS C 517 28.08 -39.31 14.83
N VAL C 518 29.28 -39.25 14.27
CA VAL C 518 29.93 -40.40 13.66
C VAL C 518 31.33 -40.48 14.23
N VAL C 519 31.67 -41.63 14.82
CA VAL C 519 32.94 -41.83 15.49
C VAL C 519 33.73 -42.87 14.71
N ASP C 520 34.93 -42.50 14.28
CA ASP C 520 35.84 -43.38 13.52
C ASP C 520 35.12 -44.03 12.33
N GLY C 521 34.33 -43.23 11.62
CA GLY C 521 33.64 -43.74 10.44
C GLY C 521 32.44 -44.61 10.74
N VAL C 522 32.02 -44.69 12.00
CA VAL C 522 30.88 -45.49 12.43
C VAL C 522 29.81 -44.50 12.86
N VAL C 523 28.70 -44.46 12.13
CA VAL C 523 27.66 -43.45 12.34
C VAL C 523 26.79 -43.90 13.51
N SER C 524 26.94 -43.24 14.65
CA SER C 524 26.18 -43.61 15.84
C SER C 524 24.75 -43.10 15.69
N ASP C 525 23.97 -43.21 16.77
CA ASP C 525 22.65 -42.61 16.85
C ASP C 525 22.57 -41.56 17.95
N GLU C 526 23.69 -41.25 18.60
CA GLU C 526 23.71 -40.21 19.62
C GLU C 526 23.43 -38.87 18.95
N ILE C 527 22.22 -38.34 19.16
CA ILE C 527 21.80 -37.10 18.54
C ILE C 527 22.26 -35.96 19.44
N VAL C 528 23.21 -35.17 18.96
CA VAL C 528 23.72 -34.01 19.68
C VAL C 528 23.25 -32.77 18.94
N TYR C 529 22.80 -31.77 19.70
CA TYR C 529 22.27 -30.54 19.15
C TYR C 529 23.37 -29.48 19.15
N LEU C 530 23.63 -28.90 17.97
CA LEU C 530 24.73 -27.96 17.79
C LEU C 530 24.20 -26.61 17.34
N THR C 531 24.82 -25.55 17.85
CA THR C 531 24.58 -24.21 17.36
C THR C 531 25.54 -23.91 16.21
N ALA C 532 25.39 -22.72 15.61
CA ALA C 532 26.19 -22.37 14.44
C ALA C 532 27.68 -22.38 14.74
N ASP C 533 28.07 -22.02 15.97
CA ASP C 533 29.48 -21.99 16.31
C ASP C 533 30.10 -23.38 16.21
N GLU C 534 29.46 -24.37 16.85
CA GLU C 534 29.97 -25.73 16.77
C GLU C 534 29.84 -26.30 15.36
N GLU C 535 28.78 -25.90 14.65
CA GLU C 535 28.68 -26.28 13.23
C GLU C 535 29.93 -25.85 12.47
N ASP C 536 30.35 -24.60 12.68
CA ASP C 536 31.56 -24.11 12.03
C ASP C 536 32.79 -24.87 12.51
N ARG C 537 32.85 -25.16 13.82
CA ARG C 537 33.99 -25.87 14.37
C ARG C 537 34.18 -27.22 13.68
N HIS C 538 33.13 -28.03 13.65
CA HIS C 538 33.23 -29.39 13.17
C HIS C 538 32.95 -29.42 11.67
N VAL C 539 32.76 -30.62 11.12
CA VAL C 539 32.56 -30.82 9.69
C VAL C 539 31.36 -31.75 9.52
N VAL C 540 30.47 -31.41 8.58
CA VAL C 540 29.14 -32.00 8.51
C VAL C 540 28.98 -32.71 7.17
N ALA C 541 28.56 -33.98 7.23
CA ALA C 541 28.34 -34.81 6.06
C ALA C 541 26.88 -34.70 5.63
N GLN C 542 26.46 -35.60 4.73
CA GLN C 542 25.11 -35.60 4.18
C GLN C 542 24.39 -36.89 4.57
N ALA C 543 23.06 -36.76 4.72
CA ALA C 543 22.25 -37.94 5.05
C ALA C 543 22.14 -38.89 3.87
N ASN C 544 21.99 -38.36 2.66
CA ASN C 544 21.84 -39.19 1.47
C ASN C 544 23.21 -39.69 0.99
N SER C 545 23.87 -40.43 1.87
CA SER C 545 25.18 -41.00 1.62
C SER C 545 25.12 -42.52 1.75
N PRO C 546 26.03 -43.25 1.10
CA PRO C 546 25.95 -44.71 1.17
C PRO C 546 26.37 -45.26 2.52
N ILE C 547 25.44 -45.30 3.47
CA ILE C 547 25.68 -45.98 4.74
C ILE C 547 25.50 -47.47 4.53
N ASP C 548 26.52 -48.25 4.90
CA ASP C 548 26.53 -49.68 4.63
C ASP C 548 25.96 -50.50 5.79
N ALA C 549 24.77 -50.12 6.25
CA ALA C 549 23.98 -50.91 7.19
C ALA C 549 24.73 -51.22 8.49
N ASP C 550 25.84 -50.52 8.76
CA ASP C 550 26.62 -50.78 9.97
C ASP C 550 27.13 -49.49 10.60
N GLY C 551 26.68 -48.32 10.14
CA GLY C 551 27.29 -47.07 10.51
C GLY C 551 28.47 -46.68 9.67
N ARG C 552 28.82 -47.48 8.67
CA ARG C 552 30.07 -47.34 7.93
C ARG C 552 29.79 -46.78 6.55
N PHE C 553 30.53 -45.73 6.18
CA PHE C 553 30.44 -45.19 4.84
C PHE C 553 31.04 -46.17 3.84
N VAL C 554 30.71 -45.98 2.57
CA VAL C 554 31.18 -46.88 1.52
C VAL C 554 32.36 -46.25 0.80
N GLU C 555 32.15 -45.09 0.17
CA GLU C 555 33.24 -44.47 -0.57
C GLU C 555 34.01 -43.49 0.31
N PRO C 556 35.33 -43.43 0.20
CA PRO C 556 36.09 -42.54 1.12
C PRO C 556 35.86 -41.06 0.84
N ARG C 557 35.82 -40.66 -0.42
CA ARG C 557 35.62 -39.26 -0.78
C ARG C 557 34.16 -38.92 -0.55
N VAL C 558 33.86 -38.16 0.49
CA VAL C 558 32.51 -37.90 0.95
C VAL C 558 32.25 -36.40 0.89
N LEU C 559 31.10 -36.03 0.33
CA LEU C 559 30.66 -34.65 0.31
C LEU C 559 30.52 -34.13 1.73
N VAL C 560 31.01 -32.91 1.98
CA VAL C 560 31.01 -32.35 3.32
C VAL C 560 31.05 -30.82 3.23
N ARG C 561 30.64 -30.17 4.32
CA ARG C 561 30.64 -28.73 4.44
C ARG C 561 31.70 -28.29 5.45
N ARG C 562 32.41 -27.22 5.12
CA ARG C 562 33.42 -26.63 6.00
C ARG C 562 32.88 -25.37 6.65
N LYS C 563 33.69 -24.76 7.51
CA LYS C 563 33.20 -23.70 8.40
C LYS C 563 32.61 -22.53 7.62
N ALA C 564 33.30 -22.09 6.57
CA ALA C 564 32.91 -20.88 5.85
C ALA C 564 31.89 -21.15 4.75
N GLY C 565 31.10 -22.21 4.89
CA GLY C 565 30.16 -22.60 3.86
C GLY C 565 30.78 -23.31 2.68
N GLU C 566 32.08 -23.60 2.74
CA GLU C 566 32.74 -24.29 1.64
C GLU C 566 32.24 -25.73 1.54
N VAL C 567 32.42 -26.32 0.37
CA VAL C 567 31.94 -27.66 0.06
C VAL C 567 33.11 -28.46 -0.49
N GLU C 568 33.40 -29.59 0.15
CA GLU C 568 34.61 -30.35 -0.15
C GLU C 568 34.31 -31.85 -0.17
N TYR C 569 35.32 -32.61 -0.59
CA TYR C 569 35.29 -34.08 -0.60
C TYR C 569 36.32 -34.54 0.42
N VAL C 570 35.88 -34.70 1.66
CA VAL C 570 36.76 -35.09 2.76
C VAL C 570 36.91 -36.62 2.70
N PRO C 571 38.03 -37.21 3.13
CA PRO C 571 38.04 -38.67 3.25
C PRO C 571 37.14 -39.08 4.39
N SER C 572 36.63 -40.32 4.31
CA SER C 572 35.63 -40.77 5.27
C SER C 572 36.27 -41.17 6.58
N SER C 573 37.09 -40.29 7.14
CA SER C 573 37.70 -40.50 8.45
C SER C 573 37.53 -39.26 9.33
N GLU C 574 37.56 -38.08 8.71
CA GLU C 574 37.46 -36.83 9.45
C GLU C 574 36.02 -36.39 9.68
N VAL C 575 35.05 -37.04 9.04
CA VAL C 575 33.66 -36.68 9.26
C VAL C 575 33.31 -37.03 10.70
N ASP C 576 32.85 -36.03 11.47
CA ASP C 576 32.45 -36.22 12.84
C ASP C 576 30.97 -35.97 13.07
N TYR C 577 30.24 -35.52 12.04
CA TYR C 577 28.82 -35.28 12.16
C TYR C 577 28.19 -35.43 10.78
N MET C 578 26.96 -35.96 10.76
CA MET C 578 26.23 -36.20 9.53
C MET C 578 24.78 -35.82 9.76
N ASP C 579 24.15 -35.29 8.72
CA ASP C 579 22.80 -34.74 8.85
C ASP C 579 21.83 -35.82 9.33
N VAL C 580 20.89 -35.40 10.18
CA VAL C 580 19.88 -36.33 10.69
C VAL C 580 19.08 -36.92 9.54
N SER C 581 18.78 -36.11 8.54
CA SER C 581 18.00 -36.56 7.39
C SER C 581 18.05 -35.47 6.32
N PRO C 582 17.56 -35.74 5.11
CA PRO C 582 17.32 -34.64 4.16
C PRO C 582 16.15 -33.82 4.64
N ARG C 583 15.72 -32.83 3.84
CA ARG C 583 14.59 -31.97 4.19
C ARG C 583 14.74 -31.40 5.60
N GLN C 584 15.98 -31.28 6.06
CA GLN C 584 16.28 -30.63 7.32
C GLN C 584 16.42 -29.12 7.18
N MET C 585 16.74 -28.66 5.97
CA MET C 585 16.94 -27.24 5.72
C MET C 585 15.66 -26.54 5.32
N VAL C 586 14.55 -27.24 5.27
CA VAL C 586 13.31 -26.72 4.72
C VAL C 586 12.30 -26.51 5.86
N SER C 587 11.36 -25.60 5.62
CA SER C 587 10.36 -25.27 6.63
C SER C 587 9.26 -26.32 6.63
N VAL C 588 8.15 -26.01 7.32
CA VAL C 588 7.03 -26.94 7.37
C VAL C 588 6.24 -26.93 6.08
N ALA C 589 5.71 -25.75 5.72
CA ALA C 589 4.86 -25.66 4.54
C ALA C 589 5.59 -26.14 3.29
N THR C 590 6.81 -25.62 3.08
CA THR C 590 7.56 -25.99 1.88
C THR C 590 7.79 -27.50 1.82
N ALA C 591 8.02 -28.13 2.97
CA ALA C 591 8.26 -29.56 3.01
C ALA C 591 7.10 -30.37 2.43
N MET C 592 5.93 -29.77 2.28
CA MET C 592 4.77 -30.46 1.73
C MET C 592 4.69 -30.40 0.22
N ILE C 593 5.64 -29.75 -0.45
CA ILE C 593 5.63 -29.63 -1.91
C ILE C 593 6.28 -30.90 -2.47
N PRO C 594 5.55 -31.76 -3.17
CA PRO C 594 6.20 -32.93 -3.76
C PRO C 594 7.16 -32.54 -4.86
N PHE C 595 8.22 -33.32 -5.00
CA PHE C 595 9.20 -33.15 -6.08
C PHE C 595 9.85 -31.77 -6.02
N LEU C 596 9.94 -31.21 -4.80
CA LEU C 596 10.47 -29.87 -4.62
C LEU C 596 11.84 -29.72 -5.27
N GLU C 597 12.67 -30.75 -5.17
CA GLU C 597 14.04 -30.64 -5.67
C GLU C 597 14.09 -30.37 -7.17
N HIS C 598 13.02 -30.65 -7.91
CA HIS C 598 13.01 -30.35 -9.33
C HIS C 598 12.66 -28.90 -9.64
N ASP C 599 11.97 -28.22 -8.73
CA ASP C 599 11.50 -26.87 -9.00
C ASP C 599 12.58 -25.84 -8.67
N ASP C 600 12.56 -24.73 -9.42
CA ASP C 600 13.46 -23.62 -9.14
C ASP C 600 13.09 -22.96 -7.82
N ALA C 601 14.08 -22.27 -7.24
CA ALA C 601 13.87 -21.64 -5.94
C ALA C 601 12.77 -20.59 -6.00
N ASN C 602 12.73 -19.80 -7.07
CA ASN C 602 11.74 -18.74 -7.16
C ASN C 602 10.32 -19.30 -7.14
N ARG C 603 10.03 -20.25 -8.02
CA ARG C 603 8.68 -20.80 -8.10
C ARG C 603 8.35 -21.65 -6.87
N ALA C 604 9.35 -22.34 -6.30
CA ALA C 604 9.10 -23.06 -5.06
C ALA C 604 8.74 -22.10 -3.93
N LEU C 605 9.41 -20.95 -3.87
CA LEU C 605 9.08 -19.93 -2.89
C LEU C 605 7.66 -19.44 -3.09
N MET C 606 7.28 -19.18 -4.34
CA MET C 606 5.90 -18.78 -4.63
C MET C 606 4.91 -19.86 -4.17
N GLY C 607 5.20 -21.11 -4.49
CA GLY C 607 4.31 -22.19 -4.09
C GLY C 607 4.17 -22.29 -2.58
N ALA C 608 5.27 -22.12 -1.86
CA ALA C 608 5.20 -22.15 -0.40
C ALA C 608 4.36 -20.99 0.13
N ASN C 609 4.52 -19.80 -0.45
CA ASN C 609 3.75 -18.65 0.01
C ASN C 609 2.27 -18.75 -0.35
N MET C 610 1.92 -19.52 -1.38
CA MET C 610 0.51 -19.69 -1.73
C MET C 610 -0.14 -20.91 -1.10
N GLN C 611 0.64 -21.89 -0.65
CA GLN C 611 0.07 -23.03 0.05
C GLN C 611 -0.60 -22.63 1.36
N ARG C 612 -0.21 -21.50 1.94
CA ARG C 612 -0.87 -21.01 3.14
C ARG C 612 -2.14 -20.23 2.84
N GLN C 613 -2.42 -19.96 1.56
CA GLN C 613 -3.54 -19.11 1.18
C GLN C 613 -4.73 -19.89 0.64
N ALA C 614 -4.68 -21.21 0.66
CA ALA C 614 -5.86 -21.98 0.26
C ALA C 614 -7.02 -21.66 1.19
N VAL C 615 -8.22 -22.02 0.75
CA VAL C 615 -9.42 -21.80 1.54
C VAL C 615 -10.06 -23.15 1.85
N PRO C 616 -10.71 -23.32 3.00
CA PRO C 616 -11.33 -24.62 3.31
C PRO C 616 -12.54 -24.86 2.41
N LEU C 617 -12.48 -25.92 1.62
CA LEU C 617 -13.60 -26.31 0.80
C LEU C 617 -14.63 -27.08 1.64
N VAL C 618 -15.78 -27.35 1.02
CA VAL C 618 -16.85 -28.05 1.73
C VAL C 618 -16.59 -29.55 1.81
N ARG C 619 -15.81 -30.10 0.88
CA ARG C 619 -15.53 -31.54 0.83
C ARG C 619 -14.16 -31.89 1.37
N SER C 620 -13.11 -31.21 0.90
CA SER C 620 -11.74 -31.40 1.40
C SER C 620 -11.27 -32.84 1.21
N GLU C 621 -11.13 -33.20 -0.07
CA GLU C 621 -10.55 -34.48 -0.43
C GLU C 621 -9.03 -34.43 -0.29
N ALA C 622 -8.44 -35.53 0.19
CA ALA C 622 -7.01 -35.57 0.41
C ALA C 622 -6.26 -35.65 -0.93
N PRO C 623 -5.01 -35.20 -0.95
CA PRO C 623 -4.24 -35.27 -2.20
C PRO C 623 -3.72 -36.67 -2.47
N LEU C 624 -3.66 -37.00 -3.77
CA LEU C 624 -3.14 -38.31 -4.16
C LEU C 624 -1.64 -38.41 -3.89
N VAL C 625 -0.86 -37.59 -4.57
CA VAL C 625 0.59 -37.56 -4.36
C VAL C 625 0.88 -36.50 -3.31
N GLY C 626 1.61 -36.90 -2.27
CA GLY C 626 1.97 -35.97 -1.22
C GLY C 626 3.35 -36.21 -0.67
N THR C 627 3.61 -35.64 0.50
CA THR C 627 4.81 -35.89 1.27
C THR C 627 4.41 -36.60 2.56
N GLY C 628 5.37 -36.80 3.46
CA GLY C 628 5.04 -37.27 4.79
C GLY C 628 4.42 -36.22 5.68
N MET C 629 4.55 -34.94 5.31
CA MET C 629 4.18 -33.82 6.17
C MET C 629 2.74 -33.37 5.99
N GLU C 630 1.84 -34.27 5.59
CA GLU C 630 0.41 -33.98 5.57
C GLU C 630 -0.31 -34.51 6.81
N LEU C 631 0.19 -35.56 7.44
CA LEU C 631 -0.42 -36.08 8.66
C LEU C 631 0.15 -35.40 9.91
N ARG C 632 1.47 -35.27 9.98
CA ARG C 632 2.09 -34.69 11.18
C ARG C 632 1.76 -33.22 11.29
N ALA C 633 1.95 -32.47 10.20
CA ALA C 633 1.60 -31.06 10.17
C ALA C 633 0.10 -30.84 10.23
N ALA C 634 -0.71 -31.90 10.23
CA ALA C 634 -2.14 -31.81 10.50
C ALA C 634 -2.45 -32.01 11.98
N ILE C 635 -1.99 -33.10 12.58
CA ILE C 635 -2.33 -33.35 13.97
C ILE C 635 -1.62 -32.37 14.89
N ASP C 636 -0.50 -31.79 14.46
CA ASP C 636 0.18 -30.78 15.28
C ASP C 636 -0.33 -29.38 15.01
N ALA C 637 -1.21 -29.19 14.02
CA ALA C 637 -1.76 -27.87 13.75
C ALA C 637 -2.76 -27.42 14.80
N GLY C 638 -3.34 -28.35 15.56
CA GLY C 638 -4.28 -28.04 16.61
C GLY C 638 -5.73 -28.10 16.20
N ASP C 639 -6.04 -27.81 14.94
CA ASP C 639 -7.42 -27.75 14.46
C ASP C 639 -8.02 -29.13 14.18
N VAL C 640 -7.38 -30.20 14.66
CA VAL C 640 -7.91 -31.55 14.57
C VAL C 640 -8.08 -32.08 15.99
N VAL C 641 -9.27 -32.60 16.31
CA VAL C 641 -9.49 -33.17 17.62
C VAL C 641 -8.73 -34.49 17.71
N VAL C 642 -8.05 -34.68 18.84
CA VAL C 642 -7.19 -35.84 19.06
C VAL C 642 -7.69 -36.58 20.30
N ALA C 643 -7.89 -37.88 20.17
CA ALA C 643 -8.24 -38.72 21.31
C ALA C 643 -7.15 -38.60 22.37
N GLU C 644 -7.48 -37.98 23.51
CA GLU C 644 -6.47 -37.74 24.53
C GLU C 644 -5.90 -39.05 25.06
N GLU C 645 -6.78 -39.96 25.49
CA GLU C 645 -6.38 -41.26 25.99
C GLU C 645 -7.25 -42.34 25.34
N SER C 646 -6.70 -43.54 25.22
CA SER C 646 -7.34 -44.61 24.50
C SER C 646 -8.69 -44.97 25.12
N GLY C 647 -9.44 -45.80 24.41
CA GLY C 647 -10.74 -46.24 24.88
C GLY C 647 -11.61 -46.62 23.69
N VAL C 648 -12.92 -46.65 23.95
CA VAL C 648 -13.91 -46.99 22.93
C VAL C 648 -14.84 -45.79 22.77
N ILE C 649 -15.67 -45.83 21.73
CA ILE C 649 -16.64 -44.78 21.46
C ILE C 649 -17.97 -45.18 22.07
N GLU C 650 -18.61 -44.25 22.79
CA GLU C 650 -19.96 -44.47 23.28
C GLU C 650 -21.00 -43.87 22.33
N GLU C 651 -20.90 -42.57 22.08
CA GLU C 651 -21.93 -41.82 21.38
C GLU C 651 -21.27 -40.82 20.45
N VAL C 652 -21.72 -40.77 19.21
CA VAL C 652 -21.25 -39.80 18.23
C VAL C 652 -22.44 -38.96 17.78
N SER C 653 -22.13 -37.78 17.27
CA SER C 653 -23.14 -36.88 16.73
C SER C 653 -22.42 -35.93 15.77
N ALA C 654 -23.15 -34.96 15.26
CA ALA C 654 -22.54 -33.85 14.53
C ALA C 654 -22.03 -32.76 15.47
N ASP C 655 -22.19 -32.95 16.78
CA ASP C 655 -21.87 -31.92 17.77
C ASP C 655 -20.82 -32.38 18.78
N TYR C 656 -20.92 -33.60 19.30
CA TYR C 656 -20.03 -34.05 20.36
C TYR C 656 -19.74 -35.53 20.21
N ILE C 657 -18.59 -35.95 20.74
CA ILE C 657 -18.19 -37.35 20.79
C ILE C 657 -17.92 -37.72 22.24
N THR C 658 -18.52 -38.80 22.70
CA THR C 658 -18.26 -39.31 24.05
C THR C 658 -17.36 -40.53 23.95
N VAL C 659 -16.21 -40.46 24.62
CA VAL C 659 -15.24 -41.54 24.65
C VAL C 659 -15.31 -42.21 26.03
N MET C 660 -15.41 -43.53 26.02
CA MET C 660 -15.38 -44.36 27.21
C MET C 660 -13.94 -44.83 27.40
N HIS C 661 -13.25 -44.26 28.40
CA HIS C 661 -11.90 -44.69 28.67
C HIS C 661 -11.90 -46.09 29.28
N ASP C 662 -10.77 -46.78 29.17
CA ASP C 662 -10.68 -48.15 29.64
C ASP C 662 -10.87 -48.25 31.15
N ASN C 663 -10.77 -47.14 31.87
CA ASN C 663 -10.94 -47.12 33.33
C ASN C 663 -12.04 -46.13 33.68
N GLY C 664 -13.28 -46.58 33.59
CA GLY C 664 -14.39 -45.85 34.18
C GLY C 664 -14.77 -44.54 33.51
N THR C 665 -13.81 -43.62 33.40
CA THR C 665 -14.12 -42.25 33.05
C THR C 665 -14.59 -42.13 31.61
N ARG C 666 -15.56 -41.24 31.39
CA ARG C 666 -15.98 -40.83 30.05
C ARG C 666 -15.53 -39.38 29.83
N ARG C 667 -15.49 -38.98 28.56
CA ARG C 667 -15.13 -37.61 28.23
C ARG C 667 -15.83 -37.19 26.94
N THR C 668 -16.37 -35.97 26.94
CA THR C 668 -17.10 -35.44 25.79
C THR C 668 -16.23 -34.40 25.09
N TYR C 669 -15.79 -34.73 23.88
CA TYR C 669 -15.15 -33.77 22.98
C TYR C 669 -16.24 -32.99 22.26
N ARG C 670 -16.32 -31.70 22.55
CA ARG C 670 -17.25 -30.82 21.87
C ARG C 670 -16.65 -30.34 20.55
N MET C 671 -17.48 -30.27 19.52
CA MET C 671 -17.03 -29.85 18.21
C MET C 671 -17.05 -28.33 18.08
N ARG C 672 -16.62 -27.84 16.93
CA ARG C 672 -16.73 -26.42 16.58
C ARG C 672 -17.32 -26.36 15.18
N LYS C 673 -18.64 -26.17 15.11
CA LYS C 673 -19.37 -26.22 13.86
C LYS C 673 -19.62 -24.81 13.33
N PHE C 674 -19.16 -24.55 12.11
CA PHE C 674 -19.47 -23.31 11.41
C PHE C 674 -18.98 -22.08 12.16
N ALA C 675 -17.90 -22.21 12.91
CA ALA C 675 -17.31 -21.06 13.59
C ALA C 675 -16.55 -20.21 12.57
N ARG C 676 -16.74 -18.90 12.66
CA ARG C 676 -16.04 -17.98 11.78
C ARG C 676 -14.58 -17.88 12.20
N SER C 677 -13.68 -17.93 11.21
CA SER C 677 -12.26 -17.79 11.48
C SER C 677 -11.89 -16.30 11.51
N ASN C 678 -10.59 -16.01 11.55
CA ASN C 678 -10.13 -14.63 11.56
C ASN C 678 -10.10 -14.01 10.17
N HIS C 679 -10.40 -14.77 9.12
CA HIS C 679 -10.46 -14.24 7.76
C HIS C 679 -11.76 -14.63 7.08
N GLY C 680 -12.81 -14.87 7.87
CA GLY C 680 -14.12 -15.10 7.31
C GLY C 680 -14.31 -16.43 6.60
N THR C 681 -13.54 -17.45 6.97
CA THR C 681 -13.67 -18.78 6.39
C THR C 681 -14.23 -19.74 7.43
N CYS C 682 -14.88 -20.80 6.94
CA CYS C 682 -15.51 -21.78 7.81
C CYS C 682 -14.46 -22.56 8.59
N ALA C 683 -14.90 -23.10 9.74
CA ALA C 683 -14.04 -23.89 10.61
C ALA C 683 -14.78 -25.13 11.10
N ASN C 684 -15.50 -25.78 10.20
CA ASN C 684 -16.29 -26.95 10.60
C ASN C 684 -15.39 -28.10 11.02
N GLN C 685 -15.86 -28.85 12.01
CA GLN C 685 -15.18 -30.05 12.49
C GLN C 685 -16.18 -31.20 12.45
N CYS C 686 -15.83 -32.28 11.75
CA CYS C 686 -16.78 -33.37 11.56
C CYS C 686 -16.15 -34.70 11.97
N PRO C 687 -16.88 -35.56 12.68
CA PRO C 687 -16.26 -36.77 13.18
C PRO C 687 -16.09 -37.81 12.09
N ILE C 688 -15.16 -38.74 12.35
CA ILE C 688 -14.80 -39.76 11.38
C ILE C 688 -14.95 -41.17 11.94
N VAL C 689 -15.27 -41.31 13.21
CA VAL C 689 -15.36 -42.60 13.86
C VAL C 689 -16.81 -43.06 13.88
N ASP C 690 -17.01 -44.34 14.20
CA ASP C 690 -18.32 -44.94 14.36
C ASP C 690 -18.53 -45.28 15.84
N ALA C 691 -19.79 -45.40 16.23
CA ALA C 691 -20.13 -45.57 17.64
C ALA C 691 -19.40 -46.76 18.26
N GLY C 692 -19.14 -47.81 17.49
CA GLY C 692 -18.51 -49.01 18.00
C GLY C 692 -17.00 -49.06 17.87
N ASP C 693 -16.38 -48.04 17.29
CA ASP C 693 -14.93 -48.08 17.06
C ASP C 693 -14.16 -47.94 18.36
N ARG C 694 -12.95 -48.50 18.36
CA ARG C 694 -11.99 -48.30 19.44
C ARG C 694 -10.91 -47.34 18.97
N VAL C 695 -10.59 -46.36 19.79
CA VAL C 695 -9.57 -45.36 19.49
C VAL C 695 -8.45 -45.49 20.50
N GLU C 696 -7.24 -45.10 20.07
CA GLU C 696 -6.07 -45.09 20.93
C GLU C 696 -5.56 -43.66 21.09
N ALA C 697 -4.81 -43.45 22.17
CA ALA C 697 -4.34 -42.12 22.50
C ALA C 697 -3.52 -41.53 21.35
N GLY C 698 -3.71 -40.24 21.10
CA GLY C 698 -3.01 -39.57 20.04
C GLY C 698 -3.57 -39.82 18.65
N GLN C 699 -4.76 -40.38 18.55
CA GLN C 699 -5.38 -40.67 17.26
C GLN C 699 -6.26 -39.50 16.83
N VAL C 700 -6.29 -39.26 15.51
CA VAL C 700 -7.24 -38.31 14.97
C VAL C 700 -8.65 -38.81 15.24
N ILE C 701 -9.51 -37.93 15.73
CA ILE C 701 -10.89 -38.33 16.07
C ILE C 701 -11.93 -37.49 15.35
N ALA C 702 -11.58 -36.32 14.82
CA ALA C 702 -12.54 -35.50 14.09
C ALA C 702 -11.78 -34.59 13.13
N ASP C 703 -12.14 -34.64 11.85
CA ASP C 703 -11.44 -33.84 10.86
C ASP C 703 -11.78 -32.36 11.03
N GLY C 704 -10.78 -31.52 10.74
CA GLY C 704 -10.92 -30.09 10.82
C GLY C 704 -11.24 -29.48 9.46
N PRO C 705 -10.95 -28.18 9.29
CA PRO C 705 -11.39 -27.48 8.07
C PRO C 705 -10.83 -28.05 6.78
N CYS C 706 -9.51 -28.11 6.65
CA CYS C 706 -8.85 -28.58 5.43
C CYS C 706 -8.25 -29.96 5.60
N THR C 707 -8.80 -30.75 6.51
CA THR C 707 -8.26 -32.06 6.84
C THR C 707 -9.19 -33.15 6.33
N ASP C 708 -8.59 -34.28 6.00
CA ASP C 708 -9.32 -35.45 5.52
C ASP C 708 -8.69 -36.68 6.14
N ASP C 709 -9.49 -37.45 6.87
CA ASP C 709 -9.04 -38.66 7.54
C ASP C 709 -7.71 -38.47 8.24
N GLY C 710 -7.46 -37.26 8.75
CA GLY C 710 -6.30 -36.96 9.55
C GLY C 710 -5.30 -36.01 8.88
N GLU C 711 -5.10 -36.15 7.57
CA GLU C 711 -4.01 -35.44 6.91
C GLU C 711 -4.52 -34.22 6.18
N MET C 712 -3.58 -33.33 5.84
CA MET C 712 -3.93 -32.06 5.23
C MET C 712 -4.60 -32.28 3.88
N ALA C 713 -5.60 -31.44 3.58
CA ALA C 713 -6.29 -31.45 2.28
C ALA C 713 -6.57 -30.00 1.93
N LEU C 714 -5.64 -29.38 1.21
CA LEU C 714 -5.73 -27.96 0.88
C LEU C 714 -6.41 -27.70 -0.46
N GLY C 715 -6.90 -28.74 -1.14
CA GLY C 715 -7.47 -28.57 -2.45
C GLY C 715 -8.12 -29.83 -2.95
N LYS C 716 -8.08 -30.04 -4.26
CA LYS C 716 -8.70 -31.21 -4.87
C LYS C 716 -7.78 -31.78 -5.94
N ASN C 717 -7.98 -33.07 -6.21
CA ASN C 717 -7.24 -33.79 -7.24
C ASN C 717 -8.07 -33.73 -8.52
N LEU C 718 -7.58 -32.97 -9.50
CA LEU C 718 -8.32 -32.72 -10.74
C LEU C 718 -7.59 -33.32 -11.92
N LEU C 719 -8.35 -33.81 -12.89
CA LEU C 719 -7.79 -34.19 -14.16
C LEU C 719 -7.33 -32.95 -14.90
N VAL C 720 -6.09 -32.96 -15.38
CA VAL C 720 -5.43 -31.80 -15.96
C VAL C 720 -4.85 -32.21 -17.31
N ALA C 721 -4.98 -31.31 -18.28
CA ALA C 721 -4.28 -31.42 -19.55
C ALA C 721 -3.42 -30.17 -19.74
N ILE C 722 -2.33 -30.31 -20.50
CA ILE C 722 -1.30 -29.27 -20.55
C ILE C 722 -1.21 -28.68 -21.94
N MET C 723 -2.34 -28.65 -22.66
CA MET C 723 -2.28 -28.12 -24.02
C MET C 723 -2.89 -26.73 -24.08
N PRO C 724 -2.38 -25.81 -24.89
CA PRO C 724 -3.03 -24.49 -25.02
C PRO C 724 -4.30 -24.61 -25.83
N TRP C 725 -5.41 -24.14 -25.24
CA TRP C 725 -6.75 -24.33 -25.80
C TRP C 725 -7.33 -22.97 -26.16
N GLU C 726 -7.45 -22.71 -27.46
CA GLU C 726 -8.23 -21.59 -27.99
C GLU C 726 -7.81 -20.25 -27.38
N GLY C 727 -6.57 -20.14 -26.91
CA GLY C 727 -6.09 -18.91 -26.34
C GLY C 727 -6.63 -18.57 -24.97
N HIS C 728 -7.68 -19.23 -24.51
CA HIS C 728 -8.25 -18.88 -23.21
C HIS C 728 -7.23 -19.11 -22.10
N ASN C 729 -6.44 -20.18 -22.18
CA ASN C 729 -5.34 -20.39 -21.25
C ASN C 729 -4.07 -19.72 -21.77
N TYR C 730 -4.19 -18.44 -22.08
CA TYR C 730 -3.07 -17.65 -22.59
C TYR C 730 -2.46 -16.89 -21.42
N GLU C 731 -1.15 -17.08 -21.22
CA GLU C 731 -0.37 -16.30 -20.27
C GLU C 731 -0.95 -16.46 -18.85
N ASP C 732 -0.79 -17.68 -18.34
CA ASP C 732 -1.13 -18.11 -16.99
C ASP C 732 -2.61 -18.23 -16.71
N ALA C 733 -3.49 -17.99 -17.69
CA ALA C 733 -4.90 -18.22 -17.47
C ALA C 733 -5.20 -19.72 -17.39
N ILE C 734 -6.33 -20.05 -16.78
CA ILE C 734 -6.73 -21.43 -16.54
C ILE C 734 -8.18 -21.60 -16.97
N ILE C 735 -8.50 -22.78 -17.51
CA ILE C 735 -9.86 -23.13 -17.88
C ILE C 735 -10.28 -24.34 -17.06
N LEU C 736 -11.47 -24.25 -16.47
CA LEU C 736 -12.08 -25.33 -15.72
C LEU C 736 -13.28 -25.88 -16.47
N SER C 737 -13.69 -27.08 -16.09
CA SER C 737 -14.93 -27.65 -16.57
C SER C 737 -16.10 -27.13 -15.74
N ASN C 738 -17.29 -27.20 -16.35
CA ASN C 738 -18.49 -26.94 -15.58
C ASN C 738 -18.74 -28.02 -14.53
N ARG C 739 -18.01 -29.14 -14.58
CA ARG C 739 -18.19 -30.19 -13.58
C ARG C 739 -17.80 -29.68 -12.19
N LEU C 740 -16.75 -28.89 -12.10
CA LEU C 740 -16.36 -28.33 -10.80
C LEU C 740 -17.46 -27.44 -10.24
N VAL C 741 -18.06 -26.61 -11.09
CA VAL C 741 -19.18 -25.78 -10.65
C VAL C 741 -20.34 -26.64 -10.20
N GLU C 742 -20.69 -27.64 -11.02
CA GLU C 742 -21.89 -28.43 -10.75
C GLU C 742 -21.71 -29.29 -9.50
N GLU C 743 -20.77 -30.22 -9.54
CA GLU C 743 -20.54 -31.15 -8.43
C GLU C 743 -19.97 -30.48 -7.22
N ASP C 744 -19.81 -29.16 -7.19
CA ASP C 744 -19.46 -28.46 -5.96
C ASP C 744 -18.05 -28.83 -5.50
N VAL C 745 -17.18 -29.16 -6.47
CA VAL C 745 -15.83 -29.60 -6.13
C VAL C 745 -15.05 -28.44 -5.49
N LEU C 746 -15.14 -27.26 -6.07
CA LEU C 746 -14.46 -26.07 -5.57
C LEU C 746 -15.52 -25.09 -5.10
N THR C 747 -15.71 -25.01 -3.79
CA THR C 747 -16.69 -24.11 -3.20
C THR C 747 -16.23 -23.77 -1.79
N SER C 748 -16.41 -22.52 -1.41
CA SER C 748 -15.94 -22.02 -0.13
C SER C 748 -17.07 -21.33 0.62
N ILE C 749 -17.24 -21.70 1.88
CA ILE C 749 -18.20 -21.05 2.76
C ILE C 749 -17.51 -19.84 3.38
N HIS C 750 -18.19 -18.69 3.36
CA HIS C 750 -17.62 -17.47 3.89
C HIS C 750 -18.63 -16.79 4.81
N ILE C 751 -18.12 -16.28 5.93
CA ILE C 751 -18.95 -15.74 7.00
C ILE C 751 -18.46 -14.35 7.30
N GLU C 752 -19.35 -13.37 7.20
CA GLU C 752 -19.05 -11.98 7.50
C GLU C 752 -19.82 -11.56 8.75
N GLU C 753 -19.24 -10.61 9.47
CA GLU C 753 -19.75 -10.16 10.76
C GLU C 753 -20.11 -8.69 10.65
N HIS C 754 -21.39 -8.37 10.86
CA HIS C 754 -21.85 -6.99 10.90
C HIS C 754 -22.26 -6.66 12.32
N GLU C 755 -22.13 -5.39 12.70
CA GLU C 755 -22.26 -5.00 14.09
C GLU C 755 -22.92 -3.63 14.15
N ILE C 756 -23.65 -3.40 15.25
CA ILE C 756 -24.26 -2.08 15.48
C ILE C 756 -24.49 -1.92 16.98
N ASP C 757 -24.43 -0.67 17.43
CA ASP C 757 -24.56 -0.34 18.84
C ASP C 757 -25.58 0.78 19.00
N ALA C 758 -26.62 0.51 19.79
CA ALA C 758 -27.55 1.53 20.24
C ALA C 758 -26.90 2.23 21.43
N ARG C 759 -26.53 3.49 21.23
CA ARG C 759 -25.77 4.29 22.18
C ARG C 759 -26.60 5.47 22.65
N ASP C 760 -26.06 6.17 23.65
CA ASP C 760 -26.68 7.39 24.14
C ASP C 760 -26.20 8.58 23.31
N THR C 761 -27.01 9.64 23.32
CA THR C 761 -26.73 10.84 22.54
C THR C 761 -27.15 12.05 23.35
N LYS C 762 -26.99 13.23 22.75
CA LYS C 762 -27.34 14.46 23.45
C LYS C 762 -28.86 14.65 23.49
N LEU C 763 -29.55 14.35 22.39
CA LEU C 763 -30.98 14.55 22.31
C LEU C 763 -31.77 13.51 23.10
N GLY C 764 -31.18 12.36 23.39
CA GLY C 764 -31.89 11.30 24.08
C GLY C 764 -31.17 9.97 24.06
N ALA C 765 -31.89 8.92 23.67
CA ALA C 765 -31.33 7.57 23.63
C ALA C 765 -31.80 6.87 22.36
N GLU C 766 -30.88 6.16 21.72
CA GLU C 766 -31.19 5.43 20.50
C GLU C 766 -31.90 4.13 20.84
N GLU C 767 -32.81 3.72 19.94
CA GLU C 767 -33.64 2.54 20.19
C GLU C 767 -33.62 1.60 19.01
N ILE C 768 -33.37 0.32 19.29
CA ILE C 768 -33.53 -0.76 18.32
C ILE C 768 -34.99 -1.20 18.39
N THR C 769 -35.69 -1.14 17.26
CA THR C 769 -37.12 -1.40 17.27
C THR C 769 -37.61 -1.56 15.84
N ARG C 770 -38.94 -1.67 15.69
CA ARG C 770 -39.60 -1.85 14.41
C ARG C 770 -40.30 -0.59 13.91
N ASP C 771 -40.50 0.42 14.75
CA ASP C 771 -41.26 1.61 14.36
C ASP C 771 -40.38 2.58 13.59
N ILE C 772 -39.80 2.06 12.50
CA ILE C 772 -38.88 2.81 11.66
C ILE C 772 -39.65 3.91 10.94
N PRO C 773 -38.99 4.99 10.51
CA PRO C 773 -39.67 6.00 9.68
C PRO C 773 -40.01 5.46 8.31
N ASN C 774 -40.41 6.35 7.39
CA ASN C 774 -41.04 5.96 6.14
C ASN C 774 -40.34 4.77 5.49
N ILE C 775 -41.06 3.65 5.44
CA ILE C 775 -40.63 2.48 4.68
C ILE C 775 -41.83 1.54 4.61
N SER C 776 -42.04 0.92 3.45
CA SER C 776 -43.16 0.01 3.30
C SER C 776 -43.02 -1.17 4.25
N ASP C 777 -44.16 -1.70 4.69
CA ASP C 777 -44.17 -2.91 5.50
C ASP C 777 -43.70 -4.13 4.73
N GLU C 778 -43.46 -4.00 3.42
CA GLU C 778 -42.99 -5.14 2.64
C GLU C 778 -41.62 -5.63 3.13
N VAL C 779 -40.71 -4.69 3.42
CA VAL C 779 -39.37 -5.08 3.85
C VAL C 779 -39.29 -5.33 5.35
N LEU C 780 -40.32 -5.01 6.11
CA LEU C 780 -40.37 -5.31 7.54
C LEU C 780 -40.83 -6.74 7.81
N ALA C 781 -41.03 -7.55 6.78
CA ALA C 781 -41.46 -8.93 6.98
C ALA C 781 -40.36 -9.78 7.62
N ASP C 782 -39.10 -9.51 7.26
CA ASP C 782 -37.99 -10.31 7.78
C ASP C 782 -37.68 -10.00 9.23
N LEU C 783 -37.84 -8.75 9.65
CA LEU C 783 -37.46 -8.36 11.01
C LEU C 783 -38.33 -9.09 12.03
N ASP C 784 -37.73 -9.43 13.16
CA ASP C 784 -38.47 -10.02 14.26
C ASP C 784 -39.28 -8.91 14.95
N GLU C 785 -40.06 -9.31 15.97
CA GLU C 785 -40.92 -8.35 16.66
C GLU C 785 -40.15 -7.19 17.27
N ARG C 786 -38.84 -7.36 17.51
CA ARG C 786 -38.04 -6.44 18.29
C ARG C 786 -36.75 -6.11 17.55
N GLY C 787 -36.86 -5.73 16.28
CA GLY C 787 -35.70 -5.26 15.53
C GLY C 787 -35.06 -6.29 14.63
N ILE C 788 -34.01 -6.95 15.14
CA ILE C 788 -33.09 -7.75 14.35
C ILE C 788 -33.82 -8.77 13.49
N VAL C 789 -33.18 -9.20 12.39
CA VAL C 789 -33.83 -10.09 11.44
C VAL C 789 -33.93 -11.50 12.00
N ARG C 790 -34.86 -12.26 11.45
CA ARG C 790 -35.02 -13.66 11.82
C ARG C 790 -33.88 -14.49 11.23
N ILE C 791 -33.47 -15.50 11.99
CA ILE C 791 -32.35 -16.35 11.56
C ILE C 791 -32.75 -17.12 10.30
N GLY C 792 -31.86 -17.11 9.31
CA GLY C 792 -32.06 -17.85 8.09
C GLY C 792 -32.64 -17.05 6.93
N ALA C 793 -33.22 -15.88 7.20
CA ALA C 793 -33.82 -15.09 6.14
C ALA C 793 -32.72 -14.60 5.18
N GLU C 794 -32.85 -14.98 3.91
CA GLU C 794 -31.89 -14.54 2.92
C GLU C 794 -31.98 -13.03 2.72
N VAL C 795 -30.82 -12.38 2.62
CA VAL C 795 -30.74 -10.94 2.47
C VAL C 795 -29.96 -10.60 1.21
N ARG C 796 -30.32 -9.49 0.60
CA ARG C 796 -29.64 -8.93 -0.56
C ARG C 796 -29.02 -7.60 -0.18
N ASP C 797 -28.21 -7.05 -1.09
CA ASP C 797 -27.56 -5.78 -0.81
C ASP C 797 -28.59 -4.70 -0.52
N GLY C 798 -28.33 -3.91 0.51
CA GLY C 798 -29.19 -2.80 0.88
C GLY C 798 -30.37 -3.14 1.76
N ASP C 799 -30.54 -4.41 2.14
CA ASP C 799 -31.65 -4.78 3.00
C ASP C 799 -31.38 -4.35 4.43
N ILE C 800 -32.43 -4.35 5.24
CA ILE C 800 -32.35 -3.96 6.63
C ILE C 800 -31.96 -5.18 7.46
N LEU C 801 -31.18 -4.96 8.51
CA LEU C 801 -30.79 -6.01 9.44
C LEU C 801 -31.17 -5.70 10.88
N VAL C 802 -31.04 -4.45 11.30
CA VAL C 802 -31.32 -4.04 12.68
C VAL C 802 -32.13 -2.76 12.61
N GLY C 803 -33.44 -2.86 12.84
CA GLY C 803 -34.25 -1.66 12.92
C GLY C 803 -33.81 -0.81 14.09
N LYS C 804 -33.14 0.30 13.79
CA LYS C 804 -32.57 1.16 14.82
C LYS C 804 -32.80 2.62 14.44
N VAL C 805 -33.24 3.42 15.40
CA VAL C 805 -33.61 4.81 15.17
C VAL C 805 -32.98 5.67 16.27
N THR C 806 -32.67 6.93 15.91
CA THR C 806 -31.92 7.84 16.78
C THR C 806 -32.53 9.24 16.70
N PRO C 807 -32.57 9.98 17.81
CA PRO C 807 -33.19 11.31 17.77
C PRO C 807 -32.46 12.25 16.81
N LYS C 808 -33.24 13.19 16.24
CA LYS C 808 -32.69 14.21 15.36
C LYS C 808 -33.00 15.64 15.80
N GLY C 809 -33.73 15.81 16.90
CA GLY C 809 -34.05 17.15 17.36
C GLY C 809 -35.07 17.83 16.47
N GLU C 810 -34.99 19.15 16.42
CA GLU C 810 -35.93 19.98 15.66
C GLU C 810 -35.15 20.73 14.59
N THR C 811 -35.44 20.45 13.32
CA THR C 811 -34.94 21.22 12.20
C THR C 811 -36.13 21.64 11.35
N GLU C 812 -36.23 22.95 11.09
CA GLU C 812 -37.34 23.44 10.28
C GLU C 812 -37.28 22.82 8.89
N LEU C 813 -38.44 22.44 8.37
CA LEU C 813 -38.52 21.69 7.13
C LEU C 813 -38.57 22.63 5.93
N THR C 814 -38.10 22.14 4.80
CA THR C 814 -38.27 22.87 3.55
C THR C 814 -39.76 22.94 3.22
N PRO C 815 -40.24 24.03 2.63
CA PRO C 815 -41.69 24.12 2.36
C PRO C 815 -42.21 22.97 1.52
N GLU C 816 -41.38 22.44 0.61
CA GLU C 816 -41.82 21.38 -0.27
C GLU C 816 -42.12 20.11 0.51
N GLU C 817 -41.19 19.69 1.37
CA GLU C 817 -41.45 18.51 2.19
C GLU C 817 -42.54 18.80 3.22
N ARG C 818 -42.67 20.05 3.67
CA ARG C 818 -43.75 20.39 4.58
C ARG C 818 -45.11 20.14 3.93
N LEU C 819 -45.30 20.62 2.70
CA LEU C 819 -46.57 20.38 2.04
C LEU C 819 -46.74 18.92 1.64
N LEU C 820 -45.63 18.23 1.36
CA LEU C 820 -45.74 16.79 1.13
C LEU C 820 -46.28 16.09 2.36
N ARG C 821 -45.80 16.46 3.55
CA ARG C 821 -46.35 15.90 4.77
C ARG C 821 -47.79 16.33 4.98
N ALA C 822 -48.13 17.55 4.56
CA ALA C 822 -49.51 18.00 4.67
C ALA C 822 -50.44 17.14 3.83
N ILE C 823 -50.01 16.76 2.63
CA ILE C 823 -50.89 16.03 1.72
C ILE C 823 -50.89 14.54 2.05
N PHE C 824 -49.73 13.94 2.31
CA PHE C 824 -49.63 12.51 2.55
C PHE C 824 -49.74 12.16 4.02
N GLY C 825 -50.03 13.14 4.89
CA GLY C 825 -50.31 12.87 6.30
C GLY C 825 -49.24 12.06 6.99
N GLU C 826 -47.98 12.38 6.72
CA GLU C 826 -46.85 11.64 7.29
C GLU C 826 -46.28 12.40 8.48
N LYS C 827 -46.00 11.66 9.55
CA LYS C 827 -45.49 12.26 10.77
C LYS C 827 -44.06 12.75 10.58
N ALA C 828 -43.69 13.76 11.37
CA ALA C 828 -42.33 14.28 11.29
C ALA C 828 -41.31 13.20 11.62
N ARG C 829 -41.62 12.32 12.57
CA ARG C 829 -40.69 11.30 13.02
C ARG C 829 -39.35 11.94 13.38
N GLU C 830 -39.41 12.80 14.41
CA GLU C 830 -38.24 13.56 14.85
C GLU C 830 -37.02 12.66 15.03
N VAL C 831 -37.22 11.38 15.30
CA VAL C 831 -36.12 10.43 15.40
C VAL C 831 -35.72 10.05 13.98
N ARG C 832 -34.58 10.58 13.53
CA ARG C 832 -34.00 10.17 12.26
C ARG C 832 -33.64 8.70 12.32
N ASP C 833 -33.40 8.08 11.17
CA ASP C 833 -33.19 6.64 11.09
C ASP C 833 -31.85 6.33 10.45
N THR C 834 -31.06 5.51 11.13
CA THR C 834 -29.74 5.11 10.68
C THR C 834 -29.59 3.60 10.87
N SER C 835 -30.61 2.86 10.47
CA SER C 835 -30.64 1.42 10.68
C SER C 835 -29.43 0.76 10.02
N LEU C 836 -29.18 -0.49 10.39
CA LEU C 836 -28.04 -1.24 9.87
C LEU C 836 -28.44 -1.90 8.55
N LYS C 837 -27.96 -1.34 7.44
CA LYS C 837 -28.24 -1.86 6.12
C LYS C 837 -27.05 -2.68 5.64
N VAL C 838 -27.30 -3.91 5.21
CA VAL C 838 -26.21 -4.76 4.70
C VAL C 838 -25.55 -4.06 3.52
N PRO C 839 -24.22 -3.99 3.45
CA PRO C 839 -23.58 -3.13 2.45
C PRO C 839 -23.73 -3.67 1.03
N HIS C 840 -23.37 -2.82 0.07
CA HIS C 840 -23.58 -3.10 -1.35
C HIS C 840 -22.79 -4.33 -1.77
N GLY C 841 -23.40 -5.10 -2.67
CA GLY C 841 -22.74 -6.22 -3.31
C GLY C 841 -22.46 -7.37 -2.37
N GLU C 842 -23.39 -7.66 -1.47
CA GLU C 842 -23.26 -8.77 -0.54
C GLU C 842 -24.64 -9.35 -0.28
N SER C 843 -24.66 -10.64 0.01
CA SER C 843 -25.91 -11.36 0.23
C SER C 843 -25.59 -12.61 1.04
N GLY C 844 -26.53 -13.54 1.09
CA GLY C 844 -26.35 -14.80 1.77
C GLY C 844 -27.27 -14.94 2.97
N LYS C 845 -27.09 -16.06 3.65
CA LYS C 845 -27.94 -16.42 4.77
C LYS C 845 -27.43 -15.79 6.06
N VAL C 846 -28.30 -15.78 7.07
CA VAL C 846 -27.99 -15.23 8.38
C VAL C 846 -27.86 -16.41 9.33
N ILE C 847 -26.62 -16.77 9.66
CA ILE C 847 -26.39 -17.93 10.53
C ILE C 847 -26.85 -17.61 11.95
N GLY C 848 -26.20 -16.63 12.58
CA GLY C 848 -26.39 -16.38 14.00
C GLY C 848 -26.56 -14.91 14.29
N ILE C 849 -27.19 -14.65 15.44
CA ILE C 849 -27.43 -13.31 15.92
C ILE C 849 -26.99 -13.27 17.37
N ARG C 850 -25.90 -12.56 17.65
CA ARG C 850 -25.38 -12.45 19.01
C ARG C 850 -25.71 -11.05 19.52
N VAL C 851 -26.62 -10.98 20.49
CA VAL C 851 -27.13 -9.71 21.00
C VAL C 851 -26.69 -9.57 22.45
N PHE C 852 -26.15 -8.41 22.79
CA PHE C 852 -25.83 -8.04 24.16
C PHE C 852 -26.86 -7.03 24.64
N SER C 853 -26.67 -6.54 25.85
CA SER C 853 -27.59 -5.56 26.40
C SER C 853 -27.01 -4.98 27.68
N ARG C 854 -27.44 -3.76 28.00
CA ARG C 854 -27.18 -3.21 29.32
C ARG C 854 -28.10 -3.83 30.36
N GLU C 855 -29.33 -4.21 29.97
CA GLU C 855 -30.27 -4.83 30.89
C GLU C 855 -29.75 -6.16 31.42
N ASP C 856 -28.90 -6.85 30.66
CA ASP C 856 -28.25 -8.07 31.12
C ASP C 856 -26.96 -7.80 31.87
N GLU C 857 -26.63 -6.53 32.09
CA GLU C 857 -25.43 -6.14 32.83
C GLU C 857 -24.17 -6.76 32.20
N ASP C 858 -24.12 -6.72 30.87
CA ASP C 858 -22.94 -7.15 30.13
C ASP C 858 -21.98 -5.99 29.98
N GLU C 859 -20.70 -6.32 29.82
CA GLU C 859 -19.65 -5.31 29.77
C GLU C 859 -19.75 -4.53 28.46
N LEU C 860 -20.25 -3.30 28.54
CA LEU C 860 -20.38 -2.41 27.40
C LEU C 860 -19.59 -1.13 27.65
N PRO C 861 -19.03 -0.51 26.61
CA PRO C 861 -18.36 0.77 26.81
C PRO C 861 -19.36 1.88 27.16
N ALA C 862 -18.82 2.96 27.72
CA ALA C 862 -19.65 4.04 28.24
C ALA C 862 -20.53 4.62 27.14
N GLY C 863 -21.76 4.96 27.51
CA GLY C 863 -22.67 5.57 26.56
C GLY C 863 -23.27 4.62 25.55
N VAL C 864 -23.17 3.32 25.78
CA VAL C 864 -23.72 2.30 24.88
C VAL C 864 -24.79 1.54 25.64
N ASN C 865 -25.98 1.46 25.05
CA ASN C 865 -27.11 0.78 25.67
C ASN C 865 -27.21 -0.68 25.24
N GLU C 866 -27.13 -0.95 23.95
CA GLU C 866 -27.37 -2.32 23.46
C GLU C 866 -26.52 -2.61 22.23
N LEU C 867 -25.69 -3.64 22.33
CA LEU C 867 -24.81 -4.05 21.23
C LEU C 867 -25.36 -5.31 20.58
N VAL C 868 -25.39 -5.34 19.25
CA VAL C 868 -25.85 -6.52 18.52
C VAL C 868 -24.97 -6.76 17.30
N ARG C 869 -24.63 -8.02 17.07
CA ARG C 869 -23.89 -8.46 15.90
C ARG C 869 -24.69 -9.53 15.18
N VAL C 870 -24.64 -9.50 13.86
CA VAL C 870 -25.32 -10.45 12.99
C VAL C 870 -24.28 -11.09 12.07
N TYR C 871 -24.38 -12.41 11.90
CA TYR C 871 -23.43 -13.16 11.10
C TYR C 871 -24.10 -13.59 9.81
N VAL C 872 -23.66 -13.04 8.69
CA VAL C 872 -24.17 -13.41 7.38
C VAL C 872 -23.20 -14.43 6.80
N ALA C 873 -23.71 -15.30 5.93
CA ALA C 873 -22.88 -16.34 5.35
C ALA C 873 -23.30 -16.60 3.92
N GLN C 874 -22.33 -16.98 3.10
CA GLN C 874 -22.55 -17.25 1.70
C GLN C 874 -21.73 -18.46 1.29
N LYS C 875 -22.17 -19.12 0.22
CA LYS C 875 -21.54 -20.30 -0.32
C LYS C 875 -20.97 -19.92 -1.69
N ARG C 876 -19.78 -19.35 -1.71
CA ARG C 876 -19.21 -18.85 -2.94
C ARG C 876 -18.70 -20.02 -3.77
N LYS C 877 -19.27 -20.19 -4.95
CA LYS C 877 -18.85 -21.18 -5.92
C LYS C 877 -17.75 -20.60 -6.80
N ILE C 878 -17.02 -21.49 -7.47
CA ILE C 878 -15.86 -21.05 -8.22
C ILE C 878 -16.31 -20.29 -9.45
N SER C 879 -15.81 -19.07 -9.61
CA SER C 879 -16.23 -18.16 -10.66
C SER C 879 -15.01 -17.65 -11.42
N ASP C 880 -15.18 -17.45 -12.73
CA ASP C 880 -14.09 -16.95 -13.56
C ASP C 880 -13.52 -15.67 -12.98
N GLY C 881 -12.19 -15.57 -12.95
CA GLY C 881 -11.49 -14.50 -12.31
C GLY C 881 -10.92 -14.85 -10.96
N ASP C 882 -11.43 -15.90 -10.33
CA ASP C 882 -10.83 -16.38 -9.09
C ASP C 882 -9.44 -16.95 -9.37
N LYS C 883 -8.66 -17.13 -8.32
CA LYS C 883 -7.27 -17.54 -8.42
C LYS C 883 -7.12 -18.99 -7.97
N LEU C 884 -6.56 -19.82 -8.84
CA LEU C 884 -6.25 -21.20 -8.54
C LEU C 884 -4.76 -21.40 -8.71
N ALA C 885 -4.20 -22.38 -7.98
CA ALA C 885 -2.77 -22.61 -8.10
C ALA C 885 -2.45 -24.06 -7.74
N GLY C 886 -1.41 -24.59 -8.38
CA GLY C 886 -0.86 -25.86 -8.00
C GLY C 886 0.08 -25.69 -6.82
N ARG C 887 0.74 -26.79 -6.47
CA ARG C 887 1.73 -26.79 -5.40
C ARG C 887 3.14 -26.52 -5.92
N HIS C 888 3.27 -25.79 -7.02
CA HIS C 888 4.58 -25.45 -7.58
C HIS C 888 4.68 -23.98 -7.94
N GLY C 889 3.82 -23.14 -7.38
CA GLY C 889 3.82 -21.74 -7.73
C GLY C 889 3.25 -21.42 -9.09
N ASN C 890 2.55 -22.38 -9.71
CA ASN C 890 1.97 -22.17 -11.03
C ASN C 890 0.58 -21.56 -10.89
N LYS C 891 0.54 -20.36 -10.30
CA LYS C 891 -0.72 -19.70 -10.04
C LYS C 891 -1.41 -19.32 -11.34
N GLY C 892 -2.64 -18.84 -11.22
CA GLY C 892 -3.36 -18.35 -12.38
C GLY C 892 -4.82 -18.07 -12.10
N VAL C 893 -5.36 -17.04 -12.75
CA VAL C 893 -6.79 -16.75 -12.67
C VAL C 893 -7.50 -17.67 -13.66
N ILE C 894 -8.83 -17.72 -13.56
CA ILE C 894 -9.63 -18.63 -14.36
C ILE C 894 -10.14 -17.84 -15.57
N GLY C 895 -9.66 -18.21 -16.75
CA GLY C 895 -10.07 -17.50 -17.96
C GLY C 895 -11.52 -17.72 -18.30
N LYS C 896 -12.02 -18.93 -18.10
CA LYS C 896 -13.36 -19.27 -18.55
C LYS C 896 -13.73 -20.65 -18.01
N ILE C 897 -15.02 -20.84 -17.75
CA ILE C 897 -15.57 -22.12 -17.32
C ILE C 897 -16.43 -22.63 -18.47
N LEU C 898 -15.90 -23.56 -19.26
CA LEU C 898 -16.64 -24.08 -20.39
C LEU C 898 -17.72 -25.05 -19.92
N PRO C 899 -18.76 -25.26 -20.72
CA PRO C 899 -19.65 -26.40 -20.50
C PRO C 899 -18.85 -27.70 -20.54
N VAL C 900 -19.44 -28.76 -19.99
CA VAL C 900 -18.71 -30.01 -19.89
C VAL C 900 -18.49 -30.66 -21.25
N GLU C 901 -19.35 -30.40 -22.23
CA GLU C 901 -19.21 -31.05 -23.53
C GLU C 901 -18.06 -30.47 -24.35
N ASP C 902 -17.91 -29.15 -24.36
CA ASP C 902 -16.80 -28.53 -25.12
C ASP C 902 -15.53 -28.54 -24.29
N MET C 903 -15.11 -29.76 -23.93
CA MET C 903 -13.86 -29.99 -23.24
C MET C 903 -13.13 -31.18 -23.86
N PRO C 904 -11.81 -31.10 -24.02
CA PRO C 904 -11.08 -32.27 -24.52
C PRO C 904 -11.30 -33.48 -23.63
N PHE C 905 -11.94 -34.52 -24.16
CA PHE C 905 -12.22 -35.72 -23.40
C PHE C 905 -11.40 -36.88 -23.96
N LEU C 906 -11.05 -37.81 -23.07
CA LEU C 906 -10.22 -38.94 -23.44
C LEU C 906 -10.99 -39.89 -24.35
N ALA C 907 -10.31 -40.94 -24.81
CA ALA C 907 -10.98 -41.97 -25.61
C ALA C 907 -12.05 -42.70 -24.82
N ASP C 908 -12.03 -42.60 -23.48
CA ASP C 908 -13.00 -43.26 -22.62
C ASP C 908 -14.19 -42.37 -22.28
N GLY C 909 -14.28 -41.18 -22.88
CA GLY C 909 -15.37 -40.27 -22.61
C GLY C 909 -15.23 -39.45 -21.36
N THR C 910 -14.12 -39.56 -20.64
CA THR C 910 -13.93 -38.80 -19.40
C THR C 910 -13.38 -37.43 -19.76
N PRO C 911 -14.12 -36.34 -19.53
CA PRO C 911 -13.57 -35.01 -19.83
C PRO C 911 -12.44 -34.65 -18.89
N VAL C 912 -11.46 -33.92 -19.42
CA VAL C 912 -10.48 -33.29 -18.54
C VAL C 912 -11.16 -32.18 -17.75
N ASP C 913 -10.61 -31.87 -16.58
CA ASP C 913 -11.24 -30.93 -15.68
C ASP C 913 -10.62 -29.55 -15.74
N ILE C 914 -9.29 -29.44 -15.86
CA ILE C 914 -8.66 -28.15 -16.06
C ILE C 914 -7.60 -28.27 -17.15
N ILE C 915 -7.34 -27.15 -17.82
CA ILE C 915 -6.36 -27.11 -18.90
C ILE C 915 -5.37 -26.00 -18.60
N LEU C 916 -4.15 -26.37 -18.24
CA LEU C 916 -3.06 -25.42 -18.06
C LEU C 916 -2.45 -25.06 -19.42
N ASN C 917 -1.52 -24.11 -19.39
CA ASN C 917 -0.82 -23.65 -20.58
C ASN C 917 0.58 -24.24 -20.63
N THR C 918 1.02 -24.63 -21.83
CA THR C 918 2.35 -25.19 -21.99
C THR C 918 3.43 -24.14 -21.81
N HIS C 919 3.24 -22.96 -22.40
CA HIS C 919 4.31 -21.97 -22.49
C HIS C 919 4.80 -21.52 -21.12
N GLY C 920 4.01 -21.70 -20.07
CA GLY C 920 4.44 -21.31 -18.74
C GLY C 920 5.38 -22.29 -18.06
N VAL C 921 5.49 -23.51 -18.56
CA VAL C 921 6.27 -24.55 -17.88
C VAL C 921 7.77 -24.37 -18.12
N PRO C 922 8.24 -24.32 -19.37
CA PRO C 922 9.70 -24.38 -19.58
C PRO C 922 10.42 -23.16 -19.05
N ARG C 923 9.91 -21.96 -19.30
CA ARG C 923 10.62 -20.74 -18.93
C ARG C 923 10.53 -20.43 -17.45
N ARG C 924 9.68 -21.14 -16.70
CA ARG C 924 9.58 -20.93 -15.26
C ARG C 924 10.27 -22.01 -14.45
N MET C 925 10.75 -23.08 -15.09
CA MET C 925 11.65 -24.03 -14.45
C MET C 925 10.99 -24.68 -13.23
N ASN C 926 9.77 -25.16 -13.41
CA ASN C 926 9.02 -25.79 -12.33
C ASN C 926 8.35 -27.06 -12.84
N ILE C 927 9.12 -27.91 -13.52
CA ILE C 927 8.57 -29.14 -14.11
C ILE C 927 8.14 -30.10 -13.01
N GLY C 928 8.40 -29.73 -11.75
CA GLY C 928 7.78 -30.44 -10.64
C GLY C 928 6.31 -30.69 -10.86
N GLN C 929 5.62 -29.73 -11.48
CA GLN C 929 4.20 -29.93 -11.80
C GLN C 929 4.02 -31.06 -12.82
N ILE C 930 4.92 -31.15 -13.80
CA ILE C 930 4.80 -32.21 -14.80
C ILE C 930 5.03 -33.57 -14.17
N LEU C 931 6.07 -33.68 -13.34
CA LEU C 931 6.34 -34.95 -12.66
C LEU C 931 5.18 -35.30 -11.72
N GLU C 932 4.64 -34.30 -11.03
CA GLU C 932 3.48 -34.53 -10.17
C GLU C 932 2.29 -35.03 -10.97
N THR C 933 2.08 -34.45 -12.16
CA THR C 933 0.99 -34.89 -13.02
C THR C 933 1.15 -36.35 -13.41
N HIS C 934 2.36 -36.73 -13.84
CA HIS C 934 2.60 -38.10 -14.26
C HIS C 934 2.40 -39.07 -13.09
N LEU C 935 3.00 -38.75 -11.94
CA LEU C 935 2.88 -39.63 -10.79
C LEU C 935 1.44 -39.69 -10.29
N GLY C 936 0.69 -38.59 -10.41
CA GLY C 936 -0.70 -38.59 -10.03
C GLY C 936 -1.54 -39.50 -10.92
N TRP C 937 -1.29 -39.46 -12.22
CA TRP C 937 -1.98 -40.41 -13.10
C TRP C 937 -1.63 -41.84 -12.74
N CYS C 938 -0.35 -42.10 -12.46
CA CYS C 938 0.05 -43.45 -12.05
C CYS C 938 -0.70 -43.89 -10.80
N ALA C 939 -0.75 -43.03 -9.78
CA ALA C 939 -1.45 -43.37 -8.55
C ALA C 939 -2.94 -43.56 -8.79
N HIS C 940 -3.55 -42.73 -9.65
CA HIS C 940 -4.98 -42.84 -9.90
C HIS C 940 -5.32 -44.16 -10.56
N SER C 941 -4.58 -44.53 -11.61
CA SER C 941 -4.90 -45.76 -12.33
C SER C 941 -4.50 -47.00 -11.55
N GLY C 942 -3.43 -46.93 -10.77
CA GLY C 942 -2.91 -48.12 -10.10
C GLY C 942 -1.98 -48.88 -11.03
N TRP C 943 -0.90 -49.43 -10.49
CA TRP C 943 0.12 -50.08 -11.29
C TRP C 943 0.32 -51.52 -10.81
N LYS C 944 1.06 -52.28 -11.62
CA LYS C 944 1.53 -53.60 -11.20
C LYS C 944 2.80 -53.90 -11.98
N VAL C 945 3.95 -53.70 -11.33
CA VAL C 945 5.22 -54.09 -11.92
C VAL C 945 5.28 -55.60 -11.95
N ASP C 946 5.15 -56.19 -13.14
CA ASP C 946 5.11 -57.64 -13.26
C ASP C 946 6.50 -58.22 -13.05
N ALA C 947 6.83 -58.55 -11.79
CA ALA C 947 8.12 -59.13 -11.45
C ALA C 947 8.09 -60.65 -11.67
N ALA C 948 7.68 -61.04 -12.87
CA ALA C 948 7.58 -62.46 -13.20
C ALA C 948 8.94 -63.13 -13.18
N LYS C 949 9.94 -62.49 -13.79
CA LYS C 949 11.31 -62.98 -13.81
C LYS C 949 12.16 -62.04 -12.96
N GLY C 950 12.16 -62.27 -11.66
CA GLY C 950 12.85 -61.31 -10.81
C GLY C 950 12.21 -59.94 -10.91
N VAL C 951 13.00 -58.93 -10.56
CA VAL C 951 12.52 -57.54 -10.52
C VAL C 951 13.13 -56.78 -11.69
N PRO C 952 12.38 -55.90 -12.36
CA PRO C 952 13.00 -55.09 -13.41
C PRO C 952 14.12 -54.22 -12.88
N ASP C 953 14.94 -53.72 -13.79
CA ASP C 953 16.13 -52.96 -13.41
C ASP C 953 15.76 -51.72 -12.60
N TRP C 954 14.78 -50.94 -13.07
CA TRP C 954 14.45 -49.69 -12.40
C TRP C 954 13.92 -49.93 -10.99
N ALA C 955 13.21 -51.04 -10.78
CA ALA C 955 12.47 -51.29 -9.55
C ALA C 955 13.30 -51.99 -8.49
N ALA C 956 14.60 -52.19 -8.73
CA ALA C 956 15.42 -52.94 -7.80
C ALA C 956 15.41 -52.33 -6.41
N ARG C 957 15.58 -51.01 -6.32
CA ARG C 957 15.66 -50.31 -5.05
C ARG C 957 14.34 -49.64 -4.66
N LEU C 958 13.23 -50.03 -5.29
CA LEU C 958 11.93 -49.61 -4.79
C LEU C 958 11.62 -50.35 -3.50
N PRO C 959 10.92 -49.72 -2.56
CA PRO C 959 10.44 -50.46 -1.39
C PRO C 959 9.43 -51.52 -1.78
N ASP C 960 9.32 -52.52 -0.92
CA ASP C 960 8.29 -53.54 -1.08
C ASP C 960 6.91 -52.88 -1.06
N GLU C 961 5.89 -53.68 -1.41
CA GLU C 961 4.51 -53.24 -1.58
C GLU C 961 4.43 -51.90 -2.33
N LEU C 962 5.34 -51.71 -3.28
CA LEU C 962 5.18 -50.71 -4.33
C LEU C 962 5.20 -51.35 -5.70
N LEU C 963 5.43 -52.66 -5.77
CA LEU C 963 5.44 -53.40 -7.02
C LEU C 963 4.05 -53.50 -7.63
N GLU C 964 3.01 -53.17 -6.86
CA GLU C 964 1.65 -53.07 -7.37
C GLU C 964 0.89 -52.10 -6.48
N ALA C 965 -0.19 -51.56 -7.01
CA ALA C 965 -1.00 -50.59 -6.29
C ALA C 965 -2.42 -50.62 -6.82
N GLN C 966 -3.33 -50.10 -6.03
CA GLN C 966 -4.75 -50.09 -6.34
C GLN C 966 -5.16 -48.74 -6.92
N PRO C 967 -6.26 -48.69 -7.67
CA PRO C 967 -6.72 -47.41 -8.19
C PRO C 967 -7.05 -46.45 -7.06
N ASN C 968 -6.78 -45.17 -7.27
CA ASN C 968 -6.98 -44.14 -6.27
C ASN C 968 -6.19 -44.44 -4.99
N ALA C 969 -5.03 -45.07 -5.13
CA ALA C 969 -4.16 -45.36 -4.00
C ALA C 969 -3.27 -44.17 -3.73
N ILE C 970 -3.20 -43.77 -2.46
CA ILE C 970 -2.43 -42.60 -2.06
C ILE C 970 -0.96 -42.95 -2.02
N VAL C 971 -0.11 -41.99 -2.40
CA VAL C 971 1.34 -42.19 -2.43
C VAL C 971 2.02 -40.91 -1.94
N SER C 972 3.25 -41.09 -1.46
CA SER C 972 4.03 -39.98 -0.93
C SER C 972 5.46 -40.07 -1.42
N THR C 973 6.01 -38.93 -1.80
CA THR C 973 7.43 -38.79 -2.10
C THR C 973 8.02 -37.72 -1.20
N PRO C 974 8.73 -38.08 -0.11
CA PRO C 974 9.48 -37.07 0.64
C PRO C 974 10.29 -36.17 -0.29
N VAL C 975 10.58 -34.95 0.16
CA VAL C 975 10.95 -33.89 -0.77
C VAL C 975 12.28 -34.20 -1.46
N PHE C 976 13.33 -34.49 -0.70
CA PHE C 976 14.66 -34.63 -1.27
C PHE C 976 15.11 -36.08 -1.43
N ASP C 977 14.27 -37.04 -1.07
CA ASP C 977 14.51 -38.45 -1.38
C ASP C 977 13.18 -39.01 -1.88
N GLY C 978 12.95 -38.88 -3.18
CA GLY C 978 11.64 -39.18 -3.75
C GLY C 978 11.68 -39.93 -5.05
N ALA C 979 10.60 -39.84 -5.82
CA ALA C 979 10.48 -40.59 -7.07
C ALA C 979 11.61 -40.23 -8.02
N GLN C 980 12.39 -41.22 -8.41
CA GLN C 980 13.40 -41.00 -9.42
C GLN C 980 12.76 -41.00 -10.82
N GLU C 981 13.46 -40.39 -11.76
CA GLU C 981 12.93 -40.29 -13.13
C GLU C 981 12.79 -41.67 -13.76
N ALA C 982 13.80 -42.52 -13.56
CA ALA C 982 13.70 -43.90 -14.07
C ALA C 982 12.54 -44.62 -13.43
N GLU C 983 12.34 -44.44 -12.13
CA GLU C 983 11.22 -45.09 -11.45
C GLU C 983 9.89 -44.61 -12.01
N LEU C 984 9.78 -43.32 -12.31
CA LEU C 984 8.56 -42.78 -12.88
C LEU C 984 8.30 -43.35 -14.27
N GLN C 985 9.34 -43.44 -15.10
CA GLN C 985 9.18 -44.08 -16.41
C GLN C 985 8.70 -45.51 -16.23
N GLY C 986 9.31 -46.24 -15.29
CA GLY C 986 8.93 -47.62 -15.07
C GLY C 986 7.49 -47.76 -14.63
N LEU C 987 7.05 -46.91 -13.70
CA LEU C 987 5.67 -46.98 -13.24
C LEU C 987 4.70 -46.63 -14.36
N LEU C 988 4.99 -45.58 -15.12
CA LEU C 988 4.12 -45.21 -16.24
C LEU C 988 4.06 -46.31 -17.28
N SER C 989 5.11 -47.14 -17.39
CA SER C 989 5.11 -48.19 -18.39
C SER C 989 3.93 -49.15 -18.20
N CYS C 990 3.66 -49.55 -16.96
CA CYS C 990 2.56 -50.47 -16.64
C CYS C 990 1.59 -49.75 -15.71
N THR C 991 0.38 -49.48 -16.22
CA THR C 991 -0.58 -48.58 -15.58
C THR C 991 -1.99 -49.17 -15.72
N LEU C 992 -2.19 -50.40 -15.20
CA LEU C 992 -3.24 -51.33 -15.59
C LEU C 992 -4.57 -50.68 -15.97
N PRO C 993 -5.29 -51.24 -16.94
CA PRO C 993 -6.37 -50.48 -17.58
C PRO C 993 -7.56 -50.24 -16.67
N ASN C 994 -8.36 -49.24 -17.04
CA ASN C 994 -9.47 -48.79 -16.21
C ASN C 994 -10.56 -49.83 -16.01
N ARG C 995 -11.33 -50.15 -17.07
CA ARG C 995 -12.40 -51.15 -16.98
C ARG C 995 -12.37 -52.14 -18.13
N ASP C 996 -12.11 -51.67 -19.35
CA ASP C 996 -11.89 -52.53 -20.51
C ASP C 996 -10.39 -52.67 -20.70
N GLY C 997 -9.97 -53.23 -21.83
CA GLY C 997 -8.56 -53.20 -22.13
C GLY C 997 -8.22 -51.92 -22.85
N ASP C 998 -7.89 -50.88 -22.08
CA ASP C 998 -7.59 -49.55 -22.61
C ASP C 998 -6.51 -48.95 -21.71
N VAL C 999 -5.27 -48.96 -22.19
CA VAL C 999 -4.19 -48.23 -21.53
C VAL C 999 -4.22 -46.82 -22.12
N LEU C 1000 -4.98 -45.94 -21.48
CA LEU C 1000 -5.26 -44.62 -22.06
C LEU C 1000 -3.99 -43.80 -22.20
N VAL C 1001 -3.09 -43.88 -21.22
CA VAL C 1001 -1.84 -43.12 -21.22
C VAL C 1001 -0.71 -44.09 -21.52
N ASP C 1002 0.03 -43.82 -22.60
CA ASP C 1002 1.11 -44.71 -23.01
C ASP C 1002 2.34 -44.48 -22.12
N ALA C 1003 3.41 -45.22 -22.43
CA ALA C 1003 4.63 -45.11 -21.64
C ALA C 1003 5.16 -43.68 -21.60
N ASP C 1004 4.99 -42.93 -22.69
CA ASP C 1004 5.49 -41.56 -22.72
C ASP C 1004 4.82 -40.70 -21.66
N GLY C 1005 3.57 -40.99 -21.33
CA GLY C 1005 2.80 -40.20 -20.39
C GLY C 1005 1.79 -39.28 -21.02
N LYS C 1006 1.50 -39.43 -22.30
CA LYS C 1006 0.51 -38.63 -23.01
C LYS C 1006 -0.63 -39.53 -23.48
N ALA C 1007 -1.66 -38.90 -24.05
CA ALA C 1007 -2.84 -39.63 -24.49
C ALA C 1007 -3.48 -38.87 -25.64
N MET C 1008 -4.24 -39.61 -26.45
CA MET C 1008 -4.94 -39.03 -27.58
C MET C 1008 -6.24 -38.39 -27.08
N LEU C 1009 -6.32 -37.06 -27.16
CA LEU C 1009 -7.52 -36.34 -26.77
C LEU C 1009 -8.39 -36.07 -27.97
N PHE C 1010 -9.71 -36.12 -27.77
CA PHE C 1010 -10.68 -35.71 -28.77
C PHE C 1010 -11.16 -34.31 -28.43
N ASP C 1011 -11.14 -33.41 -29.42
CA ASP C 1011 -11.66 -32.06 -29.20
C ASP C 1011 -13.15 -32.15 -28.95
N GLY C 1012 -13.59 -31.73 -27.77
CA GLY C 1012 -15.00 -31.76 -27.47
C GLY C 1012 -15.82 -30.78 -28.28
N ARG C 1013 -15.18 -29.72 -28.77
CA ARG C 1013 -15.91 -28.68 -29.49
C ARG C 1013 -16.11 -29.05 -30.95
N SER C 1014 -15.03 -29.18 -31.72
CA SER C 1014 -15.16 -29.52 -33.13
C SER C 1014 -15.48 -31.01 -33.29
N GLY C 1015 -14.61 -31.88 -32.77
CA GLY C 1015 -14.86 -33.31 -32.80
C GLY C 1015 -13.66 -34.13 -33.22
N GLU C 1016 -12.82 -33.59 -34.10
CA GLU C 1016 -11.71 -34.36 -34.63
C GLU C 1016 -10.69 -34.64 -33.53
N PRO C 1017 -9.98 -35.76 -33.60
CA PRO C 1017 -8.89 -35.99 -32.65
C PRO C 1017 -7.76 -35.00 -32.86
N PHE C 1018 -7.08 -34.66 -31.77
CA PHE C 1018 -5.92 -33.79 -31.88
C PHE C 1018 -4.78 -34.54 -32.58
N PRO C 1019 -4.05 -33.90 -33.49
CA PRO C 1019 -3.07 -34.63 -34.29
C PRO C 1019 -1.86 -35.10 -33.50
N TYR C 1020 -1.69 -34.67 -32.26
CA TYR C 1020 -0.54 -35.06 -31.46
C TYR C 1020 -0.99 -35.45 -30.06
N PRO C 1021 -0.39 -36.48 -29.46
CA PRO C 1021 -0.77 -36.85 -28.09
C PRO C 1021 -0.45 -35.73 -27.12
N VAL C 1022 -1.27 -35.63 -26.07
CA VAL C 1022 -1.22 -34.52 -25.13
C VAL C 1022 -1.05 -35.07 -23.73
N THR C 1023 -0.25 -34.39 -22.92
CA THR C 1023 -0.05 -34.83 -21.54
C THR C 1023 -1.33 -34.66 -20.75
N VAL C 1024 -1.69 -35.70 -19.98
CA VAL C 1024 -2.83 -35.66 -19.08
C VAL C 1024 -2.42 -36.33 -17.78
N GLY C 1025 -3.05 -35.90 -16.69
CA GLY C 1025 -2.82 -36.58 -15.43
C GLY C 1025 -3.73 -36.06 -14.35
N TYR C 1026 -3.42 -36.46 -13.12
CA TYR C 1026 -4.12 -35.97 -11.94
C TYR C 1026 -3.19 -35.05 -11.17
N MET C 1027 -3.59 -33.79 -11.02
CA MET C 1027 -2.80 -32.80 -10.32
C MET C 1027 -3.61 -32.25 -9.17
N TYR C 1028 -2.94 -31.99 -8.05
CA TYR C 1028 -3.58 -31.45 -6.86
C TYR C 1028 -3.48 -29.93 -6.91
N ILE C 1029 -4.63 -29.26 -6.90
CA ILE C 1029 -4.66 -27.80 -6.98
C ILE C 1029 -5.52 -27.24 -5.86
N MET C 1030 -5.25 -25.98 -5.52
CA MET C 1030 -5.87 -25.31 -4.40
C MET C 1030 -6.50 -24.01 -4.89
N LYS C 1031 -7.59 -23.64 -4.21
CA LYS C 1031 -8.30 -22.40 -4.48
C LYS C 1031 -7.75 -21.31 -3.57
N LEU C 1032 -7.23 -20.25 -4.16
CA LEU C 1032 -6.57 -19.20 -3.39
C LEU C 1032 -7.59 -18.18 -2.88
N HIS C 1033 -7.19 -17.42 -1.86
CA HIS C 1033 -8.06 -16.44 -1.23
C HIS C 1033 -7.88 -15.05 -1.86
N HIS C 1034 -8.17 -14.99 -3.16
CA HIS C 1034 -8.14 -13.74 -3.91
C HIS C 1034 -9.36 -13.66 -4.81
N LEU C 1035 -10.52 -13.90 -4.23
CA LEU C 1035 -11.73 -14.17 -4.98
C LEU C 1035 -12.33 -12.89 -5.56
N VAL C 1036 -12.94 -13.02 -6.73
CA VAL C 1036 -13.39 -11.84 -7.48
C VAL C 1036 -14.36 -11.02 -6.66
N ASP C 1037 -15.26 -11.68 -5.92
CA ASP C 1037 -16.26 -10.96 -5.16
C ASP C 1037 -15.63 -10.03 -4.14
N ASP C 1038 -14.43 -10.37 -3.65
CA ASP C 1038 -13.75 -9.55 -2.66
C ASP C 1038 -12.92 -8.43 -3.30
N LYS C 1039 -12.89 -8.36 -4.63
CA LYS C 1039 -12.08 -7.38 -5.35
C LYS C 1039 -12.89 -6.44 -6.22
N ILE C 1040 -13.88 -6.93 -6.97
CA ILE C 1040 -14.63 -6.07 -7.86
C ILE C 1040 -15.15 -4.88 -7.09
N HIS C 1041 -15.00 -3.70 -7.67
CA HIS C 1041 -15.43 -2.49 -6.97
C HIS C 1041 -15.76 -1.41 -7.98
N ALA C 1042 -16.70 -0.54 -7.61
CA ALA C 1042 -17.13 0.54 -8.48
C ALA C 1042 -17.64 1.69 -7.62
N ARG C 1043 -17.70 2.87 -8.24
CA ARG C 1043 -18.25 4.05 -7.58
C ARG C 1043 -18.72 5.04 -8.64
N SER C 1044 -19.97 5.48 -8.54
CA SER C 1044 -20.49 6.59 -9.31
C SER C 1044 -20.52 7.89 -8.51
N THR C 1045 -21.01 7.83 -7.28
CA THR C 1045 -20.89 8.94 -6.35
C THR C 1045 -21.18 8.43 -4.93
N GLY C 1046 -20.21 8.58 -4.03
CA GLY C 1046 -20.32 8.05 -2.70
C GLY C 1046 -19.78 9.00 -1.65
N PRO C 1047 -19.14 8.48 -0.61
CA PRO C 1047 -18.66 9.34 0.47
C PRO C 1047 -17.50 10.21 0.03
N TYR C 1048 -17.19 11.22 0.85
CA TYR C 1048 -16.16 12.19 0.55
C TYR C 1048 -15.28 12.44 1.77
N SER C 1049 -14.04 12.84 1.51
CA SER C 1049 -13.09 13.11 2.56
C SER C 1049 -13.46 14.41 3.29
N MET C 1050 -12.80 14.64 4.43
CA MET C 1050 -13.18 15.72 5.35
C MET C 1050 -12.43 17.03 5.11
N ILE C 1051 -11.11 17.01 5.33
CA ILE C 1051 -10.33 18.24 5.21
C ILE C 1051 -10.18 18.59 3.74
N THR C 1052 -9.75 17.62 2.94
CA THR C 1052 -9.84 17.70 1.50
C THR C 1052 -11.15 17.07 1.04
N GLN C 1053 -11.71 17.62 -0.04
CA GLN C 1053 -13.01 17.18 -0.54
C GLN C 1053 -12.88 16.11 -1.62
N GLN C 1054 -11.82 15.32 -1.57
CA GLN C 1054 -11.64 14.25 -2.53
C GLN C 1054 -12.58 13.09 -2.20
N PRO C 1055 -12.89 12.24 -3.18
CA PRO C 1055 -13.61 11.01 -2.86
C PRO C 1055 -12.80 10.15 -1.92
N LEU C 1056 -13.51 9.33 -1.14
CA LEU C 1056 -12.89 8.53 -0.11
C LEU C 1056 -12.09 7.41 -0.78
N GLY C 1057 -11.50 6.53 0.03
CA GLY C 1057 -10.71 5.43 -0.49
C GLY C 1057 -10.97 4.12 0.23
N GLY C 1058 -10.87 3.01 -0.47
CA GLY C 1058 -11.06 1.71 0.11
C GLY C 1058 -12.39 1.07 -0.30
N LYS C 1059 -12.37 -0.24 -0.48
CA LYS C 1059 -13.60 -0.97 -0.76
C LYS C 1059 -14.48 -1.08 0.48
N ALA C 1060 -13.90 -0.96 1.67
CA ALA C 1060 -14.71 -0.85 2.88
C ALA C 1060 -15.71 0.29 2.73
N GLN C 1061 -15.26 1.38 2.13
CA GLN C 1061 -16.12 2.48 1.70
C GLN C 1061 -16.35 2.28 0.20
N PHE C 1062 -16.94 3.26 -0.48
CA PHE C 1062 -16.94 3.19 -1.94
C PHE C 1062 -15.60 3.68 -2.47
N GLY C 1063 -15.32 4.97 -2.29
CA GLY C 1063 -14.08 5.52 -2.78
C GLY C 1063 -13.91 5.36 -4.28
N GLY C 1064 -12.85 5.96 -4.81
CA GLY C 1064 -12.48 5.80 -6.20
C GLY C 1064 -11.02 5.37 -6.31
N GLN C 1065 -10.57 5.23 -7.55
CA GLN C 1065 -9.22 4.78 -7.79
C GLN C 1065 -8.27 5.97 -7.90
N ARG C 1066 -7.16 5.92 -7.17
CA ARG C 1066 -6.19 7.00 -7.17
C ARG C 1066 -5.58 7.13 -8.56
N PHE C 1067 -5.97 8.16 -9.29
CA PHE C 1067 -5.42 8.44 -10.61
C PHE C 1067 -4.11 9.18 -10.39
N GLY C 1068 -3.05 8.41 -10.14
CA GLY C 1068 -1.81 8.93 -9.61
C GLY C 1068 -0.94 9.66 -10.63
N GLU C 1069 0.23 10.09 -10.14
CA GLU C 1069 1.08 10.99 -10.90
C GLU C 1069 1.55 10.36 -12.21
N MET C 1070 1.91 9.08 -12.20
CA MET C 1070 2.33 8.46 -13.46
C MET C 1070 1.18 8.40 -14.45
N GLU C 1071 -0.03 8.16 -13.96
CA GLU C 1071 -1.19 8.18 -14.83
C GLU C 1071 -1.40 9.57 -15.41
N CYS C 1072 -1.20 10.60 -14.60
CA CYS C 1072 -1.22 11.97 -15.10
C CYS C 1072 -0.22 12.13 -16.23
N TRP C 1073 0.99 11.61 -16.03
CA TRP C 1073 2.02 11.70 -17.07
C TRP C 1073 1.59 11.00 -18.34
N ALA C 1074 1.01 9.82 -18.22
CA ALA C 1074 0.51 9.11 -19.40
C ALA C 1074 -0.49 9.99 -20.15
N MET C 1075 -1.41 10.61 -19.41
CA MET C 1075 -2.40 11.45 -20.06
C MET C 1075 -1.76 12.65 -20.76
N GLN C 1076 -0.82 13.32 -20.09
CA GLN C 1076 -0.15 14.45 -20.72
C GLN C 1076 0.57 14.03 -21.98
N ALA C 1077 1.28 12.91 -21.93
CA ALA C 1077 1.97 12.42 -23.12
C ALA C 1077 0.99 12.19 -24.25
N TYR C 1078 -0.18 11.64 -23.96
CA TYR C 1078 -1.21 11.55 -24.99
C TYR C 1078 -1.67 12.93 -25.44
N GLY C 1079 -1.62 13.92 -24.56
CA GLY C 1079 -2.12 15.24 -24.84
C GLY C 1079 -3.60 15.44 -24.54
N ALA C 1080 -4.22 14.54 -23.77
CA ALA C 1080 -5.65 14.59 -23.52
C ALA C 1080 -5.94 15.57 -22.39
N ALA C 1081 -5.80 16.86 -22.71
CA ALA C 1081 -5.93 17.91 -21.72
C ALA C 1081 -7.33 17.97 -21.11
N TYR C 1082 -8.37 17.82 -21.94
CA TYR C 1082 -9.73 17.91 -21.40
C TYR C 1082 -10.03 16.78 -20.44
N THR C 1083 -9.59 15.56 -20.76
CA THR C 1083 -9.82 14.45 -19.84
C THR C 1083 -9.02 14.64 -18.55
N LEU C 1084 -7.80 15.18 -18.66
CA LEU C 1084 -7.06 15.50 -17.44
C LEU C 1084 -7.84 16.49 -16.58
N GLN C 1085 -8.33 17.56 -17.20
CA GLN C 1085 -9.10 18.56 -16.48
C GLN C 1085 -10.30 17.92 -15.79
N GLU C 1086 -11.03 17.09 -16.53
CA GLU C 1086 -12.20 16.41 -15.97
C GLU C 1086 -11.81 15.57 -14.77
N LEU C 1087 -10.77 14.77 -14.90
CA LEU C 1087 -10.40 13.85 -13.82
C LEU C 1087 -9.87 14.58 -12.59
N LEU C 1088 -9.30 15.78 -12.74
CA LEU C 1088 -8.71 16.47 -11.61
C LEU C 1088 -9.54 17.61 -11.06
N THR C 1089 -10.62 18.00 -11.72
CA THR C 1089 -11.47 19.09 -11.23
C THR C 1089 -12.88 18.64 -10.87
N ILE C 1090 -13.63 18.09 -11.83
CA ILE C 1090 -15.06 17.88 -11.65
C ILE C 1090 -15.41 16.42 -11.37
N LYS C 1091 -14.40 15.61 -11.04
CA LYS C 1091 -14.64 14.27 -10.52
C LYS C 1091 -14.08 14.07 -9.12
N SER C 1092 -13.22 14.96 -8.65
CA SER C 1092 -12.56 14.81 -7.35
C SER C 1092 -12.85 15.95 -6.40
N ASP C 1093 -12.70 17.21 -6.84
CA ASP C 1093 -12.58 18.31 -5.89
C ASP C 1093 -13.43 19.54 -6.20
N ASP C 1094 -13.92 19.72 -7.43
CA ASP C 1094 -14.73 20.92 -7.69
C ASP C 1094 -16.06 20.76 -6.95
N THR C 1095 -16.12 21.29 -5.73
CA THR C 1095 -17.24 20.99 -4.84
C THR C 1095 -18.56 21.47 -5.43
N VAL C 1096 -18.58 22.67 -5.99
CA VAL C 1096 -19.79 23.17 -6.64
C VAL C 1096 -19.96 22.64 -8.05
N GLY C 1097 -18.90 22.04 -8.62
CA GLY C 1097 -18.99 21.50 -9.96
C GLY C 1097 -19.54 20.09 -10.02
N ARG C 1098 -19.35 19.31 -8.96
CA ARG C 1098 -19.81 17.92 -8.98
C ARG C 1098 -21.33 17.85 -9.09
N VAL C 1099 -22.04 18.62 -8.25
CA VAL C 1099 -23.49 18.57 -8.27
C VAL C 1099 -24.03 19.13 -9.59
N LYS C 1100 -23.37 20.15 -10.13
CA LYS C 1100 -23.78 20.67 -11.43
C LYS C 1100 -23.60 19.63 -12.53
N VAL C 1101 -22.49 18.88 -12.49
CA VAL C 1101 -22.27 17.83 -13.46
C VAL C 1101 -23.35 16.76 -13.35
N TYR C 1102 -23.68 16.37 -12.12
CA TYR C 1102 -24.72 15.37 -11.92
C TYR C 1102 -26.06 15.87 -12.44
N GLU C 1103 -26.39 17.14 -12.15
CA GLU C 1103 -27.63 17.72 -12.64
C GLU C 1103 -27.67 17.69 -14.16
N ALA C 1104 -26.57 18.10 -14.80
CA ALA C 1104 -26.54 18.10 -16.26
C ALA C 1104 -26.68 16.70 -16.82
N ILE C 1105 -26.05 15.72 -16.17
CA ILE C 1105 -26.11 14.36 -16.68
C ILE C 1105 -27.54 13.83 -16.60
N VAL C 1106 -28.25 14.10 -15.50
CA VAL C 1106 -29.61 13.60 -15.37
C VAL C 1106 -30.55 14.35 -16.32
N LYS C 1107 -30.38 15.67 -16.44
CA LYS C 1107 -31.26 16.45 -17.30
C LYS C 1107 -30.93 16.28 -18.78
N GLY C 1108 -29.81 15.65 -19.11
CA GLY C 1108 -29.41 15.50 -20.50
C GLY C 1108 -28.72 16.70 -21.10
N GLU C 1109 -28.33 17.68 -20.28
CA GLU C 1109 -27.68 18.88 -20.76
C GLU C 1109 -26.21 18.59 -21.01
N ASN C 1110 -25.43 19.64 -21.26
CA ASN C 1110 -23.98 19.52 -21.44
C ASN C 1110 -23.26 19.59 -20.11
N ILE C 1111 -22.06 19.03 -20.08
CA ILE C 1111 -21.24 19.11 -18.88
C ILE C 1111 -20.69 20.54 -18.74
N PRO C 1112 -20.67 21.12 -17.55
CA PRO C 1112 -20.21 22.50 -17.43
C PRO C 1112 -18.70 22.59 -17.38
N GLU C 1113 -18.20 23.80 -17.53
CA GLU C 1113 -16.75 23.99 -17.50
C GLU C 1113 -16.25 23.87 -16.06
N PRO C 1114 -15.13 23.16 -15.84
CA PRO C 1114 -14.60 23.05 -14.47
C PRO C 1114 -14.35 24.41 -13.83
N GLY C 1115 -14.39 24.41 -12.50
CA GLY C 1115 -14.09 25.61 -11.73
C GLY C 1115 -12.63 25.66 -11.33
N ILE C 1116 -12.37 25.55 -10.03
CA ILE C 1116 -11.00 25.52 -9.51
C ILE C 1116 -10.89 24.34 -8.56
N PRO C 1117 -9.79 23.59 -8.56
CA PRO C 1117 -9.66 22.48 -7.61
C PRO C 1117 -9.68 22.97 -6.17
N GLU C 1118 -10.12 22.08 -5.27
CA GLU C 1118 -10.27 22.42 -3.87
C GLU C 1118 -8.93 22.37 -3.14
N SER C 1119 -8.07 21.40 -3.48
CA SER C 1119 -6.75 21.37 -2.88
C SER C 1119 -5.96 22.62 -3.23
N PHE C 1120 -6.19 23.18 -4.42
CA PHE C 1120 -5.52 24.42 -4.80
C PHE C 1120 -5.96 25.58 -3.92
N LYS C 1121 -7.27 25.69 -3.65
CA LYS C 1121 -7.74 26.74 -2.76
C LYS C 1121 -7.25 26.55 -1.33
N VAL C 1122 -7.21 25.29 -0.87
CA VAL C 1122 -6.61 25.01 0.42
C VAL C 1122 -5.16 25.49 0.44
N LEU C 1123 -4.40 25.17 -0.60
CA LEU C 1123 -3.02 25.61 -0.69
C LEU C 1123 -2.93 27.13 -0.60
N LEU C 1124 -3.79 27.83 -1.35
CA LEU C 1124 -3.79 29.29 -1.31
C LEU C 1124 -4.01 29.78 0.11
N LYS C 1125 -4.97 29.18 0.81
CA LYS C 1125 -5.30 29.66 2.15
C LYS C 1125 -4.16 29.40 3.13
N GLU C 1126 -3.47 28.26 3.01
CA GLU C 1126 -2.31 28.05 3.89
C GLU C 1126 -1.20 29.04 3.57
N LEU C 1127 -0.93 29.30 2.28
CA LEU C 1127 0.12 30.26 1.95
C LEU C 1127 -0.21 31.64 2.49
N GLN C 1128 -1.46 32.08 2.35
CA GLN C 1128 -1.85 33.36 2.93
C GLN C 1128 -1.82 33.33 4.46
N SER C 1129 -2.06 32.17 5.07
CA SER C 1129 -1.87 32.04 6.51
C SER C 1129 -0.41 32.15 6.91
N LEU C 1130 0.50 31.84 5.99
CA LEU C 1130 1.93 31.97 6.22
C LEU C 1130 2.44 33.38 5.96
N CYS C 1131 1.54 34.36 5.84
CA CYS C 1131 1.92 35.73 5.54
C CYS C 1131 2.68 35.82 4.22
N LEU C 1132 2.23 35.04 3.24
CA LEU C 1132 2.75 35.10 1.87
C LEU C 1132 1.62 35.59 0.97
N ASN C 1133 1.78 36.78 0.42
CA ASN C 1133 0.74 37.37 -0.41
C ASN C 1133 0.71 36.69 -1.78
N VAL C 1134 -0.08 35.63 -1.90
CA VAL C 1134 -0.28 34.96 -3.18
C VAL C 1134 -1.51 35.56 -3.84
N GLU C 1135 -1.36 36.00 -5.08
CA GLU C 1135 -2.45 36.65 -5.80
C GLU C 1135 -2.42 36.23 -7.25
N VAL C 1136 -3.59 36.30 -7.89
CA VAL C 1136 -3.73 35.98 -9.31
C VAL C 1136 -3.89 37.29 -10.07
N LEU C 1137 -3.14 37.43 -11.15
CA LEU C 1137 -3.05 38.67 -11.92
C LEU C 1137 -3.47 38.40 -13.36
N SER C 1138 -4.32 39.28 -13.88
CA SER C 1138 -4.96 39.06 -15.17
C SER C 1138 -4.00 39.31 -16.33
N SER C 1139 -3.36 40.47 -16.36
CA SER C 1139 -2.36 40.76 -17.37
C SER C 1139 -1.51 41.96 -16.96
N MET D 10 -10.53 37.12 -5.71
CA MET D 10 -10.84 35.89 -4.92
C MET D 10 -11.59 34.87 -5.78
N LEU D 11 -12.70 35.29 -6.37
CA LEU D 11 -13.55 34.43 -7.18
C LEU D 11 -13.58 34.97 -8.59
N ASP D 12 -13.16 34.16 -9.55
CA ASP D 12 -13.05 34.60 -10.93
C ASP D 12 -13.26 33.39 -11.84
N VAL D 13 -12.87 33.54 -13.10
CA VAL D 13 -13.04 32.51 -14.12
C VAL D 13 -11.65 32.17 -14.62
N ASN D 14 -11.59 31.36 -15.66
CA ASN D 14 -10.32 30.82 -16.15
C ASN D 14 -9.37 31.91 -16.64
N PHE D 15 -9.76 33.19 -16.52
CA PHE D 15 -8.83 34.29 -16.75
C PHE D 15 -7.63 34.14 -15.83
N PHE D 16 -6.48 33.81 -16.41
CA PHE D 16 -5.26 33.60 -15.65
C PHE D 16 -4.07 33.97 -16.53
N ASP D 17 -3.20 34.84 -16.03
CA ASP D 17 -1.92 35.10 -16.68
C ASP D 17 -0.75 35.12 -15.71
N GLU D 18 -0.96 35.36 -14.43
CA GLU D 18 0.14 35.43 -13.48
C GLU D 18 -0.32 34.95 -12.12
N LEU D 19 0.60 34.30 -11.41
CA LEU D 19 0.45 33.97 -10.00
C LEU D 19 1.61 34.65 -9.28
N ARG D 20 1.34 35.81 -8.69
CA ARG D 20 2.37 36.63 -8.06
C ARG D 20 2.36 36.34 -6.56
N ILE D 21 3.44 35.73 -6.07
CA ILE D 21 3.67 35.65 -4.64
C ILE D 21 4.32 36.94 -4.16
N GLY D 22 4.24 37.18 -2.86
CA GLY D 22 4.83 38.38 -2.31
C GLY D 22 4.85 38.41 -0.80
N LEU D 23 5.81 39.14 -0.24
CA LEU D 23 5.87 39.31 1.20
C LEU D 23 4.73 40.20 1.67
N ALA D 24 3.98 39.72 2.65
CA ALA D 24 2.78 40.41 3.10
C ALA D 24 3.13 41.41 4.20
N THR D 25 2.26 42.41 4.34
CA THR D 25 2.42 43.49 5.31
C THR D 25 1.22 43.52 6.25
N ALA D 26 1.42 44.14 7.42
CA ALA D 26 0.40 44.12 8.46
C ALA D 26 -0.90 44.76 7.96
N GLU D 27 -0.81 45.85 7.20
CA GLU D 27 -2.02 46.43 6.61
C GLU D 27 -2.71 45.41 5.71
N ASP D 28 -1.94 44.65 4.93
CA ASP D 28 -2.53 43.62 4.09
C ASP D 28 -3.21 42.55 4.92
N ILE D 29 -2.61 42.15 6.04
CA ILE D 29 -3.21 41.09 6.86
C ILE D 29 -4.53 41.56 7.46
N ARG D 30 -4.51 42.73 8.11
CA ARG D 30 -5.73 43.21 8.75
C ARG D 30 -6.74 43.74 7.75
N GLN D 31 -6.37 43.89 6.48
CA GLN D 31 -7.33 44.09 5.41
C GLN D 31 -7.88 42.77 4.90
N TRP D 32 -7.08 41.70 4.94
CA TRP D 32 -7.57 40.37 4.61
C TRP D 32 -8.64 39.93 5.59
N SER D 33 -8.39 40.10 6.89
CA SER D 33 -9.23 39.49 7.90
C SER D 33 -10.61 40.13 7.93
N TYR D 34 -11.58 39.35 8.45
CA TYR D 34 -12.94 39.84 8.69
C TYR D 34 -13.22 40.08 10.17
N GLY D 35 -12.31 39.73 11.06
CA GLY D 35 -12.48 40.01 12.47
C GLY D 35 -11.20 39.69 13.21
N GLU D 36 -11.20 40.04 14.50
CA GLU D 36 -10.01 39.97 15.33
C GLU D 36 -10.30 38.95 16.43
N VAL D 37 -9.83 37.72 16.24
CA VAL D 37 -9.97 36.71 17.27
C VAL D 37 -9.08 37.06 18.45
N LYS D 38 -9.68 37.08 19.65
CA LYS D 38 -8.92 37.49 20.83
C LYS D 38 -9.27 36.66 22.06
N LYS D 39 -9.86 35.48 21.90
CA LYS D 39 -10.12 34.61 23.04
C LYS D 39 -9.69 33.19 22.70
N PRO D 40 -9.01 32.48 23.63
CA PRO D 40 -8.46 31.15 23.33
C PRO D 40 -9.47 30.02 23.56
N GLU D 41 -10.66 30.16 23.00
CA GLU D 41 -11.73 29.17 23.16
C GLU D 41 -12.29 28.81 21.80
N THR D 42 -12.80 27.59 21.70
CA THR D 42 -13.31 27.04 20.44
C THR D 42 -14.79 26.74 20.49
N ILE D 43 -15.25 25.94 21.45
CA ILE D 43 -16.63 25.49 21.52
C ILE D 43 -17.08 25.47 22.97
N ASN D 44 -18.34 25.81 23.19
CA ASN D 44 -18.94 25.65 24.50
C ASN D 44 -19.06 24.16 24.82
N TYR D 45 -18.50 23.76 25.96
CA TYR D 45 -18.40 22.34 26.28
C TYR D 45 -19.77 21.66 26.34
N ARG D 46 -20.81 22.39 26.74
CA ARG D 46 -22.10 21.80 27.05
C ARG D 46 -23.05 21.80 25.87
N THR D 47 -23.22 22.93 25.18
CA THR D 47 -24.12 23.01 24.04
C THR D 47 -23.45 22.69 22.72
N LEU D 48 -22.13 22.56 22.69
CA LEU D 48 -21.40 22.24 21.47
C LEU D 48 -21.71 23.24 20.35
N LYS D 49 -21.52 24.51 20.66
CA LYS D 49 -21.62 25.59 19.68
C LYS D 49 -20.37 26.46 19.78
N PRO D 50 -19.92 27.04 18.67
CA PRO D 50 -18.70 27.86 18.72
C PRO D 50 -18.90 29.07 19.62
N GLU D 51 -17.85 29.42 20.35
CA GLU D 51 -17.89 30.56 21.24
C GLU D 51 -17.87 31.87 20.46
N LYS D 52 -18.28 32.94 21.13
CA LYS D 52 -18.16 34.28 20.56
C LYS D 52 -16.73 34.76 20.70
N ASP D 53 -16.22 35.41 19.66
CA ASP D 53 -14.91 36.04 19.71
C ASP D 53 -13.78 35.03 19.91
N GLY D 54 -14.05 33.76 19.64
CA GLY D 54 -13.07 32.70 19.78
C GLY D 54 -12.50 32.28 18.44
N LEU D 55 -11.87 31.11 18.43
CA LEU D 55 -11.22 30.61 17.23
C LEU D 55 -12.21 30.15 16.17
N PHE D 56 -13.50 30.07 16.50
CA PHE D 56 -14.49 29.52 15.58
C PHE D 56 -15.79 30.32 15.61
N CYS D 57 -15.73 31.56 16.06
CA CYS D 57 -16.93 32.36 16.20
C CYS D 57 -17.59 32.58 14.84
N GLU D 58 -18.91 32.46 14.81
CA GLU D 58 -19.64 32.62 13.56
C GLU D 58 -19.60 34.07 13.07
N LYS D 59 -19.59 35.04 13.99
CA LYS D 59 -19.52 36.44 13.56
C LYS D 59 -18.25 36.70 12.77
N ILE D 60 -17.13 36.10 13.19
CA ILE D 60 -15.86 36.36 12.53
C ILE D 60 -15.68 35.49 11.29
N PHE D 61 -16.10 34.22 11.35
CA PHE D 61 -15.73 33.26 10.30
C PHE D 61 -16.90 32.72 9.49
N GLY D 62 -18.10 33.28 9.63
CA GLY D 62 -19.24 32.85 8.85
C GLY D 62 -20.03 31.75 9.52
N PRO D 63 -21.28 31.57 9.11
CA PRO D 63 -22.14 30.57 9.77
C PRO D 63 -21.66 29.15 9.54
N THR D 64 -21.95 28.29 10.52
CA THR D 64 -21.85 26.85 10.33
C THR D 64 -23.08 26.27 9.66
N ARG D 65 -24.20 27.00 9.65
CA ARG D 65 -25.46 26.54 9.08
C ARG D 65 -25.88 27.48 7.97
N ASP D 66 -26.23 26.90 6.82
CA ASP D 66 -26.59 27.72 5.67
C ASP D 66 -27.82 28.56 5.97
N TRP D 67 -27.72 29.86 5.64
CA TRP D 67 -28.83 30.80 5.78
C TRP D 67 -29.43 30.72 7.19
N GLU D 68 -28.55 30.86 8.17
CA GLU D 68 -28.93 30.79 9.57
C GLU D 68 -28.00 31.68 10.38
N CYS D 69 -28.46 32.07 11.57
CA CYS D 69 -27.71 32.97 12.43
C CYS D 69 -27.68 32.42 13.85
N TYR D 70 -26.67 32.86 14.61
CA TYR D 70 -26.40 32.28 15.91
C TYR D 70 -27.59 32.36 16.85
N CYS D 71 -28.43 33.38 16.72
CA CYS D 71 -29.59 33.57 17.59
C CYS D 71 -30.90 33.34 16.86
N GLY D 72 -30.86 32.71 15.68
CA GLY D 72 -32.08 32.32 14.98
C GLY D 72 -33.04 33.44 14.72
N LYS D 73 -32.53 34.53 14.14
CA LYS D 73 -33.34 35.72 13.89
C LYS D 73 -33.87 35.76 12.46
N TYR D 74 -32.99 35.59 11.48
CA TYR D 74 -33.31 35.76 10.06
C TYR D 74 -32.81 34.54 9.28
N LYS D 75 -33.16 33.34 9.76
CA LYS D 75 -32.73 32.09 9.15
C LYS D 75 -33.56 31.78 7.89
N ARG D 76 -33.24 32.47 6.81
CA ARG D 76 -33.82 32.13 5.52
C ARG D 76 -33.08 32.83 4.39
N VAL D 77 -33.14 32.24 3.19
CA VAL D 77 -32.42 32.74 2.03
C VAL D 77 -32.84 34.18 1.75
N ARG D 78 -34.13 34.46 1.85
CA ARG D 78 -34.65 35.79 1.61
C ARG D 78 -33.86 36.80 2.43
N PHE D 79 -33.42 36.39 3.62
CA PHE D 79 -32.46 37.16 4.42
C PHE D 79 -31.07 36.66 4.08
N LYS D 80 -30.41 37.34 3.15
CA LYS D 80 -29.03 37.02 2.79
C LYS D 80 -28.26 38.32 2.65
N GLY D 81 -26.96 38.25 2.89
CA GLY D 81 -26.11 39.42 2.82
C GLY D 81 -26.25 40.38 3.97
N ILE D 82 -27.26 40.23 4.82
CA ILE D 82 -27.47 41.11 5.96
C ILE D 82 -26.84 40.48 7.19
N ILE D 83 -26.59 41.32 8.19
CA ILE D 83 -26.01 40.90 9.45
C ILE D 83 -27.11 40.99 10.49
N CYS D 84 -27.31 39.92 11.24
CA CYS D 84 -28.28 39.95 12.33
C CYS D 84 -27.79 40.91 13.40
N GLU D 85 -28.61 41.89 13.74
CA GLU D 85 -28.14 43.00 14.56
C GLU D 85 -27.66 42.53 15.93
N ARG D 86 -28.33 41.56 16.52
CA ARG D 86 -28.05 41.16 17.89
C ARG D 86 -26.84 40.24 17.98
N CYS D 87 -26.92 39.06 17.37
CA CYS D 87 -25.81 38.12 17.45
C CYS D 87 -24.66 38.53 16.57
N GLY D 88 -24.93 39.27 15.49
CA GLY D 88 -23.89 39.81 14.63
C GLY D 88 -23.38 38.88 13.56
N VAL D 89 -23.95 37.68 13.44
CA VAL D 89 -23.48 36.72 12.44
C VAL D 89 -24.13 37.05 11.10
N GLU D 90 -23.30 37.35 10.10
CA GLU D 90 -23.81 37.54 8.75
C GLU D 90 -24.47 36.25 8.27
N VAL D 91 -25.63 36.39 7.65
CA VAL D 91 -26.40 35.24 7.17
C VAL D 91 -26.00 34.99 5.71
N THR D 92 -25.52 33.79 5.44
CA THR D 92 -25.12 33.40 4.09
C THR D 92 -24.99 31.89 4.03
N ARG D 93 -24.40 31.39 2.95
CA ARG D 93 -24.10 29.98 2.83
C ARG D 93 -23.05 29.57 3.86
N ALA D 94 -23.04 28.29 4.22
CA ALA D 94 -22.18 27.78 5.28
C ALA D 94 -20.87 27.23 4.77
N LYS D 95 -20.38 27.72 3.63
CA LYS D 95 -19.05 27.35 3.14
C LYS D 95 -18.07 28.52 3.15
N VAL D 96 -18.51 29.72 3.53
CA VAL D 96 -17.57 30.82 3.70
C VAL D 96 -16.59 30.53 4.81
N ARG D 97 -16.96 29.64 5.75
CA ARG D 97 -16.00 29.19 6.74
C ARG D 97 -14.79 28.54 6.08
N ARG D 98 -14.96 27.98 4.89
CA ARG D 98 -13.81 27.41 4.18
C ARG D 98 -12.78 28.47 3.81
N GLU D 99 -13.19 29.74 3.71
CA GLU D 99 -12.34 30.78 3.13
C GLU D 99 -12.04 31.93 4.08
N ARG D 100 -13.03 32.41 4.83
CA ARG D 100 -12.83 33.61 5.64
C ARG D 100 -11.72 33.38 6.66
N MET D 101 -10.83 34.36 6.78
CA MET D 101 -9.66 34.30 7.65
C MET D 101 -9.84 35.27 8.82
N GLY D 102 -8.98 35.11 9.82
CA GLY D 102 -8.93 36.00 10.95
C GLY D 102 -7.56 36.65 11.07
N HIS D 103 -7.43 37.50 12.09
CA HIS D 103 -6.11 38.04 12.42
C HIS D 103 -6.04 38.31 13.91
N ILE D 104 -4.82 38.26 14.43
CA ILE D 104 -4.53 38.52 15.83
C ILE D 104 -3.60 39.73 15.86
N GLU D 105 -4.05 40.79 16.53
CA GLU D 105 -3.22 41.97 16.76
C GLU D 105 -2.28 41.68 17.92
N LEU D 106 -0.97 41.72 17.67
CA LEU D 106 0.00 41.40 18.70
C LEU D 106 0.39 42.64 19.47
N ALA D 107 0.35 42.54 20.80
CA ALA D 107 0.76 43.65 21.66
C ALA D 107 2.23 43.99 21.48
N ALA D 108 3.02 43.08 20.91
CA ALA D 108 4.43 43.34 20.61
C ALA D 108 4.78 42.74 19.25
N PRO D 109 5.27 43.54 18.29
CA PRO D 109 5.77 42.96 17.04
C PRO D 109 6.68 41.77 17.29
N VAL D 110 6.68 40.83 16.35
CA VAL D 110 7.43 39.58 16.45
C VAL D 110 8.06 39.28 15.10
N THR D 111 9.32 38.86 15.13
CA THR D 111 10.04 38.55 13.91
C THR D 111 9.54 37.23 13.31
N HIS D 112 9.40 37.22 11.99
CA HIS D 112 9.12 35.99 11.28
C HIS D 112 10.30 35.04 11.35
N ILE D 113 10.02 33.73 11.36
CA ILE D 113 11.08 32.76 11.61
C ILE D 113 11.86 32.44 10.34
N TRP D 114 11.17 32.25 9.21
CA TRP D 114 11.84 31.82 7.99
C TRP D 114 12.97 32.75 7.62
N TYR D 115 12.77 34.05 7.77
CA TYR D 115 13.74 35.04 7.33
C TYR D 115 14.80 35.31 8.40
N PHE D 116 14.68 34.66 9.57
CA PHE D 116 15.67 34.75 10.63
C PHE D 116 16.53 33.50 10.73
N LYS D 117 15.92 32.32 10.73
CA LYS D 117 16.62 31.09 11.07
C LYS D 117 17.11 30.32 9.85
N GLY D 118 16.31 30.24 8.79
CA GLY D 118 16.72 29.50 7.61
C GLY D 118 18.04 29.99 7.05
N VAL D 119 19.07 29.15 7.09
CA VAL D 119 20.38 29.55 6.56
C VAL D 119 20.31 29.62 5.03
N PRO D 120 20.76 30.70 4.39
CA PRO D 120 21.34 31.93 4.95
C PRO D 120 20.29 32.85 5.58
N SER D 121 20.64 33.56 6.65
CA SER D 121 19.69 34.38 7.37
C SER D 121 19.42 35.68 6.60
N ARG D 122 18.15 35.88 6.21
CA ARG D 122 17.81 37.05 5.40
C ARG D 122 17.97 38.34 6.20
N LEU D 123 17.51 38.36 7.46
CA LEU D 123 17.78 39.54 8.29
C LEU D 123 19.27 39.73 8.51
N GLY D 124 20.00 38.63 8.72
CA GLY D 124 21.43 38.75 8.89
C GLY D 124 22.08 39.45 7.72
N TYR D 125 21.67 39.10 6.51
CA TYR D 125 22.25 39.72 5.32
C TYR D 125 21.72 41.13 5.08
N LEU D 126 20.46 41.41 5.44
CA LEU D 126 19.90 42.74 5.23
C LEU D 126 20.55 43.75 6.17
N LEU D 127 20.61 43.42 7.46
CA LEU D 127 21.19 44.30 8.46
C LEU D 127 22.68 44.08 8.69
N ASP D 128 23.30 43.17 7.95
CA ASP D 128 24.71 42.84 8.13
C ASP D 128 24.98 42.43 9.58
N LEU D 129 24.21 41.46 10.06
CA LEU D 129 24.33 40.95 11.42
C LEU D 129 24.53 39.44 11.39
N ALA D 130 25.42 38.95 12.24
CA ALA D 130 25.64 37.52 12.34
C ALA D 130 24.41 36.85 12.96
N PRO D 131 24.00 35.67 12.46
CA PRO D 131 22.88 34.98 13.11
C PRO D 131 23.13 34.66 14.58
N LYS D 132 24.37 34.30 14.91
CA LYS D 132 24.69 33.95 16.28
C LYS D 132 24.43 35.12 17.23
N ASP D 133 24.60 36.34 16.75
CA ASP D 133 24.36 37.53 17.55
C ASP D 133 22.96 38.11 17.36
N LEU D 134 22.28 37.73 16.28
CA LEU D 134 20.91 38.19 16.05
C LEU D 134 19.90 37.37 16.84
N GLU D 135 20.19 36.09 17.04
CA GLU D 135 19.38 35.29 17.95
C GLU D 135 19.38 35.92 19.34
N LYS D 136 20.55 36.37 19.81
CA LYS D 136 20.63 36.98 21.13
C LYS D 136 19.78 38.23 21.22
N ILE D 137 19.56 38.91 20.09
CA ILE D 137 18.73 40.11 20.09
C ILE D 137 17.26 39.72 20.12
N ILE D 138 16.80 38.97 19.11
CA ILE D 138 15.37 38.72 18.97
C ILE D 138 14.84 37.76 20.03
N TYR D 139 15.71 37.08 20.78
CA TYR D 139 15.29 36.26 21.91
C TYR D 139 15.60 36.93 23.25
N PHE D 140 15.80 38.24 23.25
CA PHE D 140 15.91 39.03 24.47
C PHE D 140 17.07 38.56 25.35
N ALA D 141 18.17 38.16 24.72
CA ALA D 141 19.39 37.81 25.44
C ALA D 141 20.44 38.91 25.40
N ALA D 142 20.30 39.87 24.48
CA ALA D 142 21.23 40.99 24.40
C ALA D 142 20.50 42.19 23.83
N TYR D 143 21.03 43.37 24.13
CA TYR D 143 20.47 44.62 23.64
C TYR D 143 21.13 45.01 22.33
N VAL D 144 20.47 45.91 21.60
CA VAL D 144 20.98 46.43 20.34
C VAL D 144 20.81 47.95 20.33
N ILE D 145 21.88 48.65 20.00
CA ILE D 145 21.83 50.08 19.73
C ILE D 145 21.34 50.27 18.30
N THR D 146 20.28 51.06 18.13
CA THR D 146 19.62 51.27 16.85
C THR D 146 19.74 52.71 16.38
N SER D 147 20.56 53.53 17.03
CA SER D 147 20.74 54.92 16.67
C SER D 147 21.97 55.46 17.38
N VAL D 148 22.50 56.55 16.87
CA VAL D 148 23.66 57.20 17.47
C VAL D 148 23.64 58.67 17.08
N ASP D 149 24.01 59.53 18.04
CA ASP D 149 24.10 60.98 17.84
C ASP D 149 25.55 61.37 18.16
N GLU D 150 26.41 61.34 17.14
CA GLU D 150 27.83 61.50 17.37
C GLU D 150 28.19 62.91 17.85
N GLU D 151 27.36 63.91 17.54
CA GLU D 151 27.66 65.28 17.97
C GLU D 151 27.46 65.44 19.48
N MET D 152 26.36 64.92 20.01
CA MET D 152 26.09 65.05 21.44
C MET D 152 27.09 64.24 22.24
N ARG D 153 27.38 63.00 21.80
CA ARG D 153 28.47 62.28 22.41
C ARG D 153 29.78 63.05 22.24
N HIS D 154 29.94 63.76 21.13
CA HIS D 154 31.23 64.39 20.83
C HIS D 154 31.55 65.54 21.78
N ASN D 155 30.54 66.28 22.23
CA ASN D 155 30.80 67.36 23.20
C ASN D 155 30.58 66.93 24.65
N GLU D 156 29.52 66.18 24.93
CA GLU D 156 29.50 65.58 26.25
C GLU D 156 30.62 64.57 26.44
N LEU D 157 31.41 64.29 25.40
CA LEU D 157 32.67 63.57 25.58
C LEU D 157 33.61 64.38 26.45
N SER D 158 33.81 65.66 26.12
CA SER D 158 34.62 66.51 26.99
C SER D 158 34.00 66.59 28.37
N THR D 159 32.68 66.83 28.43
CA THR D 159 32.07 67.00 29.75
C THR D 159 32.19 65.74 30.60
N LEU D 160 31.91 64.57 30.02
CA LEU D 160 31.94 63.32 30.76
C LEU D 160 33.35 62.79 30.96
N GLU D 161 34.32 63.24 30.16
CA GLU D 161 35.72 62.94 30.48
C GLU D 161 36.16 63.74 31.69
N ALA D 162 35.69 64.98 31.82
CA ALA D 162 35.90 65.71 33.07
C ALA D 162 35.23 64.98 34.23
N GLU D 163 34.01 64.49 34.02
CA GLU D 163 33.32 63.73 35.06
C GLU D 163 34.11 62.47 35.43
N MET D 164 34.65 61.78 34.43
CA MET D 164 35.44 60.58 34.69
C MET D 164 36.72 60.91 35.44
N ALA D 165 37.34 62.05 35.11
CA ALA D 165 38.50 62.50 35.88
C ALA D 165 38.11 62.72 37.34
N VAL D 166 36.95 63.33 37.58
CA VAL D 166 36.47 63.52 38.95
C VAL D 166 36.26 62.16 39.62
N GLU D 167 35.62 61.22 38.91
CA GLU D 167 35.33 59.91 39.48
C GLU D 167 36.61 59.16 39.81
N ARG D 168 37.60 59.20 38.92
CA ARG D 168 38.85 58.49 39.16
C ARG D 168 39.68 59.18 40.22
N LYS D 169 39.55 60.50 40.35
CA LYS D 169 40.22 61.18 41.45
C LYS D 169 39.58 60.81 42.79
N ALA D 170 38.26 60.61 42.81
CA ALA D 170 37.62 60.07 44.01
C ALA D 170 38.07 58.65 44.28
N VAL D 171 38.23 57.85 43.22
CA VAL D 171 38.76 56.49 43.38
C VAL D 171 40.16 56.55 43.98
N GLU D 172 40.99 57.49 43.53
CA GLU D 172 42.32 57.64 44.09
C GLU D 172 42.28 58.21 45.51
N ASP D 173 41.25 58.98 45.84
CA ASP D 173 41.05 59.38 47.23
C ASP D 173 40.80 58.14 48.09
N GLN D 174 39.97 57.23 47.61
CA GLN D 174 39.78 55.96 48.33
C GLN D 174 41.08 55.17 48.38
N ARG D 175 41.85 55.19 47.29
CA ARG D 175 43.06 54.39 47.20
C ARG D 175 44.15 54.90 48.13
N ASP D 176 44.34 56.22 48.19
CA ASP D 176 45.32 56.76 49.14
C ASP D 176 44.77 56.77 50.56
N GLY D 177 43.45 56.69 50.73
CA GLY D 177 42.93 56.32 52.04
C GLY D 177 43.35 54.93 52.45
N GLU D 178 43.29 53.98 51.52
CA GLU D 178 43.83 52.65 51.78
C GLU D 178 45.31 52.72 52.11
N LEU D 179 46.07 53.50 51.33
CA LEU D 179 47.50 53.63 51.57
C LEU D 179 47.76 54.15 52.97
N GLU D 180 47.10 55.24 53.35
CA GLU D 180 47.32 55.85 54.67
C GLU D 180 46.88 54.92 55.79
N ALA D 181 45.72 54.28 55.64
CA ALA D 181 45.22 53.41 56.70
C ALA D 181 46.14 52.20 56.89
N ARG D 182 46.55 51.57 55.80
CA ARG D 182 47.45 50.43 55.94
C ARG D 182 48.84 50.87 56.37
N ALA D 183 49.24 52.11 56.06
CA ALA D 183 50.51 52.61 56.56
C ALA D 183 50.46 52.80 58.08
N GLN D 184 49.35 53.34 58.58
CA GLN D 184 49.19 53.47 60.03
C GLN D 184 49.14 52.10 60.69
N LYS D 185 48.43 51.15 60.08
CA LYS D 185 48.40 49.79 60.61
C LYS D 185 49.77 49.13 60.53
N LEU D 186 50.57 49.48 59.52
CA LEU D 186 51.91 48.90 59.37
C LEU D 186 52.86 49.48 60.41
N GLU D 187 52.71 50.76 60.73
CA GLU D 187 53.49 51.33 61.83
C GLU D 187 53.01 50.80 63.18
N ALA D 188 51.73 50.46 63.30
CA ALA D 188 51.27 49.74 64.47
C ALA D 188 51.91 48.35 64.55
N ASP D 189 52.05 47.68 63.40
CA ASP D 189 52.78 46.42 63.35
C ASP D 189 54.23 46.63 63.79
N LEU D 190 54.84 47.73 63.37
CA LEU D 190 56.18 48.07 63.85
C LEU D 190 56.19 48.15 65.37
N ALA D 191 55.27 48.95 65.93
CA ALA D 191 55.25 49.20 67.36
C ALA D 191 54.86 47.98 68.18
N GLU D 192 54.26 46.96 67.56
CA GLU D 192 53.86 45.75 68.27
C GLU D 192 54.65 44.51 67.87
N LEU D 193 55.62 44.64 66.96
CA LEU D 193 56.52 43.56 66.60
C LEU D 193 57.96 43.82 66.96
N GLU D 194 58.43 45.06 66.82
CA GLU D 194 59.79 45.43 67.20
C GLU D 194 59.86 46.03 68.59
N ALA D 195 58.79 45.94 69.37
CA ALA D 195 58.74 46.50 70.72
C ALA D 195 58.64 45.43 71.80
N GLU D 196 58.66 44.15 71.43
CA GLU D 196 58.57 43.05 72.38
C GLU D 196 59.61 41.99 72.03
N GLY D 197 59.69 40.96 72.86
CA GLY D 197 60.56 39.84 72.59
C GLY D 197 59.87 38.81 71.71
N ALA D 198 60.33 38.67 70.47
CA ALA D 198 59.67 37.81 69.50
C ALA D 198 60.72 37.27 68.53
N LYS D 199 60.25 36.45 67.58
CA LYS D 199 61.12 35.83 66.60
C LYS D 199 61.39 36.79 65.44
N ALA D 200 62.57 36.64 64.83
CA ALA D 200 63.01 37.60 63.81
C ALA D 200 62.10 37.57 62.59
N ASP D 201 61.54 36.41 62.25
CA ASP D 201 60.66 36.31 61.09
C ASP D 201 59.19 36.46 61.46
N ALA D 202 58.78 35.93 62.61
CA ALA D 202 57.39 36.06 63.02
C ALA D 202 56.99 37.51 63.23
N ARG D 203 57.95 38.36 63.60
CA ARG D 203 57.67 39.79 63.74
C ARG D 203 57.42 40.45 62.38
N ARG D 204 57.92 39.87 61.29
CA ARG D 204 57.73 40.40 59.95
C ARG D 204 56.73 39.60 59.13
N LYS D 205 56.17 38.51 59.67
CA LYS D 205 55.07 37.86 58.97
C LYS D 205 53.88 38.81 58.88
N VAL D 206 53.66 39.63 59.91
CA VAL D 206 52.66 40.68 59.81
C VAL D 206 53.08 41.73 58.79
N ARG D 207 54.39 41.99 58.67
CA ARG D 207 54.88 42.86 57.59
C ARG D 207 54.41 42.35 56.24
N ASP D 208 54.68 41.07 55.96
CA ASP D 208 54.29 40.50 54.67
C ASP D 208 52.77 40.46 54.54
N GLY D 209 52.06 40.23 55.64
CA GLY D 209 50.60 40.22 55.58
C GLY D 209 50.04 41.57 55.17
N GLY D 210 50.54 42.64 55.79
CA GLY D 210 50.09 43.98 55.41
C GLY D 210 50.49 44.36 54.00
N GLU D 211 51.72 44.00 53.61
CA GLU D 211 52.15 44.31 52.25
C GLU D 211 51.32 43.56 51.22
N ARG D 212 51.00 42.29 51.51
CA ARG D 212 50.15 41.51 50.63
C ARG D 212 48.73 42.04 50.61
N GLU D 213 48.26 42.55 51.75
CA GLU D 213 46.96 43.21 51.78
C GLU D 213 46.94 44.42 50.85
N MET D 214 48.01 45.22 50.88
CA MET D 214 48.09 46.35 49.98
C MET D 214 48.20 45.89 48.53
N ARG D 215 48.92 44.79 48.28
CA ARG D 215 49.05 44.28 46.92
C ARG D 215 47.70 43.85 46.36
N GLN D 216 46.95 43.06 47.12
CA GLN D 216 45.63 42.65 46.63
C GLN D 216 44.64 43.81 46.63
N ILE D 217 44.83 44.80 47.52
CA ILE D 217 43.92 45.95 47.53
C ILE D 217 44.14 46.83 46.31
N ARG D 218 45.40 47.07 45.94
CA ARG D 218 45.67 47.80 44.71
C ARG D 218 45.30 46.97 43.50
N ASP D 219 45.30 45.63 43.62
CA ASP D 219 44.73 44.82 42.56
C ASP D 219 43.24 45.08 42.42
N ARG D 220 42.52 45.18 43.54
CA ARG D 220 41.09 45.51 43.49
C ARG D 220 40.87 46.87 42.85
N ALA D 221 41.61 47.87 43.31
CA ALA D 221 41.47 49.22 42.77
C ALA D 221 41.82 49.27 41.29
N GLN D 222 42.88 48.56 40.90
CA GLN D 222 43.29 48.54 39.50
C GLN D 222 42.26 47.86 38.63
N ARG D 223 41.66 46.75 39.09
CA ARG D 223 40.69 46.06 38.27
C ARG D 223 39.40 46.86 38.13
N GLU D 224 38.95 47.53 39.20
CA GLU D 224 37.76 48.36 39.07
C GLU D 224 38.03 49.59 38.21
N LEU D 225 39.21 50.18 38.34
CA LEU D 225 39.57 51.29 37.46
C LEU D 225 39.65 50.83 36.01
N ASP D 226 40.16 49.62 35.78
CA ASP D 226 40.19 49.08 34.43
C ASP D 226 38.80 48.86 33.88
N ARG D 227 37.87 48.42 34.74
CA ARG D 227 36.47 48.34 34.33
C ARG D 227 35.94 49.71 33.93
N LEU D 228 36.27 50.75 34.70
CA LEU D 228 35.82 52.10 34.36
C LEU D 228 36.42 52.56 33.04
N GLU D 229 37.71 52.29 32.82
CA GLU D 229 38.33 52.64 31.54
C GLU D 229 37.67 51.89 30.40
N ASP D 230 37.36 50.60 30.61
CA ASP D 230 36.71 49.81 29.57
C ASP D 230 35.35 50.38 29.22
N ILE D 231 34.55 50.76 30.22
CA ILE D 231 33.23 51.27 29.92
C ILE D 231 33.32 52.64 29.24
N TRP D 232 34.28 53.48 29.65
CA TRP D 232 34.45 54.75 28.97
C TRP D 232 34.86 54.54 27.51
N SER D 233 35.80 53.63 27.27
CA SER D 233 36.22 53.35 25.90
C SER D 233 35.05 52.81 25.08
N THR D 234 34.24 51.95 25.68
CA THR D 234 33.07 51.43 24.98
C THR D 234 32.11 52.55 24.60
N PHE D 235 31.86 53.48 25.52
CA PHE D 235 30.99 54.62 25.18
C PHE D 235 31.60 55.43 24.06
N THR D 236 32.91 55.68 24.12
CA THR D 236 33.57 56.48 23.08
C THR D 236 33.46 55.81 21.72
N LYS D 237 33.62 54.50 21.67
CA LYS D 237 33.62 53.74 20.43
C LYS D 237 32.28 53.04 20.16
N LEU D 238 31.24 53.36 20.92
CA LEU D 238 29.93 52.82 20.64
C LEU D 238 29.42 53.34 19.29
N ALA D 239 28.61 52.54 18.63
CA ALA D 239 28.08 52.88 17.32
C ALA D 239 26.66 52.35 17.22
N PRO D 240 25.91 52.74 16.20
CA PRO D 240 24.55 52.23 16.04
C PRO D 240 24.55 50.86 15.37
N LYS D 241 23.36 50.26 15.34
CA LYS D 241 23.18 48.92 14.75
C LYS D 241 24.15 47.93 15.39
N GLN D 242 24.36 48.06 16.70
CA GLN D 242 25.44 47.37 17.37
C GLN D 242 24.92 46.52 18.52
N LEU D 243 25.60 45.42 18.79
CA LEU D 243 25.19 44.49 19.83
C LEU D 243 25.80 44.87 21.17
N ILE D 244 25.07 44.53 22.24
CA ILE D 244 25.49 44.81 23.61
C ILE D 244 25.06 43.61 24.45
N VAL D 245 26.03 42.87 24.96
CA VAL D 245 25.80 41.77 25.90
C VAL D 245 26.28 42.32 27.25
N ASP D 246 26.14 41.53 28.32
CA ASP D 246 26.42 42.03 29.66
C ASP D 246 25.38 43.07 30.08
N GLU D 247 24.17 42.59 30.36
CA GLU D 247 23.06 43.36 30.90
C GLU D 247 23.49 44.46 31.87
N ASN D 248 24.43 44.17 32.78
CA ASN D 248 24.90 45.22 33.69
C ASN D 248 25.55 46.35 32.92
N LEU D 249 26.41 46.01 31.94
CA LEU D 249 27.04 47.02 31.11
C LEU D 249 25.99 47.84 30.38
N TYR D 250 24.99 47.17 29.81
CA TYR D 250 23.96 47.90 29.08
C TYR D 250 23.17 48.82 30.01
N ARG D 251 22.82 48.34 31.21
CA ARG D 251 22.04 49.15 32.13
C ARG D 251 22.81 50.39 32.55
N GLU D 252 24.09 50.22 32.87
CA GLU D 252 24.92 51.38 33.20
C GLU D 252 25.00 52.33 32.02
N LEU D 253 25.18 51.78 30.82
CA LEU D 253 25.30 52.61 29.62
C LEU D 253 24.04 53.46 29.42
N VAL D 254 22.87 52.84 29.53
CA VAL D 254 21.63 53.59 29.32
C VAL D 254 21.43 54.62 30.42
N ASP D 255 21.54 54.21 31.69
CA ASP D 255 21.15 55.10 32.77
C ASP D 255 22.17 56.20 33.01
N ARG D 256 23.36 56.12 32.39
CA ARG D 256 24.27 57.25 32.41
C ARG D 256 24.34 58.01 31.09
N TYR D 257 23.91 57.40 29.99
CA TYR D 257 23.91 58.00 28.66
C TYR D 257 22.59 57.74 27.96
N GLY D 258 21.47 57.92 28.69
CA GLY D 258 20.16 57.56 28.16
C GLY D 258 19.83 58.23 26.85
N GLU D 259 20.46 59.35 26.56
CA GLU D 259 20.30 60.04 25.29
C GLU D 259 21.26 59.42 24.28
N TYR D 260 21.49 60.10 23.16
CA TYR D 260 22.55 59.75 22.21
C TYR D 260 22.21 58.52 21.38
N PHE D 261 21.13 57.82 21.71
CA PHE D 261 20.85 56.55 21.03
C PHE D 261 19.54 55.99 21.56
N THR D 262 18.96 55.09 20.77
CA THR D 262 17.85 54.25 21.19
C THR D 262 18.38 52.82 21.25
N GLY D 263 18.70 52.36 22.47
CA GLY D 263 19.11 51.00 22.69
C GLY D 263 17.95 50.20 23.21
N ALA D 264 17.51 49.22 22.42
CA ALA D 264 16.36 48.41 22.77
C ALA D 264 16.72 46.94 22.74
N MET D 265 15.73 46.05 22.81
CA MET D 265 15.99 44.62 22.79
C MET D 265 14.84 43.91 22.11
N GLY D 266 15.13 43.23 21.00
CA GLY D 266 14.18 42.31 20.42
C GLY D 266 13.55 42.75 19.11
N ALA D 267 12.35 42.22 18.86
CA ALA D 267 11.71 42.39 17.56
C ALA D 267 11.42 43.85 17.27
N GLU D 268 11.02 44.62 18.29
CA GLU D 268 10.75 46.03 18.04
C GLU D 268 12.04 46.79 17.72
N SER D 269 13.15 46.41 18.34
CA SER D 269 14.43 47.02 17.98
C SER D 269 14.81 46.68 16.55
N ILE D 270 14.56 45.44 16.12
CA ILE D 270 14.83 45.06 14.73
C ILE D 270 13.93 45.88 13.79
N GLN D 271 12.67 46.06 14.17
CA GLN D 271 11.76 46.91 13.40
C GLN D 271 12.33 48.32 13.29
N LYS D 272 12.83 48.88 14.39
CA LYS D 272 13.38 50.23 14.35
C LYS D 272 14.59 50.29 13.42
N LEU D 273 15.45 49.27 13.46
CA LEU D 273 16.59 49.24 12.57
C LEU D 273 16.15 49.22 11.12
N ILE D 274 15.17 48.39 10.78
CA ILE D 274 14.69 48.34 9.40
C ILE D 274 14.06 49.67 9.01
N GLU D 275 13.37 50.33 9.95
CA GLU D 275 12.86 51.66 9.67
C GLU D 275 13.98 52.62 9.29
N ASN D 276 15.01 52.69 10.13
CA ASN D 276 16.15 53.56 9.88
C ASN D 276 17.22 52.80 9.09
N PHE D 277 16.91 52.57 7.81
CA PHE D 277 17.82 51.85 6.93
C PHE D 277 17.56 52.30 5.50
N ASP D 278 18.50 53.07 4.95
CA ASP D 278 18.45 53.45 3.54
C ASP D 278 18.97 52.28 2.71
N ILE D 279 18.08 51.66 1.94
CA ILE D 279 18.50 50.55 1.09
C ILE D 279 19.37 51.06 -0.06
N ASP D 280 19.07 52.25 -0.59
CA ASP D 280 19.71 52.70 -1.81
C ASP D 280 21.20 52.96 -1.61
N ALA D 281 21.55 53.76 -0.60
CA ALA D 281 22.95 54.07 -0.37
C ALA D 281 23.73 52.83 0.03
N GLU D 282 23.12 51.95 0.83
CA GLU D 282 23.78 50.71 1.21
C GLU D 282 24.01 49.82 0.00
N ALA D 283 23.04 49.74 -0.90
CA ALA D 283 23.19 48.94 -2.10
C ALA D 283 24.29 49.50 -3.00
N GLU D 284 24.35 50.82 -3.13
CA GLU D 284 25.44 51.43 -3.91
C GLU D 284 26.78 51.21 -3.23
N SER D 285 26.82 51.17 -1.90
CA SER D 285 28.06 50.85 -1.20
C SER D 285 28.50 49.42 -1.50
N LEU D 286 27.55 48.48 -1.50
CA LEU D 286 27.88 47.11 -1.88
C LEU D 286 28.33 47.04 -3.33
N ARG D 287 27.73 47.87 -4.19
CA ARG D 287 28.16 47.96 -5.58
C ARG D 287 29.60 48.45 -5.69
N ASP D 288 29.96 49.45 -4.90
CA ASP D 288 31.34 49.91 -4.87
C ASP D 288 32.28 48.82 -4.37
N VAL D 289 31.85 48.08 -3.34
CA VAL D 289 32.70 47.03 -2.78
C VAL D 289 32.92 45.92 -3.79
N ILE D 290 31.88 45.52 -4.53
CA ILE D 290 32.08 44.53 -5.58
C ILE D 290 32.78 45.13 -6.79
N ARG D 291 32.81 46.46 -6.90
CA ARG D 291 33.58 47.09 -7.96
C ARG D 291 35.08 47.02 -7.69
N ASN D 292 35.48 47.20 -6.42
CA ASN D 292 36.88 47.42 -6.09
C ASN D 292 37.54 46.33 -5.23
N GLY D 293 36.76 45.47 -4.58
CA GLY D 293 37.30 44.56 -3.58
C GLY D 293 37.74 43.23 -4.16
N LYS D 294 38.05 42.32 -3.25
CA LYS D 294 38.57 41.00 -3.64
C LYS D 294 38.33 40.01 -2.53
N GLY D 295 38.34 38.73 -2.90
CA GLY D 295 38.32 37.67 -1.90
C GLY D 295 37.03 37.61 -1.11
N GLN D 296 37.18 37.27 0.18
CA GLN D 296 36.02 37.04 1.04
C GLN D 296 35.12 38.26 1.10
N LYS D 297 35.70 39.46 1.06
CA LYS D 297 34.90 40.66 1.17
C LYS D 297 33.95 40.78 -0.01
N LYS D 298 34.48 40.61 -1.23
CA LYS D 298 33.65 40.65 -2.42
C LYS D 298 32.64 39.51 -2.43
N LEU D 299 33.05 38.32 -1.98
CA LEU D 299 32.11 37.20 -1.95
C LEU D 299 30.93 37.50 -1.04
N ARG D 300 31.19 37.99 0.16
CA ARG D 300 30.12 38.36 1.07
C ARG D 300 29.28 39.49 0.49
N ALA D 301 29.92 40.45 -0.19
CA ALA D 301 29.17 41.52 -0.84
C ALA D 301 28.20 40.96 -1.87
N LEU D 302 28.64 39.97 -2.64
CA LEU D 302 27.74 39.32 -3.60
C LEU D 302 26.57 38.67 -2.88
N LYS D 303 26.87 37.85 -1.87
CA LYS D 303 25.81 37.12 -1.16
C LYS D 303 24.77 38.09 -0.59
N ARG D 304 25.21 39.23 -0.07
CA ARG D 304 24.27 40.17 0.55
C ARG D 304 23.57 41.03 -0.48
N LEU D 305 24.33 41.60 -1.43
CA LEU D 305 23.78 42.38 -2.53
C LEU D 305 22.67 41.60 -3.22
N LYS D 306 22.76 40.27 -3.21
CA LYS D 306 21.66 39.46 -3.73
C LYS D 306 20.32 39.90 -3.14
N VAL D 307 20.16 39.73 -1.82
CA VAL D 307 18.89 40.05 -1.17
C VAL D 307 18.66 41.56 -1.19
N VAL D 308 19.72 42.35 -1.07
CA VAL D 308 19.56 43.81 -1.01
C VAL D 308 18.94 44.32 -2.31
N ALA D 309 19.51 43.92 -3.45
CA ALA D 309 18.96 44.31 -4.74
C ALA D 309 17.61 43.65 -4.98
N ALA D 310 17.41 42.44 -4.44
CA ALA D 310 16.09 41.81 -4.54
C ALA D 310 15.03 42.70 -3.91
N PHE D 311 15.32 43.27 -2.75
CA PHE D 311 14.37 44.17 -2.11
C PHE D 311 14.29 45.51 -2.84
N GLN D 312 15.41 46.01 -3.33
CA GLN D 312 15.42 47.32 -4.00
C GLN D 312 14.58 47.29 -5.28
N GLN D 313 14.74 46.26 -6.09
CA GLN D 313 14.12 46.25 -7.42
C GLN D 313 12.60 46.29 -7.33
N SER D 314 12.02 45.50 -6.42
CA SER D 314 10.57 45.41 -6.32
C SER D 314 10.02 46.60 -5.55
N GLY D 315 8.70 46.61 -5.38
CA GLY D 315 8.05 47.60 -4.54
C GLY D 315 7.88 47.09 -3.12
N ASN D 316 8.68 46.07 -2.77
CA ASN D 316 8.55 45.40 -1.49
C ASN D 316 9.28 46.20 -0.41
N SER D 317 8.54 46.68 0.57
CA SER D 317 9.18 47.21 1.76
C SER D 317 9.64 46.05 2.65
N PRO D 318 10.80 46.14 3.29
CA PRO D 318 11.22 45.10 4.23
C PRO D 318 10.57 45.17 5.59
N MET D 319 9.50 45.97 5.75
CA MET D 319 8.82 46.03 7.03
C MET D 319 8.10 44.73 7.35
N GLY D 320 7.68 43.99 6.32
CA GLY D 320 6.92 42.76 6.53
C GLY D 320 7.73 41.63 7.13
N MET D 321 9.06 41.76 7.18
CA MET D 321 9.89 40.73 7.79
C MET D 321 9.54 40.55 9.27
N VAL D 322 9.35 41.66 9.99
CA VAL D 322 8.83 41.63 11.35
C VAL D 322 7.31 41.78 11.26
N LEU D 323 6.60 41.18 12.21
CA LEU D 323 5.16 40.98 12.10
C LEU D 323 4.43 41.64 13.26
N ASP D 324 3.24 42.17 12.97
CA ASP D 324 2.40 42.84 13.95
C ASP D 324 0.99 42.25 14.05
N ALA D 325 0.47 41.67 12.98
CA ALA D 325 -0.83 41.02 12.97
C ALA D 325 -0.69 39.67 12.30
N VAL D 326 -0.93 38.60 13.06
CA VAL D 326 -0.72 37.24 12.58
C VAL D 326 -2.05 36.70 12.07
N PRO D 327 -2.15 36.26 10.81
CA PRO D 327 -3.44 35.78 10.30
C PRO D 327 -3.77 34.39 10.84
N VAL D 328 -5.07 34.08 10.77
CA VAL D 328 -5.62 32.85 11.31
C VAL D 328 -6.37 32.13 10.19
N ILE D 329 -6.05 30.85 10.01
CA ILE D 329 -6.51 30.06 8.86
C ILE D 329 -7.99 29.75 9.03
N PRO D 330 -8.76 29.64 7.95
CA PRO D 330 -10.20 29.41 8.09
C PRO D 330 -10.48 28.12 8.83
N PRO D 331 -11.57 28.08 9.60
CA PRO D 331 -11.73 26.99 10.58
C PRO D 331 -11.95 25.64 9.95
N GLU D 332 -12.62 25.58 8.80
CA GLU D 332 -12.84 24.29 8.14
C GLU D 332 -11.53 23.65 7.71
N LEU D 333 -10.46 24.42 7.59
CA LEU D 333 -9.14 23.87 7.29
C LEU D 333 -8.42 23.40 8.54
N ARG D 334 -8.94 23.73 9.72
CA ARG D 334 -8.45 23.21 11.00
C ARG D 334 -9.63 22.73 11.84
N PRO D 335 -10.49 21.89 11.30
CA PRO D 335 -11.77 21.61 11.95
C PRO D 335 -11.62 20.75 13.19
N MET D 336 -12.58 20.88 14.10
CA MET D 336 -12.82 19.86 15.12
C MET D 336 -14.09 19.14 14.69
N VAL D 337 -13.93 18.01 14.04
CA VAL D 337 -15.06 17.17 13.67
C VAL D 337 -15.26 16.15 14.79
N GLN D 338 -16.50 16.03 15.25
CA GLN D 338 -16.81 15.02 16.25
C GLN D 338 -16.89 13.65 15.58
N LEU D 339 -16.36 12.65 16.26
CA LEU D 339 -16.59 11.28 15.85
C LEU D 339 -17.85 10.76 16.53
N ASP D 340 -18.37 9.65 16.03
CA ASP D 340 -19.60 9.08 16.56
C ASP D 340 -19.33 8.56 17.96
N GLY D 341 -19.70 9.36 18.97
CA GLY D 341 -19.44 9.01 20.36
C GLY D 341 -18.93 10.16 21.18
N GLY D 342 -18.80 11.34 20.57
CA GLY D 342 -18.34 12.53 21.28
C GLY D 342 -16.85 12.70 21.35
N ARG D 343 -16.07 11.78 20.79
CA ARG D 343 -14.61 11.90 20.79
C ARG D 343 -14.23 12.92 19.72
N PHE D 344 -13.96 14.15 20.16
CA PHE D 344 -13.69 15.24 19.24
C PHE D 344 -12.32 15.08 18.60
N ALA D 345 -12.16 15.67 17.41
CA ALA D 345 -10.95 15.52 16.59
C ALA D 345 -10.46 16.90 16.16
N THR D 346 -9.66 17.55 17.01
CA THR D 346 -9.05 18.81 16.63
C THR D 346 -8.00 18.58 15.54
N SER D 347 -7.46 19.69 15.02
CA SER D 347 -6.55 19.64 13.88
C SER D 347 -5.11 20.00 14.24
N ASP D 348 -4.81 20.16 15.53
CA ASP D 348 -3.44 20.33 15.99
C ASP D 348 -2.87 21.71 15.71
N LEU D 349 -3.61 22.54 14.96
CA LEU D 349 -3.29 23.96 14.86
C LEU D 349 -4.06 24.79 15.87
N ASN D 350 -5.17 24.26 16.37
CA ASN D 350 -5.96 24.99 17.35
C ASN D 350 -5.19 25.17 18.65
N ASP D 351 -4.40 24.17 19.05
CA ASP D 351 -3.61 24.31 20.27
C ASP D 351 -2.51 25.38 20.09
N LEU D 352 -1.91 25.44 18.91
CA LEU D 352 -0.91 26.48 18.67
C LEU D 352 -1.54 27.86 18.64
N TYR D 353 -2.66 28.01 17.94
CA TYR D 353 -3.36 29.29 17.93
C TYR D 353 -3.78 29.68 19.34
N ARG D 354 -4.22 28.72 20.13
CA ARG D 354 -4.43 29.01 21.54
C ARG D 354 -3.16 29.57 22.15
N ARG D 355 -2.09 28.77 22.21
CA ARG D 355 -0.84 29.21 22.85
C ARG D 355 -0.54 30.66 22.51
N VAL D 356 -0.63 31.03 21.23
CA VAL D 356 -0.33 32.42 20.86
C VAL D 356 -1.36 33.36 21.49
N ILE D 357 -2.64 32.99 21.47
CA ILE D 357 -3.67 33.88 22.01
C ILE D 357 -3.49 34.06 23.51
N ASN D 358 -3.27 32.96 24.25
CA ASN D 358 -3.10 33.09 25.69
C ASN D 358 -1.89 33.95 26.02
N ARG D 359 -0.77 33.72 25.33
CA ARG D 359 0.42 34.49 25.66
C ARG D 359 0.26 35.95 25.27
N ASN D 360 -0.43 36.23 24.15
CA ASN D 360 -0.68 37.61 23.78
C ASN D 360 -1.57 38.32 24.80
N ASN D 361 -2.63 37.66 25.25
CA ASN D 361 -3.50 38.27 26.24
C ASN D 361 -2.77 38.47 27.57
N ARG D 362 -1.93 37.51 27.95
CA ARG D 362 -1.14 37.67 29.17
C ARG D 362 -0.21 38.87 29.05
N LEU D 363 0.43 39.03 27.89
CA LEU D 363 1.28 40.20 27.67
C LEU D 363 0.46 41.48 27.77
N LYS D 364 -0.72 41.50 27.15
CA LYS D 364 -1.56 42.69 27.17
C LYS D 364 -1.93 43.07 28.59
N ARG D 365 -2.35 42.09 29.39
CA ARG D 365 -2.69 42.39 30.77
C ARG D 365 -1.47 42.82 31.56
N LEU D 366 -0.32 42.20 31.32
CA LEU D 366 0.88 42.58 32.05
C LEU D 366 1.25 44.03 31.77
N ILE D 367 1.18 44.45 30.50
CA ILE D 367 1.55 45.83 30.16
C ILE D 367 0.50 46.79 30.70
N ASP D 368 -0.78 46.42 30.65
CA ASP D 368 -1.82 47.27 31.23
C ASP D 368 -1.59 47.46 32.73
N LEU D 369 -1.26 46.38 33.42
CA LEU D 369 -1.11 46.41 34.88
C LEU D 369 0.16 47.12 35.32
N GLY D 370 1.25 46.97 34.56
CA GLY D 370 2.54 47.49 34.97
C GLY D 370 3.36 46.41 35.63
N ALA D 371 4.36 45.89 34.92
CA ALA D 371 5.14 44.76 35.36
C ALA D 371 6.63 45.04 35.19
N PRO D 372 7.48 44.37 35.96
CA PRO D 372 8.92 44.61 35.85
C PRO D 372 9.47 44.17 34.49
N GLU D 373 10.63 44.74 34.17
CA GLU D 373 11.28 44.48 32.89
C GLU D 373 11.53 42.99 32.70
N ILE D 374 11.96 42.29 33.76
CA ILE D 374 12.24 40.87 33.63
C ILE D 374 11.00 40.12 33.17
N ILE D 375 9.87 40.35 33.85
CA ILE D 375 8.65 39.62 33.51
C ILE D 375 8.19 39.99 32.10
N VAL D 376 8.21 41.29 31.77
CA VAL D 376 7.69 41.70 30.47
C VAL D 376 8.55 41.13 29.34
N ASN D 377 9.87 41.21 29.48
CA ASN D 377 10.75 40.67 28.43
C ASN D 377 10.63 39.17 28.32
N ASN D 378 10.50 38.47 29.45
CA ASN D 378 10.25 37.04 29.40
C ASN D 378 8.96 36.75 28.64
N GLU D 379 7.91 37.52 28.92
CA GLU D 379 6.65 37.29 28.23
C GLU D 379 6.79 37.51 26.73
N LYS D 380 7.52 38.55 26.33
CA LYS D 380 7.73 38.79 24.92
C LYS D 380 8.52 37.63 24.29
N ARG D 381 9.47 37.07 25.05
CA ARG D 381 10.19 35.91 24.55
C ARG D 381 9.26 34.72 24.33
N MET D 382 8.37 34.46 25.29
CA MET D 382 7.43 33.34 25.11
C MET D 382 6.49 33.59 23.94
N LEU D 383 6.06 34.84 23.75
CA LEU D 383 5.25 35.16 22.58
C LEU D 383 6.01 34.87 21.30
N GLN D 384 7.27 35.28 21.24
CA GLN D 384 8.11 34.98 20.08
C GLN D 384 8.15 33.48 19.82
N GLU D 385 8.48 32.71 20.86
CA GLU D 385 8.60 31.26 20.70
C GLU D 385 7.28 30.65 20.24
N SER D 386 6.17 31.14 20.76
CA SER D 386 4.87 30.62 20.34
C SER D 386 4.63 30.88 18.86
N VAL D 387 4.97 32.07 18.38
CA VAL D 387 4.79 32.36 16.96
C VAL D 387 5.72 31.50 16.11
N ASP D 388 6.97 31.33 16.54
CA ASP D 388 7.89 30.50 15.77
C ASP D 388 7.41 29.06 15.71
N ALA D 389 6.87 28.55 16.82
CA ALA D 389 6.29 27.20 16.81
C ALA D 389 5.09 27.14 15.88
N LEU D 390 4.25 28.17 15.89
CA LEU D 390 3.09 28.19 15.01
C LEU D 390 3.53 28.09 13.54
N PHE D 391 4.58 28.81 13.18
CA PHE D 391 4.96 28.87 11.78
C PHE D 391 5.78 27.65 11.35
N ASP D 392 6.73 27.24 12.18
CA ASP D 392 7.51 26.04 11.91
C ASP D 392 7.92 25.45 13.26
N ASN D 393 7.18 24.47 13.74
CA ASN D 393 7.56 23.77 14.96
C ASN D 393 8.77 22.88 14.69
N GLY D 394 9.67 22.81 15.66
CA GLY D 394 10.87 22.01 15.51
C GLY D 394 11.99 22.66 14.75
N ARG D 395 11.82 23.90 14.29
CA ARG D 395 12.89 24.58 13.58
C ARG D 395 13.98 25.04 14.55
N ARG D 396 13.62 25.90 15.50
CA ARG D 396 14.55 26.47 16.47
C ARG D 396 14.32 25.80 17.81
N GLY D 397 15.34 25.12 18.32
CA GLY D 397 15.24 24.50 19.62
C GLY D 397 14.38 23.24 19.61
N ARG D 398 13.97 22.85 20.80
CA ARG D 398 13.22 21.61 20.95
C ARG D 398 11.85 21.74 20.28
N PRO D 399 11.43 20.78 19.46
CA PRO D 399 10.08 20.85 18.89
C PRO D 399 9.03 20.79 19.99
N VAL D 400 7.97 21.59 19.83
CA VAL D 400 6.89 21.59 20.81
C VAL D 400 6.13 20.28 20.68
N THR D 401 6.11 19.50 21.76
CA THR D 401 5.49 18.19 21.76
C THR D 401 4.01 18.28 22.13
N GLY D 402 3.31 17.17 21.91
CA GLY D 402 1.95 17.01 22.36
C GLY D 402 1.85 15.82 23.29
N PRO D 403 0.66 15.27 23.47
CA PRO D 403 0.54 14.03 24.25
C PRO D 403 1.25 12.89 23.55
N GLY D 404 1.85 12.01 24.35
CA GLY D 404 2.66 10.95 23.78
C GLY D 404 3.99 11.40 23.25
N ASN D 405 4.44 12.61 23.63
CA ASN D 405 5.71 13.17 23.17
C ASN D 405 5.80 13.15 21.65
N ARG D 406 4.68 13.48 21.00
CA ARG D 406 4.62 13.57 19.55
C ARG D 406 4.79 15.03 19.12
N PRO D 407 5.69 15.34 18.19
CA PRO D 407 5.80 16.72 17.73
C PRO D 407 4.53 17.15 17.01
N LEU D 408 4.16 18.42 17.19
CA LEU D 408 2.95 18.93 16.57
C LEU D 408 3.23 19.33 15.12
N LYS D 409 2.15 19.51 14.36
CA LYS D 409 2.21 19.76 12.92
C LYS D 409 1.90 21.23 12.68
N SER D 410 2.94 22.04 12.55
CA SER D 410 2.79 23.46 12.31
C SER D 410 2.45 23.68 10.82
N LEU D 411 2.35 24.95 10.41
CA LEU D 411 1.97 25.25 9.04
C LEU D 411 3.05 24.81 8.05
N SER D 412 4.32 25.02 8.39
CA SER D 412 5.40 24.61 7.50
C SER D 412 5.33 23.12 7.21
N ASP D 413 5.06 22.32 8.24
CA ASP D 413 4.97 20.87 8.07
C ASP D 413 3.83 20.47 7.14
N LEU D 414 2.88 21.36 6.86
CA LEU D 414 1.81 21.06 5.92
C LEU D 414 2.28 21.12 4.47
N LEU D 415 3.50 21.58 4.20
CA LEU D 415 3.99 21.69 2.83
C LEU D 415 5.30 20.92 2.67
N LYS D 416 6.10 20.85 3.72
CA LYS D 416 7.40 20.19 3.61
C LYS D 416 7.25 18.67 3.49
N GLY D 417 8.28 18.05 2.93
CA GLY D 417 8.40 16.61 2.94
C GLY D 417 7.42 15.92 2.01
N LYS D 418 7.34 14.60 2.21
CA LYS D 418 6.54 13.76 1.32
C LYS D 418 5.04 13.94 1.58
N GLN D 419 4.66 14.37 2.78
CA GLN D 419 3.26 14.42 3.19
C GLN D 419 2.67 15.82 3.03
N GLY D 420 3.36 16.71 2.33
CA GLY D 420 2.83 18.05 2.12
C GLY D 420 1.66 18.04 1.15
N ARG D 421 1.01 19.21 1.07
CA ARG D 421 -0.06 19.37 0.09
C ARG D 421 0.48 19.24 -1.33
N PHE D 422 1.73 19.68 -1.54
CA PHE D 422 2.30 19.60 -2.88
C PHE D 422 2.41 18.18 -3.38
N ARG D 423 2.18 17.18 -2.54
CA ARG D 423 2.18 15.78 -2.96
C ARG D 423 0.86 15.07 -2.68
N GLN D 424 0.36 15.09 -1.44
CA GLN D 424 -0.73 14.19 -1.07
C GLN D 424 -1.93 14.35 -2.00
N ASN D 425 -2.25 15.59 -2.36
CA ASN D 425 -3.35 15.88 -3.28
C ASN D 425 -2.87 16.37 -4.64
N LEU D 426 -1.56 16.35 -4.89
CA LEU D 426 -1.01 16.71 -6.19
C LEU D 426 -0.21 15.58 -6.83
N LEU D 427 0.16 14.55 -6.09
CA LEU D 427 0.69 13.32 -6.67
C LEU D 427 -0.42 12.40 -7.15
N GLY D 428 -1.67 12.81 -7.02
CA GLY D 428 -2.81 12.01 -7.45
C GLY D 428 -4.01 12.29 -6.57
N LYS D 429 -5.18 11.98 -7.10
CA LYS D 429 -6.44 12.12 -6.38
C LYS D 429 -7.30 10.90 -6.64
N ARG D 430 -8.12 10.55 -5.66
CA ARG D 430 -9.20 9.61 -5.91
C ARG D 430 -10.24 10.30 -6.79
N VAL D 431 -10.85 9.55 -7.70
CA VAL D 431 -11.73 10.12 -8.70
C VAL D 431 -13.06 9.38 -8.69
N ASP D 432 -14.14 10.13 -8.90
CA ASP D 432 -15.47 9.57 -8.97
C ASP D 432 -15.70 8.96 -10.36
N TYR D 433 -16.76 8.17 -10.48
CA TYR D 433 -17.05 7.43 -11.71
C TYR D 433 -15.85 6.56 -12.09
N SER D 434 -15.54 5.62 -11.20
CA SER D 434 -14.37 4.78 -11.34
C SER D 434 -14.72 3.37 -10.88
N GLY D 435 -13.78 2.47 -11.06
CA GLY D 435 -13.93 1.12 -10.55
C GLY D 435 -12.67 0.34 -10.83
N ARG D 436 -12.68 -0.91 -10.38
CA ARG D 436 -11.57 -1.81 -10.66
C ARG D 436 -12.03 -3.25 -10.51
N SER D 437 -11.23 -4.15 -11.07
CA SER D 437 -11.51 -5.57 -10.98
C SER D 437 -10.31 -6.36 -11.46
N VAL D 438 -10.32 -7.65 -11.14
CA VAL D 438 -9.33 -8.57 -11.70
C VAL D 438 -9.64 -8.76 -13.18
N ILE D 439 -8.61 -9.13 -13.95
CA ILE D 439 -8.72 -9.22 -15.39
C ILE D 439 -8.59 -10.67 -15.81
N VAL D 440 -9.21 -11.01 -16.94
CA VAL D 440 -9.08 -12.32 -17.57
C VAL D 440 -8.93 -12.11 -19.07
N VAL D 441 -8.41 -13.13 -19.73
CA VAL D 441 -8.07 -13.03 -21.14
C VAL D 441 -9.33 -13.16 -21.98
N GLY D 442 -9.42 -12.33 -23.03
CA GLY D 442 -10.63 -12.11 -23.78
C GLY D 442 -10.52 -12.47 -25.25
N PRO D 443 -10.00 -13.67 -25.54
CA PRO D 443 -9.51 -13.93 -26.91
C PRO D 443 -10.54 -13.71 -28.00
N GLN D 444 -11.84 -13.82 -27.71
CA GLN D 444 -12.88 -13.62 -28.72
C GLN D 444 -13.22 -12.16 -28.95
N LEU D 445 -12.60 -11.24 -28.22
CA LEU D 445 -12.90 -9.83 -28.38
C LEU D 445 -12.19 -9.25 -29.60
N LYS D 446 -12.72 -8.12 -30.09
CA LYS D 446 -12.01 -7.33 -31.09
C LYS D 446 -10.98 -6.45 -30.40
N LEU D 447 -10.07 -5.90 -31.20
CA LEU D 447 -8.97 -5.12 -30.63
C LEU D 447 -9.49 -3.88 -29.92
N HIS D 448 -10.46 -3.19 -30.52
CA HIS D 448 -10.98 -1.97 -29.91
C HIS D 448 -12.03 -2.24 -28.85
N GLN D 449 -12.42 -3.50 -28.66
CA GLN D 449 -13.42 -3.85 -27.66
C GLN D 449 -12.75 -4.27 -26.36
N CYS D 450 -13.58 -4.44 -25.33
CA CYS D 450 -13.11 -4.97 -24.05
C CYS D 450 -14.32 -5.44 -23.27
N GLY D 451 -14.06 -6.35 -22.33
CA GLY D 451 -15.12 -6.82 -21.48
C GLY D 451 -15.44 -5.86 -20.36
N LEU D 452 -16.58 -6.08 -19.74
CA LEU D 452 -16.97 -5.28 -18.59
C LEU D 452 -18.04 -6.04 -17.81
N PRO D 453 -17.81 -6.35 -16.53
CA PRO D 453 -18.84 -7.10 -15.79
C PRO D 453 -20.06 -6.23 -15.56
N LYS D 454 -21.23 -6.75 -15.95
CA LYS D 454 -22.44 -5.94 -15.94
C LYS D 454 -22.75 -5.40 -14.55
N LEU D 455 -22.45 -6.15 -13.50
CA LEU D 455 -22.70 -5.67 -12.15
C LEU D 455 -21.74 -4.57 -11.74
N MET D 456 -20.78 -4.22 -12.59
CA MET D 456 -19.96 -3.03 -12.45
C MET D 456 -20.47 -1.88 -13.33
N ALA D 457 -20.73 -2.16 -14.61
CA ALA D 457 -21.22 -1.13 -15.51
C ALA D 457 -22.53 -0.54 -15.01
N LEU D 458 -23.40 -1.39 -14.47
CA LEU D 458 -24.68 -0.91 -13.95
C LEU D 458 -24.49 0.16 -12.89
N GLU D 459 -23.37 0.12 -12.17
CA GLU D 459 -23.05 1.16 -11.20
C GLU D 459 -22.32 2.34 -11.85
N LEU D 460 -21.43 2.06 -12.80
CA LEU D 460 -20.68 3.12 -13.46
C LEU D 460 -21.62 4.09 -14.18
N PHE D 461 -22.57 3.55 -14.94
CA PHE D 461 -23.46 4.34 -15.78
C PHE D 461 -24.84 4.52 -15.16
N LYS D 462 -24.89 4.56 -13.83
CA LYS D 462 -26.16 4.69 -13.14
C LYS D 462 -26.94 5.92 -13.58
N PRO D 463 -26.35 7.12 -13.66
CA PRO D 463 -27.14 8.28 -14.11
C PRO D 463 -27.68 8.10 -15.52
N PHE D 464 -26.88 7.57 -16.44
CA PHE D 464 -27.34 7.41 -17.82
C PHE D 464 -28.52 6.44 -17.89
N VAL D 465 -28.37 5.26 -17.29
CA VAL D 465 -29.45 4.29 -17.34
C VAL D 465 -30.67 4.82 -16.61
N MET D 466 -30.47 5.58 -15.54
CA MET D 466 -31.59 6.21 -14.83
C MET D 466 -32.36 7.11 -15.76
N LYS D 467 -31.66 8.04 -16.43
CA LYS D 467 -32.32 8.94 -17.37
C LYS D 467 -33.07 8.15 -18.43
N ARG D 468 -32.43 7.12 -19.00
CA ARG D 468 -33.02 6.45 -20.15
C ARG D 468 -34.25 5.66 -19.76
N LEU D 469 -34.21 4.94 -18.64
CA LEU D 469 -35.39 4.17 -18.23
C LEU D 469 -36.46 5.06 -17.61
N VAL D 470 -36.14 6.31 -17.24
CA VAL D 470 -37.20 7.28 -17.02
C VAL D 470 -37.84 7.67 -18.36
N ASP D 471 -37.00 7.90 -19.37
CA ASP D 471 -37.50 8.32 -20.67
C ASP D 471 -38.44 7.27 -21.24
N LEU D 472 -38.11 5.99 -21.09
CA LEU D 472 -38.96 4.92 -21.60
C LEU D 472 -40.17 4.65 -20.70
N ASN D 473 -40.48 5.56 -19.78
CA ASN D 473 -41.68 5.49 -18.95
C ASN D 473 -41.68 4.28 -18.02
N HIS D 474 -40.53 3.63 -17.84
CA HIS D 474 -40.45 2.51 -16.92
C HIS D 474 -40.50 2.95 -15.47
N ALA D 475 -40.18 4.22 -15.19
CA ALA D 475 -40.24 4.78 -13.85
C ALA D 475 -41.01 6.09 -13.88
N GLN D 476 -41.88 6.28 -12.90
CA GLN D 476 -42.62 7.53 -12.82
C GLN D 476 -41.71 8.73 -12.66
N ASN D 477 -40.58 8.56 -11.96
CA ASN D 477 -39.66 9.68 -11.78
C ASN D 477 -38.25 9.15 -11.53
N ILE D 478 -37.35 10.07 -11.23
CA ILE D 478 -35.92 9.77 -11.11
C ILE D 478 -35.64 8.95 -9.86
N LYS D 479 -36.25 9.29 -8.73
CA LYS D 479 -35.98 8.54 -7.51
C LYS D 479 -36.46 7.10 -7.62
N SER D 480 -37.65 6.89 -8.18
CA SER D 480 -38.13 5.55 -8.42
C SER D 480 -37.24 4.81 -9.41
N ALA D 481 -36.72 5.52 -10.42
CA ALA D 481 -35.77 4.90 -11.34
C ALA D 481 -34.50 4.48 -10.62
N LYS D 482 -34.02 5.30 -9.69
CA LYS D 482 -32.82 4.96 -8.93
C LYS D 482 -33.05 3.73 -8.08
N ARG D 483 -34.20 3.64 -7.42
CA ARG D 483 -34.52 2.44 -6.67
C ARG D 483 -34.63 1.24 -7.60
N MET D 484 -35.17 1.44 -8.80
CA MET D 484 -35.25 0.36 -9.77
C MET D 484 -33.86 -0.16 -10.11
N VAL D 485 -32.91 0.75 -10.34
CA VAL D 485 -31.55 0.34 -10.64
C VAL D 485 -30.95 -0.41 -9.46
N GLU D 486 -31.17 0.10 -8.24
CA GLU D 486 -30.63 -0.56 -7.05
C GLU D 486 -31.15 -2.00 -6.96
N ARG D 487 -32.46 -2.18 -7.04
CA ARG D 487 -33.03 -3.52 -6.92
C ARG D 487 -32.75 -4.37 -8.16
N GLN D 488 -32.30 -3.76 -9.26
CA GLN D 488 -31.90 -4.49 -10.45
C GLN D 488 -33.07 -5.29 -11.04
N ARG D 489 -34.15 -4.58 -11.34
CA ARG D 489 -35.24 -5.21 -12.06
C ARG D 489 -34.77 -5.49 -13.50
N PRO D 490 -35.10 -6.67 -14.05
CA PRO D 490 -34.31 -7.17 -15.19
C PRO D 490 -34.29 -6.27 -16.42
N GLN D 491 -35.30 -5.43 -16.64
CA GLN D 491 -35.26 -4.55 -17.80
C GLN D 491 -34.15 -3.52 -17.72
N VAL D 492 -33.60 -3.30 -16.52
CA VAL D 492 -32.47 -2.40 -16.37
C VAL D 492 -31.31 -2.83 -17.27
N TRP D 493 -31.19 -4.14 -17.51
CA TRP D 493 -30.09 -4.63 -18.35
C TRP D 493 -30.29 -4.27 -19.82
N ASP D 494 -31.51 -4.41 -20.33
CA ASP D 494 -31.73 -4.07 -21.74
C ASP D 494 -31.57 -2.58 -21.96
N VAL D 495 -31.98 -1.75 -20.98
CA VAL D 495 -31.67 -0.32 -21.13
C VAL D 495 -30.17 -0.06 -20.96
N LEU D 496 -29.50 -0.87 -20.14
CA LEU D 496 -28.06 -0.71 -19.91
C LEU D 496 -27.28 -0.93 -21.19
N GLU D 497 -27.66 -1.93 -21.98
CA GLU D 497 -27.00 -2.14 -23.27
C GLU D 497 -27.08 -0.88 -24.11
N GLU D 498 -28.27 -0.28 -24.19
CA GLU D 498 -28.45 0.89 -25.04
C GLU D 498 -27.58 2.05 -24.56
N VAL D 499 -27.50 2.27 -23.25
CA VAL D 499 -26.63 3.36 -22.79
C VAL D 499 -25.17 3.02 -23.08
N ILE D 500 -24.79 1.75 -22.95
CA ILE D 500 -23.38 1.39 -23.08
C ILE D 500 -22.90 1.58 -24.51
N ALA D 501 -23.75 1.27 -25.48
CA ALA D 501 -23.30 1.24 -26.88
C ALA D 501 -22.66 2.58 -27.27
N GLU D 502 -21.44 2.49 -27.83
CA GLU D 502 -20.71 3.66 -28.29
C GLU D 502 -20.45 4.66 -27.16
N HIS D 503 -19.68 4.21 -26.17
CA HIS D 503 -19.27 5.10 -25.09
C HIS D 503 -18.00 4.54 -24.45
N PRO D 504 -16.81 4.98 -24.86
CA PRO D 504 -15.59 4.28 -24.44
C PRO D 504 -15.28 4.51 -22.97
N VAL D 505 -14.40 3.64 -22.47
CA VAL D 505 -13.90 3.70 -21.10
C VAL D 505 -12.39 3.59 -21.14
N LEU D 506 -11.75 3.99 -20.05
CA LEU D 506 -10.30 3.95 -19.92
C LEU D 506 -9.90 2.82 -18.98
N LEU D 507 -8.81 2.13 -19.30
CA LEU D 507 -8.30 1.00 -18.54
C LEU D 507 -6.89 1.33 -18.07
N ASN D 508 -6.80 1.79 -16.82
CA ASN D 508 -5.52 2.01 -16.17
C ASN D 508 -5.02 0.72 -15.53
N ARG D 509 -3.70 0.55 -15.55
CA ARG D 509 -3.05 -0.50 -14.77
C ARG D 509 -1.85 0.11 -14.08
N ALA D 510 -1.87 0.10 -12.77
CA ALA D 510 -0.69 0.52 -12.04
C ALA D 510 0.28 -0.66 -11.88
N PRO D 511 1.59 -0.41 -11.90
CA PRO D 511 2.26 0.87 -12.14
C PRO D 511 2.22 1.26 -13.62
N THR D 512 1.77 2.48 -13.93
CA THR D 512 1.71 2.96 -15.31
C THR D 512 3.10 3.40 -15.73
N LEU D 513 3.88 2.45 -16.23
CA LEU D 513 5.29 2.75 -16.55
C LEU D 513 5.40 3.75 -17.69
N HIS D 514 4.57 3.63 -18.72
CA HIS D 514 4.72 4.47 -19.91
C HIS D 514 3.35 4.77 -20.50
N ARG D 515 3.37 5.42 -21.66
CA ARG D 515 2.19 6.11 -22.17
C ARG D 515 1.03 5.17 -22.42
N LEU D 516 1.29 3.90 -22.71
CA LEU D 516 0.24 2.95 -23.04
C LEU D 516 -0.32 2.25 -21.82
N GLY D 517 0.04 2.69 -20.61
CA GLY D 517 -0.61 2.16 -19.44
C GLY D 517 -2.10 2.46 -19.38
N ILE D 518 -2.54 3.50 -20.07
CA ILE D 518 -3.96 3.86 -20.15
C ILE D 518 -4.36 3.83 -21.61
N GLN D 519 -5.41 3.07 -21.91
CA GLN D 519 -5.93 3.00 -23.27
C GLN D 519 -7.45 3.00 -23.20
N ALA D 520 -8.08 3.48 -24.27
CA ALA D 520 -9.52 3.62 -24.34
C ALA D 520 -10.10 2.47 -25.16
N PHE D 521 -11.07 1.77 -24.59
CA PHE D 521 -11.74 0.65 -25.24
C PHE D 521 -13.23 0.92 -25.30
N GLU D 522 -13.90 0.31 -26.26
CA GLU D 522 -15.35 0.25 -26.25
C GLU D 522 -15.79 -0.88 -25.32
N PRO D 523 -16.56 -0.60 -24.27
CA PRO D 523 -16.96 -1.68 -23.36
C PRO D 523 -18.08 -2.51 -23.97
N MET D 524 -18.11 -3.78 -23.56
CA MET D 524 -19.24 -4.63 -23.89
C MET D 524 -19.51 -5.52 -22.69
N LEU D 525 -20.80 -5.83 -22.51
CA LEU D 525 -21.24 -6.47 -21.28
C LEU D 525 -20.86 -7.95 -21.30
N VAL D 526 -20.39 -8.45 -20.17
CA VAL D 526 -19.85 -9.80 -20.05
C VAL D 526 -20.43 -10.44 -18.80
N GLU D 527 -20.85 -11.70 -18.92
CA GLU D 527 -21.25 -12.46 -17.76
C GLU D 527 -20.07 -12.65 -16.82
N GLY D 528 -20.33 -12.58 -15.52
CA GLY D 528 -19.31 -12.75 -14.52
C GLY D 528 -18.93 -11.43 -13.86
N LYS D 529 -17.79 -11.47 -13.17
CA LYS D 529 -17.32 -10.34 -12.36
C LYS D 529 -15.87 -9.97 -12.64
N ALA D 530 -15.33 -10.39 -13.77
CA ALA D 530 -13.93 -10.14 -14.11
C ALA D 530 -13.85 -9.40 -15.43
N ILE D 531 -13.05 -8.34 -15.46
CA ILE D 531 -12.87 -7.57 -16.70
C ILE D 531 -12.18 -8.44 -17.73
N GLN D 532 -12.80 -8.58 -18.90
CA GLN D 532 -12.21 -9.34 -19.99
C GLN D 532 -11.38 -8.38 -20.84
N LEU D 533 -10.08 -8.61 -20.87
CA LEU D 533 -9.13 -7.74 -21.57
C LEU D 533 -8.62 -8.44 -22.81
N HIS D 534 -8.48 -7.69 -23.89
CA HIS D 534 -8.05 -8.27 -25.16
C HIS D 534 -6.61 -8.74 -25.04
N PRO D 535 -6.28 -9.97 -25.45
CA PRO D 535 -4.96 -10.52 -25.12
C PRO D 535 -3.79 -9.75 -25.72
N LEU D 536 -4.02 -8.91 -26.73
CA LEU D 536 -2.93 -8.32 -27.48
C LEU D 536 -2.48 -6.95 -26.95
N VAL D 537 -3.11 -6.44 -25.90
CA VAL D 537 -2.58 -5.28 -25.19
C VAL D 537 -1.81 -5.70 -23.93
N CYS D 538 -1.62 -7.01 -23.74
CA CYS D 538 -0.85 -7.49 -22.61
C CYS D 538 0.58 -6.95 -22.65
N GLU D 539 1.16 -6.86 -23.85
CA GLU D 539 2.52 -6.33 -23.97
C GLU D 539 2.57 -4.89 -23.48
N ALA D 540 1.63 -4.06 -23.93
CA ALA D 540 1.62 -2.66 -23.54
C ALA D 540 1.42 -2.52 -22.03
N PHE D 541 0.50 -3.30 -21.48
CA PHE D 541 0.18 -3.16 -20.06
C PHE D 541 1.15 -3.88 -19.15
N ASN D 542 2.06 -4.69 -19.69
CA ASN D 542 2.91 -5.56 -18.87
C ASN D 542 2.03 -6.29 -17.86
N ALA D 543 1.08 -7.05 -18.38
CA ALA D 543 0.03 -7.67 -17.58
C ALA D 543 -0.03 -9.16 -17.92
N ASP D 544 0.47 -9.99 -17.02
CA ASP D 544 0.15 -11.40 -17.04
C ASP D 544 -1.02 -11.66 -16.09
N PHE D 545 -1.76 -12.73 -16.38
CA PHE D 545 -3.07 -12.96 -15.77
C PHE D 545 -2.97 -13.72 -14.46
N ASP D 546 -1.87 -13.57 -13.74
CA ASP D 546 -1.66 -14.23 -12.46
C ASP D 546 -2.46 -13.61 -11.32
N GLY D 547 -3.39 -12.71 -11.62
CA GLY D 547 -4.23 -12.10 -10.59
C GLY D 547 -4.09 -10.60 -10.53
N ASP D 548 -3.60 -9.99 -11.60
CA ASP D 548 -3.45 -8.55 -11.62
C ASP D 548 -4.80 -7.87 -11.83
N GLN D 549 -4.88 -6.62 -11.39
CA GLN D 549 -6.13 -5.88 -11.36
C GLN D 549 -5.98 -4.61 -12.18
N MET D 550 -7.10 -4.14 -12.71
CA MET D 550 -7.12 -2.94 -13.53
C MET D 550 -8.24 -2.03 -13.06
N ALA D 551 -8.09 -0.74 -13.38
CA ALA D 551 -9.03 0.28 -13.00
C ALA D 551 -9.75 0.78 -14.24
N VAL D 552 -11.08 0.80 -14.18
CA VAL D 552 -11.92 1.35 -15.24
C VAL D 552 -12.31 2.75 -14.84
N HIS D 553 -11.96 3.72 -15.67
CA HIS D 553 -12.43 5.09 -15.50
C HIS D 553 -13.57 5.33 -16.49
N LEU D 554 -14.06 6.57 -16.52
CA LEU D 554 -15.18 6.89 -17.40
C LEU D 554 -15.15 8.34 -17.83
N PRO D 555 -14.78 8.65 -19.08
CA PRO D 555 -14.90 10.03 -19.54
C PRO D 555 -16.35 10.46 -19.64
N LEU D 556 -16.61 11.73 -19.33
CA LEU D 556 -17.96 12.25 -19.26
C LEU D 556 -18.25 13.29 -20.34
N SER D 557 -17.48 14.36 -20.41
CA SER D 557 -17.78 15.44 -21.33
C SER D 557 -17.57 14.98 -22.77
N ALA D 558 -18.21 15.70 -23.70
CA ALA D 558 -18.04 15.41 -25.11
C ALA D 558 -16.57 15.48 -25.50
N GLU D 559 -15.84 16.46 -24.95
CA GLU D 559 -14.42 16.56 -25.26
C GLU D 559 -13.66 15.35 -24.76
N ALA D 560 -13.96 14.88 -23.54
CA ALA D 560 -13.30 13.70 -23.02
C ALA D 560 -13.61 12.46 -23.85
N GLN D 561 -14.87 12.32 -24.27
CA GLN D 561 -15.25 11.19 -25.11
C GLN D 561 -14.50 11.23 -26.44
N ALA D 562 -14.39 12.41 -27.04
CA ALA D 562 -13.63 12.53 -28.29
C ALA D 562 -12.16 12.19 -28.08
N GLU D 563 -11.58 12.68 -26.98
CA GLU D 563 -10.16 12.40 -26.71
C GLU D 563 -9.93 10.90 -26.57
N ALA D 564 -10.77 10.22 -25.79
CA ALA D 564 -10.65 8.77 -25.66
C ALA D 564 -10.88 8.08 -27.00
N ARG D 565 -11.87 8.54 -27.76
CA ARG D 565 -12.22 7.88 -29.01
C ARG D 565 -11.09 7.96 -30.03
N ILE D 566 -10.44 9.11 -30.12
CA ILE D 566 -9.54 9.39 -31.24
C ILE D 566 -8.07 9.18 -30.86
N LEU D 567 -7.67 9.64 -29.67
CA LEU D 567 -6.27 9.60 -29.28
C LEU D 567 -5.90 8.31 -28.57
N MET D 568 -6.72 7.88 -27.62
CA MET D 568 -6.37 6.81 -26.69
C MET D 568 -7.04 5.48 -27.05
N LEU D 569 -7.63 5.37 -28.24
CA LEU D 569 -8.21 4.11 -28.65
C LEU D 569 -7.12 3.06 -28.84
N SER D 570 -7.48 1.79 -28.62
CA SER D 570 -6.51 0.71 -28.76
C SER D 570 -5.98 0.63 -30.18
N SER D 571 -6.88 0.55 -31.16
CA SER D 571 -6.48 0.34 -32.54
C SER D 571 -5.65 1.49 -33.09
N ASN D 572 -5.67 2.65 -32.46
CA ASN D 572 -4.89 3.79 -32.89
C ASN D 572 -3.53 3.87 -32.20
N ASN D 573 -3.23 2.97 -31.27
CA ASN D 573 -1.94 2.90 -30.58
C ASN D 573 -1.42 1.48 -30.73
N ILE D 574 -0.74 1.22 -31.84
CA ILE D 574 -0.13 -0.08 -32.10
C ILE D 574 1.36 -0.07 -31.77
N LEU D 575 2.09 0.88 -32.33
CA LEU D 575 3.54 0.91 -32.24
C LEU D 575 3.98 1.45 -30.88
N SER D 576 5.25 1.24 -30.59
CA SER D 576 5.83 1.82 -29.39
C SER D 576 5.98 3.33 -29.57
N PRO D 577 5.90 4.11 -28.49
CA PRO D 577 6.40 5.49 -28.56
C PRO D 577 7.91 5.56 -28.59
N ALA D 578 8.59 4.48 -28.19
CA ALA D 578 10.05 4.49 -28.08
C ALA D 578 10.71 4.23 -29.42
N SER D 579 10.48 3.05 -29.99
CA SER D 579 11.19 2.60 -31.19
C SER D 579 10.27 2.33 -32.36
N GLY D 580 8.97 2.54 -32.21
CA GLY D 580 8.04 2.33 -33.31
C GLY D 580 7.77 0.88 -33.64
N ARG D 581 8.36 -0.07 -32.92
CA ARG D 581 8.03 -1.46 -33.14
C ARG D 581 6.59 -1.73 -32.68
N PRO D 582 5.90 -2.69 -33.29
CA PRO D 582 4.53 -2.96 -32.88
C PRO D 582 4.50 -3.65 -31.51
N LEU D 583 3.57 -3.18 -30.67
CA LEU D 583 3.27 -3.86 -29.41
C LEU D 583 1.98 -4.65 -29.47
N ALA D 584 1.12 -4.38 -30.46
CA ALA D 584 0.05 -5.30 -30.81
C ALA D 584 0.57 -6.50 -31.59
N MET D 585 1.89 -6.61 -31.76
CA MET D 585 2.47 -7.75 -32.46
C MET D 585 2.06 -9.04 -31.75
N PRO D 586 1.69 -10.09 -32.50
CA PRO D 586 1.39 -11.36 -31.85
C PRO D 586 2.62 -11.89 -31.13
N ARG D 587 2.41 -12.48 -29.97
CA ARG D 587 3.48 -12.92 -29.09
C ARG D 587 3.23 -14.37 -28.67
N LEU D 588 4.10 -14.88 -27.80
CA LEU D 588 3.90 -16.12 -27.06
C LEU D 588 3.12 -17.19 -27.82
N ASP D 589 1.90 -17.49 -27.37
CA ASP D 589 1.16 -18.64 -27.88
C ASP D 589 0.76 -18.45 -29.34
N MET D 590 0.34 -17.25 -29.71
CA MET D 590 -0.06 -17.02 -31.10
C MET D 590 1.15 -17.13 -32.01
N VAL D 591 2.32 -16.68 -31.55
CA VAL D 591 3.54 -16.87 -32.32
C VAL D 591 3.81 -18.35 -32.50
N THR D 592 3.64 -19.14 -31.44
CA THR D 592 3.83 -20.58 -31.58
C THR D 592 2.89 -21.16 -32.63
N GLY D 593 1.62 -20.77 -32.59
CA GLY D 593 0.67 -21.26 -33.55
C GLY D 593 1.05 -20.91 -34.98
N LEU D 594 1.43 -19.66 -35.22
CA LEU D 594 1.78 -19.25 -36.56
C LEU D 594 3.06 -19.93 -37.04
N TYR D 595 4.02 -20.15 -36.13
CA TYR D 595 5.20 -20.91 -36.50
C TYR D 595 4.81 -22.31 -36.97
N TYR D 596 4.01 -23.01 -36.16
CA TYR D 596 3.61 -24.36 -36.57
C TYR D 596 2.83 -24.32 -37.87
N LEU D 597 2.10 -23.24 -38.13
CA LEU D 597 1.29 -23.15 -39.34
C LEU D 597 2.17 -22.96 -40.58
N THR D 598 3.19 -22.13 -40.49
CA THR D 598 3.99 -21.76 -41.65
C THR D 598 5.27 -22.58 -41.80
N THR D 599 5.58 -23.46 -40.84
CA THR D 599 6.79 -24.26 -40.98
C THR D 599 6.58 -25.35 -42.03
N GLU D 600 7.69 -25.78 -42.63
CA GLU D 600 7.68 -26.74 -43.73
C GLU D 600 8.39 -28.01 -43.29
N VAL D 601 7.75 -29.15 -43.51
CA VAL D 601 8.26 -30.46 -43.11
C VAL D 601 8.59 -31.24 -44.38
N PRO D 602 9.87 -31.52 -44.69
CA PRO D 602 10.16 -32.41 -45.80
C PRO D 602 9.71 -33.84 -45.49
N GLY D 603 9.41 -34.57 -46.55
CA GLY D 603 8.94 -35.94 -46.38
C GLY D 603 7.63 -36.04 -45.63
N ASP D 604 6.71 -35.12 -45.88
CA ASP D 604 5.39 -35.11 -45.27
C ASP D 604 4.38 -35.75 -46.21
N THR D 605 3.14 -35.86 -45.73
CA THR D 605 2.09 -36.54 -46.49
C THR D 605 1.54 -35.61 -47.57
N GLY D 606 1.62 -36.04 -48.82
CA GLY D 606 1.03 -35.30 -49.92
C GLY D 606 1.93 -34.23 -50.49
N GLU D 607 3.24 -34.48 -50.50
CA GLU D 607 4.18 -33.54 -51.08
C GLU D 607 4.00 -33.50 -52.61
N TYR D 608 4.75 -32.60 -53.25
CA TYR D 608 4.82 -32.54 -54.71
C TYR D 608 6.12 -33.20 -55.15
N GLN D 609 6.00 -34.36 -55.79
CA GLN D 609 7.15 -34.98 -56.42
C GLN D 609 6.91 -35.08 -57.94
N PRO D 610 7.90 -34.73 -58.76
CA PRO D 610 7.72 -34.79 -60.21
C PRO D 610 7.94 -36.16 -60.84
N ALA D 611 8.00 -37.22 -60.03
CA ALA D 611 8.25 -38.55 -60.56
C ALA D 611 7.21 -38.89 -61.62
N SER D 612 7.67 -39.46 -62.73
CA SER D 612 6.83 -39.71 -63.89
C SER D 612 7.15 -41.10 -64.42
N GLY D 613 6.63 -41.41 -65.59
CA GLY D 613 6.79 -42.72 -66.20
C GLY D 613 5.67 -43.68 -65.86
N ASP D 614 5.41 -43.88 -64.57
CA ASP D 614 4.34 -44.74 -64.11
C ASP D 614 3.10 -43.96 -63.68
N HIS D 615 3.27 -42.77 -63.10
CA HIS D 615 2.14 -41.97 -62.65
C HIS D 615 2.56 -40.51 -62.67
N PRO D 616 1.59 -39.58 -62.73
CA PRO D 616 1.95 -38.15 -62.75
C PRO D 616 2.43 -37.63 -61.41
N GLU D 617 2.60 -36.30 -61.31
CA GLU D 617 3.25 -35.70 -60.14
C GLU D 617 2.41 -35.85 -58.88
N THR D 618 1.09 -35.74 -59.00
CA THR D 618 0.18 -35.84 -57.84
C THR D 618 0.54 -34.83 -56.75
N GLY D 619 0.90 -33.61 -57.16
CA GLY D 619 1.22 -32.57 -56.20
C GLY D 619 0.49 -31.27 -56.44
N VAL D 620 -0.04 -31.08 -57.65
CA VAL D 620 -0.66 -29.82 -58.04
C VAL D 620 -2.02 -29.69 -57.38
N TYR D 621 -2.46 -28.45 -57.21
CA TYR D 621 -3.79 -28.18 -56.65
C TYR D 621 -4.35 -26.93 -57.28
N SER D 622 -5.52 -27.07 -57.91
CA SER D 622 -6.08 -25.99 -58.72
C SER D 622 -6.41 -24.77 -57.89
N SER D 623 -6.84 -24.94 -56.65
CA SER D 623 -7.25 -23.81 -55.84
C SER D 623 -7.01 -24.11 -54.36
N PRO D 624 -6.81 -23.07 -53.54
CA PRO D 624 -6.71 -23.32 -52.10
C PRO D 624 -7.97 -23.93 -51.51
N ALA D 625 -9.13 -23.74 -52.13
CA ALA D 625 -10.33 -24.44 -51.69
C ALA D 625 -10.16 -25.95 -51.85
N GLU D 626 -9.73 -26.38 -53.03
CA GLU D 626 -9.43 -27.79 -53.25
C GLU D 626 -8.38 -28.29 -52.26
N ALA D 627 -7.36 -27.47 -52.02
CA ALA D 627 -6.31 -27.86 -51.07
C ALA D 627 -6.88 -28.04 -49.67
N ILE D 628 -7.77 -27.13 -49.24
CA ILE D 628 -8.37 -27.24 -47.93
C ILE D 628 -9.23 -28.50 -47.84
N MET D 629 -9.95 -28.82 -48.90
CA MET D 629 -10.77 -30.03 -48.89
C MET D 629 -9.88 -31.28 -48.77
N ALA D 630 -8.81 -31.33 -49.57
CA ALA D 630 -7.88 -32.44 -49.49
C ALA D 630 -7.17 -32.50 -48.14
N ALA D 631 -7.07 -31.36 -47.44
CA ALA D 631 -6.54 -31.35 -46.08
C ALA D 631 -7.55 -31.92 -45.10
N ASP D 632 -8.83 -31.56 -45.27
CA ASP D 632 -9.87 -32.14 -44.41
C ASP D 632 -9.91 -33.64 -44.56
N ARG D 633 -9.86 -34.14 -45.79
CA ARG D 633 -9.51 -35.54 -46.00
C ARG D 633 -8.06 -35.75 -45.59
N GLY D 634 -7.74 -36.97 -45.19
CA GLY D 634 -6.42 -37.24 -44.64
C GLY D 634 -5.30 -37.36 -45.65
N VAL D 635 -5.41 -36.64 -46.77
CA VAL D 635 -4.42 -36.72 -47.83
C VAL D 635 -3.36 -35.64 -47.62
N LEU D 636 -3.78 -34.39 -47.61
CA LEU D 636 -2.85 -33.26 -47.54
C LEU D 636 -2.55 -32.91 -46.09
N SER D 637 -1.28 -32.96 -45.72
CA SER D 637 -0.84 -32.34 -44.49
C SER D 637 -0.76 -30.83 -44.69
N VAL D 638 -0.90 -30.09 -43.58
CA VAL D 638 -0.91 -28.65 -43.66
C VAL D 638 0.47 -28.07 -43.93
N ARG D 639 1.53 -28.88 -43.81
CA ARG D 639 2.90 -28.40 -43.90
C ARG D 639 3.68 -29.15 -44.98
N ALA D 640 2.98 -29.67 -45.98
CA ALA D 640 3.63 -30.31 -47.11
C ALA D 640 3.85 -29.30 -48.23
N LYS D 641 4.86 -29.56 -49.06
CA LYS D 641 5.20 -28.68 -50.16
C LYS D 641 4.44 -29.11 -51.40
N ILE D 642 3.56 -28.23 -51.88
CA ILE D 642 2.71 -28.50 -53.03
C ILE D 642 2.82 -27.31 -53.98
N LYS D 643 2.22 -27.47 -55.15
CA LYS D 643 2.14 -26.41 -56.16
C LYS D 643 0.67 -26.05 -56.32
N VAL D 644 0.29 -24.91 -55.78
CA VAL D 644 -1.09 -24.45 -55.86
C VAL D 644 -1.19 -23.44 -57.00
N ARG D 645 -2.42 -23.24 -57.48
CA ARG D 645 -2.72 -22.21 -58.47
C ARG D 645 -3.60 -21.16 -57.78
N LEU D 646 -3.02 -20.01 -57.49
CA LEU D 646 -3.70 -18.94 -56.76
C LEU D 646 -4.26 -17.89 -57.71
N THR D 647 -5.32 -17.23 -57.26
CA THR D 647 -5.95 -16.15 -58.01
C THR D 647 -6.34 -14.95 -57.15
N GLN D 648 -6.13 -15.00 -55.83
CA GLN D 648 -6.53 -13.91 -54.95
C GLN D 648 -5.37 -13.43 -54.07
N LEU D 649 -4.13 -13.73 -54.45
CA LEU D 649 -2.96 -13.34 -53.68
C LEU D 649 -1.91 -12.77 -54.61
N ARG D 650 -1.16 -11.79 -54.09
CA ARG D 650 -0.18 -11.09 -54.89
C ARG D 650 1.15 -11.82 -54.84
N PRO D 651 1.73 -12.23 -55.97
CA PRO D 651 3.01 -12.94 -55.92
C PRO D 651 4.12 -12.03 -55.48
N PRO D 652 5.27 -12.58 -55.08
CA PRO D 652 6.40 -11.73 -54.73
C PRO D 652 6.87 -10.93 -55.92
N VAL D 653 7.78 -9.98 -55.65
CA VAL D 653 8.15 -8.99 -56.66
C VAL D 653 8.76 -9.66 -57.88
N GLU D 654 9.55 -10.71 -57.67
CA GLU D 654 10.27 -11.31 -58.78
C GLU D 654 9.33 -12.05 -59.72
N ILE D 655 8.42 -12.85 -59.16
CA ILE D 655 7.46 -13.56 -59.99
C ILE D 655 6.50 -12.57 -60.65
N GLU D 656 6.15 -11.50 -59.96
CA GLU D 656 5.30 -10.48 -60.59
C GLU D 656 6.00 -9.86 -61.79
N ALA D 657 7.26 -9.45 -61.62
CA ALA D 657 8.01 -8.86 -62.73
C ALA D 657 8.30 -9.88 -63.83
N GLU D 658 8.23 -11.17 -63.52
CA GLU D 658 8.42 -12.18 -64.56
C GLU D 658 7.14 -12.37 -65.37
N LEU D 659 6.01 -12.63 -64.70
CA LEU D 659 4.80 -13.01 -65.43
C LEU D 659 4.05 -11.80 -65.96
N PHE D 660 3.97 -10.72 -65.19
CA PHE D 660 3.24 -9.52 -65.60
C PHE D 660 4.15 -8.33 -65.86
N GLY D 661 5.40 -8.37 -65.42
CA GLY D 661 6.34 -7.31 -65.72
C GLY D 661 6.10 -6.04 -64.94
N HIS D 662 4.99 -5.37 -65.22
CA HIS D 662 4.74 -4.02 -64.70
C HIS D 662 3.48 -3.92 -63.85
N SER D 663 2.34 -4.41 -64.34
CA SER D 663 1.03 -4.07 -63.79
C SER D 663 0.17 -5.31 -63.63
N GLY D 664 0.73 -6.35 -63.03
CA GLY D 664 -0.09 -7.52 -62.74
C GLY D 664 -1.04 -7.25 -61.59
N TRP D 665 -2.32 -7.06 -61.88
CA TRP D 665 -3.33 -6.95 -60.84
C TRP D 665 -3.81 -8.35 -60.48
N GLN D 666 -4.08 -8.54 -59.20
CA GLN D 666 -4.34 -9.87 -58.67
C GLN D 666 -5.79 -10.36 -58.77
N PRO D 667 -6.80 -9.52 -58.47
CA PRO D 667 -8.16 -10.06 -58.29
C PRO D 667 -8.66 -10.94 -59.42
N GLY D 668 -8.05 -10.83 -60.61
CA GLY D 668 -8.43 -11.67 -61.73
C GLY D 668 -7.30 -12.53 -62.25
N ASP D 669 -6.06 -12.11 -62.04
CA ASP D 669 -4.93 -12.86 -62.56
C ASP D 669 -4.72 -14.16 -61.79
N ALA D 670 -4.09 -15.12 -62.45
CA ALA D 670 -3.84 -16.45 -61.91
C ALA D 670 -2.37 -16.77 -62.03
N TRP D 671 -1.84 -17.50 -61.05
CA TRP D 671 -0.42 -17.85 -61.08
C TRP D 671 -0.17 -19.01 -60.14
N MET D 672 0.77 -19.87 -60.53
CA MET D 672 1.13 -21.03 -59.74
C MET D 672 2.27 -20.71 -58.79
N ALA D 673 2.31 -21.45 -57.67
CA ALA D 673 3.35 -21.24 -56.68
C ALA D 673 3.61 -22.54 -55.93
N GLU D 674 4.90 -22.84 -55.74
CA GLU D 674 5.34 -24.01 -54.98
C GLU D 674 5.54 -23.54 -53.54
N THR D 675 4.55 -23.79 -52.70
CA THR D 675 4.56 -23.35 -51.31
C THR D 675 3.87 -24.44 -50.48
N THR D 676 3.63 -24.13 -49.21
CA THR D 676 2.86 -25.02 -48.34
C THR D 676 1.47 -24.46 -48.16
N LEU D 677 0.50 -25.37 -47.98
CA LEU D 677 -0.88 -24.95 -47.74
C LEU D 677 -0.95 -23.99 -46.56
N GLY D 678 -0.18 -24.26 -45.50
CA GLY D 678 -0.19 -23.38 -44.35
C GLY D 678 0.18 -21.96 -44.69
N ARG D 679 1.19 -21.79 -45.54
CA ARG D 679 1.61 -20.44 -45.91
C ARG D 679 0.58 -19.74 -46.79
N VAL D 680 -0.15 -20.48 -47.63
CA VAL D 680 -1.24 -19.87 -48.37
C VAL D 680 -2.32 -19.38 -47.41
N MET D 681 -2.73 -20.23 -46.48
CA MET D 681 -3.67 -19.80 -45.46
C MET D 681 -3.12 -18.62 -44.68
N PHE D 682 -1.80 -18.54 -44.52
CA PHE D 682 -1.22 -17.43 -43.74
C PHE D 682 -1.24 -16.13 -44.53
N ASN D 683 -1.05 -16.20 -45.85
CA ASN D 683 -1.11 -15.00 -46.65
C ASN D 683 -2.54 -14.59 -46.96
N GLU D 684 -3.52 -15.45 -46.69
CA GLU D 684 -4.91 -15.04 -46.80
C GLU D 684 -5.27 -13.97 -45.78
N LEU D 685 -4.61 -13.95 -44.61
CA LEU D 685 -4.98 -12.98 -43.59
C LEU D 685 -4.53 -11.57 -43.97
N LEU D 686 -3.33 -11.44 -44.53
CA LEU D 686 -2.82 -10.13 -44.87
C LEU D 686 -3.70 -9.51 -45.96
N PRO D 687 -3.73 -8.17 -46.06
CA PRO D 687 -4.57 -7.54 -47.07
C PRO D 687 -4.21 -7.96 -48.48
N LEU D 688 -5.03 -7.56 -49.46
CA LEU D 688 -4.80 -7.98 -50.84
C LEU D 688 -3.54 -7.37 -51.41
N GLY D 689 -3.35 -6.07 -51.21
CA GLY D 689 -2.21 -5.39 -51.79
C GLY D 689 -0.87 -5.97 -51.38
N TYR D 690 -0.81 -6.63 -50.24
CA TYR D 690 0.46 -7.15 -49.75
C TYR D 690 0.94 -8.29 -50.63
N PRO D 691 2.21 -8.33 -51.02
CA PRO D 691 2.72 -9.48 -51.78
C PRO D 691 2.61 -10.76 -50.98
N PHE D 692 2.92 -11.86 -51.65
CA PHE D 692 3.10 -13.13 -50.97
C PHE D 692 4.33 -13.06 -50.08
N VAL D 693 4.40 -13.94 -49.09
CA VAL D 693 5.51 -13.93 -48.14
C VAL D 693 6.38 -15.17 -48.35
N ASN D 694 5.80 -16.36 -48.13
CA ASN D 694 6.51 -17.62 -48.32
C ASN D 694 7.80 -17.67 -47.50
N LYS D 695 7.65 -17.64 -46.18
CA LYS D 695 8.76 -17.82 -45.27
C LYS D 695 8.26 -18.62 -44.07
N GLN D 696 9.11 -18.74 -43.04
CA GLN D 696 8.76 -19.40 -41.79
C GLN D 696 8.60 -18.33 -40.74
N MET D 697 7.42 -18.27 -40.12
CA MET D 697 7.04 -17.10 -39.33
C MET D 697 7.74 -17.17 -37.98
N HIS D 698 9.00 -16.75 -38.00
CA HIS D 698 9.70 -16.36 -36.81
C HIS D 698 9.12 -15.05 -36.26
N LYS D 699 9.33 -14.82 -34.97
CA LYS D 699 8.81 -13.61 -34.35
C LYS D 699 9.36 -12.37 -35.03
N LYS D 700 10.65 -12.38 -35.35
CA LYS D 700 11.24 -11.21 -36.02
C LYS D 700 10.61 -11.00 -37.39
N VAL D 701 10.33 -12.08 -38.12
CA VAL D 701 9.70 -11.96 -39.43
C VAL D 701 8.32 -11.33 -39.29
N GLN D 702 7.55 -11.79 -38.30
CA GLN D 702 6.22 -11.20 -38.10
C GLN D 702 6.34 -9.73 -37.69
N ALA D 703 7.34 -9.39 -36.89
CA ALA D 703 7.57 -8.00 -36.52
C ALA D 703 7.86 -7.16 -37.75
N ALA D 704 8.72 -7.66 -38.64
CA ALA D 704 9.01 -6.95 -39.88
C ALA D 704 7.76 -6.76 -40.72
N ILE D 705 6.94 -7.82 -40.83
CA ILE D 705 5.74 -7.74 -41.65
C ILE D 705 4.80 -6.67 -41.09
N ILE D 706 4.56 -6.70 -39.78
CA ILE D 706 3.63 -5.75 -39.20
C ILE D 706 4.19 -4.33 -39.28
N ASN D 707 5.51 -4.17 -39.13
CA ASN D 707 6.13 -2.86 -39.26
C ASN D 707 5.93 -2.31 -40.67
N ASP D 708 6.21 -3.12 -41.68
CA ASP D 708 6.00 -2.70 -43.06
C ASP D 708 4.55 -2.34 -43.30
N LEU D 709 3.63 -3.17 -42.80
CA LEU D 709 2.21 -2.94 -43.00
C LEU D 709 1.77 -1.64 -42.35
N ALA D 710 2.24 -1.36 -41.13
CA ALA D 710 1.86 -0.14 -40.45
C ALA D 710 2.44 1.09 -41.13
N GLU D 711 3.66 0.99 -41.67
CA GLU D 711 4.25 2.16 -42.31
C GLU D 711 3.60 2.44 -43.66
N ARG D 712 3.08 1.43 -44.35
CA ARG D 712 2.55 1.65 -45.69
C ARG D 712 1.03 1.69 -45.79
N TYR D 713 0.29 1.11 -44.86
CA TYR D 713 -1.15 0.99 -44.93
C TYR D 713 -1.84 1.72 -43.79
N PRO D 714 -3.15 1.96 -43.91
CA PRO D 714 -3.87 2.67 -42.85
C PRO D 714 -4.00 1.87 -41.57
N MET D 715 -4.20 2.63 -40.48
CA MET D 715 -4.23 2.05 -39.15
C MET D 715 -5.35 1.02 -39.00
N ILE D 716 -6.51 1.30 -39.60
CA ILE D 716 -7.63 0.35 -39.49
C ILE D 716 -7.27 -0.97 -40.15
N VAL D 717 -6.62 -0.91 -41.31
CA VAL D 717 -6.16 -2.13 -41.96
C VAL D 717 -5.20 -2.88 -41.05
N VAL D 718 -4.28 -2.15 -40.41
CA VAL D 718 -3.33 -2.80 -39.50
C VAL D 718 -4.08 -3.49 -38.38
N ALA D 719 -5.10 -2.83 -37.83
CA ALA D 719 -5.86 -3.41 -36.71
C ALA D 719 -6.57 -4.69 -37.14
N GLN D 720 -7.21 -4.67 -38.29
CA GLN D 720 -7.94 -5.85 -38.75
C GLN D 720 -6.99 -7.00 -39.03
N THR D 721 -5.85 -6.73 -39.67
CA THR D 721 -4.92 -7.82 -39.95
C THR D 721 -4.33 -8.39 -38.67
N VAL D 722 -4.03 -7.55 -37.67
CA VAL D 722 -3.48 -8.10 -36.43
C VAL D 722 -4.53 -8.95 -35.72
N ASP D 723 -5.80 -8.54 -35.77
CA ASP D 723 -6.85 -9.36 -35.19
C ASP D 723 -6.90 -10.73 -35.87
N LYS D 724 -6.85 -10.73 -37.22
CA LYS D 724 -6.88 -11.99 -37.94
C LYS D 724 -5.69 -12.87 -37.57
N LEU D 725 -4.51 -12.26 -37.46
CA LEU D 725 -3.33 -13.00 -37.05
C LEU D 725 -3.53 -13.62 -35.68
N LYS D 726 -4.11 -12.87 -34.74
CA LYS D 726 -4.39 -13.43 -33.42
C LYS D 726 -5.28 -14.67 -33.52
N ASP D 727 -6.39 -14.56 -34.25
CA ASP D 727 -7.33 -15.67 -34.31
C ASP D 727 -6.67 -16.91 -34.91
N ALA D 728 -5.98 -16.74 -36.04
CA ALA D 728 -5.30 -17.88 -36.66
C ALA D 728 -4.25 -18.45 -35.73
N GLY D 729 -3.51 -17.58 -35.04
CA GLY D 729 -2.46 -18.07 -34.15
C GLY D 729 -3.00 -18.95 -33.05
N PHE D 730 -4.09 -18.54 -32.41
CA PHE D 730 -4.69 -19.39 -31.39
C PHE D 730 -5.19 -20.70 -31.99
N TYR D 731 -5.96 -20.60 -33.08
CA TYR D 731 -6.60 -21.79 -33.62
C TYR D 731 -5.56 -22.84 -33.99
N TRP D 732 -4.42 -22.42 -34.53
CA TRP D 732 -3.39 -23.37 -34.93
C TRP D 732 -2.32 -23.59 -33.86
N ALA D 733 -2.35 -22.85 -32.77
CA ALA D 733 -1.57 -23.22 -31.60
C ALA D 733 -2.21 -24.39 -30.88
N THR D 734 -3.53 -24.50 -30.96
CA THR D 734 -4.18 -25.68 -30.39
C THR D 734 -3.68 -26.96 -31.05
N ARG D 735 -3.56 -26.97 -32.38
CA ARG D 735 -3.20 -28.18 -33.12
C ARG D 735 -1.72 -28.50 -33.09
N SER D 736 -0.87 -27.55 -32.68
CA SER D 736 0.57 -27.77 -32.79
C SER D 736 1.06 -28.91 -31.89
N GLY D 737 0.30 -29.25 -30.85
CA GLY D 737 0.75 -30.29 -29.95
C GLY D 737 2.02 -29.94 -29.21
N VAL D 738 2.13 -28.70 -28.74
CA VAL D 738 3.27 -28.29 -27.91
C VAL D 738 2.91 -28.64 -26.46
N THR D 739 3.40 -29.78 -26.00
CA THR D 739 3.21 -30.22 -24.63
C THR D 739 4.56 -30.39 -23.96
N VAL D 740 4.53 -30.64 -22.66
CA VAL D 740 5.73 -30.87 -21.87
C VAL D 740 5.51 -32.15 -21.08
N SER D 741 6.27 -33.18 -21.41
CA SER D 741 6.29 -34.43 -20.67
C SER D 741 7.74 -34.82 -20.47
N MET D 742 8.05 -35.43 -19.32
CA MET D 742 9.45 -35.70 -19.00
C MET D 742 10.12 -36.57 -20.05
N ALA D 743 9.34 -37.37 -20.79
CA ALA D 743 9.88 -38.07 -21.95
C ALA D 743 10.35 -37.11 -23.02
N ASP D 744 9.77 -35.92 -23.11
CA ASP D 744 10.14 -34.93 -24.11
C ASP D 744 11.33 -34.07 -23.67
N VAL D 745 11.78 -34.24 -22.43
CA VAL D 745 12.97 -33.57 -21.93
C VAL D 745 14.10 -34.58 -22.01
N LEU D 746 14.80 -34.61 -23.15
CA LEU D 746 15.86 -35.58 -23.37
C LEU D 746 17.17 -35.04 -22.82
N VAL D 747 17.92 -35.92 -22.16
CA VAL D 747 19.21 -35.56 -21.59
C VAL D 747 20.31 -35.79 -22.63
N PRO D 748 21.42 -35.07 -22.58
CA PRO D 748 22.49 -35.30 -23.56
C PRO D 748 23.29 -36.54 -23.20
N PRO D 749 23.39 -37.52 -24.11
CA PRO D 749 24.00 -38.80 -23.73
C PRO D 749 25.46 -38.69 -23.32
N ARG D 750 26.19 -37.71 -23.86
CA ARG D 750 27.63 -37.58 -23.63
C ARG D 750 27.95 -36.82 -22.35
N LYS D 751 26.94 -36.51 -21.54
CA LYS D 751 27.14 -35.63 -20.40
C LYS D 751 28.13 -36.23 -19.39
N LYS D 752 28.02 -37.52 -19.11
CA LYS D 752 28.90 -38.12 -18.12
C LYS D 752 30.36 -38.08 -18.58
N GLU D 753 30.60 -38.35 -19.87
CA GLU D 753 31.96 -38.29 -20.39
C GLU D 753 32.50 -36.87 -20.32
N ILE D 754 31.69 -35.88 -20.70
CA ILE D 754 32.12 -34.49 -20.61
C ILE D 754 32.45 -34.14 -19.16
N LEU D 755 31.58 -34.59 -18.24
CA LEU D 755 31.76 -34.28 -16.83
C LEU D 755 33.05 -34.87 -16.29
N ASP D 756 33.35 -36.13 -16.66
CA ASP D 756 34.59 -36.74 -16.21
C ASP D 756 35.80 -36.02 -16.80
N HIS D 757 35.73 -35.66 -18.09
CA HIS D 757 36.86 -34.97 -18.71
C HIS D 757 37.16 -33.66 -17.99
N TYR D 758 36.13 -32.87 -17.70
CA TYR D 758 36.36 -31.60 -17.02
C TYR D 758 36.64 -31.78 -15.54
N GLU D 759 36.12 -32.84 -14.93
CA GLU D 759 36.41 -33.14 -13.54
C GLU D 759 37.89 -33.45 -13.37
N GLU D 760 38.50 -34.13 -14.34
CA GLU D 760 39.93 -34.40 -14.25
C GLU D 760 40.74 -33.10 -14.21
N ARG D 761 40.37 -32.13 -15.05
CA ARG D 761 41.05 -30.84 -15.03
C ARG D 761 40.83 -30.12 -13.71
N ALA D 762 39.59 -30.17 -13.19
CA ALA D 762 39.34 -29.59 -11.88
C ALA D 762 40.21 -30.23 -10.81
N ASP D 763 40.33 -31.55 -10.85
CA ASP D 763 41.18 -32.26 -9.90
C ASP D 763 42.63 -31.83 -10.03
N LYS D 764 43.11 -31.68 -11.25
CA LYS D 764 44.50 -31.27 -11.45
C LYS D 764 44.76 -29.86 -10.93
N VAL D 765 43.84 -28.94 -11.19
CA VAL D 765 43.99 -27.58 -10.66
C VAL D 765 43.96 -27.60 -9.13
N GLU D 766 43.04 -28.39 -8.56
CA GLU D 766 42.98 -28.49 -7.11
C GLU D 766 44.28 -29.05 -6.55
N LYS D 767 44.83 -30.08 -7.19
CA LYS D 767 46.09 -30.66 -6.73
C LYS D 767 47.21 -29.64 -6.79
N GLN D 768 47.27 -28.87 -7.88
CA GLN D 768 48.31 -27.85 -8.00
C GLN D 768 48.17 -26.81 -6.90
N PHE D 769 46.94 -26.44 -6.54
CA PHE D 769 46.78 -25.53 -5.40
C PHE D 769 47.23 -26.19 -4.10
N GLN D 770 46.90 -27.47 -3.91
CA GLN D 770 47.31 -28.15 -2.68
C GLN D 770 48.82 -28.17 -2.54
N ARG D 771 49.54 -28.38 -3.64
CA ARG D 771 50.99 -28.42 -3.62
C ARG D 771 51.62 -27.02 -3.57
N GLY D 772 50.81 -25.98 -3.38
CA GLY D 772 51.31 -24.64 -3.18
C GLY D 772 51.76 -23.92 -4.43
N ALA D 773 51.56 -24.50 -5.61
CA ALA D 773 52.04 -23.89 -6.84
C ALA D 773 51.32 -22.58 -7.16
N LEU D 774 50.14 -22.35 -6.57
CA LEU D 774 49.38 -21.13 -6.81
C LEU D 774 48.54 -20.84 -5.58
N ASN D 775 48.04 -19.60 -5.51
CA ASN D 775 47.34 -19.12 -4.34
C ASN D 775 45.84 -19.47 -4.43
N HIS D 776 45.06 -18.93 -3.49
CA HIS D 776 43.65 -19.27 -3.37
C HIS D 776 42.82 -18.67 -4.50
N ASP D 777 43.03 -17.40 -4.80
CA ASP D 777 42.21 -16.74 -5.81
C ASP D 777 42.53 -17.25 -7.22
N GLU D 778 43.80 -17.55 -7.49
CA GLU D 778 44.16 -18.06 -8.80
C GLU D 778 43.49 -19.40 -9.09
N ARG D 779 43.51 -20.32 -8.12
CA ARG D 779 42.85 -21.59 -8.34
C ARG D 779 41.34 -21.41 -8.46
N ASN D 780 40.76 -20.51 -7.66
CA ASN D 780 39.33 -20.24 -7.82
C ASN D 780 39.01 -19.80 -9.25
N GLU D 781 39.82 -18.89 -9.80
CA GLU D 781 39.60 -18.42 -11.16
C GLU D 781 39.73 -19.57 -12.16
N ALA D 782 40.73 -20.42 -11.96
CA ALA D 782 40.94 -21.55 -12.87
C ALA D 782 39.72 -22.49 -12.87
N LEU D 783 39.20 -22.80 -11.68
CA LEU D 783 38.00 -23.64 -11.62
C LEU D 783 36.84 -22.96 -12.31
N VAL D 784 36.69 -21.65 -12.11
CA VAL D 784 35.58 -20.93 -12.75
C VAL D 784 35.65 -21.08 -14.26
N GLU D 785 36.84 -20.85 -14.82
CA GLU D 785 36.98 -20.96 -16.28
C GLU D 785 36.75 -22.39 -16.76
N ILE D 786 37.25 -23.38 -16.02
CA ILE D 786 37.08 -24.77 -16.43
C ILE D 786 35.59 -25.13 -16.46
N TRP D 787 34.86 -24.73 -15.43
CA TRP D 787 33.44 -25.08 -15.37
C TRP D 787 32.63 -24.27 -16.37
N LYS D 788 33.06 -23.06 -16.71
CA LYS D 788 32.44 -22.35 -17.81
C LYS D 788 32.60 -23.12 -19.12
N GLU D 789 33.81 -23.64 -19.36
CA GLU D 789 34.04 -24.46 -20.54
C GLU D 789 33.14 -25.69 -20.53
N ALA D 790 33.02 -26.33 -19.37
CA ALA D 790 32.16 -27.51 -19.26
C ALA D 790 30.71 -27.17 -19.56
N THR D 791 30.23 -26.05 -19.03
CA THR D 791 28.85 -25.63 -19.30
C THR D 791 28.63 -25.42 -20.78
N ASP D 792 29.58 -24.74 -21.44
CA ASP D 792 29.43 -24.49 -22.87
C ASP D 792 29.41 -25.80 -23.65
N GLU D 793 30.30 -26.74 -23.30
CA GLU D 793 30.32 -28.02 -24.00
C GLU D 793 29.02 -28.79 -23.80
N VAL D 794 28.48 -28.80 -22.58
CA VAL D 794 27.24 -29.51 -22.31
C VAL D 794 26.09 -28.89 -23.11
N GLY D 795 26.00 -27.56 -23.10
CA GLY D 795 24.97 -26.89 -23.87
C GLY D 795 25.07 -27.19 -25.35
N GLN D 796 26.29 -27.21 -25.88
CA GLN D 796 26.48 -27.52 -27.29
C GLN D 796 26.00 -28.94 -27.60
N ALA D 797 26.38 -29.91 -26.74
CA ALA D 797 25.95 -31.28 -26.96
C ALA D 797 24.44 -31.40 -26.92
N LEU D 798 23.79 -30.74 -25.97
CA LEU D 798 22.33 -30.77 -25.92
C LEU D 798 21.73 -30.19 -27.20
N ARG D 799 22.23 -29.02 -27.62
CA ARG D 799 21.66 -28.35 -28.77
C ARG D 799 21.76 -29.22 -30.01
N GLU D 800 22.92 -29.84 -30.24
CA GLU D 800 23.05 -30.73 -31.39
C GLU D 800 22.28 -32.04 -31.18
N HIS D 801 21.90 -32.36 -29.94
CA HIS D 801 21.18 -33.61 -29.71
C HIS D 801 19.69 -33.47 -30.01
N TYR D 802 19.06 -32.38 -29.59
CA TYR D 802 17.61 -32.29 -29.70
C TYR D 802 17.18 -32.30 -31.17
N PRO D 803 16.00 -32.91 -31.48
CA PRO D 803 15.43 -32.74 -32.83
C PRO D 803 14.83 -31.35 -33.02
N ASP D 804 14.16 -31.13 -34.14
CA ASP D 804 13.52 -29.85 -34.41
C ASP D 804 12.07 -29.80 -33.97
N ASP D 805 11.40 -30.96 -33.90
CA ASP D 805 9.99 -31.01 -33.51
C ASP D 805 9.79 -31.19 -32.01
N ASN D 806 10.86 -31.30 -31.24
CA ASN D 806 10.75 -31.36 -29.79
C ASN D 806 10.09 -30.06 -29.31
N PRO D 807 8.99 -30.12 -28.55
CA PRO D 807 8.26 -28.87 -28.25
C PRO D 807 9.10 -27.80 -27.56
N ILE D 808 10.04 -28.17 -26.70
CA ILE D 808 10.79 -27.17 -25.94
C ILE D 808 11.72 -26.39 -26.88
N ILE D 809 12.51 -27.09 -27.68
CA ILE D 809 13.37 -26.38 -28.62
C ILE D 809 12.51 -25.66 -29.66
N THR D 810 11.31 -26.17 -29.94
CA THR D 810 10.40 -25.47 -30.86
C THR D 810 10.00 -24.11 -30.29
N ILE D 811 9.51 -24.09 -29.05
CA ILE D 811 9.09 -22.83 -28.45
C ILE D 811 10.27 -21.87 -28.37
N VAL D 812 11.46 -22.37 -28.06
CA VAL D 812 12.63 -21.50 -27.97
C VAL D 812 12.97 -20.92 -29.35
N ASP D 813 13.28 -21.79 -30.31
CA ASP D 813 13.73 -21.35 -31.62
C ASP D 813 12.66 -20.57 -32.37
N SER D 814 11.39 -20.66 -31.96
CA SER D 814 10.37 -19.79 -32.54
C SER D 814 10.52 -18.35 -32.08
N GLY D 815 11.23 -18.12 -30.99
CA GLY D 815 11.24 -16.81 -30.37
C GLY D 815 10.02 -16.50 -29.56
N ALA D 816 9.09 -17.45 -29.42
CA ALA D 816 7.88 -17.21 -28.65
C ALA D 816 8.21 -16.74 -27.25
N THR D 817 9.14 -17.42 -26.58
CA THR D 817 9.60 -17.01 -25.26
C THR D 817 10.76 -17.91 -24.85
N GLY D 818 11.59 -17.39 -23.94
CA GLY D 818 12.63 -18.19 -23.34
C GLY D 818 13.90 -18.27 -24.15
N ASN D 819 15.03 -18.18 -23.47
CA ASN D 819 16.34 -18.31 -24.11
C ASN D 819 16.87 -19.72 -23.91
N PHE D 820 17.88 -20.07 -24.71
CA PHE D 820 18.39 -21.43 -24.69
C PHE D 820 18.99 -21.83 -23.34
N THR D 821 19.41 -20.86 -22.53
CA THR D 821 19.99 -21.20 -21.24
C THR D 821 18.99 -21.90 -20.35
N GLN D 822 17.72 -21.54 -20.43
CA GLN D 822 16.70 -22.19 -19.62
C GLN D 822 16.55 -23.67 -20.00
N THR D 823 16.60 -23.99 -21.29
CA THR D 823 16.62 -25.39 -21.70
C THR D 823 17.89 -26.08 -21.20
N ARG D 824 19.03 -25.40 -21.33
CA ARG D 824 20.29 -25.98 -20.85
C ARG D 824 20.21 -26.34 -19.38
N THR D 825 19.53 -25.50 -18.60
CA THR D 825 19.43 -25.72 -17.16
C THR D 825 18.29 -26.65 -16.79
N LEU D 826 17.31 -26.80 -17.67
CA LEU D 826 16.27 -27.80 -17.46
C LEU D 826 16.82 -29.20 -17.67
N ALA D 827 17.56 -29.40 -18.76
CA ALA D 827 18.22 -30.67 -19.07
C ALA D 827 19.70 -30.38 -19.28
N GLY D 828 20.56 -31.17 -18.63
CA GLY D 828 21.99 -30.98 -18.74
C GLY D 828 22.61 -30.38 -17.50
N MET D 829 22.94 -29.10 -17.56
CA MET D 829 23.79 -28.48 -16.54
C MET D 829 23.19 -27.17 -16.05
N LYS D 830 23.21 -26.98 -14.73
CA LYS D 830 22.89 -25.68 -14.16
C LYS D 830 24.05 -24.71 -14.35
N GLY D 831 25.27 -25.18 -14.18
CA GLY D 831 26.45 -24.35 -14.38
C GLY D 831 26.97 -23.77 -13.08
N LEU D 832 27.41 -22.52 -13.13
CA LEU D 832 27.91 -21.83 -11.95
C LEU D 832 26.79 -21.06 -11.28
N VAL D 833 26.83 -21.03 -9.95
CA VAL D 833 25.85 -20.31 -9.13
C VAL D 833 26.58 -19.24 -8.34
N THR D 834 25.98 -18.06 -8.29
CA THR D 834 26.66 -16.88 -7.76
C THR D 834 26.69 -16.89 -6.23
N ASN D 835 27.72 -16.24 -5.69
CA ASN D 835 27.82 -15.99 -4.27
C ASN D 835 26.78 -14.95 -3.86
N PRO D 836 26.41 -14.91 -2.57
CA PRO D 836 25.65 -13.75 -2.09
C PRO D 836 26.37 -12.44 -2.33
N LYS D 837 27.70 -12.44 -2.28
CA LYS D 837 28.47 -11.22 -2.49
C LYS D 837 28.54 -10.82 -3.96
N GLY D 838 28.53 -11.80 -4.86
CA GLY D 838 28.61 -11.52 -6.28
C GLY D 838 29.59 -12.42 -7.01
N GLU D 839 30.46 -13.09 -6.27
CA GLU D 839 31.41 -14.02 -6.86
C GLU D 839 30.69 -15.29 -7.31
N PHE D 840 31.46 -16.25 -7.79
CA PHE D 840 30.94 -17.54 -8.23
C PHE D 840 31.37 -18.64 -7.27
N ILE D 841 30.45 -19.54 -6.97
CA ILE D 841 30.73 -20.66 -6.07
C ILE D 841 31.50 -21.71 -6.86
N PRO D 842 32.73 -22.08 -6.47
CA PRO D 842 33.54 -22.93 -7.35
C PRO D 842 33.21 -24.41 -7.31
N ARG D 843 32.05 -24.83 -6.80
CA ARG D 843 31.82 -26.27 -6.66
C ARG D 843 31.83 -26.98 -8.01
N PRO D 844 30.93 -26.69 -8.96
CA PRO D 844 29.67 -25.95 -8.93
C PRO D 844 28.49 -26.91 -8.91
N VAL D 845 27.25 -26.45 -9.06
CA VAL D 845 26.14 -27.39 -9.22
C VAL D 845 26.37 -28.23 -10.46
N LYS D 846 26.02 -29.52 -10.37
CA LYS D 846 26.18 -30.43 -11.50
C LYS D 846 24.97 -31.34 -11.71
N SER D 847 23.76 -30.83 -11.52
CA SER D 847 22.55 -31.62 -11.75
C SER D 847 21.50 -30.77 -12.44
N SER D 848 20.90 -31.32 -13.49
CA SER D 848 19.79 -30.67 -14.16
C SER D 848 18.53 -30.80 -13.32
N PHE D 849 17.63 -29.82 -13.48
CA PHE D 849 16.38 -29.88 -12.72
C PHE D 849 15.54 -31.08 -13.10
N ARG D 850 15.70 -31.63 -14.30
CA ARG D 850 15.06 -32.91 -14.60
C ARG D 850 15.62 -34.01 -13.71
N GLU D 851 16.94 -34.07 -13.55
CA GLU D 851 17.54 -35.09 -12.70
C GLU D 851 17.22 -34.86 -11.23
N GLY D 852 16.84 -33.64 -10.85
CA GLY D 852 16.54 -33.34 -9.47
C GLY D 852 17.82 -32.99 -8.73
N LEU D 853 17.85 -31.83 -8.09
CA LEU D 853 19.07 -31.38 -7.45
C LEU D 853 19.28 -32.08 -6.11
N THR D 854 20.53 -32.05 -5.65
CA THR D 854 20.85 -32.52 -4.32
C THR D 854 20.72 -31.38 -3.32
N VAL D 855 20.82 -31.72 -2.04
CA VAL D 855 20.50 -30.77 -0.98
C VAL D 855 21.41 -29.55 -1.05
N LEU D 856 22.72 -29.76 -1.09
CA LEU D 856 23.65 -28.63 -1.08
C LEU D 856 23.52 -27.82 -2.36
N GLU D 857 23.37 -28.48 -3.51
CA GLU D 857 23.26 -27.75 -4.77
C GLU D 857 22.04 -26.84 -4.76
N TYR D 858 20.91 -27.35 -4.28
CA TYR D 858 19.72 -26.51 -4.16
C TYR D 858 19.95 -25.36 -3.19
N PHE D 859 20.57 -25.65 -2.05
CA PHE D 859 20.87 -24.61 -1.06
C PHE D 859 21.75 -23.53 -1.67
N ILE D 860 22.64 -23.90 -2.58
CA ILE D 860 23.47 -22.90 -3.25
C ILE D 860 22.63 -22.07 -4.21
N ASN D 861 21.76 -22.72 -4.99
CA ASN D 861 20.91 -21.99 -5.94
C ASN D 861 20.07 -20.92 -5.25
N THR D 862 19.65 -21.19 -4.01
CA THR D 862 18.79 -20.25 -3.29
C THR D 862 19.44 -18.87 -3.19
N HIS D 863 20.76 -18.82 -2.98
CA HIS D 863 21.46 -17.54 -2.89
C HIS D 863 21.10 -16.65 -4.06
N GLY D 864 21.44 -17.11 -5.27
CA GLY D 864 21.21 -16.31 -6.46
C GLY D 864 19.75 -16.00 -6.68
N ALA D 865 18.86 -16.97 -6.41
CA ALA D 865 17.44 -16.70 -6.61
C ALA D 865 16.99 -15.51 -5.77
N ARG D 866 17.24 -15.56 -4.46
CA ARG D 866 16.78 -14.49 -3.59
C ARG D 866 17.48 -13.17 -3.91
N LYS D 867 18.77 -13.22 -4.22
CA LYS D 867 19.50 -12.00 -4.54
C LYS D 867 18.88 -11.31 -5.76
N GLY D 868 18.61 -12.09 -6.82
CA GLY D 868 18.00 -11.51 -8.00
C GLY D 868 16.65 -10.89 -7.69
N LEU D 869 15.84 -11.56 -6.88
CA LEU D 869 14.50 -11.03 -6.60
C LEU D 869 14.58 -9.71 -5.83
N ALA D 870 15.40 -9.66 -4.77
CA ALA D 870 15.53 -8.43 -4.01
C ALA D 870 16.08 -7.30 -4.86
N ASP D 871 17.06 -7.61 -5.71
CA ASP D 871 17.59 -6.61 -6.62
C ASP D 871 16.50 -6.10 -7.56
N THR D 872 15.62 -6.99 -8.02
CA THR D 872 14.52 -6.56 -8.87
C THR D 872 13.67 -5.52 -8.16
N ALA D 873 13.29 -5.79 -6.91
CA ALA D 873 12.46 -4.83 -6.18
C ALA D 873 13.16 -3.48 -6.04
N LEU D 874 14.40 -3.48 -5.55
CA LEU D 874 15.09 -2.22 -5.32
C LEU D 874 15.28 -1.45 -6.62
N ARG D 875 15.69 -2.13 -7.68
CA ARG D 875 15.88 -1.47 -8.96
C ARG D 875 14.58 -0.92 -9.50
N THR D 876 13.45 -1.59 -9.24
CA THR D 876 12.17 -1.03 -9.67
C THR D 876 11.93 0.32 -9.00
N ALA D 877 12.19 0.39 -7.69
CA ALA D 877 12.11 1.67 -7.00
C ALA D 877 13.00 2.71 -7.68
N ASP D 878 14.25 2.33 -7.95
CA ASP D 878 15.20 3.28 -8.53
C ASP D 878 14.74 3.77 -9.91
N SER D 879 14.24 2.86 -10.75
CA SER D 879 13.82 3.24 -12.09
C SER D 879 12.62 4.16 -12.06
N GLY D 880 11.64 3.87 -11.19
CA GLY D 880 10.54 4.81 -11.02
C GLY D 880 11.02 6.18 -10.60
N TYR D 881 12.00 6.23 -9.71
CA TYR D 881 12.56 7.50 -9.27
C TYR D 881 13.22 8.24 -10.43
N LEU D 882 13.99 7.52 -11.26
CA LEU D 882 14.63 8.17 -12.39
C LEU D 882 13.61 8.75 -13.35
N THR D 883 12.55 7.99 -13.64
CA THR D 883 11.50 8.52 -14.51
C THR D 883 10.86 9.76 -13.89
N ARG D 884 10.61 9.72 -12.59
CA ARG D 884 10.05 10.88 -11.90
C ARG D 884 10.91 12.13 -12.16
N ARG D 885 12.21 12.01 -11.94
CA ARG D 885 13.08 13.17 -12.12
C ARG D 885 13.09 13.63 -13.57
N LEU D 886 13.22 12.69 -14.51
CA LEU D 886 13.36 13.07 -15.90
C LEU D 886 12.11 13.80 -16.38
N VAL D 887 10.92 13.34 -15.95
CA VAL D 887 9.69 13.95 -16.43
C VAL D 887 9.67 15.43 -16.11
N ASP D 888 10.04 15.80 -14.89
CA ASP D 888 10.12 17.22 -14.55
C ASP D 888 11.22 17.91 -15.33
N VAL D 889 12.33 17.22 -15.61
CA VAL D 889 13.40 17.83 -16.39
C VAL D 889 12.89 18.26 -17.76
N SER D 890 12.10 17.39 -18.40
CA SER D 890 11.67 17.59 -19.79
C SER D 890 10.18 17.84 -19.90
N GLN D 891 9.63 18.64 -18.97
CA GLN D 891 8.21 18.96 -19.00
C GLN D 891 7.87 20.10 -19.95
N ASP D 892 8.86 20.87 -20.39
CA ASP D 892 8.62 22.08 -21.18
C ASP D 892 9.09 21.96 -22.62
N VAL D 893 9.35 20.73 -23.08
CA VAL D 893 9.72 20.49 -24.47
C VAL D 893 8.45 20.03 -25.18
N ILE D 894 7.78 20.97 -25.84
CA ILE D 894 6.54 20.70 -26.56
C ILE D 894 6.65 21.36 -27.94
N VAL D 895 6.19 20.65 -28.96
CA VAL D 895 6.33 21.13 -30.33
C VAL D 895 5.43 22.35 -30.52
N ARG D 896 6.03 23.49 -30.87
CA ARG D 896 5.31 24.74 -31.05
C ARG D 896 5.15 25.10 -32.53
N GLU D 897 6.26 25.17 -33.26
CA GLU D 897 6.26 25.61 -34.64
C GLU D 897 6.39 24.44 -35.59
N HIS D 898 5.91 24.64 -36.82
CA HIS D 898 6.01 23.59 -37.83
C HIS D 898 7.45 23.43 -38.32
N ASP D 899 8.19 24.54 -38.45
CA ASP D 899 9.54 24.49 -39.00
C ASP D 899 10.34 25.66 -38.47
N CYS D 900 11.42 25.36 -37.76
CA CYS D 900 12.33 26.41 -37.31
C CYS D 900 13.15 26.95 -38.47
N GLN D 901 13.28 26.18 -39.55
CA GLN D 901 13.97 26.62 -40.77
C GLN D 901 15.43 27.00 -40.48
N THR D 902 16.12 26.12 -39.74
CA THR D 902 17.56 26.26 -39.57
C THR D 902 18.26 25.42 -40.64
N GLU D 903 19.59 25.41 -40.59
CA GLU D 903 20.40 24.57 -41.47
C GLU D 903 21.44 23.77 -40.72
N ARG D 904 21.60 23.99 -39.41
CA ARG D 904 22.50 23.18 -38.61
C ARG D 904 21.88 21.83 -38.33
N GLY D 905 22.71 20.90 -37.89
CA GLY D 905 22.25 19.55 -37.64
C GLY D 905 23.43 18.60 -37.49
N ILE D 906 23.11 17.39 -37.07
CA ILE D 906 24.12 16.39 -36.79
C ILE D 906 24.31 15.51 -38.03
N VAL D 907 25.47 14.87 -38.10
CA VAL D 907 25.76 13.86 -39.11
C VAL D 907 25.52 12.49 -38.49
N VAL D 908 25.18 11.51 -39.34
CA VAL D 908 24.92 10.16 -38.86
C VAL D 908 25.95 9.21 -39.49
N GLU D 909 26.32 8.18 -38.74
CA GLU D 909 27.34 7.24 -39.20
C GLU D 909 26.86 6.47 -40.43
N LEU D 910 25.72 5.78 -40.33
CA LEU D 910 24.97 5.30 -41.48
C LEU D 910 25.84 4.40 -42.38
N ALA D 911 26.10 3.20 -41.86
CA ALA D 911 26.76 2.16 -42.64
C ALA D 911 28.19 2.53 -43.04
N GLU D 912 29.08 2.58 -42.06
CA GLU D 912 30.47 2.93 -42.29
C GLU D 912 31.11 1.99 -43.33
N ARG D 913 32.29 2.38 -43.78
CA ARG D 913 32.96 1.73 -44.90
C ARG D 913 33.56 0.38 -44.49
N ALA D 914 33.68 -0.55 -45.51
CA ALA D 914 34.35 -1.83 -45.31
C ALA D 914 35.82 -1.74 -45.72
N PRO D 915 36.72 -2.45 -45.06
CA PRO D 915 38.14 -2.39 -45.48
C PRO D 915 38.36 -2.82 -46.92
N ASP D 916 37.94 -4.04 -47.27
CA ASP D 916 38.04 -4.47 -48.67
C ASP D 916 37.26 -3.54 -49.58
N GLY D 917 36.18 -2.95 -49.09
CA GLY D 917 35.44 -1.93 -49.81
C GLY D 917 34.05 -2.37 -50.24
N THR D 918 33.06 -1.99 -49.43
CA THR D 918 31.65 -2.22 -49.70
C THR D 918 30.87 -1.25 -48.83
N LEU D 919 29.55 -1.41 -48.78
CA LEU D 919 28.70 -0.67 -47.86
C LEU D 919 28.09 -1.69 -46.89
N ILE D 920 28.84 -2.02 -45.84
CA ILE D 920 28.32 -2.87 -44.78
C ILE D 920 27.42 -2.03 -43.89
N ARG D 921 26.17 -2.47 -43.75
CA ARG D 921 25.20 -1.69 -42.99
C ARG D 921 25.61 -1.60 -41.53
N ASP D 922 25.48 -0.42 -40.96
CA ASP D 922 25.73 -0.25 -39.54
C ASP D 922 24.61 -0.93 -38.77
N PRO D 923 24.91 -1.81 -37.81
CA PRO D 923 23.82 -2.54 -37.14
C PRO D 923 22.80 -1.62 -36.48
N TYR D 924 23.25 -0.53 -35.86
CA TYR D 924 22.33 0.35 -35.12
C TYR D 924 22.04 1.60 -35.95
N ILE D 925 21.17 1.42 -36.93
CA ILE D 925 20.67 2.49 -37.75
C ILE D 925 19.23 2.85 -37.41
N GLU D 926 18.41 1.82 -37.14
CA GLU D 926 17.01 2.04 -36.80
C GLU D 926 16.84 2.99 -35.62
N THR D 927 17.80 2.99 -34.70
CA THR D 927 17.73 3.87 -33.53
C THR D 927 18.34 5.23 -33.79
N SER D 928 19.28 5.35 -34.72
CA SER D 928 20.07 6.56 -34.89
C SER D 928 19.74 7.36 -36.15
N ALA D 929 19.19 6.71 -37.18
CA ALA D 929 18.96 7.39 -38.46
C ALA D 929 17.48 7.56 -38.78
N TYR D 930 16.69 6.50 -38.70
CA TYR D 930 15.30 6.55 -39.12
C TYR D 930 14.54 7.67 -38.39
N ALA D 931 13.40 8.04 -38.96
CA ALA D 931 12.52 9.06 -38.36
C ALA D 931 13.26 10.39 -38.20
N ARG D 932 14.00 10.78 -39.23
CA ARG D 932 14.75 12.03 -39.21
C ARG D 932 14.54 12.77 -40.53
N THR D 933 14.77 14.07 -40.50
CA THR D 933 14.58 14.95 -41.65
C THR D 933 15.93 15.55 -42.04
N LEU D 934 16.25 15.50 -43.32
CA LEU D 934 17.54 15.98 -43.80
C LEU D 934 17.52 17.50 -43.96
N GLY D 935 18.60 18.13 -43.50
CA GLY D 935 18.80 19.55 -43.70
C GLY D 935 19.53 19.83 -45.00
N THR D 936 20.42 18.92 -45.38
CA THR D 936 21.16 18.98 -46.63
C THR D 936 20.61 17.92 -47.58
N ASP D 937 21.26 17.77 -48.73
CA ASP D 937 20.85 16.81 -49.74
C ASP D 937 21.95 15.77 -49.92
N ALA D 938 21.59 14.68 -50.60
CA ALA D 938 22.50 13.58 -50.87
C ALA D 938 22.99 13.67 -52.31
N VAL D 939 24.27 13.99 -52.48
CA VAL D 939 24.91 14.02 -53.79
C VAL D 939 26.21 13.22 -53.68
N ASP D 940 26.61 12.62 -54.80
CA ASP D 940 27.76 11.72 -54.78
C ASP D 940 28.44 11.74 -56.14
N GLU D 941 29.77 11.79 -56.13
CA GLU D 941 30.58 11.78 -57.34
C GLU D 941 30.13 12.88 -58.30
N ALA D 942 29.79 14.03 -57.74
CA ALA D 942 29.27 15.15 -58.54
C ALA D 942 28.06 14.74 -59.37
N GLY D 943 27.27 13.80 -58.86
CA GLY D 943 26.11 13.30 -59.55
C GLY D 943 24.87 14.13 -59.24
N ASN D 944 23.71 13.50 -59.42
CA ASN D 944 22.45 14.16 -59.14
C ASN D 944 22.09 14.04 -57.66
N VAL D 945 21.16 14.88 -57.22
CA VAL D 945 20.62 14.76 -55.88
C VAL D 945 19.87 13.44 -55.76
N ILE D 946 19.98 12.80 -54.61
CA ILE D 946 19.34 11.51 -54.35
C ILE D 946 18.11 11.70 -53.45
N VAL D 947 18.28 12.30 -52.28
CA VAL D 947 17.19 12.66 -51.39
C VAL D 947 17.30 14.16 -51.11
N GLU D 948 16.19 14.87 -51.31
CA GLU D 948 16.19 16.32 -51.18
C GLU D 948 16.04 16.71 -49.71
N ARG D 949 16.11 18.02 -49.46
CA ARG D 949 16.03 18.55 -48.10
C ARG D 949 14.65 18.27 -47.51
N GLY D 950 14.63 17.83 -46.26
CA GLY D 950 13.38 17.67 -45.54
C GLY D 950 12.53 16.52 -46.01
N GLN D 951 13.02 15.29 -45.82
CA GLN D 951 12.28 14.09 -46.16
C GLN D 951 12.33 13.13 -44.98
N ASP D 952 11.26 12.34 -44.82
CA ASP D 952 11.10 11.54 -43.60
C ASP D 952 12.24 10.55 -43.43
N LEU D 953 12.90 10.15 -44.51
CA LEU D 953 14.05 9.25 -44.46
C LEU D 953 13.66 7.90 -43.85
N GLY D 954 12.76 7.22 -44.57
CA GLY D 954 12.32 5.89 -44.19
C GLY D 954 13.12 4.79 -44.84
N ASP D 955 12.58 3.57 -44.75
CA ASP D 955 13.29 2.39 -45.27
C ASP D 955 13.60 2.48 -46.75
N PRO D 956 12.65 2.83 -47.62
CA PRO D 956 12.99 2.91 -49.06
C PRO D 956 14.10 3.91 -49.34
N GLU D 957 14.09 5.05 -48.66
CA GLU D 957 15.09 6.07 -48.94
C GLU D 957 16.45 5.68 -48.41
N ILE D 958 16.52 5.07 -47.22
CA ILE D 958 17.82 4.58 -46.75
C ILE D 958 18.35 3.52 -47.72
N ASP D 959 17.48 2.62 -48.18
CA ASP D 959 17.92 1.65 -49.17
C ASP D 959 18.47 2.35 -50.40
N ALA D 960 17.84 3.43 -50.83
CA ALA D 960 18.33 4.18 -51.98
C ALA D 960 19.71 4.78 -51.70
N LEU D 961 19.91 5.36 -50.51
CA LEU D 961 21.21 5.94 -50.20
C LEU D 961 22.30 4.88 -50.20
N LEU D 962 22.04 3.74 -49.58
CA LEU D 962 23.05 2.68 -49.54
C LEU D 962 23.32 2.12 -50.93
N ALA D 963 22.29 2.04 -51.78
CA ALA D 963 22.52 1.64 -53.16
C ALA D 963 23.40 2.66 -53.89
N ALA D 964 23.13 3.96 -53.67
CA ALA D 964 23.91 5.00 -54.34
C ALA D 964 25.34 5.07 -53.84
N GLY D 965 25.59 4.63 -52.60
CA GLY D 965 26.95 4.51 -52.10
C GLY D 965 27.45 5.69 -51.31
N ILE D 966 26.64 6.23 -50.42
CA ILE D 966 27.06 7.27 -49.50
C ILE D 966 26.98 6.72 -48.09
N THR D 967 27.81 7.27 -47.21
CA THR D 967 27.92 6.79 -45.83
C THR D 967 27.45 7.78 -44.80
N GLN D 968 27.63 9.08 -45.01
CA GLN D 968 27.29 10.09 -44.02
C GLN D 968 26.27 11.06 -44.60
N VAL D 969 25.20 11.31 -43.84
CA VAL D 969 24.24 12.35 -44.16
C VAL D 969 24.12 13.27 -42.95
N LYS D 970 24.06 14.57 -43.22
CA LYS D 970 23.82 15.58 -42.21
C LYS D 970 22.31 15.75 -42.07
N VAL D 971 21.80 15.45 -40.88
CA VAL D 971 20.35 15.39 -40.66
C VAL D 971 20.00 16.30 -39.49
N ARG D 972 18.75 16.75 -39.48
CA ARG D 972 18.28 17.61 -38.41
C ARG D 972 18.12 16.82 -37.11
N SER D 973 17.98 17.56 -36.02
CA SER D 973 17.77 16.96 -34.71
C SER D 973 17.17 18.02 -33.79
N VAL D 974 16.67 17.56 -32.65
CA VAL D 974 16.16 18.47 -31.62
C VAL D 974 17.27 19.15 -30.84
N LEU D 975 18.53 18.79 -31.10
CA LEU D 975 19.64 19.46 -30.41
C LEU D 975 19.89 20.86 -30.97
N THR D 976 19.68 21.06 -32.27
CA THR D 976 20.00 22.32 -32.93
C THR D 976 18.77 23.05 -33.42
N CYS D 977 17.58 22.66 -32.95
CA CYS D 977 16.37 23.38 -33.32
C CYS D 977 16.45 24.80 -32.77
N ALA D 978 16.24 25.79 -33.63
CA ALA D 978 16.47 27.18 -33.28
C ALA D 978 15.25 27.88 -32.69
N THR D 979 14.15 27.15 -32.48
CA THR D 979 12.99 27.77 -31.86
C THR D 979 13.30 28.17 -30.43
N SER D 980 12.59 29.20 -29.96
CA SER D 980 12.85 29.74 -28.63
C SER D 980 12.40 28.78 -27.54
N THR D 981 11.09 28.49 -27.49
CA THR D 981 10.50 27.70 -26.43
C THR D 981 10.05 26.37 -27.02
N GLY D 982 10.88 25.35 -26.84
CA GLY D 982 10.56 24.03 -27.33
C GLY D 982 10.96 23.84 -28.79
N VAL D 983 10.96 22.58 -29.21
CA VAL D 983 11.43 22.23 -30.54
C VAL D 983 10.37 22.56 -31.59
N CYS D 984 10.81 22.67 -32.84
CA CYS D 984 9.88 22.74 -33.96
C CYS D 984 9.43 21.32 -34.29
N ALA D 985 8.70 21.16 -35.39
CA ALA D 985 8.24 19.83 -35.79
C ALA D 985 9.28 19.08 -36.60
N THR D 986 9.74 19.69 -37.70
CA THR D 986 10.66 19.01 -38.61
C THR D 986 11.96 18.60 -37.91
N CYS D 987 12.35 19.28 -36.84
CA CYS D 987 13.52 18.85 -36.09
C CYS D 987 13.27 17.53 -35.37
N TYR D 988 12.06 17.33 -34.87
CA TYR D 988 11.76 16.12 -34.12
C TYR D 988 11.53 14.91 -35.02
N GLY D 989 11.33 15.13 -36.32
CA GLY D 989 11.19 14.02 -37.24
C GLY D 989 9.89 13.26 -37.03
N ARG D 990 9.84 12.08 -37.63
CA ARG D 990 8.62 11.27 -37.58
C ARG D 990 8.28 10.91 -36.13
N SER D 991 7.02 11.07 -35.77
CA SER D 991 6.54 10.59 -34.48
C SER D 991 6.52 9.08 -34.49
N MET D 992 7.28 8.46 -33.59
CA MET D 992 7.46 7.01 -33.63
C MET D 992 6.17 6.24 -33.37
N ALA D 993 5.14 6.89 -32.84
CA ALA D 993 3.87 6.22 -32.57
C ALA D 993 2.95 6.23 -33.80
N THR D 994 2.78 7.40 -34.41
CA THR D 994 1.86 7.49 -35.54
C THR D 994 2.44 6.85 -36.80
N GLY D 995 3.73 7.04 -37.03
CA GLY D 995 4.32 6.76 -38.32
C GLY D 995 4.24 7.91 -39.29
N LYS D 996 3.57 9.01 -38.91
CA LYS D 996 3.51 10.24 -39.68
C LYS D 996 4.36 11.30 -38.99
N LEU D 997 4.43 12.47 -39.60
CA LEU D 997 5.19 13.56 -39.00
C LEU D 997 4.54 13.98 -37.69
N VAL D 998 5.39 14.33 -36.71
CA VAL D 998 4.89 14.71 -35.40
C VAL D 998 3.93 15.90 -35.53
N ASP D 999 3.00 16.00 -34.59
CA ASP D 999 2.00 17.06 -34.62
C ASP D 999 2.55 18.32 -33.95
N ILE D 1000 1.73 19.36 -33.92
CA ILE D 1000 2.17 20.69 -33.47
C ILE D 1000 1.62 20.96 -32.08
N GLY D 1001 1.33 19.91 -31.33
CA GLY D 1001 0.92 20.06 -29.94
C GLY D 1001 1.48 18.96 -29.05
N GLU D 1002 2.32 18.11 -29.61
CA GLU D 1002 2.79 16.92 -28.89
C GLU D 1002 3.72 17.31 -27.75
N ALA D 1003 3.62 16.56 -26.66
CA ALA D 1003 4.51 16.74 -25.51
C ALA D 1003 5.67 15.73 -25.62
N VAL D 1004 6.49 15.96 -26.64
CA VAL D 1004 7.56 15.03 -26.95
C VAL D 1004 8.54 14.93 -25.79
N GLY D 1005 8.67 15.98 -24.98
CA GLY D 1005 9.55 15.90 -23.83
C GLY D 1005 9.13 14.80 -22.87
N ILE D 1006 7.84 14.76 -22.51
CA ILE D 1006 7.38 13.73 -21.59
C ILE D 1006 7.34 12.38 -22.29
N VAL D 1007 7.04 12.34 -23.60
CA VAL D 1007 7.11 11.07 -24.32
C VAL D 1007 8.51 10.47 -24.20
N ALA D 1008 9.53 11.29 -24.46
CA ALA D 1008 10.90 10.85 -24.31
C ALA D 1008 11.20 10.45 -22.88
N ALA D 1009 10.66 11.19 -21.91
CA ALA D 1009 10.84 10.84 -20.51
C ALA D 1009 10.39 9.41 -20.24
N GLN D 1010 9.16 9.10 -20.64
CA GLN D 1010 8.63 7.76 -20.38
C GLN D 1010 9.40 6.71 -21.16
N SER D 1011 9.75 6.99 -22.41
CA SER D 1011 10.49 6.01 -23.20
C SER D 1011 11.83 5.68 -22.56
N ILE D 1012 12.54 6.69 -22.06
CA ILE D 1012 13.84 6.46 -21.45
C ILE D 1012 13.67 5.72 -20.12
N GLY D 1013 12.78 6.21 -19.27
CA GLY D 1013 12.65 5.65 -17.93
C GLY D 1013 11.79 4.41 -17.84
N GLU D 1014 11.01 4.10 -18.88
CA GLU D 1014 10.18 2.90 -18.83
C GLU D 1014 11.02 1.64 -18.78
N PRO D 1015 11.88 1.34 -19.77
CA PRO D 1015 12.61 0.06 -19.79
C PRO D 1015 13.78 0.03 -18.81
N GLY D 1016 13.52 0.42 -17.57
CA GLY D 1016 14.45 0.15 -16.50
C GLY D 1016 14.16 -1.26 -16.08
N THR D 1017 13.92 -1.49 -14.78
CA THR D 1017 13.53 -2.81 -14.30
C THR D 1017 14.38 -3.88 -14.97
N GLN D 1018 14.00 -4.32 -16.17
CA GLN D 1018 14.81 -5.33 -16.87
C GLN D 1018 16.09 -4.63 -17.33
N LEU D 1019 16.93 -4.28 -16.34
CA LEU D 1019 18.16 -3.55 -16.61
C LEU D 1019 19.29 -4.01 -15.70
N THR D 1020 19.44 -5.33 -15.52
CA THR D 1020 20.53 -5.83 -14.69
C THR D 1020 21.87 -5.28 -15.16
N MET D 1021 22.69 -4.85 -14.22
CA MET D 1021 23.94 -4.18 -14.51
C MET D 1021 24.94 -5.19 -15.09
N ARG D 1022 26.16 -4.72 -15.35
CA ARG D 1022 27.19 -5.60 -15.90
C ARG D 1022 27.51 -6.72 -14.91
N THR D 1023 27.93 -7.87 -15.45
CA THR D 1023 28.33 -8.98 -14.59
C THR D 1023 29.62 -8.67 -13.85
N PHE D 1024 30.51 -7.87 -14.44
CA PHE D 1024 31.78 -7.55 -13.80
C PHE D 1024 31.55 -6.76 -12.53
N HIS D 1025 32.44 -6.96 -11.55
CA HIS D 1025 32.37 -6.26 -10.28
C HIS D 1025 32.42 -4.75 -10.49
N ASP D 1032 35.55 -3.27 -10.22
CA ASP D 1032 35.35 -1.84 -10.11
C ASP D 1032 34.60 -1.28 -11.32
N ILE D 1033 34.42 -2.12 -12.34
CA ILE D 1033 33.71 -1.69 -13.54
C ILE D 1033 32.28 -1.31 -13.21
N THR D 1034 31.81 -0.22 -13.80
CA THR D 1034 30.50 0.34 -13.50
C THR D 1034 29.69 0.48 -14.80
N GLY D 1035 28.66 -0.35 -14.94
CA GLY D 1035 27.70 -0.19 -16.01
C GLY D 1035 26.35 -0.78 -15.66
N GLY D 1036 25.31 0.02 -15.73
CA GLY D 1036 23.97 -0.39 -15.37
C GLY D 1036 23.07 0.80 -15.20
N LEU D 1037 21.90 0.56 -14.62
CA LEU D 1037 21.02 1.68 -14.23
C LEU D 1037 21.75 2.71 -13.38
N PRO D 1038 22.60 2.34 -12.43
CA PRO D 1038 23.46 3.35 -11.78
C PRO D 1038 24.28 4.16 -12.77
N ARG D 1039 24.82 3.52 -13.81
CA ARG D 1039 25.62 4.26 -14.79
C ARG D 1039 24.75 5.26 -15.54
N VAL D 1040 23.57 4.83 -15.98
CA VAL D 1040 22.63 5.71 -16.67
C VAL D 1040 22.32 6.88 -15.77
N GLN D 1041 22.08 6.58 -14.49
CA GLN D 1041 21.68 7.59 -13.53
C GLN D 1041 22.79 8.61 -13.32
N GLU D 1042 24.04 8.14 -13.16
CA GLU D 1042 25.16 9.06 -12.97
C GLU D 1042 25.42 9.88 -14.22
N LEU D 1043 25.29 9.27 -15.40
CA LEU D 1043 25.52 10.00 -16.64
C LEU D 1043 24.54 11.14 -16.79
N PHE D 1044 23.25 10.85 -16.61
CA PHE D 1044 22.27 11.94 -16.65
C PHE D 1044 22.51 12.93 -15.52
N GLU D 1045 22.89 12.43 -14.34
CA GLU D 1045 23.18 13.29 -13.20
C GLU D 1045 24.46 14.09 -13.38
N ALA D 1046 25.26 13.77 -14.39
CA ALA D 1046 26.51 14.48 -14.67
C ALA D 1046 27.52 14.35 -13.55
N ARG D 1047 27.31 13.43 -12.63
CA ARG D 1047 28.26 13.20 -11.54
C ARG D 1047 29.53 12.63 -12.14
N VAL D 1048 30.65 13.30 -11.90
CA VAL D 1048 31.95 12.90 -12.45
C VAL D 1048 32.09 11.39 -12.23
N PRO D 1049 32.16 10.58 -13.29
CA PRO D 1049 32.20 9.12 -13.07
C PRO D 1049 33.31 8.74 -12.10
N ARG D 1050 32.96 7.89 -11.14
CA ARG D 1050 33.91 7.55 -10.08
C ARG D 1050 35.18 6.95 -10.66
N GLY D 1051 35.04 6.09 -11.67
CA GLY D 1051 36.18 5.55 -12.36
C GLY D 1051 36.62 6.43 -13.52
N LYS D 1052 37.09 7.63 -13.22
CA LYS D 1052 37.52 8.55 -14.27
C LYS D 1052 38.70 7.95 -15.03
N ALA D 1053 38.59 7.91 -16.35
CA ALA D 1053 39.69 7.49 -17.21
C ALA D 1053 40.28 8.74 -17.84
N PRO D 1054 41.51 9.14 -17.51
CA PRO D 1054 42.03 10.40 -18.04
C PRO D 1054 42.02 10.43 -19.56
N ILE D 1055 41.69 11.60 -20.11
CA ILE D 1055 41.62 11.80 -21.55
C ILE D 1055 42.74 12.74 -21.97
N ALA D 1056 42.91 12.92 -23.27
CA ALA D 1056 43.95 13.79 -23.79
C ALA D 1056 43.51 15.25 -23.73
N ASP D 1057 44.46 16.14 -23.97
CA ASP D 1057 44.20 17.58 -24.09
C ASP D 1057 44.74 18.20 -25.36
N VAL D 1058 45.70 17.55 -26.03
CA VAL D 1058 46.20 18.01 -27.32
C VAL D 1058 46.85 16.81 -28.01
N THR D 1059 46.99 16.90 -29.33
CA THR D 1059 47.56 15.81 -30.09
C THR D 1059 49.07 15.70 -29.80
N GLY D 1060 49.71 14.75 -30.48
CA GLY D 1060 51.12 14.48 -30.32
C GLY D 1060 51.37 13.09 -29.79
N ARG D 1061 52.65 12.74 -29.72
CA ARG D 1061 53.02 11.44 -29.17
C ARG D 1061 53.00 11.49 -27.65
N VAL D 1062 53.01 10.30 -27.04
CA VAL D 1062 52.82 10.16 -25.60
C VAL D 1062 54.17 9.97 -24.93
N ARG D 1063 54.33 10.59 -23.76
CA ARG D 1063 55.48 10.38 -22.88
C ARG D 1063 55.00 9.39 -21.82
N LEU D 1064 55.27 8.12 -22.05
CA LEU D 1064 54.79 7.04 -21.20
C LEU D 1064 55.90 6.61 -20.23
N GLU D 1065 55.51 6.34 -18.99
CA GLU D 1065 56.46 5.85 -17.99
C GLU D 1065 55.69 5.02 -16.98
N ASP D 1066 56.35 4.01 -16.43
CA ASP D 1066 55.78 3.19 -15.36
C ASP D 1066 56.48 3.56 -14.07
N GLY D 1067 55.84 4.42 -13.28
CA GLY D 1067 56.43 4.92 -12.05
C GLY D 1067 56.35 3.91 -10.93
N GLU D 1068 56.64 4.38 -9.72
CA GLU D 1068 56.64 3.51 -8.55
C GLU D 1068 55.25 2.99 -8.28
N ARG D 1069 55.03 1.71 -8.56
CA ARG D 1069 53.79 0.97 -8.30
C ARG D 1069 52.57 1.59 -9.00
N PHE D 1070 52.78 2.54 -9.92
CA PHE D 1070 51.71 3.08 -10.75
C PHE D 1070 52.35 3.91 -11.84
N TYR D 1071 51.52 4.39 -12.77
CA TYR D 1071 52.02 4.92 -14.03
C TYR D 1071 52.24 6.43 -13.96
N LYS D 1072 52.90 6.96 -15.00
CA LYS D 1072 53.14 8.38 -15.16
C LYS D 1072 53.10 8.67 -16.66
N ILE D 1073 52.05 9.35 -17.10
CA ILE D 1073 51.88 9.67 -18.51
C ILE D 1073 51.99 11.18 -18.67
N THR D 1074 52.33 11.61 -19.87
CA THR D 1074 52.39 13.02 -20.18
C THR D 1074 52.15 13.18 -21.67
N ILE D 1075 51.64 14.33 -22.08
CA ILE D 1075 51.40 14.59 -23.50
C ILE D 1075 52.47 15.54 -24.02
N VAL D 1076 53.15 15.11 -25.08
CA VAL D 1076 54.10 15.97 -25.79
C VAL D 1076 53.29 16.83 -26.75
N PRO D 1077 53.27 18.16 -26.59
CA PRO D 1077 52.49 19.00 -27.50
C PRO D 1077 53.14 19.05 -28.88
N ASP D 1078 52.44 19.69 -29.81
CA ASP D 1078 52.90 19.80 -31.19
C ASP D 1078 53.27 21.22 -31.59
N ASP D 1079 52.57 22.23 -31.09
CA ASP D 1079 52.94 23.61 -31.37
C ASP D 1079 54.37 23.92 -30.96
N GLY D 1080 54.73 23.65 -29.69
CA GLY D 1080 53.96 23.10 -28.59
C GLY D 1080 53.63 24.10 -27.50
N GLY D 1081 53.90 23.69 -26.26
CA GLY D 1081 53.59 24.51 -25.09
C GLY D 1081 53.89 23.77 -23.81
N GLU D 1082 53.06 23.97 -22.80
CA GLU D 1082 53.24 23.28 -21.53
C GLU D 1082 52.81 21.82 -21.67
N GLU D 1083 53.65 20.90 -21.20
CA GLU D 1083 53.33 19.48 -21.22
C GLU D 1083 52.34 19.18 -20.11
N VAL D 1084 51.14 18.73 -20.47
CA VAL D 1084 50.20 18.24 -19.46
C VAL D 1084 50.76 16.93 -18.94
N VAL D 1085 51.24 16.96 -17.70
CA VAL D 1085 51.79 15.79 -17.01
C VAL D 1085 50.68 15.21 -16.13
N TYR D 1086 50.29 13.98 -16.40
CA TYR D 1086 49.29 13.30 -15.58
C TYR D 1086 49.98 12.73 -14.35
N ASP D 1087 49.49 13.13 -13.17
CA ASP D 1087 50.29 13.02 -11.95
C ASP D 1087 50.36 11.60 -11.39
N LYS D 1088 49.22 11.08 -10.93
CA LYS D 1088 49.17 9.72 -10.40
C LYS D 1088 48.18 8.91 -11.22
N ILE D 1089 48.63 7.78 -11.75
CA ILE D 1089 47.83 6.92 -12.61
C ILE D 1089 47.97 5.51 -12.06
N SER D 1090 47.04 5.12 -11.18
CA SER D 1090 47.15 3.85 -10.46
C SER D 1090 47.26 2.69 -11.43
N LYS D 1091 48.09 1.70 -11.06
CA LYS D 1091 48.26 0.50 -11.88
C LYS D 1091 47.06 -0.43 -11.82
N ARG D 1092 46.03 -0.06 -11.05
CA ARG D 1092 44.80 -0.83 -10.96
C ARG D 1092 43.95 -0.63 -12.21
N GLN D 1093 44.44 0.15 -13.16
CA GLN D 1093 43.74 0.45 -14.40
C GLN D 1093 44.37 -0.33 -15.56
N ARG D 1094 43.87 -0.07 -16.77
CA ARG D 1094 44.43 -0.61 -18.00
C ARG D 1094 44.57 0.51 -19.02
N LEU D 1095 45.54 0.36 -19.92
CA LEU D 1095 45.68 1.27 -21.04
C LEU D 1095 44.62 0.97 -22.10
N ARG D 1096 44.26 2.01 -22.85
CA ARG D 1096 43.21 1.89 -23.85
C ARG D 1096 43.73 1.13 -25.06
N VAL D 1097 43.00 0.08 -25.46
CA VAL D 1097 43.28 -0.69 -26.67
C VAL D 1097 42.30 -0.26 -27.74
N PHE D 1098 42.80 0.01 -28.94
CA PHE D 1098 41.97 0.42 -30.06
C PHE D 1098 42.55 -0.13 -31.35
N LYS D 1099 41.68 -0.34 -32.33
CA LYS D 1099 42.10 -0.83 -33.63
C LYS D 1099 42.83 -2.17 -33.52
N ARG D 1106 45.18 -1.93 -31.52
CA ARG D 1106 46.31 -2.34 -30.70
C ARG D 1106 46.30 -1.60 -29.36
N VAL D 1107 47.03 -2.14 -28.39
CA VAL D 1107 47.16 -1.47 -27.10
C VAL D 1107 47.95 -0.17 -27.27
N LEU D 1108 47.76 0.74 -26.34
CA LEU D 1108 48.43 2.04 -26.39
C LEU D 1108 49.92 1.84 -26.15
N SER D 1109 50.73 2.09 -27.17
CA SER D 1109 52.17 1.99 -27.09
C SER D 1109 52.78 3.38 -26.94
N ASP D 1110 54.01 3.40 -26.42
CA ASP D 1110 54.73 4.66 -26.27
C ASP D 1110 55.01 5.26 -27.63
N GLY D 1111 55.01 6.59 -27.69
CA GLY D 1111 55.21 7.30 -28.93
C GLY D 1111 54.02 7.36 -29.85
N ASP D 1112 52.92 6.68 -29.51
CA ASP D 1112 51.74 6.70 -30.37
C ASP D 1112 51.09 8.07 -30.34
N HIS D 1113 50.62 8.50 -31.51
CA HIS D 1113 50.02 9.83 -31.65
C HIS D 1113 48.58 9.77 -31.16
N VAL D 1114 48.23 10.69 -30.26
CA VAL D 1114 46.90 10.74 -29.67
C VAL D 1114 46.13 11.91 -30.28
N GLU D 1115 44.81 11.88 -30.10
CA GLU D 1115 43.95 12.94 -30.61
C GLU D 1115 43.94 14.09 -29.61
N VAL D 1116 43.08 15.09 -29.85
CA VAL D 1116 42.93 16.19 -28.92
C VAL D 1116 42.31 15.72 -27.62
N GLY D 1117 41.24 14.91 -27.71
CA GLY D 1117 40.54 14.42 -26.55
C GLY D 1117 40.47 12.91 -26.50
N GLN D 1118 41.52 12.25 -26.97
CA GLN D 1118 41.56 10.80 -26.93
C GLN D 1118 41.57 10.31 -25.49
N GLN D 1119 40.81 9.26 -25.22
CA GLN D 1119 40.77 8.65 -23.89
C GLN D 1119 42.07 7.87 -23.69
N LEU D 1120 42.84 8.25 -22.67
CA LEU D 1120 44.14 7.63 -22.45
C LEU D 1120 43.98 6.23 -21.87
N MET D 1121 43.40 6.13 -20.69
CA MET D 1121 43.12 4.83 -20.09
C MET D 1121 41.80 4.29 -20.64
N GLU D 1122 41.40 3.12 -20.14
CA GLU D 1122 40.15 2.50 -20.53
C GLU D 1122 39.16 2.63 -19.39
N GLY D 1123 38.01 3.25 -19.67
CA GLY D 1123 37.03 3.53 -18.65
C GLY D 1123 36.04 4.58 -19.10
N SER D 1124 35.83 5.61 -18.26
CA SER D 1124 34.98 6.72 -18.60
C SER D 1124 35.55 7.97 -17.93
N ALA D 1125 35.13 9.14 -18.43
CA ALA D 1125 35.63 10.41 -17.92
C ALA D 1125 34.47 11.37 -17.75
N ASP D 1126 34.77 12.51 -17.15
CA ASP D 1126 33.71 13.46 -16.81
C ASP D 1126 33.18 14.16 -18.06
N PRO D 1127 31.87 14.13 -18.29
CA PRO D 1127 31.30 14.98 -19.34
C PRO D 1127 31.72 16.44 -19.20
N HIS D 1128 31.99 16.90 -17.98
CA HIS D 1128 32.50 18.25 -17.79
C HIS D 1128 33.82 18.46 -18.53
N GLU D 1129 34.76 17.53 -18.35
CA GLU D 1129 36.05 17.65 -18.99
C GLU D 1129 35.92 17.53 -20.50
N VAL D 1130 35.16 16.54 -20.97
CA VAL D 1130 35.06 16.41 -22.42
C VAL D 1130 34.35 17.63 -23.01
N LEU D 1131 33.46 18.26 -22.25
CA LEU D 1131 32.92 19.55 -22.66
C LEU D 1131 34.04 20.56 -22.83
N ARG D 1132 34.73 20.87 -21.74
CA ARG D 1132 35.71 21.95 -21.77
C ARG D 1132 36.78 21.70 -22.83
N VAL D 1133 36.96 20.46 -23.27
CA VAL D 1133 37.92 20.17 -24.34
C VAL D 1133 37.26 20.32 -25.71
N GLN D 1134 36.23 19.51 -26.00
CA GLN D 1134 35.77 19.29 -27.37
C GLN D 1134 34.38 19.87 -27.66
N GLY D 1135 33.83 20.71 -26.79
CA GLY D 1135 32.66 21.47 -27.13
C GLY D 1135 31.31 20.76 -27.03
N PRO D 1136 30.25 21.53 -27.23
CA PRO D 1136 28.89 20.99 -27.09
C PRO D 1136 28.62 19.82 -28.03
N ARG D 1137 29.16 19.87 -29.24
CA ARG D 1137 28.93 18.79 -30.20
C ARG D 1137 29.49 17.48 -29.67
N GLU D 1138 30.74 17.49 -29.23
CA GLU D 1138 31.35 16.27 -28.74
C GLU D 1138 30.63 15.78 -27.48
N VAL D 1139 30.20 16.67 -26.60
CA VAL D 1139 29.52 16.16 -25.40
C VAL D 1139 28.19 15.52 -25.76
N GLN D 1140 27.43 16.12 -26.67
CA GLN D 1140 26.15 15.52 -27.05
C GLN D 1140 26.37 14.14 -27.68
N ILE D 1141 27.35 14.04 -28.59
CA ILE D 1141 27.64 12.74 -29.19
C ILE D 1141 28.06 11.75 -28.12
N HIS D 1142 28.92 12.18 -27.19
CA HIS D 1142 29.38 11.29 -26.13
C HIS D 1142 28.21 10.77 -25.31
N LEU D 1143 27.33 11.67 -24.89
CA LEU D 1143 26.23 11.29 -24.01
C LEU D 1143 25.30 10.30 -24.72
N VAL D 1144 24.90 10.62 -25.95
CA VAL D 1144 23.98 9.73 -26.66
C VAL D 1144 24.63 8.38 -26.89
N ARG D 1145 25.89 8.35 -27.32
CA ARG D 1145 26.55 7.07 -27.57
C ARG D 1145 26.68 6.28 -26.29
N GLU D 1146 27.05 6.92 -25.18
CA GLU D 1146 27.23 6.18 -23.94
C GLU D 1146 25.92 5.56 -23.48
N VAL D 1147 24.86 6.36 -23.36
CA VAL D 1147 23.60 5.83 -22.85
C VAL D 1147 23.06 4.73 -23.76
N GLN D 1148 23.10 4.99 -25.08
CA GLN D 1148 22.66 3.96 -26.00
C GLN D 1148 23.55 2.74 -25.91
N GLU D 1149 24.80 2.87 -25.48
CA GLU D 1149 25.65 1.70 -25.30
C GLU D 1149 25.04 0.74 -24.27
N VAL D 1150 24.62 1.27 -23.13
CA VAL D 1150 24.00 0.43 -22.11
C VAL D 1150 22.70 -0.18 -22.64
N TYR D 1151 21.83 0.66 -23.21
CA TYR D 1151 20.54 0.13 -23.63
C TYR D 1151 20.70 -0.89 -24.76
N ARG D 1152 21.71 -0.73 -25.60
CA ARG D 1152 22.07 -1.77 -26.56
C ARG D 1152 22.54 -3.03 -25.85
N ALA D 1153 23.39 -2.86 -24.83
CA ALA D 1153 23.91 -4.01 -24.10
C ALA D 1153 22.78 -4.87 -23.56
N GLN D 1154 21.65 -4.26 -23.20
CA GLN D 1154 20.49 -5.03 -22.80
C GLN D 1154 19.54 -5.33 -23.96
N GLY D 1155 19.89 -4.97 -25.19
CA GLY D 1155 19.05 -5.27 -26.33
C GLY D 1155 17.69 -4.60 -26.27
N VAL D 1156 17.68 -3.31 -25.93
CA VAL D 1156 16.46 -2.52 -25.88
C VAL D 1156 16.55 -1.45 -26.95
N SER D 1157 15.50 -1.34 -27.76
CA SER D 1157 15.46 -0.37 -28.87
C SER D 1157 14.85 0.92 -28.36
N ILE D 1158 15.66 1.98 -28.32
CA ILE D 1158 15.20 3.33 -28.02
C ILE D 1158 15.78 4.26 -29.07
N HIS D 1159 14.91 4.95 -29.79
CA HIS D 1159 15.38 5.90 -30.79
C HIS D 1159 16.13 7.03 -30.11
N ASP D 1160 17.20 7.50 -30.76
CA ASP D 1160 18.10 8.45 -30.11
C ASP D 1160 17.46 9.82 -29.91
N LYS D 1161 16.33 10.12 -30.56
CA LYS D 1161 15.78 11.47 -30.45
C LYS D 1161 15.27 11.76 -29.04
N HIS D 1162 14.83 10.74 -28.31
CA HIS D 1162 14.43 10.95 -26.92
C HIS D 1162 15.61 11.41 -26.07
N ILE D 1163 16.72 10.66 -26.14
CA ILE D 1163 17.94 11.05 -25.45
C ILE D 1163 18.36 12.44 -25.90
N GLU D 1164 18.16 12.73 -27.19
CA GLU D 1164 18.54 14.04 -27.72
C GLU D 1164 17.72 15.15 -27.09
N VAL D 1165 16.41 14.93 -26.90
CA VAL D 1165 15.59 15.89 -26.18
C VAL D 1165 16.18 16.13 -24.79
N ILE D 1166 16.52 15.04 -24.10
CA ILE D 1166 17.00 15.19 -22.72
C ILE D 1166 18.32 15.96 -22.69
N VAL D 1167 19.26 15.63 -23.58
CA VAL D 1167 20.54 16.32 -23.54
C VAL D 1167 20.39 17.77 -23.99
N ARG D 1168 19.49 18.04 -24.94
CA ARG D 1168 19.17 19.42 -25.29
C ARG D 1168 18.71 20.18 -24.05
N GLN D 1169 17.89 19.55 -23.22
CA GLN D 1169 17.52 20.20 -21.95
C GLN D 1169 18.73 20.37 -21.06
N MET D 1170 19.66 19.42 -21.07
CA MET D 1170 20.85 19.53 -20.23
C MET D 1170 21.69 20.75 -20.59
N LEU D 1171 21.87 21.03 -21.88
CA LEU D 1171 22.87 21.98 -22.35
C LEU D 1171 22.29 23.35 -22.65
N ARG D 1172 21.36 23.84 -21.85
CA ARG D 1172 20.76 25.14 -22.11
C ARG D 1172 21.61 26.29 -21.56
N ARG D 1173 21.92 26.24 -20.26
CA ARG D 1173 22.47 27.42 -19.60
C ARG D 1173 23.95 27.58 -19.87
N VAL D 1174 24.44 28.80 -19.62
CA VAL D 1174 25.84 29.16 -19.71
C VAL D 1174 26.24 29.85 -18.42
N THR D 1175 27.55 29.82 -18.15
CA THR D 1175 28.13 30.37 -16.94
C THR D 1175 28.84 31.68 -17.25
N ILE D 1176 28.77 32.60 -16.29
CA ILE D 1176 29.29 33.96 -16.43
C ILE D 1176 30.68 33.99 -15.81
N ILE D 1177 31.70 34.26 -16.62
CA ILE D 1177 33.06 34.35 -16.11
C ILE D 1177 33.44 35.83 -15.99
N ASP D 1178 32.87 36.67 -16.84
CA ASP D 1178 32.99 38.13 -16.72
C ASP D 1178 31.61 38.72 -16.79
N SER D 1179 31.29 39.60 -15.84
CA SER D 1179 29.99 40.23 -15.79
C SER D 1179 29.76 41.22 -16.92
N GLY D 1180 30.79 41.57 -17.69
CA GLY D 1180 30.70 42.69 -18.59
C GLY D 1180 30.49 43.94 -17.76
N SER D 1181 29.32 44.58 -17.93
CA SER D 1181 28.92 45.65 -17.01
C SER D 1181 27.42 45.62 -16.74
N THR D 1182 26.80 44.44 -16.78
CA THR D 1182 25.34 44.36 -16.79
C THR D 1182 24.86 43.10 -16.07
N GLU D 1183 24.47 43.26 -14.81
CA GLU D 1183 23.44 42.46 -14.16
C GLU D 1183 23.72 40.96 -14.05
N PHE D 1184 24.92 40.51 -14.42
CA PHE D 1184 25.24 39.08 -14.39
C PHE D 1184 26.35 38.85 -13.37
N LEU D 1185 25.99 38.19 -12.28
CA LEU D 1185 26.98 37.81 -11.26
C LEU D 1185 27.92 36.76 -11.83
N PRO D 1186 29.23 36.88 -11.64
CA PRO D 1186 30.13 35.80 -12.08
C PRO D 1186 29.81 34.50 -11.35
N GLY D 1187 29.98 33.39 -12.05
CA GLY D 1187 29.65 32.09 -11.53
C GLY D 1187 28.19 31.71 -11.64
N SER D 1188 27.29 32.69 -11.74
CA SER D 1188 25.88 32.39 -11.90
C SER D 1188 25.61 31.76 -13.26
N LEU D 1189 24.57 30.96 -13.34
CA LEU D 1189 24.19 30.25 -14.55
C LEU D 1189 22.89 30.83 -15.08
N ILE D 1190 22.86 31.16 -16.37
CA ILE D 1190 21.68 31.78 -16.98
C ILE D 1190 21.38 31.10 -18.31
N ASP D 1191 20.13 31.26 -18.76
CA ASP D 1191 19.72 30.66 -20.02
C ASP D 1191 20.44 31.31 -21.18
N ARG D 1192 20.74 30.49 -22.19
CA ARG D 1192 21.48 30.98 -23.36
C ARG D 1192 20.71 32.07 -24.10
N ALA D 1193 19.40 31.88 -24.28
CA ALA D 1193 18.61 32.87 -25.01
C ALA D 1193 18.61 34.21 -24.28
N GLU D 1194 18.41 34.19 -22.97
CA GLU D 1194 18.44 35.43 -22.20
C GLU D 1194 19.82 36.07 -22.25
N PHE D 1195 20.87 35.27 -22.16
CA PHE D 1195 22.23 35.78 -22.28
C PHE D 1195 22.42 36.52 -23.60
N GLU D 1196 22.03 35.89 -24.70
CA GLU D 1196 22.22 36.51 -26.02
C GLU D 1196 21.37 37.75 -26.18
N ALA D 1197 20.12 37.72 -25.69
CA ALA D 1197 19.27 38.91 -25.79
C ALA D 1197 19.84 40.06 -24.97
N GLU D 1198 20.37 39.77 -23.79
CA GLU D 1198 21.02 40.80 -22.98
C GLU D 1198 22.21 41.39 -23.71
N ASN D 1199 23.03 40.53 -24.34
CA ASN D 1199 24.18 41.04 -25.08
C ASN D 1199 23.72 41.92 -26.24
N ARG D 1200 22.67 41.51 -26.94
CA ARG D 1200 22.15 42.32 -28.03
C ARG D 1200 21.66 43.68 -27.53
N ARG D 1201 21.03 43.70 -26.36
CA ARG D 1201 20.57 44.97 -25.80
C ARG D 1201 21.75 45.85 -25.39
N VAL D 1202 22.80 45.24 -24.81
CA VAL D 1202 23.87 46.02 -24.19
C VAL D 1202 25.00 46.36 -25.16
N VAL D 1203 25.04 45.78 -26.36
CA VAL D 1203 25.99 46.24 -27.35
C VAL D 1203 25.69 47.70 -27.71
N ALA D 1204 24.42 48.06 -27.75
CA ALA D 1204 24.02 49.46 -27.81
C ALA D 1204 24.16 50.08 -26.41
N GLU D 1205 24.02 51.40 -26.37
CA GLU D 1205 24.15 52.14 -25.11
C GLU D 1205 25.51 51.86 -24.47
N GLY D 1206 26.55 51.83 -25.29
CA GLY D 1206 27.87 51.45 -24.83
C GLY D 1206 28.07 49.95 -24.89
N GLY D 1207 29.11 49.51 -25.60
CA GLY D 1207 29.31 48.11 -25.88
C GLY D 1207 30.28 47.44 -24.94
N GLU D 1208 29.79 46.45 -24.19
CA GLU D 1208 30.63 45.60 -23.38
C GLU D 1208 30.01 44.20 -23.42
N PRO D 1209 30.77 43.16 -23.77
CA PRO D 1209 30.21 41.80 -23.70
C PRO D 1209 30.44 41.15 -22.35
N ALA D 1210 29.39 40.49 -21.86
CA ALA D 1210 29.55 39.59 -20.72
C ALA D 1210 30.08 38.25 -21.24
N ALA D 1211 31.16 37.78 -20.63
CA ALA D 1211 31.84 36.57 -21.11
C ALA D 1211 31.14 35.34 -20.56
N GLY D 1212 30.66 34.49 -21.47
CA GLY D 1212 29.93 33.30 -21.10
C GLY D 1212 30.61 32.05 -21.64
N ARG D 1213 30.43 30.95 -20.92
CA ARG D 1213 30.95 29.65 -21.34
C ARG D 1213 29.87 28.59 -21.22
N PRO D 1214 29.76 27.67 -22.18
CA PRO D 1214 28.77 26.59 -22.02
C PRO D 1214 29.08 25.72 -20.82
N VAL D 1215 28.03 25.24 -20.17
CA VAL D 1215 28.15 24.33 -19.03
C VAL D 1215 27.36 23.07 -19.34
N LEU D 1216 27.76 21.99 -18.70
CA LEU D 1216 27.01 20.74 -18.69
C LEU D 1216 26.62 20.51 -17.23
N MET D 1217 25.34 20.73 -16.93
CA MET D 1217 24.81 20.60 -15.58
C MET D 1217 23.88 19.40 -15.48
N GLY D 1218 23.85 18.80 -14.31
CA GLY D 1218 23.03 17.63 -14.09
C GLY D 1218 21.54 17.96 -14.12
N ILE D 1219 20.74 16.89 -14.18
CA ILE D 1219 19.30 17.08 -14.35
C ILE D 1219 18.65 17.60 -13.07
N THR D 1220 19.11 17.18 -11.89
CA THR D 1220 18.52 17.70 -10.66
C THR D 1220 18.65 19.22 -10.61
N LYS D 1221 19.87 19.73 -10.78
CA LYS D 1221 20.09 21.17 -10.75
C LYS D 1221 19.39 21.86 -11.91
N ALA D 1222 19.37 21.22 -13.08
CA ALA D 1222 18.67 21.81 -14.21
C ALA D 1222 17.20 22.01 -13.90
N SER D 1223 16.54 20.99 -13.36
CA SER D 1223 15.12 21.10 -13.00
C SER D 1223 14.92 22.15 -11.93
N LEU D 1224 15.76 22.14 -10.88
CA LEU D 1224 15.55 23.07 -9.77
C LEU D 1224 15.75 24.51 -10.21
N ALA D 1225 16.69 24.76 -11.12
CA ALA D 1225 16.96 26.11 -11.60
C ALA D 1225 16.07 26.46 -12.79
N THR D 1226 14.76 26.38 -12.57
CA THR D 1226 13.78 26.76 -13.56
C THR D 1226 13.24 28.15 -13.26
N ASP D 1227 12.27 28.60 -14.04
CA ASP D 1227 11.75 29.97 -13.96
C ASP D 1227 10.52 30.09 -13.09
N SER D 1228 9.67 29.07 -13.04
CA SER D 1228 8.43 29.12 -12.28
C SER D 1228 8.70 28.75 -10.83
N TRP D 1229 8.22 29.59 -9.90
CA TRP D 1229 8.43 29.31 -8.49
C TRP D 1229 7.54 28.17 -8.00
N LEU D 1230 6.35 28.03 -8.59
CA LEU D 1230 5.43 26.98 -8.15
C LEU D 1230 6.06 25.60 -8.34
N SER D 1231 6.63 25.35 -9.51
CA SER D 1231 7.22 24.04 -9.78
C SER D 1231 8.41 23.77 -8.88
N ALA D 1232 9.28 24.77 -8.69
CA ALA D 1232 10.43 24.58 -7.81
C ALA D 1232 9.99 24.30 -6.39
N ALA D 1233 8.96 25.01 -5.91
CA ALA D 1233 8.43 24.73 -4.57
C ALA D 1233 7.87 23.32 -4.48
N SER D 1234 7.10 22.90 -5.49
CA SER D 1234 6.53 21.56 -5.48
C SER D 1234 7.60 20.48 -5.57
N PHE D 1235 8.77 20.80 -6.10
CA PHE D 1235 9.79 19.78 -6.30
C PHE D 1235 10.55 19.45 -5.01
N GLN D 1236 11.31 20.41 -4.49
CA GLN D 1236 12.22 20.13 -3.39
C GLN D 1236 12.63 21.44 -2.73
N GLU D 1237 13.22 21.31 -1.54
CA GLU D 1237 13.68 22.46 -0.75
C GLU D 1237 12.58 23.51 -0.65
N THR D 1238 11.40 23.06 -0.27
CA THR D 1238 10.19 23.86 -0.40
C THR D 1238 10.29 25.16 0.41
N THR D 1239 10.69 25.06 1.68
CA THR D 1239 10.71 26.25 2.53
C THR D 1239 11.58 27.34 1.91
N ARG D 1240 12.81 26.99 1.54
CA ARG D 1240 13.74 27.97 1.00
C ARG D 1240 13.24 28.53 -0.32
N VAL D 1241 12.70 27.67 -1.19
CA VAL D 1241 12.21 28.14 -2.48
C VAL D 1241 11.08 29.14 -2.28
N LEU D 1242 10.11 28.81 -1.44
CA LEU D 1242 8.99 29.73 -1.20
C LEU D 1242 9.48 31.04 -0.62
N THR D 1243 10.36 30.99 0.38
CA THR D 1243 10.76 32.24 1.03
C THR D 1243 11.50 33.14 0.06
N ASP D 1244 12.51 32.61 -0.66
CA ASP D 1244 13.27 33.49 -1.54
C ASP D 1244 12.43 33.98 -2.71
N ALA D 1245 11.50 33.15 -3.21
CA ALA D 1245 10.54 33.63 -4.19
C ALA D 1245 9.72 34.78 -3.63
N ALA D 1246 9.31 34.68 -2.36
CA ALA D 1246 8.54 35.75 -1.74
C ALA D 1246 9.34 37.04 -1.66
N ILE D 1247 10.62 36.95 -1.29
CA ILE D 1247 11.44 38.16 -1.22
C ILE D 1247 11.52 38.79 -2.60
N ASN D 1248 11.79 37.97 -3.62
CA ASN D 1248 11.93 38.50 -4.97
C ASN D 1248 10.61 38.94 -5.58
N CYS D 1249 9.47 38.57 -4.98
CA CYS D 1249 8.17 38.83 -5.56
C CYS D 1249 8.09 38.23 -6.97
N ARG D 1250 8.72 37.07 -7.14
CA ARG D 1250 8.83 36.45 -8.45
C ARG D 1250 7.47 35.91 -8.87
N SER D 1251 6.90 36.50 -9.91
CA SER D 1251 5.56 36.14 -10.36
C SER D 1251 5.64 35.02 -11.40
N ASP D 1252 4.94 33.92 -11.13
CA ASP D 1252 4.83 32.85 -12.11
C ASP D 1252 3.92 33.28 -13.25
N LYS D 1253 4.25 32.81 -14.45
CA LYS D 1253 3.45 33.08 -15.64
C LYS D 1253 2.57 31.90 -16.05
N LEU D 1254 2.58 30.82 -15.27
CA LEU D 1254 1.73 29.64 -15.54
C LEU D 1254 1.88 29.15 -16.97
N ASN D 1255 3.05 29.39 -17.57
CA ASN D 1255 3.29 29.01 -18.95
C ASN D 1255 3.68 27.55 -19.11
N GLY D 1256 3.88 26.83 -18.01
CA GLY D 1256 4.29 25.44 -18.05
C GLY D 1256 3.10 24.50 -18.10
N LEU D 1257 3.33 23.27 -17.66
CA LEU D 1257 2.34 22.20 -17.69
C LEU D 1257 1.87 21.81 -16.29
N LYS D 1258 2.80 21.45 -15.41
CA LYS D 1258 2.44 21.02 -14.07
C LYS D 1258 1.64 22.09 -13.34
N GLU D 1259 1.87 23.36 -13.66
CA GLU D 1259 1.11 24.43 -13.03
C GLU D 1259 -0.34 24.44 -13.49
N ASN D 1260 -0.58 24.26 -14.77
CA ASN D 1260 -1.96 24.18 -15.23
C ASN D 1260 -2.62 22.89 -14.76
N VAL D 1261 -1.83 21.88 -14.40
CA VAL D 1261 -2.40 20.74 -13.70
C VAL D 1261 -2.77 21.11 -12.26
N ILE D 1262 -1.91 21.88 -11.58
CA ILE D 1262 -2.14 22.16 -10.18
C ILE D 1262 -3.36 23.05 -9.99
N ILE D 1263 -3.53 24.07 -10.82
CA ILE D 1263 -4.67 24.97 -10.68
C ILE D 1263 -5.89 24.49 -11.47
N GLY D 1264 -5.80 23.33 -12.11
CA GLY D 1264 -6.94 22.71 -12.76
C GLY D 1264 -7.35 23.34 -14.07
N LYS D 1265 -6.60 24.30 -14.58
CA LYS D 1265 -6.90 24.89 -15.87
C LYS D 1265 -6.27 24.04 -16.98
N LEU D 1266 -6.78 24.21 -18.20
CA LEU D 1266 -6.33 23.40 -19.33
C LEU D 1266 -4.84 23.58 -19.55
N ILE D 1267 -4.13 22.46 -19.73
CA ILE D 1267 -2.68 22.46 -19.88
C ILE D 1267 -2.32 22.95 -21.28
N PRO D 1268 -1.16 23.60 -21.48
CA PRO D 1268 -0.80 24.14 -22.79
C PRO D 1268 -0.11 23.11 -23.68
N ALA D 1269 -0.70 21.92 -23.76
CA ALA D 1269 -0.17 20.87 -24.62
C ALA D 1269 -1.35 20.10 -25.21
N GLY D 1270 -1.11 19.53 -26.38
CA GLY D 1270 -2.15 18.78 -27.07
C GLY D 1270 -3.36 19.65 -27.36
N THR D 1271 -4.54 19.21 -26.89
CA THR D 1271 -5.78 19.89 -27.20
C THR D 1271 -6.03 21.12 -26.32
N GLY D 1272 -4.98 21.65 -25.69
CA GLY D 1272 -5.12 22.81 -24.83
C GLY D 1272 -4.58 24.08 -25.45
N ILE D 1273 -3.55 23.96 -26.30
CA ILE D 1273 -2.97 25.14 -26.92
C ILE D 1273 -4.02 25.86 -27.74
N ASN D 1274 -3.90 27.19 -27.82
CA ASN D 1274 -4.94 28.01 -28.42
C ASN D 1274 -5.13 27.76 -29.90
N ARG D 1275 -4.11 27.23 -30.58
CA ARG D 1275 -4.28 26.88 -31.99
C ARG D 1275 -5.41 25.88 -32.19
N TYR D 1276 -5.73 25.08 -31.17
CA TYR D 1276 -6.76 24.06 -31.26
C TYR D 1276 -7.90 24.27 -30.28
N ARG D 1277 -7.68 24.98 -29.18
CA ARG D 1277 -8.72 25.19 -28.18
C ARG D 1277 -9.70 26.29 -28.58
N ASN D 1278 -9.41 27.07 -29.61
CA ASN D 1278 -10.25 28.17 -30.06
C ASN D 1278 -10.70 27.96 -31.49
N ILE D 1279 -11.06 26.73 -31.84
CA ILE D 1279 -11.50 26.41 -33.19
C ILE D 1279 -12.95 26.85 -33.34
N ALA D 1280 -13.24 27.61 -34.38
CA ALA D 1280 -14.60 27.96 -34.76
C ALA D 1280 -15.10 26.92 -35.74
N VAL D 1281 -16.20 26.24 -35.40
CA VAL D 1281 -16.75 25.16 -36.20
C VAL D 1281 -18.15 25.57 -36.65
N GLN D 1282 -18.39 25.55 -37.95
CA GLN D 1282 -19.72 25.87 -38.45
C GLN D 1282 -20.12 24.93 -39.58
N PRO D 1283 -21.42 24.63 -39.71
CA PRO D 1283 -21.87 23.88 -40.88
C PRO D 1283 -21.61 24.66 -42.15
N THR D 1284 -21.31 23.93 -43.22
CA THR D 1284 -21.01 24.57 -44.49
C THR D 1284 -22.27 25.18 -45.11
N GLU D 1285 -22.06 26.27 -45.85
CA GLU D 1285 -23.18 27.04 -46.37
C GLU D 1285 -24.02 26.22 -47.35
N GLU D 1286 -23.38 25.42 -48.20
CA GLU D 1286 -24.12 24.64 -49.19
C GLU D 1286 -25.08 23.68 -48.50
N ALA D 1287 -24.58 22.87 -47.57
CA ALA D 1287 -25.44 21.93 -46.88
C ALA D 1287 -26.40 22.64 -45.94
N ARG D 1288 -26.04 23.82 -45.46
CA ARG D 1288 -26.97 24.63 -44.68
C ARG D 1288 -28.19 24.99 -45.51
N ALA D 1289 -27.96 25.48 -46.73
CA ALA D 1289 -29.07 25.77 -47.64
C ALA D 1289 -29.84 24.51 -47.98
N ALA D 1290 -29.13 23.40 -48.19
CA ALA D 1290 -29.79 22.13 -48.49
C ALA D 1290 -30.60 21.61 -47.31
N ALA D 1291 -30.33 22.08 -46.10
CA ALA D 1291 -31.02 21.60 -44.91
C ALA D 1291 -32.41 22.22 -44.80
N GLY E 27 -7.24 1.01 -51.28
CA GLY E 27 -7.96 0.89 -50.03
C GLY E 27 -9.07 -0.14 -50.10
N GLY E 28 -8.81 -1.32 -49.53
CA GLY E 28 -9.78 -2.40 -49.53
C GLY E 28 -10.03 -2.97 -48.16
N TYR E 29 -10.06 -2.12 -47.13
CA TYR E 29 -10.22 -2.61 -45.77
C TYR E 29 -11.57 -3.30 -45.60
N ASP E 30 -11.62 -4.21 -44.64
CA ASP E 30 -12.91 -4.78 -44.25
C ASP E 30 -13.72 -3.74 -43.51
N THR E 31 -15.03 -3.91 -43.54
CA THR E 31 -15.92 -2.88 -43.00
C THR E 31 -15.72 -2.76 -41.49
N PRO E 32 -15.53 -1.54 -40.95
CA PRO E 32 -15.42 -1.42 -39.50
C PRO E 32 -16.74 -1.72 -38.81
N LEU E 33 -16.75 -1.67 -37.48
CA LEU E 33 -17.97 -1.89 -36.73
C LEU E 33 -17.82 -1.27 -35.36
N GLY E 34 -18.88 -0.62 -34.90
CA GLY E 34 -18.86 -0.05 -33.57
C GLY E 34 -17.94 1.17 -33.49
N ILE E 35 -17.19 1.24 -32.40
CA ILE E 35 -16.50 2.46 -32.01
C ILE E 35 -15.59 3.00 -33.11
N THR E 36 -15.12 2.14 -34.01
CA THR E 36 -14.10 2.53 -34.98
C THR E 36 -14.70 2.99 -36.31
N ASN E 37 -16.05 3.04 -36.43
CA ASN E 37 -16.61 3.65 -37.63
C ASN E 37 -16.87 5.13 -37.38
N PRO E 38 -16.41 6.05 -38.23
CA PRO E 38 -15.69 5.87 -39.49
C PRO E 38 -14.20 5.64 -39.28
N PRO E 39 -13.44 5.30 -40.33
CA PRO E 39 -12.01 5.09 -40.16
C PRO E 39 -11.26 6.39 -39.88
N ILE E 40 -10.49 6.37 -38.79
CA ILE E 40 -9.83 7.58 -38.32
C ILE E 40 -8.88 8.11 -39.37
N ASP E 41 -8.20 7.22 -40.10
CA ASP E 41 -7.27 7.68 -41.12
C ASP E 41 -7.99 8.44 -42.23
N GLU E 42 -9.18 7.98 -42.62
CA GLU E 42 -10.00 8.74 -43.55
C GLU E 42 -10.56 10.00 -42.92
N LEU E 43 -10.49 10.13 -41.59
CA LEU E 43 -10.83 11.41 -40.96
C LEU E 43 -9.66 12.39 -40.92
N LEU E 44 -8.44 11.90 -40.73
CA LEU E 44 -7.29 12.78 -40.54
C LEU E 44 -6.97 13.61 -41.78
N ASP E 45 -7.34 13.13 -42.97
CA ASP E 45 -7.10 13.93 -44.18
C ASP E 45 -7.98 15.16 -44.22
N ARG E 46 -9.08 15.20 -43.46
CA ARG E 46 -9.96 16.37 -43.47
C ARG E 46 -9.31 17.54 -42.74
N VAL E 47 -8.59 17.28 -41.66
CA VAL E 47 -8.05 18.34 -40.81
C VAL E 47 -6.54 18.24 -40.74
N SER E 48 -5.92 19.16 -40.01
CA SER E 48 -4.46 19.19 -39.94
C SER E 48 -3.93 18.06 -39.07
N SER E 49 -4.37 18.01 -37.80
CA SER E 49 -3.89 17.00 -36.87
C SER E 49 -5.05 16.48 -36.05
N LYS E 50 -4.81 15.32 -35.41
CA LYS E 50 -5.88 14.64 -34.69
C LYS E 50 -6.41 15.48 -33.53
N TYR E 51 -5.62 16.44 -33.05
CA TYR E 51 -6.11 17.29 -31.98
C TYR E 51 -7.15 18.28 -32.53
N ALA E 52 -6.89 18.81 -33.71
CA ALA E 52 -7.91 19.59 -34.40
C ALA E 52 -9.14 18.74 -34.66
N LEU E 53 -8.94 17.48 -35.07
CA LEU E 53 -10.07 16.58 -35.25
C LEU E 53 -10.88 16.46 -33.97
N VAL E 54 -10.20 16.31 -32.84
CA VAL E 54 -10.87 16.10 -31.56
C VAL E 54 -11.72 17.30 -31.20
N ILE E 55 -11.13 18.49 -31.25
CA ILE E 55 -11.89 19.69 -30.87
C ILE E 55 -13.03 19.90 -31.85
N TYR E 56 -12.78 19.72 -33.14
CA TYR E 56 -13.79 19.82 -34.17
C TYR E 56 -15.01 18.96 -33.82
N ALA E 57 -14.78 17.67 -33.59
CA ALA E 57 -15.87 16.76 -33.29
C ALA E 57 -16.57 17.12 -31.98
N ALA E 58 -15.79 17.47 -30.94
CA ALA E 58 -16.39 17.77 -29.65
C ALA E 58 -17.30 18.99 -29.73
N LYS E 59 -16.84 20.06 -30.38
CA LYS E 59 -17.66 21.26 -30.50
C LYS E 59 -18.91 20.99 -31.32
N ARG E 60 -18.79 20.19 -32.39
CA ARG E 60 -19.98 19.84 -33.15
C ARG E 60 -20.96 19.04 -32.29
N ALA E 61 -20.44 18.12 -31.48
CA ALA E 61 -21.31 17.32 -30.61
C ALA E 61 -22.03 18.19 -29.60
N ARG E 62 -21.33 19.19 -29.05
CA ARG E 62 -21.97 20.12 -28.12
C ARG E 62 -23.06 20.93 -28.82
N GLN E 63 -22.81 21.35 -30.06
CA GLN E 63 -23.86 22.02 -30.81
C GLN E 63 -25.07 21.11 -30.98
N ILE E 64 -24.84 19.83 -31.26
CA ILE E 64 -25.94 18.89 -31.44
C ILE E 64 -26.73 18.73 -30.15
N ASN E 65 -26.02 18.59 -29.04
CA ASN E 65 -26.69 18.43 -27.74
C ASN E 65 -27.52 19.65 -27.41
N ASP E 66 -26.98 20.85 -27.69
CA ASP E 66 -27.74 22.07 -27.47
C ASP E 66 -28.95 22.13 -28.37
N TYR E 67 -28.84 21.65 -29.61
CA TYR E 67 -29.99 21.61 -30.49
C TYR E 67 -31.09 20.73 -29.91
N TYR E 68 -30.71 19.55 -29.40
CA TYR E 68 -31.71 18.64 -28.85
C TYR E 68 -32.31 19.19 -27.56
N ASN E 69 -31.55 19.94 -26.78
CA ASN E 69 -32.11 20.51 -25.56
C ASN E 69 -33.02 21.70 -25.86
N GLN E 70 -32.64 22.54 -26.84
CA GLN E 70 -33.36 23.76 -27.15
C GLN E 70 -34.41 23.58 -28.24
N LEU E 71 -34.90 22.35 -28.44
CA LEU E 71 -35.94 22.13 -29.44
C LEU E 71 -37.33 22.44 -28.90
N GLY E 72 -37.54 22.26 -27.59
CA GLY E 72 -38.86 22.50 -27.03
C GLY E 72 -39.29 23.94 -27.15
N GLU E 73 -38.38 24.88 -26.89
CA GLU E 73 -38.69 26.29 -26.95
C GLU E 73 -38.49 26.80 -28.38
N GLY E 74 -38.48 28.12 -28.55
CA GLY E 74 -38.34 28.69 -29.87
C GLY E 74 -37.09 28.22 -30.59
N ILE E 75 -37.03 28.55 -31.88
CA ILE E 75 -35.92 28.14 -32.73
C ILE E 75 -34.84 29.21 -32.68
N LEU E 76 -33.60 28.78 -32.45
CA LEU E 76 -32.46 29.68 -32.33
C LEU E 76 -31.38 29.28 -33.34
N GLU E 77 -30.21 29.90 -33.21
CA GLU E 77 -29.19 29.81 -34.26
C GLU E 77 -28.77 28.37 -34.55
N TYR E 78 -28.84 27.48 -33.56
CA TYR E 78 -28.28 26.15 -33.72
C TYR E 78 -29.02 25.36 -34.78
N VAL E 79 -28.28 24.50 -35.48
CA VAL E 79 -28.83 23.67 -36.55
C VAL E 79 -28.14 22.30 -36.49
N GLY E 80 -28.89 21.28 -36.90
CA GLY E 80 -28.40 19.91 -36.89
C GLY E 80 -29.42 19.00 -36.23
N PRO E 81 -29.23 17.68 -36.34
CA PRO E 81 -28.17 16.96 -37.06
C PRO E 81 -28.33 17.06 -38.56
N LEU E 82 -27.22 17.21 -39.28
CA LEU E 82 -27.27 17.40 -40.72
C LEU E 82 -27.33 16.09 -41.48
N VAL E 83 -26.70 15.04 -40.97
CA VAL E 83 -26.86 13.69 -41.49
C VAL E 83 -27.89 12.98 -40.62
N GLU E 84 -28.67 12.10 -41.25
CA GLU E 84 -29.74 11.43 -40.52
C GLU E 84 -29.14 10.51 -39.46
N PRO E 85 -29.54 10.63 -38.19
CA PRO E 85 -28.97 9.78 -37.15
C PRO E 85 -29.59 8.38 -37.20
N GLY E 86 -29.17 7.55 -36.25
CA GLY E 86 -29.71 6.22 -36.09
C GLY E 86 -30.92 6.20 -35.20
N LEU E 87 -31.25 5.00 -34.70
CA LEU E 87 -32.37 4.87 -33.78
C LEU E 87 -32.09 5.58 -32.47
N GLN E 88 -31.04 5.16 -31.76
CA GLN E 88 -30.52 5.86 -30.59
C GLN E 88 -29.01 5.95 -30.81
N GLU E 89 -28.54 7.12 -31.23
CA GLU E 89 -27.14 7.33 -31.57
C GLU E 89 -26.59 8.50 -30.77
N LYS E 90 -25.33 8.39 -30.37
CA LYS E 90 -24.74 9.40 -29.51
C LYS E 90 -24.32 10.63 -30.34
N PRO E 91 -24.45 11.82 -29.76
CA PRO E 91 -24.15 13.04 -30.53
C PRO E 91 -22.71 13.10 -31.02
N LEU E 92 -21.76 12.58 -30.23
CA LEU E 92 -20.38 12.58 -30.68
C LEU E 92 -20.20 11.71 -31.92
N SER E 93 -20.83 10.54 -31.93
CA SER E 93 -20.81 9.70 -33.12
C SER E 93 -21.43 10.43 -34.30
N ILE E 94 -22.55 11.10 -34.08
CA ILE E 94 -23.19 11.85 -35.15
C ILE E 94 -22.22 12.89 -35.71
N ALA E 95 -21.52 13.61 -34.83
CA ALA E 95 -20.59 14.64 -35.27
C ALA E 95 -19.44 14.04 -36.08
N LEU E 96 -18.89 12.91 -35.64
CA LEU E 96 -17.79 12.31 -36.39
C LEU E 96 -18.25 11.83 -37.75
N ARG E 97 -19.45 11.26 -37.84
CA ARG E 97 -19.95 10.85 -39.14
C ARG E 97 -20.20 12.05 -40.04
N GLU E 98 -20.68 13.16 -39.47
CA GLU E 98 -20.78 14.39 -40.26
C GLU E 98 -19.43 14.82 -40.78
N ILE E 99 -18.39 14.73 -39.93
CA ILE E 99 -17.04 15.08 -40.36
C ILE E 99 -16.64 14.22 -41.56
N HIS E 100 -16.82 12.90 -41.43
CA HIS E 100 -16.46 12.01 -42.52
C HIS E 100 -17.25 12.30 -43.77
N ALA E 101 -18.47 12.80 -43.61
CA ALA E 101 -19.32 13.15 -44.76
C ALA E 101 -18.93 14.48 -45.39
N ASP E 102 -18.01 15.23 -44.80
CA ASP E 102 -17.60 16.53 -45.30
C ASP E 102 -18.78 17.50 -45.33
N LEU E 103 -19.35 17.72 -44.14
CA LEU E 103 -20.57 18.51 -43.99
C LEU E 103 -20.37 19.75 -43.11
N LEU E 104 -19.13 20.09 -42.76
CA LEU E 104 -18.86 21.26 -41.93
C LEU E 104 -17.55 21.89 -42.40
N GLU E 105 -17.17 22.98 -41.75
CA GLU E 105 -15.81 23.49 -41.85
C GLU E 105 -15.44 24.15 -40.53
N HIS E 106 -14.17 24.52 -40.43
CA HIS E 106 -13.64 25.06 -39.19
C HIS E 106 -12.47 25.98 -39.49
N THR E 107 -12.19 26.86 -38.54
CA THR E 107 -11.01 27.70 -38.56
C THR E 107 -10.29 27.54 -37.23
N GLU E 108 -8.97 27.34 -37.30
CA GLU E 108 -8.16 27.10 -36.11
C GLU E 108 -7.87 28.43 -35.42
N GLY E 109 -6.96 28.41 -34.44
CA GLY E 109 -6.60 29.60 -33.70
C GLY E 109 -5.16 30.04 -33.96
N THR F 244 27.37 24.75 22.20
CA THR F 244 26.52 25.20 23.30
C THR F 244 25.05 25.01 22.95
N ALA F 245 24.65 25.53 21.78
CA ALA F 245 23.26 25.45 21.32
C ALA F 245 22.31 26.02 22.37
N SER F 246 22.69 27.16 22.93
CA SER F 246 21.94 27.80 24.00
C SER F 246 20.68 28.46 23.43
N ALA F 247 19.71 27.60 23.09
CA ALA F 247 18.38 28.04 22.67
C ALA F 247 17.32 27.67 23.70
N ASP F 248 17.72 27.23 24.90
CA ASP F 248 16.78 26.85 25.94
C ASP F 248 16.37 28.09 26.71
N SER F 249 15.18 28.61 26.43
CA SER F 249 14.67 29.73 27.19
C SER F 249 14.47 29.37 28.65
N VAL F 250 14.24 28.09 28.95
CA VAL F 250 14.10 27.67 30.34
C VAL F 250 15.38 27.96 31.12
N ARG F 251 16.50 27.39 30.65
CA ARG F 251 17.77 27.60 31.34
C ARG F 251 18.20 29.06 31.25
N ALA F 252 17.93 29.72 30.13
CA ALA F 252 18.26 31.14 30.02
C ALA F 252 17.51 31.96 31.08
N TYR F 253 16.23 31.66 31.28
CA TYR F 253 15.45 32.38 32.29
C TYR F 253 15.93 32.06 33.69
N LEU F 254 16.31 30.80 33.95
CA LEU F 254 16.85 30.47 35.27
C LEU F 254 18.15 31.24 35.55
N LYS F 255 19.05 31.25 34.56
CA LYS F 255 20.27 32.03 34.68
C LYS F 255 19.95 33.52 34.87
N GLN F 256 18.90 34.01 34.21
CA GLN F 256 18.52 35.41 34.37
C GLN F 256 18.06 35.70 35.79
N ILE F 257 17.13 34.89 36.30
CA ILE F 257 16.57 35.14 37.63
C ILE F 257 17.54 34.81 38.75
N GLY F 258 18.65 34.15 38.44
CA GLY F 258 19.67 33.92 39.44
C GLY F 258 20.51 35.13 39.81
N LYS F 259 20.23 36.29 39.22
CA LYS F 259 21.09 37.45 39.41
C LYS F 259 20.81 38.15 40.74
N VAL F 260 19.53 38.33 41.08
CA VAL F 260 19.17 39.16 42.23
C VAL F 260 19.08 38.30 43.48
N ALA F 261 19.39 38.90 44.63
CA ALA F 261 19.55 38.16 45.86
C ALA F 261 18.22 37.99 46.59
N LEU F 262 18.11 36.89 47.32
CA LEU F 262 16.94 36.62 48.15
C LEU F 262 16.95 37.54 49.38
N LEU F 263 15.76 37.80 49.91
CA LEU F 263 15.56 38.79 50.96
C LEU F 263 15.00 38.13 52.22
N ASN F 264 14.86 38.94 53.27
CA ASN F 264 14.43 38.50 54.59
C ASN F 264 13.26 39.36 55.08
N ALA F 265 12.85 39.11 56.33
CA ALA F 265 11.58 39.64 56.82
C ALA F 265 11.62 41.16 56.98
N GLU F 266 12.66 41.69 57.61
CA GLU F 266 12.73 43.14 57.83
C GLU F 266 12.86 43.88 56.50
N GLU F 267 13.65 43.32 55.57
CA GLU F 267 13.72 43.88 54.24
C GLU F 267 12.35 43.89 53.58
N GLU F 268 11.59 42.80 53.74
CA GLU F 268 10.26 42.72 53.16
C GLU F 268 9.35 43.79 53.75
N VAL F 269 9.44 44.02 55.06
CA VAL F 269 8.65 45.07 55.69
C VAL F 269 9.02 46.43 55.10
N GLU F 270 10.32 46.67 54.93
CA GLU F 270 10.76 47.93 54.34
C GLU F 270 10.18 48.13 52.94
N LEU F 271 10.26 47.09 52.11
CA LEU F 271 9.75 47.20 50.74
C LEU F 271 8.24 47.43 50.75
N ALA F 272 7.51 46.72 51.62
CA ALA F 272 6.06 46.88 51.69
C ALA F 272 5.70 48.31 52.10
N LYS F 273 6.38 48.85 53.10
CA LYS F 273 6.13 50.23 53.51
C LYS F 273 6.40 51.19 52.35
N ARG F 274 7.51 50.97 51.64
CA ARG F 274 7.87 51.86 50.55
C ARG F 274 6.80 51.82 49.44
N ILE F 275 6.34 50.63 49.07
CA ILE F 275 5.35 50.54 47.99
C ILE F 275 4.03 51.17 48.41
N GLU F 276 3.58 50.90 49.63
CA GLU F 276 2.32 51.48 50.08
C GLU F 276 2.41 53.00 50.11
N ALA F 277 3.52 53.53 50.62
CA ALA F 277 3.70 54.98 50.66
C ALA F 277 3.74 55.56 49.26
N GLY F 278 4.41 54.88 48.32
CA GLY F 278 4.44 55.36 46.95
C GLY F 278 3.06 55.40 46.32
N LEU F 279 2.26 54.36 46.56
CA LEU F 279 0.90 54.35 46.02
C LEU F 279 0.08 55.50 46.59
N TYR F 280 0.13 55.69 47.91
CA TYR F 280 -0.60 56.81 48.50
C TYR F 280 -0.08 58.13 47.96
N ALA F 281 1.21 58.22 47.69
CA ALA F 281 1.79 59.45 47.14
C ALA F 281 1.22 59.74 45.75
N THR F 282 1.19 58.72 44.89
CA THR F 282 0.63 58.92 43.56
C THR F 282 -0.84 59.32 43.64
N GLN F 283 -1.59 58.68 44.54
CA GLN F 283 -3.00 59.01 44.70
C GLN F 283 -3.16 60.47 45.13
N LEU F 284 -2.37 60.89 46.13
CA LEU F 284 -2.48 62.26 46.62
C LEU F 284 -2.08 63.26 45.54
N MET F 285 -1.07 62.93 44.74
CA MET F 285 -0.66 63.85 43.69
C MET F 285 -1.71 63.95 42.59
N THR F 286 -2.37 62.84 42.24
CA THR F 286 -3.50 62.93 41.31
C THR F 286 -4.59 63.83 41.88
N GLU F 287 -4.97 63.57 43.14
CA GLU F 287 -6.00 64.37 43.79
C GLU F 287 -5.64 65.84 43.79
N LEU F 288 -4.39 66.16 44.07
CA LEU F 288 -3.95 67.55 44.10
C LEU F 288 -3.73 68.13 42.71
N SER F 289 -3.57 67.29 41.70
CA SER F 289 -3.50 67.77 40.32
C SER F 289 -4.87 68.20 39.81
N GLU F 290 -5.92 67.48 40.22
CA GLU F 290 -7.28 67.87 39.87
C GLU F 290 -7.84 68.79 40.96
N ARG F 291 -8.13 70.05 40.59
CA ARG F 291 -8.69 71.07 41.46
C ARG F 291 -8.08 71.04 42.86
N GLY F 292 -6.78 70.77 42.95
CA GLY F 292 -6.14 70.58 44.23
C GLY F 292 -5.29 71.74 44.69
N GLU F 293 -3.97 71.57 44.62
CA GLU F 293 -3.03 72.57 45.09
C GLU F 293 -1.79 72.49 44.24
N LYS F 294 -1.18 73.64 43.96
CA LYS F 294 0.08 73.68 43.25
C LYS F 294 1.14 73.03 44.11
N LEU F 295 1.54 71.81 43.77
CA LEU F 295 2.45 71.05 44.61
C LEU F 295 3.78 71.79 44.75
N PRO F 296 4.24 72.08 45.97
CA PRO F 296 5.53 72.78 46.11
C PRO F 296 6.64 71.99 45.42
N ALA F 297 7.55 72.70 44.76
CA ALA F 297 8.53 72.01 43.91
C ALA F 297 9.24 70.90 44.67
N ALA F 298 9.74 71.19 45.87
CA ALA F 298 10.44 70.18 46.65
C ALA F 298 9.52 69.03 47.04
N GLN F 299 8.30 69.36 47.45
CA GLN F 299 7.34 68.32 47.86
C GLN F 299 6.96 67.43 46.68
N ARG F 300 6.58 68.04 45.56
CA ARG F 300 6.34 67.30 44.34
C ARG F 300 7.52 66.41 44.00
N ARG F 301 8.74 66.94 44.13
CA ARG F 301 9.94 66.18 43.80
C ARG F 301 10.04 64.93 44.65
N ASP F 302 10.06 65.09 45.97
CA ASP F 302 10.31 63.92 46.81
C ASP F 302 9.13 62.96 46.86
N MET F 303 7.89 63.44 46.68
CA MET F 303 6.78 62.49 46.56
C MET F 303 6.81 61.74 45.23
N MET F 304 7.23 62.38 44.14
CA MET F 304 7.45 61.62 42.91
C MET F 304 8.55 60.59 43.11
N TRP F 305 9.59 60.95 43.86
CA TRP F 305 10.62 59.99 44.22
C TRP F 305 10.00 58.82 44.99
N ILE F 306 9.11 59.12 45.93
CA ILE F 306 8.42 58.07 46.69
C ILE F 306 7.66 57.15 45.73
N CYS F 307 6.98 57.72 44.74
CA CYS F 307 6.23 56.92 43.78
C CYS F 307 7.15 55.97 43.01
N ARG F 308 8.17 56.53 42.36
CA ARG F 308 9.07 55.71 41.56
C ARG F 308 9.77 54.67 42.42
N ASP F 309 10.09 55.02 43.66
CA ASP F 309 10.73 54.09 44.58
C ASP F 309 9.79 52.98 45.01
N GLY F 310 8.50 53.27 45.17
CA GLY F 310 7.53 52.22 45.44
C GLY F 310 7.45 51.22 44.31
N ASP F 311 7.41 51.73 43.06
CA ASP F 311 7.45 50.82 41.92
C ASP F 311 8.74 50.01 41.92
N ARG F 312 9.86 50.65 42.22
CA ARG F 312 11.15 49.95 42.34
C ARG F 312 11.03 48.80 43.31
N ALA F 313 10.52 49.06 44.52
CA ALA F 313 10.45 48.03 45.55
C ALA F 313 9.55 46.89 45.12
N LYS F 314 8.41 47.21 44.49
CA LYS F 314 7.54 46.16 43.97
C LYS F 314 8.30 45.24 43.03
N ASN F 315 8.99 45.82 42.05
CA ASN F 315 9.74 45.02 41.09
C ASN F 315 10.83 44.21 41.79
N HIS F 316 11.51 44.82 42.76
CA HIS F 316 12.56 44.11 43.50
C HIS F 316 12.01 42.87 44.18
N LEU F 317 10.85 43.00 44.81
CA LEU F 317 10.25 41.86 45.50
C LEU F 317 9.86 40.77 44.50
N LEU F 318 9.28 41.15 43.37
CA LEU F 318 8.92 40.15 42.37
C LEU F 318 10.16 39.39 41.91
N GLU F 319 11.25 40.11 41.63
CA GLU F 319 12.50 39.45 41.30
C GLU F 319 12.95 38.55 42.44
N ALA F 320 12.70 38.94 43.68
CA ALA F 320 13.12 38.13 44.82
C ALA F 320 12.42 36.78 44.83
N ASN F 321 11.11 36.76 44.54
CA ASN F 321 10.30 35.55 44.72
C ASN F 321 10.04 34.79 43.41
N LEU F 322 10.66 35.19 42.30
CA LEU F 322 10.63 34.33 41.11
C LEU F 322 11.08 32.91 41.42
N ARG F 323 12.10 32.75 42.26
CA ARG F 323 12.61 31.42 42.58
C ARG F 323 11.55 30.61 43.32
N LEU F 324 10.81 31.26 44.23
CA LEU F 324 9.69 30.59 44.86
C LEU F 324 8.69 30.12 43.81
N VAL F 325 8.42 30.97 42.81
CA VAL F 325 7.46 30.57 41.77
C VAL F 325 7.92 29.29 41.08
N VAL F 326 9.19 29.25 40.64
CA VAL F 326 9.64 28.07 39.90
C VAL F 326 9.60 26.84 40.80
N SER F 327 10.07 26.98 42.05
CA SER F 327 10.08 25.84 42.97
C SER F 327 8.68 25.28 43.16
N LEU F 328 7.68 26.16 43.24
CA LEU F 328 6.31 25.69 43.38
C LEU F 328 5.82 25.04 42.09
N ALA F 329 6.10 25.69 40.95
CA ALA F 329 5.55 25.24 39.68
C ALA F 329 6.03 23.84 39.33
N LYS F 330 7.20 23.44 39.84
CA LYS F 330 7.75 22.14 39.47
C LYS F 330 6.78 20.99 39.75
N ARG F 331 6.02 21.06 40.85
CA ARG F 331 5.20 19.92 41.22
C ARG F 331 4.12 19.66 40.17
N TYR F 332 3.47 20.71 39.68
CA TYR F 332 2.33 20.52 38.79
C TYR F 332 2.75 20.04 37.40
N THR F 333 3.92 20.43 36.93
CA THR F 333 4.29 20.12 35.54
C THR F 333 4.30 18.61 35.33
N GLY F 334 3.82 18.20 34.16
CA GLY F 334 3.56 16.80 33.88
C GLY F 334 2.16 16.59 33.35
N ARG F 335 1.26 17.51 33.72
CA ARG F 335 -0.14 17.44 33.30
C ARG F 335 -0.63 18.76 32.71
N GLY F 336 0.25 19.72 32.47
CA GLY F 336 -0.16 21.04 31.99
C GLY F 336 0.54 21.45 30.72
N MET F 337 0.62 22.76 30.48
CA MET F 337 1.24 23.31 29.29
C MET F 337 2.72 23.59 29.53
N ALA F 338 3.34 24.34 28.62
CA ALA F 338 4.72 24.74 28.78
C ALA F 338 4.97 25.28 30.18
N PHE F 339 6.08 24.84 30.78
CA PHE F 339 6.43 25.25 32.13
C PHE F 339 6.39 26.78 32.26
N LEU F 340 6.89 27.48 31.25
CA LEU F 340 7.00 28.93 31.28
C LEU F 340 5.65 29.58 31.54
N ASP F 341 4.59 29.04 30.94
CA ASP F 341 3.25 29.61 31.16
C ASP F 341 2.91 29.59 32.64
N LEU F 342 3.08 28.43 33.29
CA LEU F 342 2.82 28.34 34.72
C LEU F 342 3.68 29.31 35.51
N ILE F 343 4.95 29.48 35.12
CA ILE F 343 5.78 30.44 35.85
C ILE F 343 5.16 31.83 35.76
N GLN F 344 4.72 32.23 34.56
CA GLN F 344 4.17 33.57 34.40
C GLN F 344 2.87 33.74 35.18
N GLU F 345 2.03 32.69 35.23
CA GLU F 345 0.83 32.79 36.06
C GLU F 345 1.21 32.95 37.53
N GLY F 346 2.27 32.26 37.96
CA GLY F 346 2.78 32.47 39.30
C GLY F 346 3.19 33.92 39.54
N ASN F 347 3.89 34.51 38.57
CA ASN F 347 4.28 35.92 38.68
C ASN F 347 3.06 36.83 38.78
N LEU F 348 2.01 36.53 38.00
CA LEU F 348 0.78 37.31 38.12
C LEU F 348 0.20 37.20 39.54
N GLY F 349 0.18 35.98 40.08
CA GLY F 349 -0.23 35.81 41.46
C GLY F 349 0.63 36.59 42.43
N LEU F 350 1.94 36.67 42.16
CA LEU F 350 2.83 37.47 43.00
C LEU F 350 2.45 38.94 42.98
N ILE F 351 2.21 39.49 41.81
CA ILE F 351 1.89 40.92 41.77
C ILE F 351 0.58 41.16 42.50
N ARG F 352 -0.38 40.23 42.39
CA ARG F 352 -1.59 40.34 43.20
C ARG F 352 -1.25 40.33 44.69
N ALA F 353 -0.40 39.39 45.11
CA ALA F 353 -0.09 39.25 46.53
C ALA F 353 0.62 40.49 47.07
N VAL F 354 1.63 40.99 46.35
CA VAL F 354 2.34 42.18 46.80
C VAL F 354 1.42 43.39 46.75
N GLU F 355 0.41 43.38 45.88
CA GLU F 355 -0.59 44.43 45.94
C GLU F 355 -1.40 44.35 47.21
N LYS F 356 -1.76 43.14 47.65
CA LYS F 356 -2.66 42.94 48.77
C LYS F 356 -1.97 42.24 49.96
N PHE F 357 -0.76 42.67 50.30
CA PHE F 357 -0.08 42.19 51.50
C PHE F 357 -0.18 43.21 52.62
N ASP F 358 -0.21 42.70 53.84
CA ASP F 358 -0.19 43.51 55.05
C ASP F 358 0.96 43.03 55.93
N TYR F 359 1.76 43.99 56.40
CA TYR F 359 2.94 43.70 57.20
C TYR F 359 2.68 43.81 58.70
N THR F 360 1.66 44.58 59.10
CA THR F 360 1.38 44.78 60.52
C THR F 360 1.03 43.48 61.23
N LYS F 361 0.57 42.46 60.50
CA LYS F 361 0.32 41.16 61.11
C LYS F 361 1.60 40.41 61.45
N GLY F 362 2.75 40.90 61.01
CA GLY F 362 4.03 40.33 61.40
C GLY F 362 4.22 38.90 60.98
N TYR F 363 4.26 38.66 59.66
CA TYR F 363 4.48 37.33 59.13
C TYR F 363 5.45 37.40 57.96
N LYS F 364 6.19 36.32 57.75
CA LYS F 364 6.99 36.20 56.55
C LYS F 364 6.09 36.16 55.33
N PHE F 365 6.53 36.84 54.27
CA PHE F 365 5.70 37.01 53.08
C PHE F 365 5.54 35.71 52.29
N SER F 366 6.41 34.73 52.52
CA SER F 366 6.46 33.52 51.72
C SER F 366 5.13 32.79 51.66
N THR F 367 4.44 32.67 52.80
CA THR F 367 3.22 31.87 52.85
C THR F 367 2.11 32.49 52.01
N TYR F 368 1.85 33.78 52.22
CA TYR F 368 0.82 34.48 51.46
C TYR F 368 1.15 34.46 49.97
N ALA F 369 2.43 34.67 49.65
CA ALA F 369 2.86 34.57 48.26
C ALA F 369 2.55 33.18 47.70
N THR F 370 2.86 32.13 48.47
CA THR F 370 2.64 30.77 48.02
C THR F 370 1.17 30.54 47.66
N TRP F 371 0.27 30.92 48.57
CA TRP F 371 -1.15 30.67 48.34
C TRP F 371 -1.64 31.44 47.11
N TRP F 372 -1.26 32.71 47.00
CA TRP F 372 -1.69 33.50 45.85
C TRP F 372 -1.19 32.87 44.55
N ILE F 373 0.07 32.45 44.54
CA ILE F 373 0.68 31.84 43.36
C ILE F 373 -0.12 30.60 42.96
N ARG F 374 -0.36 29.71 43.91
CA ARG F 374 -1.01 28.45 43.60
C ARG F 374 -2.42 28.70 43.05
N GLN F 375 -3.15 29.63 43.67
CA GLN F 375 -4.48 29.96 43.19
C GLN F 375 -4.42 30.38 41.72
N ALA F 376 -3.53 31.32 41.41
CA ALA F 376 -3.44 31.81 40.03
C ALA F 376 -3.05 30.70 39.06
N ILE F 377 -2.08 29.87 39.44
CA ILE F 377 -1.62 28.81 38.54
C ILE F 377 -2.76 27.84 38.24
N THR F 378 -3.46 27.40 39.29
CA THR F 378 -4.54 26.43 39.08
C THR F 378 -5.64 27.05 38.22
N ARG F 379 -5.98 28.32 38.47
CA ARG F 379 -7.02 28.96 37.68
C ARG F 379 -6.64 29.02 36.20
N ALA F 380 -5.41 29.47 35.91
CA ALA F 380 -5.00 29.58 34.52
C ALA F 380 -4.90 28.21 33.86
N MET F 381 -4.36 27.22 34.58
CA MET F 381 -4.30 25.87 34.05
C MET F 381 -5.70 25.39 33.66
N ALA F 382 -6.67 25.59 34.55
CA ALA F 382 -8.03 25.15 34.25
C ALA F 382 -8.58 25.86 33.03
N ASP F 383 -8.42 27.19 32.98
CA ASP F 383 -8.99 27.95 31.87
C ASP F 383 -8.35 27.58 30.54
N GLN F 384 -7.09 27.15 30.56
CA GLN F 384 -6.31 26.95 29.33
C GLN F 384 -5.88 25.50 29.17
N ALA F 385 -6.59 24.58 29.81
CA ALA F 385 -6.18 23.17 29.84
C ALA F 385 -6.42 22.49 28.49
N ARG F 386 -7.67 22.45 28.05
CA ARG F 386 -8.06 21.72 26.85
C ARG F 386 -8.56 22.69 25.79
N THR F 387 -8.58 22.19 24.55
CA THR F 387 -9.13 22.97 23.45
C THR F 387 -10.57 23.39 23.75
N ILE F 388 -11.29 22.59 24.52
CA ILE F 388 -12.60 22.94 25.03
C ILE F 388 -12.44 23.45 26.46
N ARG F 389 -13.25 24.42 26.84
CA ARG F 389 -13.14 25.06 28.15
C ARG F 389 -14.09 24.38 29.13
N ILE F 390 -13.58 24.06 30.31
CA ILE F 390 -14.33 23.35 31.33
C ILE F 390 -14.22 24.18 32.62
N PRO F 391 -15.27 24.93 33.02
CA PRO F 391 -15.15 25.80 34.20
C PRO F 391 -14.70 25.12 35.48
N VAL F 392 -14.42 25.94 36.50
CA VAL F 392 -13.58 25.51 37.62
C VAL F 392 -14.28 24.47 38.49
N HIS F 393 -15.56 24.69 38.82
CA HIS F 393 -16.22 23.76 39.74
C HIS F 393 -16.37 22.39 39.12
N MET F 394 -16.74 22.32 37.84
CA MET F 394 -16.77 21.02 37.17
C MET F 394 -15.38 20.43 37.04
N VAL F 395 -14.35 21.26 36.86
CA VAL F 395 -12.99 20.75 36.89
C VAL F 395 -12.69 20.10 38.23
N GLU F 396 -13.11 20.73 39.32
CA GLU F 396 -12.83 20.21 40.65
C GLU F 396 -13.54 18.89 40.88
N VAL F 397 -14.81 18.78 40.47
CA VAL F 397 -15.50 17.50 40.65
C VAL F 397 -14.87 16.43 39.75
N ILE F 398 -14.41 16.80 38.56
CA ILE F 398 -13.71 15.84 37.71
C ILE F 398 -12.45 15.34 38.40
N ASN F 399 -11.69 16.26 39.00
CA ASN F 399 -10.46 15.87 39.69
C ASN F 399 -10.77 15.00 40.90
N LYS F 400 -11.84 15.31 41.64
CA LYS F 400 -12.22 14.50 42.79
C LYS F 400 -12.66 13.11 42.35
N LEU F 401 -13.44 13.02 41.27
CA LEU F 401 -13.82 11.71 40.74
C LEU F 401 -12.58 10.93 40.32
N GLY F 402 -11.65 11.59 39.66
CA GLY F 402 -10.43 10.91 39.24
C GLY F 402 -9.62 10.41 40.42
N ARG F 403 -9.45 11.25 41.44
CA ARG F 403 -8.69 10.83 42.62
C ARG F 403 -9.37 9.67 43.33
N ILE F 404 -10.69 9.73 43.47
CA ILE F 404 -11.42 8.64 44.12
C ILE F 404 -11.26 7.36 43.33
N GLN F 405 -11.44 7.43 42.01
CA GLN F 405 -11.30 6.25 41.17
C GLN F 405 -9.89 5.68 41.23
N ARG F 406 -8.89 6.56 41.24
CA ARG F 406 -7.50 6.10 41.28
C ARG F 406 -7.17 5.44 42.61
N GLU F 407 -7.59 6.04 43.72
CA GLU F 407 -7.31 5.43 45.01
C GLU F 407 -8.07 4.13 45.19
N LEU F 408 -9.29 4.04 44.65
CA LEU F 408 -10.02 2.77 44.72
C LEU F 408 -9.38 1.72 43.82
N LEU F 409 -8.80 2.14 42.69
CA LEU F 409 -8.03 1.20 41.88
C LEU F 409 -6.81 0.70 42.65
N GLN F 410 -6.14 1.59 43.36
CA GLN F 410 -4.98 1.20 44.16
C GLN F 410 -5.38 0.22 45.26
N ASP F 411 -6.48 0.51 45.96
CA ASP F 411 -6.88 -0.30 47.11
C ASP F 411 -7.54 -1.60 46.68
N LEU F 412 -8.69 -1.48 45.99
CA LEU F 412 -9.43 -2.67 45.56
C LEU F 412 -8.68 -3.43 44.48
N GLY F 413 -8.12 -2.73 43.50
CA GLY F 413 -7.44 -3.33 42.39
C GLY F 413 -8.23 -3.38 41.09
N ARG F 414 -9.55 -3.21 41.17
CA ARG F 414 -10.41 -3.20 40.00
C ARG F 414 -10.93 -1.79 39.76
N GLU F 415 -11.24 -1.49 38.51
CA GLU F 415 -11.87 -0.22 38.19
C GLU F 415 -13.30 -0.23 38.72
N PRO F 416 -13.69 0.69 39.61
CA PRO F 416 -15.06 0.64 40.15
C PRO F 416 -16.12 0.90 39.09
N THR F 417 -17.37 0.89 39.52
CA THR F 417 -18.53 1.03 38.64
C THR F 417 -19.16 2.41 38.77
N PRO F 418 -19.98 2.83 37.80
CA PRO F 418 -20.63 4.13 37.91
C PRO F 418 -21.47 4.27 39.17
N GLU F 419 -22.22 3.23 39.54
CA GLU F 419 -22.98 3.29 40.79
C GLU F 419 -22.05 3.36 41.98
N GLU F 420 -20.90 2.69 41.91
CA GLU F 420 -19.93 2.76 42.99
C GLU F 420 -19.45 4.18 43.19
N LEU F 421 -19.07 4.85 42.11
CA LEU F 421 -18.60 6.23 42.24
C LEU F 421 -19.73 7.18 42.62
N ALA F 422 -20.96 6.88 42.18
CA ALA F 422 -22.11 7.69 42.58
C ALA F 422 -22.31 7.62 44.09
N LYS F 423 -22.22 6.43 44.66
CA LYS F 423 -22.41 6.30 46.11
C LYS F 423 -21.22 6.87 46.86
N GLU F 424 -20.01 6.72 46.32
CA GLU F 424 -18.83 7.24 47.00
C GLU F 424 -18.84 8.76 47.04
N MET F 425 -19.25 9.40 45.94
CA MET F 425 -19.26 10.85 45.84
C MET F 425 -20.60 11.47 46.21
N ASP F 426 -21.55 10.66 46.68
CA ASP F 426 -22.86 11.17 47.12
C ASP F 426 -23.56 11.92 45.98
N ILE F 427 -23.47 11.37 44.77
CA ILE F 427 -24.10 11.95 43.59
C ILE F 427 -24.82 10.82 42.86
N THR F 428 -25.44 11.17 41.71
CA THR F 428 -26.25 10.20 40.98
C THR F 428 -25.42 9.50 39.92
N PRO F 429 -25.76 8.24 39.58
CA PRO F 429 -25.02 7.58 38.48
C PRO F 429 -25.12 8.31 37.16
N GLU F 430 -26.26 8.94 36.86
CA GLU F 430 -26.35 9.72 35.63
C GLU F 430 -25.41 10.91 35.67
N LYS F 431 -25.30 11.57 36.83
CA LYS F 431 -24.31 12.64 36.97
C LYS F 431 -22.91 12.11 36.76
N VAL F 432 -22.60 10.94 37.33
CA VAL F 432 -21.28 10.33 37.11
C VAL F 432 -21.03 10.11 35.63
N LEU F 433 -22.04 9.59 34.92
CA LEU F 433 -21.89 9.38 33.48
C LEU F 433 -21.64 10.69 32.76
N GLU F 434 -22.33 11.76 33.16
CA GLU F 434 -22.11 13.05 32.54
C GLU F 434 -20.71 13.57 32.80
N ILE F 435 -20.17 13.34 34.00
CA ILE F 435 -18.81 13.77 34.29
C ILE F 435 -17.82 12.98 33.46
N GLN F 436 -18.05 11.67 33.30
CA GLN F 436 -17.21 10.89 32.38
C GLN F 436 -17.30 11.46 30.97
N GLN F 437 -18.49 11.82 30.53
CA GLN F 437 -18.68 12.31 29.17
C GLN F 437 -17.92 13.62 28.95
N TYR F 438 -18.13 14.60 29.83
CA TYR F 438 -17.44 15.88 29.70
C TYR F 438 -15.94 15.74 29.97
N ALA F 439 -15.53 14.68 30.65
CA ALA F 439 -14.10 14.43 30.87
C ALA F 439 -13.39 14.06 29.57
N ARG F 440 -14.12 13.66 28.53
CA ARG F 440 -13.51 13.23 27.29
C ARG F 440 -12.63 14.33 26.72
N GLU F 441 -11.45 13.95 26.25
CA GLU F 441 -10.51 14.85 25.63
C GLU F 441 -10.45 14.59 24.13
N PRO F 442 -10.41 15.62 23.29
CA PRO F 442 -10.42 15.40 21.84
C PRO F 442 -9.23 14.57 21.39
N ILE F 443 -9.48 13.70 20.42
CA ILE F 443 -8.41 12.96 19.75
C ILE F 443 -7.77 13.91 18.74
N SER F 444 -6.60 13.56 18.23
CA SER F 444 -5.90 14.38 17.25
C SER F 444 -6.19 13.86 15.85
N LEU F 445 -6.63 14.75 14.96
CA LEU F 445 -6.80 14.38 13.57
C LEU F 445 -5.50 13.84 12.99
N ASP F 446 -4.37 14.30 13.51
CA ASP F 446 -3.06 13.81 13.10
C ASP F 446 -2.69 12.60 13.93
N GLN F 447 -2.26 11.53 13.26
CA GLN F 447 -1.85 10.31 13.93
C GLN F 447 -0.99 9.50 12.96
N THR F 448 -0.65 8.28 13.35
CA THR F 448 0.08 7.35 12.51
C THR F 448 -0.68 6.04 12.44
N ILE F 449 -0.98 5.59 11.23
CA ILE F 449 -1.63 4.30 11.01
C ILE F 449 -1.40 3.86 9.58
N SER F 455 -0.12 7.13 8.51
CA SER F 455 -1.27 7.83 7.95
C SER F 455 -2.05 8.58 9.03
N GLN F 456 -2.92 9.49 8.60
CA GLN F 456 -3.71 10.32 9.50
C GLN F 456 -5.18 9.91 9.41
N LEU F 457 -5.85 9.92 10.57
CA LEU F 457 -7.27 9.58 10.60
C LEU F 457 -8.05 10.44 9.61
N GLY F 458 -7.63 11.69 9.42
CA GLY F 458 -8.30 12.58 8.49
C GLY F 458 -8.55 11.97 7.13
N ASP F 459 -7.75 10.98 6.74
CA ASP F 459 -8.02 10.27 5.49
C ASP F 459 -9.41 9.68 5.49
N PHE F 460 -9.67 8.75 6.41
CA PHE F 460 -10.98 8.11 6.49
C PHE F 460 -11.87 8.86 7.47
N ILE F 461 -12.37 10.00 7.03
CA ILE F 461 -13.43 10.68 7.76
C ILE F 461 -14.54 11.03 6.76
N GLU F 462 -15.50 10.12 6.62
CA GLU F 462 -16.63 10.32 5.72
C GLU F 462 -17.40 11.58 6.12
N ASP F 463 -17.84 12.33 5.11
CA ASP F 463 -18.59 13.55 5.36
C ASP F 463 -20.09 13.26 5.32
N SER F 464 -20.59 12.66 6.41
CA SER F 464 -21.99 12.27 6.47
C SER F 464 -22.92 13.46 6.25
N GLU F 465 -22.59 14.60 6.84
CA GLU F 465 -23.24 15.86 6.50
C GLU F 465 -22.51 16.44 5.31
N ALA F 466 -23.09 16.28 4.12
CA ALA F 466 -22.51 16.86 2.92
C ALA F 466 -23.50 16.80 1.77
N VAL F 467 -23.03 17.16 0.58
CA VAL F 467 -23.84 16.98 -0.63
C VAL F 467 -24.22 15.51 -0.75
N VAL F 468 -25.51 15.24 -0.86
CA VAL F 468 -25.96 13.89 -1.18
C VAL F 468 -25.76 13.59 -2.66
N ALA F 469 -25.72 14.62 -3.51
CA ALA F 469 -25.38 14.52 -4.92
C ALA F 469 -26.49 13.89 -5.75
N VAL F 470 -27.53 13.38 -5.11
CA VAL F 470 -28.73 12.90 -5.80
C VAL F 470 -29.98 13.61 -5.31
N ASP F 471 -30.09 13.85 -4.01
CA ASP F 471 -31.27 14.54 -3.49
C ASP F 471 -31.34 15.98 -3.97
N ALA F 472 -30.22 16.57 -4.38
CA ALA F 472 -30.26 17.92 -4.95
C ALA F 472 -31.11 17.96 -6.21
N VAL F 473 -30.71 17.17 -7.22
CA VAL F 473 -31.49 17.11 -8.45
C VAL F 473 -32.88 16.54 -8.18
N SER F 474 -32.98 15.63 -7.21
CA SER F 474 -34.28 15.10 -6.85
C SER F 474 -35.22 16.20 -6.38
N PHE F 475 -34.73 17.10 -5.53
CA PHE F 475 -35.56 18.20 -5.05
C PHE F 475 -35.84 19.21 -6.16
N THR F 476 -34.87 19.44 -7.05
CA THR F 476 -35.13 20.30 -8.21
C THR F 476 -36.32 19.78 -9.01
N LEU F 477 -36.27 18.49 -9.38
CA LEU F 477 -37.37 17.91 -10.13
C LEU F 477 -38.65 17.87 -9.31
N LEU F 478 -38.54 17.63 -8.01
CA LEU F 478 -39.68 17.72 -7.12
C LEU F 478 -40.39 19.06 -7.28
N GLN F 479 -39.64 20.14 -7.08
CA GLN F 479 -40.21 21.49 -7.17
C GLN F 479 -40.83 21.73 -8.54
N ASP F 480 -40.17 21.28 -9.61
CA ASP F 480 -40.76 21.40 -10.93
C ASP F 480 -42.13 20.71 -10.97
N GLN F 481 -42.20 19.50 -10.44
CA GLN F 481 -43.45 18.75 -10.46
C GLN F 481 -44.53 19.45 -9.64
N LEU F 482 -44.15 20.05 -8.50
CA LEU F 482 -45.16 20.74 -7.69
C LEU F 482 -45.70 21.97 -8.40
N GLN F 483 -44.81 22.73 -9.06
CA GLN F 483 -45.29 23.86 -9.84
C GLN F 483 -46.24 23.38 -10.94
N SER F 484 -45.90 22.27 -11.59
CA SER F 484 -46.79 21.70 -12.61
C SER F 484 -48.16 21.35 -12.01
N VAL F 485 -48.17 20.58 -10.92
CA VAL F 485 -49.42 20.13 -10.33
C VAL F 485 -50.25 21.33 -9.89
N LEU F 486 -49.61 22.33 -9.29
CA LEU F 486 -50.33 23.51 -8.85
C LEU F 486 -50.93 24.26 -10.04
N ASP F 487 -50.23 24.24 -11.18
CA ASP F 487 -50.80 24.83 -12.38
C ASP F 487 -51.96 23.99 -12.92
N THR F 488 -51.98 22.69 -12.64
CA THR F 488 -53.11 21.87 -13.05
C THR F 488 -54.40 22.32 -12.39
N LEU F 489 -54.33 22.78 -11.14
CA LEU F 489 -55.50 23.21 -10.39
C LEU F 489 -55.81 24.66 -10.71
N SER F 490 -56.86 25.19 -10.06
CA SER F 490 -57.24 26.57 -10.27
C SER F 490 -56.14 27.51 -9.80
N GLU F 491 -56.06 28.68 -10.45
CA GLU F 491 -55.03 29.65 -10.08
C GLU F 491 -55.24 30.17 -8.66
N ARG F 492 -56.48 30.45 -8.28
CA ARG F 492 -56.75 30.93 -6.92
C ARG F 492 -56.35 29.87 -5.90
N GLU F 493 -56.74 28.62 -6.15
CA GLU F 493 -56.37 27.54 -5.24
C GLU F 493 -54.85 27.41 -5.15
N ALA F 494 -54.16 27.52 -6.30
CA ALA F 494 -52.72 27.38 -6.31
C ALA F 494 -52.04 28.49 -5.52
N GLY F 495 -52.48 29.74 -5.72
CA GLY F 495 -51.92 30.84 -4.96
C GLY F 495 -52.18 30.70 -3.48
N VAL F 496 -53.39 30.25 -3.11
CA VAL F 496 -53.72 30.07 -1.70
C VAL F 496 -52.80 29.02 -1.09
N VAL F 497 -52.59 27.90 -1.79
CA VAL F 497 -51.70 26.85 -1.27
C VAL F 497 -50.26 27.38 -1.18
N ARG F 498 -49.82 28.13 -2.20
CA ARG F 498 -48.46 28.65 -2.20
C ARG F 498 -48.23 29.57 -1.02
N LEU F 499 -49.21 30.42 -0.71
CA LEU F 499 -49.06 31.32 0.44
C LEU F 499 -49.21 30.57 1.76
N ARG F 500 -50.08 29.56 1.79
CA ARG F 500 -50.27 28.79 3.02
C ARG F 500 -48.99 28.05 3.40
N PHE F 501 -48.29 27.49 2.42
CA PHE F 501 -47.10 26.69 2.67
C PHE F 501 -45.80 27.38 2.26
N GLY F 502 -45.84 28.67 1.97
CA GLY F 502 -44.61 29.42 1.72
C GLY F 502 -43.81 28.95 0.52
N LEU F 503 -44.48 28.68 -0.60
CA LEU F 503 -43.79 28.23 -1.81
C LEU F 503 -43.28 29.37 -2.69
N THR F 504 -43.67 30.60 -2.42
CA THR F 504 -43.33 31.72 -3.30
C THR F 504 -42.18 32.56 -2.77
N ASP F 505 -42.02 32.66 -1.46
CA ASP F 505 -40.92 33.42 -0.87
C ASP F 505 -40.24 32.70 0.30
N GLY F 506 -40.77 31.57 0.76
CA GLY F 506 -40.27 30.94 1.97
C GLY F 506 -40.91 31.43 3.24
N GLN F 507 -41.77 32.45 3.17
CA GLN F 507 -42.45 32.99 4.34
C GLN F 507 -43.83 32.34 4.43
N PRO F 508 -44.10 31.49 5.42
CA PRO F 508 -45.41 30.83 5.47
C PRO F 508 -46.53 31.78 5.89
N ARG F 509 -47.37 32.17 4.95
CA ARG F 509 -48.50 33.04 5.25
C ARG F 509 -49.63 32.25 5.88
N THR F 510 -50.27 32.84 6.89
CA THR F 510 -51.33 32.18 7.63
C THR F 510 -52.69 32.76 7.25
N LEU F 511 -53.75 32.12 7.78
CA LEU F 511 -55.10 32.32 7.27
C LEU F 511 -55.50 33.79 7.29
N ASP F 512 -55.18 34.51 8.36
CA ASP F 512 -55.57 35.91 8.42
C ASP F 512 -54.89 36.72 7.32
N GLU F 513 -53.58 36.50 7.12
CA GLU F 513 -52.86 37.25 6.10
C GLU F 513 -53.39 36.95 4.70
N ILE F 514 -53.66 35.67 4.42
CA ILE F 514 -54.13 35.33 3.07
C ILE F 514 -55.55 35.81 2.86
N GLY F 515 -56.40 35.74 3.90
CA GLY F 515 -57.73 36.32 3.79
C GLY F 515 -57.68 37.82 3.60
N GLN F 516 -56.70 38.49 4.19
CA GLN F 516 -56.53 39.92 3.97
C GLN F 516 -56.10 40.22 2.54
N VAL F 517 -55.11 39.47 2.04
CA VAL F 517 -54.59 39.76 0.71
C VAL F 517 -55.57 39.34 -0.38
N TYR F 518 -56.52 38.45 -0.08
CA TYR F 518 -57.60 38.12 -1.01
C TYR F 518 -58.90 38.82 -0.68
N GLY F 519 -58.94 39.63 0.38
CA GLY F 519 -60.14 40.39 0.72
C GLY F 519 -61.32 39.53 1.13
N VAL F 520 -61.07 38.41 1.81
CA VAL F 520 -62.12 37.51 2.28
C VAL F 520 -61.80 37.08 3.70
N THR F 521 -62.61 36.16 4.23
CA THR F 521 -62.49 35.76 5.63
C THR F 521 -61.71 34.46 5.77
N ARG F 522 -61.12 34.28 6.95
CA ARG F 522 -60.24 33.16 7.19
C ARG F 522 -60.99 31.83 7.10
N GLU F 523 -62.28 31.82 7.45
CA GLU F 523 -63.06 30.59 7.31
C GLU F 523 -63.32 30.28 5.84
N ARG F 524 -63.55 31.31 5.03
CA ARG F 524 -63.60 31.13 3.59
C ARG F 524 -62.34 30.45 3.09
N ILE F 525 -61.18 30.97 3.50
CA ILE F 525 -59.94 30.37 2.99
C ILE F 525 -59.73 28.98 3.58
N ARG F 526 -60.20 28.72 4.79
CA ARG F 526 -60.06 27.37 5.35
C ARG F 526 -60.89 26.38 4.55
N GLN F 527 -62.10 26.78 4.15
CA GLN F 527 -62.89 25.95 3.25
C GLN F 527 -62.13 25.73 1.94
N ILE F 528 -61.53 26.79 1.40
CA ILE F 528 -60.74 26.67 0.18
C ILE F 528 -59.62 25.65 0.38
N GLU F 529 -58.90 25.78 1.49
CA GLU F 529 -57.75 24.92 1.77
C GLU F 529 -58.17 23.46 1.92
N SER F 530 -59.26 23.23 2.66
CA SER F 530 -59.74 21.87 2.86
C SER F 530 -60.16 21.24 1.54
N LYS F 531 -60.92 21.99 0.72
CA LYS F 531 -61.35 21.44 -0.56
C LYS F 531 -60.16 21.18 -1.47
N THR F 532 -59.18 22.08 -1.50
CA THR F 532 -58.03 21.90 -2.36
C THR F 532 -57.18 20.72 -1.92
N MET F 533 -56.97 20.56 -0.62
CA MET F 533 -56.20 19.44 -0.13
C MET F 533 -56.94 18.13 -0.38
N SER F 534 -58.27 18.11 -0.25
CA SER F 534 -59.04 16.93 -0.60
C SER F 534 -58.89 16.62 -2.09
N LYS F 535 -58.91 17.65 -2.94
CA LYS F 535 -58.66 17.45 -4.37
C LYS F 535 -57.27 16.84 -4.59
N LEU F 536 -56.29 17.29 -3.81
CA LEU F 536 -54.93 16.82 -4.01
C LEU F 536 -54.76 15.38 -3.53
N ARG F 537 -55.51 14.97 -2.51
CA ARG F 537 -55.44 13.59 -2.05
C ARG F 537 -56.03 12.61 -3.05
N HIS F 538 -56.72 13.09 -4.07
CA HIS F 538 -57.27 12.21 -5.10
C HIS F 538 -56.12 11.67 -5.96
N PRO F 539 -55.98 10.34 -6.09
CA PRO F 539 -54.70 9.79 -6.58
C PRO F 539 -54.23 10.34 -7.92
N SER F 540 -55.14 10.69 -8.84
CA SER F 540 -54.68 11.18 -10.14
C SER F 540 -53.78 12.40 -10.00
N ARG F 541 -54.04 13.24 -9.01
CA ARG F 541 -53.18 14.38 -8.71
C ARG F 541 -52.01 14.00 -7.80
N SER F 542 -51.93 12.73 -7.39
CA SER F 542 -50.92 12.29 -6.44
C SER F 542 -50.08 11.10 -6.93
N GLN F 543 -50.43 10.49 -8.06
CA GLN F 543 -49.62 9.38 -8.57
C GLN F 543 -48.24 9.87 -8.97
N VAL F 544 -48.12 11.11 -9.42
CA VAL F 544 -46.82 11.66 -9.81
C VAL F 544 -46.02 12.19 -8.64
N LEU F 545 -46.61 12.23 -7.44
CA LEU F 545 -45.92 12.69 -6.24
C LEU F 545 -45.69 11.60 -5.21
N ARG F 546 -46.38 10.46 -5.32
CA ARG F 546 -46.27 9.42 -4.30
C ARG F 546 -44.84 8.89 -4.20
N ASP F 547 -44.17 8.73 -5.34
CA ASP F 547 -42.83 8.15 -5.36
C ASP F 547 -41.77 9.07 -4.76
N TYR F 548 -42.10 10.33 -4.48
CA TYR F 548 -41.12 11.28 -3.97
C TYR F 548 -40.94 11.22 -2.45
N LEU F 549 -41.34 10.11 -1.83
CA LEU F 549 -41.06 9.89 -0.41
C LEU F 549 -40.37 8.54 -0.22
N LEU G 6 -16.51 4.61 10.72
CA LEU G 6 -15.61 5.74 10.88
C LEU G 6 -16.06 6.89 9.99
N ARG G 7 -16.69 7.90 10.59
CA ARG G 7 -17.27 9.01 9.85
C ARG G 7 -17.45 10.20 10.79
N GLY G 8 -17.96 11.29 10.23
CA GLY G 8 -18.21 12.49 11.01
C GLY G 8 -19.09 13.46 10.27
N SER G 9 -19.63 14.42 11.02
CA SER G 9 -20.57 15.40 10.49
C SER G 9 -20.33 16.75 11.15
N ARG G 10 -20.96 17.79 10.61
CA ARG G 10 -20.91 19.12 11.16
C ARG G 10 -22.32 19.63 11.43
N LEU G 11 -22.42 20.57 12.38
CA LEU G 11 -23.69 21.20 12.74
C LEU G 11 -24.01 22.28 11.71
N GLY G 12 -24.40 21.82 10.51
CA GLY G 12 -24.66 22.71 9.41
C GLY G 12 -25.97 22.36 8.72
N ALA G 13 -26.41 23.30 7.89
CA ALA G 13 -27.65 23.19 7.14
C ALA G 13 -27.31 23.09 5.67
N VAL G 14 -27.73 21.99 5.03
CA VAL G 14 -27.55 21.89 3.58
C VAL G 14 -28.40 22.93 2.87
N SER G 15 -29.67 23.06 3.30
CA SER G 15 -30.59 24.04 2.75
C SER G 15 -30.51 24.09 1.23
N TYR G 16 -30.92 22.99 0.59
CA TYR G 16 -30.75 22.91 -0.85
C TYR G 16 -31.66 23.93 -1.50
N GLU G 17 -31.10 25.09 -1.83
CA GLU G 17 -31.87 26.19 -2.37
C GLU G 17 -31.11 26.93 -3.47
N THR G 18 -29.92 26.46 -3.85
CA THR G 18 -29.07 27.12 -4.83
C THR G 18 -28.94 28.61 -4.48
N ASP G 19 -29.48 29.49 -5.32
CA ASP G 19 -29.45 30.93 -5.05
C ASP G 19 -30.67 31.57 -5.69
N ARG G 20 -31.06 32.73 -5.15
CA ARG G 20 -32.19 33.48 -5.67
C ARG G 20 -31.83 34.96 -5.63
N ASN G 21 -31.61 35.53 -6.81
CA ASN G 21 -31.49 36.97 -6.98
C ASN G 21 -32.82 37.62 -7.32
N HIS G 22 -33.90 36.84 -7.36
CA HIS G 22 -35.21 37.38 -7.75
C HIS G 22 -35.76 38.31 -6.67
N ASP G 23 -35.75 37.86 -5.42
CA ASP G 23 -36.30 38.64 -4.31
C ASP G 23 -35.31 38.59 -3.15
N LEU G 24 -34.80 39.75 -2.77
CA LEU G 24 -33.91 39.90 -1.63
C LEU G 24 -34.64 40.76 -0.61
N ALA G 25 -34.77 40.25 0.62
CA ALA G 25 -35.49 40.96 1.67
C ALA G 25 -35.00 42.41 1.71
N PRO G 26 -35.84 43.40 1.32
CA PRO G 26 -35.32 44.76 1.10
C PRO G 26 -34.48 45.26 2.26
N ARG G 27 -33.31 45.82 1.93
CA ARG G 27 -32.31 46.13 2.93
C ARG G 27 -31.55 47.39 2.56
N GLN G 28 -31.40 48.27 3.53
CA GLN G 28 -30.55 49.45 3.40
C GLN G 28 -29.15 49.06 3.86
N ILE G 29 -28.25 50.04 4.01
CA ILE G 29 -26.89 49.78 4.48
C ILE G 29 -26.54 50.80 5.55
N ALA G 30 -26.01 50.32 6.67
CA ALA G 30 -25.58 51.18 7.76
C ALA G 30 -24.06 51.25 7.81
N ARG G 31 -23.56 52.26 8.51
CA ARG G 31 -22.13 52.56 8.54
C ARG G 31 -21.76 53.05 9.92
N TYR G 32 -20.69 52.50 10.49
CA TYR G 32 -20.25 52.80 11.85
C TYR G 32 -18.76 53.13 11.82
N ARG G 33 -18.47 54.42 11.72
CA ARG G 33 -17.08 54.89 11.70
C ARG G 33 -16.37 54.50 12.98
N THR G 34 -15.10 54.10 12.84
CA THR G 34 -14.30 53.73 14.00
C THR G 34 -13.71 54.95 14.70
N ASP G 35 -12.76 54.72 15.60
CA ASP G 35 -12.11 55.79 16.33
C ASP G 35 -10.98 56.45 15.55
N ASN G 36 -10.64 55.94 14.36
CA ASN G 36 -9.50 56.43 13.59
C ASN G 36 -9.92 56.69 12.14
N GLY G 37 -11.08 57.32 11.97
CA GLY G 37 -11.51 57.78 10.66
C GLY G 37 -11.75 56.67 9.65
N GLU G 38 -12.08 55.47 10.10
CA GLU G 38 -12.31 54.33 9.23
C GLU G 38 -13.78 53.93 9.26
N GLU G 39 -14.32 53.58 8.09
CA GLU G 39 -15.74 53.30 7.93
C GLU G 39 -15.91 51.88 7.40
N PHE G 40 -16.85 51.14 7.98
CA PHE G 40 -17.05 49.72 7.68
C PHE G 40 -18.53 49.44 7.56
N GLU G 41 -19.02 49.51 6.32
CA GLU G 41 -20.44 49.37 6.06
C GLU G 41 -20.92 47.96 6.37
N VAL G 42 -22.07 47.87 7.04
CA VAL G 42 -22.73 46.60 7.28
C VAL G 42 -24.17 46.75 6.79
N PRO G 43 -24.64 45.94 5.84
CA PRO G 43 -26.03 46.07 5.39
C PRO G 43 -27.01 45.65 6.48
N PHE G 44 -28.18 46.29 6.46
CA PHE G 44 -29.25 45.97 7.40
C PHE G 44 -30.59 46.04 6.68
N ALA G 45 -31.50 45.16 7.08
CA ALA G 45 -32.77 44.98 6.41
C ALA G 45 -33.71 46.16 6.69
N ASP G 46 -34.82 46.21 5.94
CA ASP G 46 -35.83 47.23 6.19
C ASP G 46 -36.36 47.14 7.62
N ASP G 47 -36.64 45.92 8.07
CA ASP G 47 -37.10 45.71 9.44
C ASP G 47 -35.96 45.69 10.45
N ALA G 48 -34.73 45.98 10.02
CA ALA G 48 -33.59 45.94 10.92
C ALA G 48 -33.60 47.14 11.86
N GLU G 49 -33.21 46.89 13.11
CA GLU G 49 -33.14 47.92 14.15
C GLU G 49 -31.68 48.28 14.33
N ILE G 50 -31.25 49.36 13.68
CA ILE G 50 -29.83 49.71 13.60
C ILE G 50 -29.28 49.93 15.01
N PRO G 51 -28.10 49.43 15.34
CA PRO G 51 -27.52 49.72 16.65
C PRO G 51 -26.94 51.12 16.71
N GLY G 52 -26.84 51.64 17.93
CA GLY G 52 -26.16 52.90 18.13
C GLY G 52 -24.68 52.82 17.77
N THR G 53 -24.03 51.74 18.18
CA THR G 53 -22.66 51.43 17.80
C THR G 53 -22.54 49.93 17.58
N TRP G 54 -21.51 49.55 16.82
CA TRP G 54 -21.40 48.19 16.32
C TRP G 54 -19.94 47.74 16.35
N LEU G 55 -19.76 46.43 16.50
CA LEU G 55 -18.45 45.81 16.34
C LEU G 55 -18.13 45.73 14.84
N CYS G 56 -17.24 46.60 14.38
CA CYS G 56 -17.02 46.75 12.95
C CYS G 56 -16.11 45.64 12.42
N ARG G 57 -15.85 45.70 11.11
CA ARG G 57 -14.98 44.72 10.47
C ARG G 57 -13.54 44.83 10.98
N ASN G 58 -13.07 46.04 11.28
CA ASN G 58 -11.74 46.21 11.85
C ASN G 58 -11.64 45.48 13.18
N GLY G 59 -12.67 45.60 14.02
CA GLY G 59 -12.70 44.94 15.30
C GLY G 59 -13.07 45.85 16.45
N MET G 60 -12.59 47.09 16.39
CA MET G 60 -12.90 48.07 17.41
C MET G 60 -14.34 48.56 17.26
N GLU G 61 -14.83 49.22 18.32
CA GLU G 61 -16.20 49.69 18.33
C GLU G 61 -16.35 50.93 17.46
N GLY G 62 -17.38 50.95 16.62
CA GLY G 62 -17.61 52.07 15.73
C GLY G 62 -19.02 52.61 15.88
N THR G 63 -19.13 53.94 15.83
CA THR G 63 -20.39 54.63 16.02
C THR G 63 -20.98 55.10 14.68
N LEU G 64 -22.31 55.14 14.63
CA LEU G 64 -23.01 55.48 13.40
C LEU G 64 -22.71 56.93 13.00
N ILE G 65 -22.65 57.17 11.68
CA ILE G 65 -22.28 58.50 11.18
C ILE G 65 -23.26 59.55 11.67
N GLU G 66 -24.56 59.27 11.60
CA GLU G 66 -25.55 60.18 12.16
C GLU G 66 -25.29 60.36 13.65
N GLY G 67 -25.29 61.62 14.09
CA GLY G 67 -24.92 61.92 15.47
C GLY G 67 -26.03 61.63 16.46
N ASP G 68 -25.86 60.58 17.26
CA ASP G 68 -26.81 60.21 18.29
C ASP G 68 -26.19 60.29 19.68
N LEU G 69 -25.10 59.57 19.91
CA LEU G 69 -24.40 59.48 21.20
C LEU G 69 -25.35 59.23 22.38
N PRO G 70 -26.03 58.10 22.43
CA PRO G 70 -26.57 57.62 23.71
C PRO G 70 -25.50 57.10 24.66
N GLU G 71 -24.88 58.02 25.40
CA GLU G 71 -24.35 57.70 26.73
C GLU G 71 -23.36 56.54 26.74
N PRO G 72 -22.06 56.76 26.48
CA PRO G 72 -21.10 55.65 26.57
C PRO G 72 -21.27 54.77 27.81
N LYS G 73 -21.62 55.34 28.96
CA LYS G 73 -22.00 54.57 30.16
C LYS G 73 -20.88 53.63 30.60
N LYS G 74 -19.80 54.25 31.08
CA LYS G 74 -18.68 53.48 31.61
C LYS G 74 -19.14 52.49 32.68
N VAL G 75 -18.36 51.43 32.84
CA VAL G 75 -18.65 50.35 33.78
C VAL G 75 -17.74 50.52 34.99
N LYS G 76 -18.05 49.77 36.06
CA LYS G 76 -17.29 49.77 37.31
C LYS G 76 -15.79 49.86 37.04
N PRO G 77 -15.05 50.76 37.69
CA PRO G 77 -13.59 50.75 37.55
C PRO G 77 -13.01 49.41 37.94
N PRO G 78 -11.99 48.92 37.23
CA PRO G 78 -11.34 47.68 37.66
C PRO G 78 -10.77 47.83 39.06
N ARG G 79 -10.60 46.70 39.74
CA ARG G 79 -10.09 46.70 41.10
C ARG G 79 -8.64 47.14 41.08
N THR G 80 -8.41 48.39 41.44
CA THR G 80 -7.06 48.95 41.45
C THR G 80 -6.38 48.63 42.77
N HIS G 81 -5.07 48.50 42.73
CA HIS G 81 -4.30 48.37 43.96
C HIS G 81 -4.69 49.46 44.95
N TRP G 82 -5.00 50.66 44.45
CA TRP G 82 -5.59 51.69 45.30
C TRP G 82 -6.86 51.17 45.96
N ASP G 83 -7.73 50.48 45.21
CA ASP G 83 -8.97 49.97 45.78
C ASP G 83 -8.69 48.96 46.89
N MET G 84 -7.87 47.95 46.61
CA MET G 84 -7.61 46.96 47.65
C MET G 84 -6.74 47.49 48.78
N LEU G 85 -6.14 48.66 48.63
CA LEU G 85 -5.47 49.27 49.78
C LEU G 85 -6.45 50.09 50.62
N LEU G 86 -7.32 50.86 49.97
CA LEU G 86 -8.25 51.71 50.70
C LEU G 86 -9.31 50.88 51.42
N GLU G 87 -9.69 49.73 50.87
CA GLU G 87 -10.72 48.95 51.53
C GLU G 87 -10.22 48.25 52.80
N ARG G 88 -8.91 48.28 53.07
CA ARG G 88 -8.35 47.68 54.27
C ARG G 88 -7.54 48.64 55.13
N ARG G 89 -7.37 49.90 54.71
CA ARG G 89 -6.63 50.89 55.48
C ARG G 89 -7.44 52.18 55.58
N SER G 90 -6.86 53.23 56.15
CA SER G 90 -7.56 54.48 56.37
C SER G 90 -6.72 55.65 55.87
N ILE G 91 -7.42 56.71 55.47
CA ILE G 91 -6.77 57.88 54.89
C ILE G 91 -5.76 58.48 55.86
N GLU G 92 -6.14 58.63 57.13
CA GLU G 92 -5.23 59.24 58.09
C GLU G 92 -3.99 58.38 58.30
N GLU G 93 -4.15 57.06 58.35
CA GLU G 93 -3.00 56.19 58.53
C GLU G 93 -2.06 56.26 57.33
N LEU G 94 -2.61 56.23 56.12
CA LEU G 94 -1.77 56.34 54.93
C LEU G 94 -1.10 57.70 54.86
N GLU G 95 -1.81 58.76 55.29
CA GLU G 95 -1.20 60.09 55.35
C GLU G 95 -0.05 60.12 56.35
N GLU G 96 -0.23 59.49 57.50
CA GLU G 96 0.85 59.39 58.48
C GLU G 96 2.05 58.67 57.88
N LEU G 97 1.80 57.59 57.14
CA LEU G 97 2.89 56.89 56.48
C LEU G 97 3.60 57.81 55.48
N LEU G 98 2.82 58.58 54.73
CA LEU G 98 3.40 59.52 53.78
C LEU G 98 4.28 60.53 54.48
N LYS G 99 3.84 61.05 55.62
CA LYS G 99 4.67 61.99 56.37
C LYS G 99 5.94 61.32 56.87
N GLU G 100 5.82 60.07 57.32
CA GLU G 100 6.99 59.34 57.80
C GLU G 100 8.04 59.25 56.71
N ARG G 101 7.64 58.81 55.51
CA ARG G 101 8.62 58.68 54.43
C ARG G 101 9.09 60.05 53.93
N LEU G 102 8.22 61.06 53.97
CA LEU G 102 8.60 62.41 53.58
C LEU G 102 9.73 62.93 54.46
N GLU G 103 9.52 62.87 55.78
CA GLU G 103 10.56 63.29 56.71
C GLU G 103 11.78 62.38 56.65
N LEU G 104 11.58 61.11 56.29
CA LEU G 104 12.72 60.20 56.11
C LEU G 104 13.62 60.71 54.99
N ILE G 105 13.04 60.99 53.82
CA ILE G 105 13.84 61.49 52.71
C ILE G 105 14.41 62.87 53.03
N ARG G 106 13.65 63.69 53.75
CA ARG G 106 14.18 64.98 54.20
C ARG G 106 15.47 64.81 54.99
N SER G 107 15.38 64.10 56.12
CA SER G 107 16.55 63.91 56.97
C SER G 107 17.67 63.22 56.22
N ARG G 108 17.34 62.35 55.26
CA ARG G 108 18.39 61.78 54.41
C ARG G 108 19.08 62.85 53.59
N ARG G 109 18.31 63.79 53.03
CA ARG G 109 18.87 64.73 52.06
C ARG G 109 19.63 65.86 52.75
N ARG G 110 18.94 66.68 53.54
CA ARG G 110 19.59 67.84 54.14
C ARG G 110 20.10 67.61 55.55
N GLY G 111 19.89 66.43 56.12
CA GLY G 111 20.37 66.13 57.46
C GLY G 111 19.74 67.03 58.50
N ILE H 125 6.39 -11.32 76.99
CA ILE H 125 5.23 -10.48 77.24
C ILE H 125 3.96 -11.19 76.78
N PHE H 126 4.01 -11.76 75.58
CA PHE H 126 2.88 -12.46 74.99
C PHE H 126 3.32 -13.85 74.57
N LYS H 127 2.71 -14.87 75.16
CA LYS H 127 3.00 -16.26 74.82
C LYS H 127 2.24 -16.62 73.55
N VAL H 128 2.24 -17.91 73.19
CA VAL H 128 1.53 -18.34 71.99
C VAL H 128 0.02 -18.29 72.22
N GLY H 129 -0.71 -18.13 71.13
CA GLY H 129 -2.16 -18.16 71.17
C GLY H 129 -2.82 -16.92 71.73
N ASP H 130 -2.06 -15.89 72.08
CA ASP H 130 -2.64 -14.67 72.62
C ASP H 130 -3.26 -13.83 71.52
N THR H 131 -4.46 -13.32 71.78
CA THR H 131 -5.12 -12.37 70.88
C THR H 131 -4.55 -10.99 71.19
N VAL H 132 -3.34 -10.75 70.71
CA VAL H 132 -2.56 -9.57 71.08
C VAL H 132 -2.87 -8.46 70.09
N VAL H 133 -2.99 -7.25 70.60
CA VAL H 133 -3.37 -6.10 69.78
C VAL H 133 -2.10 -5.47 69.20
N TYR H 134 -2.23 -4.92 67.99
CA TYR H 134 -1.07 -4.37 67.30
C TYR H 134 -1.52 -3.23 66.38
N PRO H 135 -0.94 -2.04 66.48
CA PRO H 135 -1.33 -0.97 65.58
C PRO H 135 -0.66 -1.11 64.22
N HIS H 136 -1.35 -0.65 63.17
CA HIS H 136 -2.70 -0.09 63.12
C HIS H 136 -3.73 -1.19 62.86
N HIS H 137 -3.27 -2.44 62.85
CA HIS H 137 -4.04 -3.55 62.30
C HIS H 137 -4.86 -4.30 63.35
N GLY H 138 -5.25 -3.62 64.43
CA GLY H 138 -6.15 -4.24 65.38
C GLY H 138 -5.56 -5.48 66.03
N ALA H 139 -6.46 -6.33 66.52
CA ALA H 139 -6.05 -7.57 67.17
C ALA H 139 -5.43 -8.53 66.16
N ALA H 140 -4.65 -9.47 66.67
CA ALA H 140 -3.94 -10.43 65.84
C ALA H 140 -3.58 -11.64 66.68
N LEU H 141 -3.40 -12.76 66.00
CA LEU H 141 -3.07 -14.03 66.64
C LEU H 141 -1.59 -14.32 66.45
N VAL H 142 -0.90 -14.59 67.57
CA VAL H 142 0.46 -15.10 67.52
C VAL H 142 0.41 -16.58 67.16
N GLU H 143 1.25 -16.98 66.21
CA GLU H 143 1.29 -18.36 65.74
C GLU H 143 2.47 -19.15 66.26
N ALA H 144 3.59 -18.49 66.55
CA ALA H 144 4.78 -19.17 67.04
C ALA H 144 5.83 -18.13 67.40
N ILE H 145 6.72 -18.51 68.32
CA ILE H 145 7.86 -17.67 68.69
C ILE H 145 9.03 -18.15 67.83
N GLU H 146 9.19 -17.51 66.67
CA GLU H 146 10.19 -17.96 65.70
C GLU H 146 11.60 -17.67 66.19
N THR H 147 12.50 -18.61 65.93
CA THR H 147 13.91 -18.48 66.27
C THR H 147 14.75 -18.14 65.03
N ARG H 148 14.19 -17.34 64.13
CA ARG H 148 14.87 -17.00 62.88
C ARG H 148 16.10 -16.16 63.19
N THR H 149 17.27 -16.72 62.94
CA THR H 149 18.52 -16.03 63.25
C THR H 149 18.90 -15.06 62.15
N ILE H 150 19.66 -14.03 62.53
CA ILE H 150 20.24 -13.08 61.60
C ILE H 150 21.61 -12.70 62.12
N LYS H 151 22.59 -12.62 61.20
CA LYS H 151 24.00 -12.37 61.55
C LYS H 151 24.46 -13.27 62.70
N GLY H 152 23.92 -14.50 62.75
CA GLY H 152 24.30 -15.43 63.79
C GLY H 152 23.70 -15.12 65.14
N GLU H 153 22.60 -14.38 65.20
CA GLU H 153 21.94 -14.01 66.44
C GLU H 153 20.50 -14.51 66.39
N GLN H 154 20.17 -15.50 67.22
CA GLN H 154 18.87 -16.15 67.20
C GLN H 154 17.84 -15.23 67.86
N LYS H 155 17.40 -14.23 67.10
CA LYS H 155 16.35 -13.36 67.59
C LYS H 155 15.07 -14.16 67.81
N GLU H 156 14.39 -13.90 68.93
CA GLU H 156 13.15 -14.58 69.25
C GLU H 156 11.99 -13.86 68.56
N TYR H 157 11.96 -14.01 67.24
CA TYR H 157 10.85 -13.47 66.46
C TYR H 157 9.56 -14.18 66.84
N LEU H 158 8.46 -13.44 66.78
CA LEU H 158 7.12 -13.98 66.91
C LEU H 158 6.35 -13.68 65.64
N VAL H 159 5.75 -14.71 65.07
CA VAL H 159 4.89 -14.57 63.89
C VAL H 159 3.49 -14.22 64.35
N LEU H 160 2.88 -13.25 63.69
CA LEU H 160 1.67 -12.60 64.19
C LEU H 160 0.82 -12.21 62.99
N LYS H 161 -0.42 -12.69 62.96
CA LYS H 161 -1.26 -12.57 61.77
C LYS H 161 -2.58 -11.90 62.13
N VAL H 162 -3.03 -11.00 61.25
CA VAL H 162 -4.33 -10.37 61.37
C VAL H 162 -5.30 -11.05 60.42
N ALA H 163 -6.60 -10.80 60.62
CA ALA H 163 -7.63 -11.41 59.78
C ALA H 163 -8.00 -10.54 58.60
N GLN H 164 -7.84 -9.22 58.70
CA GLN H 164 -8.27 -8.33 57.63
C GLN H 164 -7.29 -8.35 56.46
N GLY H 165 -6.03 -7.97 56.71
CA GLY H 165 -5.05 -7.90 55.65
C GLY H 165 -4.46 -9.23 55.23
N ASP H 166 -4.73 -10.29 55.98
CA ASP H 166 -4.24 -11.63 55.64
C ASP H 166 -2.72 -11.63 55.48
N LEU H 167 -2.05 -10.84 56.31
CA LEU H 167 -0.60 -10.70 56.26
C LEU H 167 0.01 -11.19 57.58
N THR H 168 1.19 -11.80 57.48
CA THR H 168 1.94 -12.29 58.63
C THR H 168 3.13 -11.38 58.87
N VAL H 169 3.32 -10.99 60.12
CA VAL H 169 4.38 -10.07 60.54
C VAL H 169 5.22 -10.77 61.59
N ARG H 170 6.53 -10.81 61.39
CA ARG H 170 7.44 -11.37 62.37
C ARG H 170 8.14 -10.22 63.09
N VAL H 171 8.06 -10.21 64.41
CA VAL H 171 8.62 -9.13 65.21
C VAL H 171 9.54 -9.68 66.30
N PRO H 172 10.71 -9.09 66.53
CA PRO H 172 11.50 -9.52 67.69
C PRO H 172 10.84 -9.11 68.99
N ALA H 173 10.87 -10.01 69.98
CA ALA H 173 10.26 -9.72 71.26
C ALA H 173 10.97 -8.62 72.02
N GLU H 174 12.26 -8.39 71.71
CA GLU H 174 13.01 -7.36 72.43
C GLU H 174 12.41 -5.98 72.19
N ASN H 175 12.16 -5.64 70.93
CA ASN H 175 11.63 -4.33 70.56
C ASN H 175 10.16 -4.40 70.16
N ALA H 176 9.43 -5.39 70.67
CA ALA H 176 7.98 -5.43 70.48
C ALA H 176 7.32 -4.20 71.09
N GLU H 177 7.72 -3.87 72.33
CA GLU H 177 7.19 -2.67 72.96
C GLU H 177 7.68 -1.40 72.27
N TYR H 178 8.81 -1.46 71.56
CA TYR H 178 9.27 -0.30 70.80
C TYR H 178 8.45 -0.11 69.53
N VAL H 179 8.13 -1.17 68.81
CA VAL H 179 7.20 -1.05 67.70
C VAL H 179 5.81 -0.69 68.19
N GLY H 180 5.54 -0.91 69.48
CA GLY H 180 4.29 -0.45 70.06
C GLY H 180 3.16 -1.46 69.97
N VAL H 181 3.49 -2.74 70.03
CA VAL H 181 2.48 -3.79 70.07
C VAL H 181 1.49 -3.48 71.18
N ARG H 182 0.21 -3.36 70.82
CA ARG H 182 -0.82 -3.05 71.79
C ARG H 182 -1.21 -4.32 72.53
N ASP H 183 -2.10 -4.20 73.51
CA ASP H 183 -2.58 -5.34 74.28
C ASP H 183 -4.09 -5.25 74.35
N VAL H 184 -4.68 -6.13 75.18
CA VAL H 184 -6.12 -6.13 75.42
C VAL H 184 -6.55 -4.70 75.70
N VAL H 185 -7.47 -4.17 74.90
CA VAL H 185 -7.84 -2.77 75.00
C VAL H 185 -8.36 -2.51 76.41
N GLY H 186 -7.65 -1.67 77.15
CA GLY H 186 -7.98 -1.41 78.53
C GLY H 186 -9.43 -0.98 78.68
N GLN H 187 -10.12 -1.57 79.67
CA GLN H 187 -11.53 -1.26 79.86
C GLN H 187 -11.74 0.23 80.02
N GLU H 188 -10.80 0.91 80.68
CA GLU H 188 -10.92 2.35 80.84
C GLU H 188 -11.01 3.05 79.50
N GLY H 189 -10.29 2.53 78.49
CA GLY H 189 -10.25 3.13 77.17
C GLY H 189 -11.62 3.39 76.58
N LEU H 190 -12.54 2.44 76.78
CA LEU H 190 -13.91 2.63 76.29
C LEU H 190 -14.51 3.92 76.84
N ASP H 191 -14.61 4.01 78.17
CA ASP H 191 -15.20 5.20 78.77
C ASP H 191 -14.37 6.45 78.52
N LYS H 192 -13.06 6.30 78.31
CA LYS H 192 -12.21 7.44 77.98
C LYS H 192 -12.60 8.05 76.65
N VAL H 193 -12.68 7.21 75.60
CA VAL H 193 -13.08 7.73 74.30
C VAL H 193 -14.56 8.07 74.29
N PHE H 194 -15.37 7.48 75.17
CA PHE H 194 -16.76 7.90 75.31
C PHE H 194 -16.84 9.31 75.90
N GLN H 195 -15.98 9.61 76.88
CA GLN H 195 -15.90 10.96 77.42
C GLN H 195 -15.42 11.94 76.36
N VAL H 196 -14.44 11.54 75.57
CA VAL H 196 -13.97 12.40 74.48
C VAL H 196 -15.09 12.62 73.47
N LEU H 197 -15.84 11.56 73.16
CA LEU H 197 -16.95 11.66 72.22
C LEU H 197 -18.06 12.53 72.77
N ARG H 198 -18.25 12.53 74.09
CA ARG H 198 -19.18 13.40 74.79
C ARG H 198 -18.54 14.69 75.25
N ALA H 199 -17.24 14.87 75.01
CA ALA H 199 -16.49 16.02 75.50
C ALA H 199 -17.10 17.32 74.95
N PRO H 200 -17.73 18.14 75.78
CA PRO H 200 -18.27 19.41 75.29
C PRO H 200 -17.18 20.49 75.30
N HIS H 201 -17.59 21.71 74.96
CA HIS H 201 -16.70 22.86 74.99
C HIS H 201 -15.55 22.68 74.00
N THR H 202 -15.89 22.34 72.77
CA THR H 202 -14.91 22.11 71.71
C THR H 202 -15.13 23.09 70.58
N GLU H 203 -14.07 23.78 70.19
CA GLU H 203 -14.08 24.69 69.05
C GLU H 203 -12.78 24.51 68.28
N GLU H 204 -12.77 25.00 67.06
CA GLU H 204 -11.69 24.76 66.12
C GLU H 204 -11.25 26.05 65.47
N PRO H 205 -10.07 26.08 64.84
CA PRO H 205 -9.65 27.29 64.13
C PRO H 205 -10.67 27.67 63.07
N THR H 206 -10.87 28.98 62.91
CA THR H 206 -11.89 29.46 61.99
C THR H 206 -11.62 28.99 60.57
N ASN H 207 -10.37 29.09 60.13
CA ASN H 207 -10.03 28.62 58.78
C ASN H 207 -10.05 27.11 58.72
N TRP H 208 -10.94 26.58 57.87
CA TRP H 208 -11.06 25.13 57.79
C TRP H 208 -9.82 24.51 57.18
N SER H 209 -8.98 25.27 56.47
CA SER H 209 -7.71 24.68 56.05
C SER H 209 -6.90 24.23 57.25
N ARG H 210 -6.75 25.12 58.24
CA ARG H 210 -6.07 24.76 59.48
C ARG H 210 -6.82 23.66 60.22
N ARG H 211 -8.16 23.76 60.31
CA ARG H 211 -8.92 22.73 60.98
C ARG H 211 -8.67 21.37 60.35
N TYR H 212 -8.76 21.30 59.03
CA TYR H 212 -8.58 20.06 58.29
C TYR H 212 -7.20 19.48 58.54
N LYS H 213 -6.15 20.28 58.40
CA LYS H 213 -4.81 19.75 58.60
C LYS H 213 -4.63 19.27 60.04
N ALA H 214 -5.15 20.02 61.01
CA ALA H 214 -4.98 19.66 62.41
C ALA H 214 -5.64 18.32 62.71
N ASN H 215 -6.91 18.16 62.37
CA ASN H 215 -7.57 16.90 62.69
C ASN H 215 -7.12 15.77 61.76
N LEU H 216 -6.59 16.08 60.57
CA LEU H 216 -5.95 15.04 59.76
C LEU H 216 -4.72 14.50 60.47
N GLU H 217 -3.91 15.39 61.05
CA GLU H 217 -2.79 14.93 61.86
C GLU H 217 -3.27 14.15 63.08
N LYS H 218 -4.38 14.58 63.67
CA LYS H 218 -4.93 13.85 64.81
C LYS H 218 -5.30 12.43 64.43
N LEU H 219 -5.97 12.26 63.29
CA LEU H 219 -6.28 10.92 62.80
C LEU H 219 -5.01 10.14 62.49
N ALA H 220 -4.02 10.81 61.86
CA ALA H 220 -2.77 10.14 61.53
C ALA H 220 -2.06 9.63 62.78
N SER H 221 -2.21 10.33 63.91
CA SER H 221 -1.60 9.87 65.15
C SER H 221 -2.12 8.49 65.53
N GLY H 222 -3.41 8.25 65.33
CA GLY H 222 -4.00 6.96 65.62
C GLY H 222 -4.41 6.75 67.07
N ASP H 223 -4.16 7.71 67.95
CA ASP H 223 -4.54 7.57 69.35
C ASP H 223 -6.05 7.59 69.50
N VAL H 224 -6.57 6.62 70.25
CA VAL H 224 -8.00 6.38 70.29
C VAL H 224 -8.74 7.62 70.81
N ASN H 225 -8.16 8.30 71.80
CA ASN H 225 -8.78 9.52 72.30
C ASN H 225 -8.85 10.60 71.21
N LYS H 226 -7.76 10.81 70.48
CA LYS H 226 -7.71 11.87 69.48
C LYS H 226 -8.69 11.58 68.35
N VAL H 227 -8.68 10.36 67.85
CA VAL H 227 -9.65 9.95 66.83
C VAL H 227 -11.08 10.07 67.32
N ALA H 228 -11.35 9.73 68.58
CA ALA H 228 -12.70 9.92 69.12
C ALA H 228 -13.07 11.40 69.10
N GLU H 229 -12.13 12.25 69.49
CA GLU H 229 -12.34 13.70 69.41
C GLU H 229 -12.68 14.11 67.98
N VAL H 230 -11.94 13.57 67.01
CA VAL H 230 -12.18 13.91 65.61
C VAL H 230 -13.60 13.53 65.20
N VAL H 231 -13.98 12.28 65.48
CA VAL H 231 -15.28 11.80 65.00
C VAL H 231 -16.41 12.56 65.67
N ARG H 232 -16.29 12.88 66.96
CA ARG H 232 -17.38 13.58 67.62
C ARG H 232 -17.46 15.04 67.17
N ASP H 233 -16.31 15.69 66.97
CA ASP H 233 -16.33 17.05 66.45
C ASP H 233 -16.97 17.09 65.07
N LEU H 234 -16.62 16.14 64.20
CA LEU H 234 -17.18 16.13 62.86
C LEU H 234 -18.64 15.70 62.87
N TRP H 235 -19.05 14.89 63.86
CA TRP H 235 -20.46 14.57 64.01
C TRP H 235 -21.26 15.81 64.36
N ARG H 236 -20.74 16.61 65.29
CA ARG H 236 -21.40 17.88 65.60
C ARG H 236 -21.45 18.77 64.36
N ARG H 237 -20.35 18.83 63.62
CA ARG H 237 -20.29 19.71 62.46
C ARG H 237 -21.30 19.29 61.39
N ASP H 238 -21.39 17.98 61.10
CA ASP H 238 -22.24 17.52 60.02
C ASP H 238 -23.70 17.34 60.44
N GLN H 239 -23.99 17.30 61.74
CA GLN H 239 -25.38 17.45 62.16
C GLN H 239 -25.80 18.91 62.11
N GLU H 240 -24.85 19.84 62.28
CA GLU H 240 -25.21 21.26 62.21
C GLU H 240 -25.37 21.74 60.78
N ARG H 241 -24.38 21.48 59.92
CA ARG H 241 -24.25 22.17 58.64
C ARG H 241 -24.46 21.27 57.43
N GLY H 242 -23.69 20.19 57.31
CA GLY H 242 -23.57 19.47 56.05
C GLY H 242 -22.34 20.00 55.34
N LEU H 243 -21.26 19.23 55.35
CA LEU H 243 -19.95 19.86 55.23
C LEU H 243 -19.28 19.78 53.86
N SER H 244 -18.96 18.57 53.38
CA SER H 244 -18.14 18.45 52.18
C SER H 244 -17.91 16.98 51.86
N ALA H 245 -17.48 16.73 50.62
CA ALA H 245 -17.14 15.37 50.22
C ALA H 245 -15.86 14.89 50.91
N GLY H 246 -14.83 15.74 50.90
CA GLY H 246 -13.59 15.37 51.59
C GLY H 246 -13.82 15.11 53.06
N GLU H 247 -14.59 15.98 53.72
CA GLU H 247 -14.90 15.76 55.12
C GLU H 247 -15.75 14.51 55.32
N LYS H 248 -16.72 14.26 54.44
CA LYS H 248 -17.53 13.06 54.57
C LYS H 248 -16.65 11.82 54.53
N ARG H 249 -15.67 11.81 53.63
CA ARG H 249 -14.71 10.71 53.60
C ARG H 249 -13.86 10.66 54.86
N MET H 250 -13.44 11.81 55.37
CA MET H 250 -12.69 11.85 56.62
C MET H 250 -13.47 11.18 57.75
N LEU H 251 -14.70 11.64 57.95
CA LEU H 251 -15.57 11.05 58.98
C LEU H 251 -15.79 9.58 58.73
N ALA H 252 -15.96 9.18 57.47
CA ALA H 252 -16.21 7.77 57.15
C ALA H 252 -15.03 6.90 57.56
N LYS H 253 -13.81 7.29 57.18
CA LYS H 253 -12.64 6.47 57.51
C LYS H 253 -12.41 6.44 59.02
N ALA H 254 -12.47 7.59 59.68
CA ALA H 254 -12.26 7.62 61.12
C ALA H 254 -13.32 6.78 61.84
N ARG H 255 -14.58 6.91 61.41
CA ARG H 255 -15.65 6.15 62.01
C ARG H 255 -15.45 4.65 61.79
N GLN H 256 -15.00 4.25 60.61
CA GLN H 256 -14.78 2.84 60.34
C GLN H 256 -13.72 2.28 61.28
N ILE H 257 -12.56 2.95 61.35
CA ILE H 257 -11.50 2.43 62.20
C ILE H 257 -11.94 2.39 63.65
N LEU H 258 -12.77 3.35 64.07
CA LEU H 258 -13.20 3.38 65.47
C LEU H 258 -14.29 2.34 65.78
N VAL H 259 -15.25 2.16 64.88
CA VAL H 259 -16.25 1.14 65.13
C VAL H 259 -15.58 -0.22 65.18
N GLY H 260 -14.55 -0.43 64.35
CA GLY H 260 -13.75 -1.64 64.50
C GLY H 260 -13.04 -1.71 65.83
N GLU H 261 -12.37 -0.62 66.23
CA GLU H 261 -11.58 -0.64 67.46
C GLU H 261 -12.45 -0.94 68.67
N LEU H 262 -13.61 -0.28 68.76
CA LEU H 262 -14.50 -0.55 69.88
C LEU H 262 -15.15 -1.92 69.77
N ALA H 263 -15.45 -2.36 68.54
CA ALA H 263 -16.11 -3.64 68.36
C ALA H 263 -15.23 -4.79 68.81
N LEU H 264 -13.90 -4.68 68.65
CA LEU H 264 -13.01 -5.71 69.19
C LEU H 264 -12.49 -5.39 70.58
N ALA H 265 -12.60 -4.14 71.04
CA ALA H 265 -12.28 -3.84 72.43
C ALA H 265 -13.32 -4.44 73.38
N GLU H 266 -14.60 -4.22 73.08
CA GLU H 266 -15.67 -4.87 73.81
C GLU H 266 -16.09 -6.19 73.22
N SER H 267 -15.58 -6.55 72.03
CA SER H 267 -15.93 -7.80 71.37
C SER H 267 -17.44 -7.89 71.17
N THR H 268 -18.01 -6.84 70.55
CA THR H 268 -19.45 -6.67 70.47
C THR H 268 -19.91 -6.34 69.06
N ASP H 269 -19.49 -7.14 68.08
CA ASP H 269 -20.30 -7.27 66.87
C ASP H 269 -20.47 -5.97 66.10
N ASP H 270 -19.51 -5.65 65.22
CA ASP H 270 -19.37 -4.36 64.56
C ASP H 270 -20.69 -3.63 64.29
N ALA H 271 -21.70 -4.32 63.79
CA ALA H 271 -22.99 -3.66 63.57
C ALA H 271 -23.57 -3.15 64.89
N LYS H 272 -23.57 -3.99 65.92
CA LYS H 272 -24.08 -3.57 67.22
C LYS H 272 -23.18 -2.50 67.83
N ALA H 273 -21.87 -2.58 67.56
CA ALA H 273 -20.96 -1.52 67.96
C ALA H 273 -21.38 -0.19 67.33
N GLU H 274 -21.76 -0.23 66.06
CA GLU H 274 -22.25 0.96 65.37
C GLU H 274 -23.51 1.49 66.03
N THR H 275 -24.43 0.59 66.39
CA THR H 275 -25.67 1.03 67.04
C THR H 275 -25.36 1.74 68.36
N ILE H 276 -24.49 1.16 69.18
CA ILE H 276 -24.18 1.77 70.47
C ILE H 276 -23.44 3.09 70.27
N LEU H 277 -22.57 3.15 69.26
CA LEU H 277 -21.86 4.41 68.97
C LEU H 277 -22.85 5.51 68.61
N ASP H 278 -23.83 5.19 67.75
CA ASP H 278 -24.86 6.16 67.41
C ASP H 278 -25.68 6.54 68.64
N GLU H 279 -25.90 5.57 69.54
CA GLU H 279 -26.64 5.87 70.77
C GLU H 279 -25.88 6.89 71.63
N VAL H 280 -24.57 6.71 71.79
CA VAL H 280 -23.82 7.62 72.64
C VAL H 280 -23.59 8.97 71.98
N LEU H 281 -23.58 9.04 70.63
CA LEU H 281 -23.37 10.32 69.98
C LEU H 281 -24.46 11.32 70.35
N ALA H 282 -25.72 10.87 70.38
CA ALA H 282 -26.82 11.76 70.73
C ALA H 282 -26.74 12.20 72.19
N ALA H 283 -26.23 11.33 73.06
CA ALA H 283 -26.13 11.65 74.49
C ALA H 283 -27.50 11.96 75.07
P1 POP L . 7.23 -13.82 -15.46
O1 POP L . 6.15 -14.11 -16.48
O2 POP L . 8.19 -14.98 -15.38
O3 POP L . 6.60 -13.58 -14.11
O POP L . 8.02 -12.49 -15.93
P2 POP L . 8.81 -12.48 -17.33
O4 POP L . 8.08 -13.35 -18.31
O5 POP L . 10.22 -13.00 -17.11
O6 POP L . 8.88 -11.06 -17.85
ZN ZN M . 13.67 22.92 -35.54
ZN ZN N . -28.99 36.56 15.10
MG MG O . 1.21 -10.99 -12.50
#